data_7QCY
#
_entry.id   7QCY
#
_entity_poly.entity_id   1
_entity_poly.type   'polypeptide(L)'
_entity_poly.pdbx_seq_one_letter_code
;PKPGDIFEVELAKNDNSLGISVTGGVNTSVRHGGIYVKAVIPQGAAESDGRIHKGDRVLAVNGVSLEGATHKQAVETLRN
TGQVVHLLLEKGQSPT
;
_entity_poly.pdbx_strand_id   A
#
# COMPACT_ATOMS: atom_id res chain seq x y z
N PRO A 1 -11.77 6.32 -11.05
CA PRO A 1 -10.36 6.65 -10.86
C PRO A 1 -9.60 6.73 -12.17
N LYS A 2 -8.65 7.66 -12.25
CA LYS A 2 -7.85 7.84 -13.46
C LYS A 2 -6.46 7.25 -13.28
N PRO A 3 -5.77 6.98 -14.40
CA PRO A 3 -4.42 6.42 -14.39
C PRO A 3 -3.38 7.41 -13.88
N GLY A 4 -2.37 6.89 -13.19
CA GLY A 4 -1.32 7.74 -12.65
C GLY A 4 -1.87 8.89 -11.85
N ASP A 5 -2.97 8.65 -11.14
CA ASP A 5 -3.59 9.68 -10.32
C ASP A 5 -3.26 9.48 -8.84
N ILE A 6 -3.34 10.56 -8.07
CA ILE A 6 -3.05 10.50 -6.64
C ILE A 6 -4.31 10.70 -5.81
N PHE A 7 -4.43 9.91 -4.75
CA PHE A 7 -5.60 10.00 -3.88
C PHE A 7 -5.31 9.37 -2.51
N GLU A 8 -5.81 9.99 -1.46
CA GLU A 8 -5.60 9.49 -0.10
C GLU A 8 -6.79 8.65 0.35
N VAL A 9 -6.50 7.60 1.11
CA VAL A 9 -7.55 6.71 1.61
C VAL A 9 -7.31 6.36 3.08
N GLU A 10 -8.29 6.67 3.91
CA GLU A 10 -8.19 6.40 5.34
C GLU A 10 -8.93 5.10 5.70
N LEU A 11 -8.21 4.18 6.35
CA LEU A 11 -8.79 2.90 6.74
C LEU A 11 -8.53 2.63 8.22
N ALA A 12 -9.54 2.10 8.89
CA ALA A 12 -9.42 1.77 10.31
C ALA A 12 -9.04 0.32 10.52
N LYS A 13 -7.94 0.09 11.24
CA LYS A 13 -7.46 -1.26 11.51
C LYS A 13 -8.60 -2.15 12.01
N ASN A 14 -8.47 -3.46 11.78
CA ASN A 14 -9.48 -4.42 12.22
C ASN A 14 -8.84 -5.67 12.79
N ASP A 15 -7.88 -6.24 12.06
CA ASP A 15 -7.18 -7.44 12.50
C ASP A 15 -5.75 -7.10 12.92
N ASN A 16 -5.55 -5.90 13.44
CA ASN A 16 -4.23 -5.47 13.87
C ASN A 16 -3.26 -5.41 12.69
N SER A 17 -3.79 -5.18 11.50
CA SER A 17 -2.98 -5.11 10.29
C SER A 17 -3.74 -4.42 9.16
N LEU A 18 -3.04 -3.57 8.43
CA LEU A 18 -3.64 -2.84 7.31
C LEU A 18 -4.32 -3.80 6.34
N GLY A 19 -3.78 -5.02 6.25
CA GLY A 19 -4.35 -6.01 5.36
C GLY A 19 -4.00 -5.74 3.91
N ILE A 20 -2.72 -5.82 3.59
CA ILE A 20 -2.25 -5.59 2.22
C ILE A 20 -0.94 -6.30 1.95
N SER A 21 -0.94 -7.17 0.95
CA SER A 21 0.25 -7.94 0.59
C SER A 21 1.04 -7.22 -0.50
N VAL A 22 2.15 -6.61 -0.12
CA VAL A 22 3.00 -5.89 -1.05
C VAL A 22 4.32 -6.62 -1.29
N THR A 23 4.80 -6.57 -2.52
CA THR A 23 6.05 -7.23 -2.88
C THR A 23 6.89 -6.36 -3.81
N GLY A 24 8.19 -6.67 -3.88
CA GLY A 24 9.08 -5.90 -4.74
C GLY A 24 10.54 -6.15 -4.42
N GLY A 25 11.08 -5.37 -3.49
CA GLY A 25 12.48 -5.53 -3.11
C GLY A 25 13.16 -4.19 -2.86
N VAL A 26 14.39 -4.06 -3.35
CA VAL A 26 15.15 -2.83 -3.18
C VAL A 26 14.74 -1.79 -4.22
N ASN A 27 15.29 -0.58 -4.07
CA ASN A 27 15.00 0.51 -5.00
C ASN A 27 16.16 1.49 -5.08
N THR A 28 16.30 2.14 -6.23
CA THR A 28 17.37 3.09 -6.45
C THR A 28 16.82 4.48 -6.79
N SER A 29 15.74 4.86 -6.11
CA SER A 29 15.11 6.16 -6.33
C SER A 29 14.65 6.29 -7.78
N VAL A 30 13.98 5.26 -8.28
CA VAL A 30 13.49 5.25 -9.65
C VAL A 30 11.96 5.34 -9.68
N ARG A 31 11.32 4.61 -8.80
CA ARG A 31 9.86 4.59 -8.72
C ARG A 31 9.37 5.36 -7.50
N HIS A 32 8.36 6.19 -7.70
CA HIS A 32 7.79 6.99 -6.61
C HIS A 32 7.44 6.10 -5.41
N GLY A 33 6.34 5.36 -5.53
CA GLY A 33 5.90 4.49 -4.46
C GLY A 33 6.90 3.38 -4.19
N GLY A 34 7.60 2.94 -5.23
CA GLY A 34 8.58 1.88 -5.08
C GLY A 34 7.98 0.61 -4.51
N ILE A 35 6.70 0.40 -4.78
CA ILE A 35 6.00 -0.78 -4.29
C ILE A 35 4.84 -1.16 -5.20
N TYR A 36 4.43 -2.42 -5.15
CA TYR A 36 3.33 -2.90 -5.97
C TYR A 36 2.68 -4.14 -5.34
N VAL A 37 1.41 -4.02 -4.98
CA VAL A 37 0.67 -5.13 -4.39
C VAL A 37 0.44 -6.24 -5.39
N LYS A 38 1.14 -7.35 -5.21
CA LYS A 38 1.01 -8.50 -6.11
C LYS A 38 -0.15 -9.40 -5.67
N ALA A 39 -0.34 -9.50 -4.36
CA ALA A 39 -1.43 -10.32 -3.82
C ALA A 39 -2.13 -9.62 -2.67
N VAL A 40 -3.23 -10.20 -2.20
CA VAL A 40 -4.00 -9.62 -1.11
C VAL A 40 -4.15 -10.61 0.04
N ILE A 41 -4.26 -10.08 1.26
CA ILE A 41 -4.41 -10.92 2.44
C ILE A 41 -5.84 -10.87 2.97
N PRO A 42 -6.68 -11.78 2.46
CA PRO A 42 -8.09 -11.86 2.86
C PRO A 42 -8.25 -12.37 4.29
N GLN A 43 -7.83 -11.56 5.26
CA GLN A 43 -7.93 -11.93 6.66
C GLN A 43 -7.76 -10.72 7.56
N GLY A 44 -8.56 -9.68 7.30
CA GLY A 44 -8.48 -8.46 8.09
C GLY A 44 -9.17 -7.29 7.43
N ALA A 45 -8.43 -6.20 7.22
CA ALA A 45 -8.98 -5.02 6.59
C ALA A 45 -8.72 -5.01 5.09
N ALA A 46 -9.18 -6.06 4.42
CA ALA A 46 -8.99 -6.19 2.98
C ALA A 46 -10.15 -6.93 2.33
N GLU A 47 -10.24 -8.23 2.61
CA GLU A 47 -11.30 -9.06 2.06
C GLU A 47 -12.68 -8.53 2.48
N SER A 48 -12.91 -8.48 3.79
CA SER A 48 -14.18 -8.00 4.33
C SER A 48 -14.27 -6.49 4.24
N ASP A 49 -13.33 -5.80 4.89
CA ASP A 49 -13.30 -4.34 4.89
C ASP A 49 -13.37 -3.80 3.46
N GLY A 50 -12.77 -4.53 2.52
CA GLY A 50 -12.77 -4.10 1.14
C GLY A 50 -12.02 -2.81 0.93
N ARG A 51 -12.50 -1.98 0.01
CA ARG A 51 -11.86 -0.71 -0.30
C ARG A 51 -10.58 -0.92 -1.08
N ILE A 52 -9.63 -1.63 -0.47
CA ILE A 52 -8.35 -1.90 -1.13
C ILE A 52 -8.45 -3.11 -2.05
N HIS A 53 -7.85 -2.99 -3.23
CA HIS A 53 -7.87 -4.07 -4.21
C HIS A 53 -6.50 -4.25 -4.85
N LYS A 54 -6.40 -5.20 -5.77
CA LYS A 54 -5.14 -5.46 -6.47
C LYS A 54 -4.93 -4.52 -7.63
N GLY A 55 -3.68 -4.14 -7.88
CA GLY A 55 -3.37 -3.23 -8.96
C GLY A 55 -2.86 -1.89 -8.48
N ASP A 56 -3.29 -1.49 -7.29
CA ASP A 56 -2.87 -0.22 -6.71
C ASP A 56 -1.45 -0.32 -6.15
N ARG A 57 -0.94 0.79 -5.64
CA ARG A 57 0.40 0.82 -5.07
C ARG A 57 0.49 1.83 -3.93
N VAL A 58 1.14 1.44 -2.85
CA VAL A 58 1.29 2.30 -1.68
C VAL A 58 2.53 3.18 -1.81
N LEU A 59 2.32 4.49 -1.75
CA LEU A 59 3.43 5.44 -1.86
C LEU A 59 3.75 6.05 -0.49
N ALA A 60 2.78 6.77 0.07
CA ALA A 60 2.97 7.42 1.36
C ALA A 60 2.20 6.66 2.45
N VAL A 61 2.94 5.99 3.34
CA VAL A 61 2.34 5.25 4.43
C VAL A 61 2.44 6.01 5.74
N ASN A 62 1.46 6.88 5.99
CA ASN A 62 1.44 7.67 7.22
C ASN A 62 2.69 8.53 7.33
N GLY A 63 2.96 9.30 6.28
CA GLY A 63 4.13 10.17 6.28
C GLY A 63 5.43 9.39 6.10
N VAL A 64 5.32 8.19 5.52
CA VAL A 64 6.49 7.35 5.30
C VAL A 64 6.82 7.28 3.80
N SER A 65 7.62 8.22 3.33
CA SER A 65 8.03 8.26 1.93
C SER A 65 8.60 6.92 1.49
N LEU A 66 7.96 6.28 0.53
CA LEU A 66 8.41 4.99 0.02
C LEU A 66 9.28 5.18 -1.22
N GLU A 67 9.97 6.31 -1.29
CA GLU A 67 10.84 6.60 -2.42
C GLU A 67 11.82 5.46 -2.66
N GLY A 68 12.50 5.03 -1.60
CA GLY A 68 13.46 3.96 -1.71
C GLY A 68 13.36 2.96 -0.58
N ALA A 69 12.19 2.91 0.05
CA ALA A 69 11.96 1.99 1.17
C ALA A 69 12.11 0.54 0.72
N THR A 70 12.69 -0.28 1.58
CA THR A 70 12.89 -1.69 1.27
C THR A 70 11.61 -2.48 1.47
N HIS A 71 11.50 -3.61 0.76
CA HIS A 71 10.32 -4.46 0.86
C HIS A 71 9.95 -4.71 2.32
N LYS A 72 10.94 -5.07 3.12
CA LYS A 72 10.72 -5.33 4.55
C LYS A 72 10.34 -4.05 5.29
N GLN A 73 10.90 -2.93 4.84
CA GLN A 73 10.62 -1.64 5.47
C GLN A 73 9.19 -1.21 5.19
N ALA A 74 8.71 -1.48 3.98
CA ALA A 74 7.35 -1.12 3.60
C ALA A 74 6.33 -1.99 4.31
N VAL A 75 6.37 -3.29 4.05
CA VAL A 75 5.45 -4.24 4.67
C VAL A 75 5.35 -3.99 6.17
N GLU A 76 6.48 -4.10 6.86
CA GLU A 76 6.51 -3.89 8.31
C GLU A 76 5.88 -2.56 8.68
N THR A 77 5.96 -1.59 7.77
CA THR A 77 5.41 -0.27 7.99
C THR A 77 3.89 -0.27 7.81
N LEU A 78 3.41 -1.11 6.90
CA LEU A 78 1.98 -1.21 6.63
C LEU A 78 1.23 -1.82 7.82
N ARG A 79 1.89 -2.75 8.50
CA ARG A 79 1.29 -3.42 9.66
C ARG A 79 1.49 -2.58 10.92
N ASN A 80 2.69 -2.05 11.08
CA ASN A 80 3.02 -1.23 12.25
C ASN A 80 2.42 0.17 12.10
N THR A 81 1.10 0.25 12.04
CA THR A 81 0.41 1.53 11.90
C THR A 81 -0.41 1.84 13.15
N GLY A 82 -1.01 3.02 13.17
CA GLY A 82 -1.82 3.43 14.30
C GLY A 82 -3.28 3.09 14.12
N GLN A 83 -4.13 3.69 14.95
CA GLN A 83 -5.57 3.45 14.88
C GLN A 83 -6.11 3.73 13.49
N VAL A 84 -5.50 4.69 12.80
CA VAL A 84 -5.91 5.07 11.45
C VAL A 84 -4.73 5.00 10.48
N VAL A 85 -5.00 4.54 9.28
CA VAL A 85 -3.96 4.43 8.25
C VAL A 85 -4.27 5.34 7.07
N HIS A 86 -3.89 6.61 7.19
CA HIS A 86 -4.12 7.58 6.13
C HIS A 86 -2.95 7.58 5.14
N LEU A 87 -2.82 6.50 4.38
CA LEU A 87 -1.75 6.39 3.41
C LEU A 87 -2.25 6.73 2.00
N LEU A 88 -1.35 7.23 1.17
CA LEU A 88 -1.71 7.61 -0.20
C LEU A 88 -1.23 6.55 -1.19
N LEU A 89 -2.13 6.09 -2.05
CA LEU A 89 -1.81 5.09 -3.05
C LEU A 89 -1.84 5.68 -4.45
N GLU A 90 -1.49 4.87 -5.44
CA GLU A 90 -1.48 5.31 -6.83
C GLU A 90 -1.95 4.20 -7.76
N LYS A 91 -2.87 4.54 -8.66
CA LYS A 91 -3.41 3.57 -9.61
C LYS A 91 -2.30 3.02 -10.50
N GLY A 92 -1.76 1.86 -10.13
CA GLY A 92 -0.70 1.25 -10.90
C GLY A 92 -1.07 1.10 -12.37
N GLN A 93 -0.07 1.11 -13.24
CA GLN A 93 -0.29 0.98 -14.67
C GLN A 93 -0.74 -0.44 -15.03
N SER A 94 0.14 -1.41 -14.76
CA SER A 94 -0.17 -2.80 -15.05
C SER A 94 -0.71 -2.96 -16.47
N PRO A 95 0.17 -2.75 -17.46
CA PRO A 95 -0.18 -2.85 -18.88
C PRO A 95 -0.46 -4.29 -19.30
N THR A 96 0.39 -5.21 -18.84
CA THR A 96 0.24 -6.62 -19.16
C THR A 96 -0.35 -7.40 -17.99
N PRO A 1 -12.28 5.59 -11.02
CA PRO A 1 -11.23 6.60 -10.90
C PRO A 1 -10.32 6.64 -12.12
N LYS A 2 -9.72 7.81 -12.37
CA LYS A 2 -8.83 7.97 -13.51
C LYS A 2 -7.40 7.61 -13.13
N PRO A 3 -6.59 7.23 -14.14
CA PRO A 3 -5.19 6.85 -13.94
C PRO A 3 -4.32 8.04 -13.56
N GLY A 4 -3.79 8.01 -12.34
CA GLY A 4 -2.93 9.09 -11.87
C GLY A 4 -3.49 9.78 -10.65
N ASP A 5 -4.82 9.83 -10.55
CA ASP A 5 -5.48 10.46 -9.41
C ASP A 5 -4.89 9.97 -8.09
N ILE A 6 -5.13 10.71 -7.02
CA ILE A 6 -4.63 10.35 -5.70
C ILE A 6 -5.66 10.66 -4.62
N PHE A 7 -5.94 9.66 -3.78
CA PHE A 7 -6.90 9.83 -2.70
C PHE A 7 -6.42 9.13 -1.43
N GLU A 8 -7.15 9.34 -0.34
CA GLU A 8 -6.79 8.73 0.94
C GLU A 8 -7.87 7.76 1.40
N VAL A 9 -7.47 6.75 2.16
CA VAL A 9 -8.40 5.74 2.66
C VAL A 9 -8.39 5.70 4.19
N GLU A 10 -9.53 5.99 4.79
CA GLU A 10 -9.65 5.98 6.24
C GLU A 10 -10.08 4.60 6.75
N LEU A 11 -9.10 3.83 7.21
CA LEU A 11 -9.37 2.49 7.73
C LEU A 11 -9.46 2.50 9.25
N ALA A 12 -10.22 1.55 9.80
CA ALA A 12 -10.38 1.45 11.24
C ALA A 12 -9.35 0.49 11.84
N LYS A 13 -8.25 0.27 11.11
CA LYS A 13 -7.19 -0.60 11.57
C LYS A 13 -7.77 -1.89 12.17
N ASN A 14 -8.20 -2.80 11.30
CA ASN A 14 -8.77 -4.07 11.75
C ASN A 14 -7.93 -5.24 11.27
N ASP A 15 -8.08 -6.39 11.94
CA ASP A 15 -7.34 -7.58 11.58
C ASP A 15 -5.86 -7.43 11.92
N ASN A 16 -5.53 -6.32 12.58
CA ASN A 16 -4.14 -6.06 12.97
C ASN A 16 -3.31 -5.63 11.76
N SER A 17 -3.48 -6.33 10.65
CA SER A 17 -2.75 -6.03 9.43
C SER A 17 -3.66 -5.36 8.40
N LEU A 18 -3.08 -4.47 7.60
CA LEU A 18 -3.84 -3.77 6.57
C LEU A 18 -4.56 -4.75 5.65
N GLY A 19 -3.85 -5.80 5.25
CA GLY A 19 -4.44 -6.80 4.37
C GLY A 19 -3.95 -6.67 2.94
N ILE A 20 -2.74 -6.14 2.77
CA ILE A 20 -2.16 -5.97 1.45
C ILE A 20 -0.68 -6.30 1.45
N SER A 21 -0.18 -6.78 0.32
CA SER A 21 1.23 -7.13 0.19
C SER A 21 1.95 -6.16 -0.74
N VAL A 22 3.05 -5.59 -0.26
CA VAL A 22 3.82 -4.64 -1.04
C VAL A 22 4.97 -5.34 -1.76
N THR A 23 5.52 -4.68 -2.77
CA THR A 23 6.63 -5.23 -3.54
C THR A 23 7.46 -4.14 -4.19
N GLY A 24 8.67 -4.48 -4.61
CA GLY A 24 9.56 -3.51 -5.24
C GLY A 24 9.97 -2.41 -4.28
N GLY A 25 11.25 -2.40 -3.91
CA GLY A 25 11.75 -1.39 -3.01
C GLY A 25 12.98 -0.68 -3.55
N VAL A 26 13.43 0.35 -2.84
CA VAL A 26 14.60 1.12 -3.25
C VAL A 26 15.87 0.29 -3.13
N ASN A 27 15.75 -0.91 -2.54
CA ASN A 27 16.89 -1.80 -2.36
C ASN A 27 16.54 -3.22 -2.74
N THR A 28 16.23 -3.42 -4.03
CA THR A 28 15.88 -4.74 -4.53
C THR A 28 16.10 -4.84 -6.03
N SER A 29 15.86 -6.02 -6.59
CA SER A 29 16.04 -6.25 -8.02
C SER A 29 15.23 -5.25 -8.84
N VAL A 30 14.07 -4.87 -8.31
CA VAL A 30 13.20 -3.91 -8.98
C VAL A 30 13.97 -2.66 -9.39
N ARG A 31 14.22 -2.51 -10.68
CA ARG A 31 14.95 -1.35 -11.20
C ARG A 31 14.04 -0.12 -11.25
N HIS A 32 13.55 0.30 -10.08
CA HIS A 32 12.68 1.46 -10.00
C HIS A 32 12.26 1.72 -8.55
N GLY A 33 12.10 0.65 -7.79
CA GLY A 33 11.71 0.78 -6.40
C GLY A 33 10.25 1.17 -6.25
N GLY A 34 9.41 0.70 -7.17
CA GLY A 34 8.00 1.01 -7.11
C GLY A 34 7.27 0.23 -6.04
N ILE A 35 6.48 0.93 -5.24
CA ILE A 35 5.73 0.30 -4.16
C ILE A 35 4.25 0.19 -4.51
N TYR A 36 3.85 -0.97 -5.02
CA TYR A 36 2.46 -1.20 -5.40
C TYR A 36 1.92 -2.47 -4.76
N VAL A 37 0.60 -2.61 -4.74
CA VAL A 37 -0.05 -3.77 -4.16
C VAL A 37 0.11 -5.00 -5.05
N LYS A 38 0.56 -6.10 -4.46
CA LYS A 38 0.77 -7.34 -5.20
C LYS A 38 -0.37 -8.32 -4.92
N ALA A 39 -0.96 -8.22 -3.74
CA ALA A 39 -2.06 -9.11 -3.36
C ALA A 39 -2.72 -8.63 -2.06
N VAL A 40 -4.03 -8.85 -1.96
CA VAL A 40 -4.77 -8.44 -0.78
C VAL A 40 -5.11 -9.64 0.11
N ILE A 41 -4.44 -9.73 1.25
CA ILE A 41 -4.66 -10.82 2.19
C ILE A 41 -6.14 -11.10 2.37
N PRO A 42 -6.55 -12.34 2.12
CA PRO A 42 -7.95 -12.76 2.27
C PRO A 42 -8.40 -12.80 3.72
N GLN A 43 -7.48 -13.14 4.62
CA GLN A 43 -7.78 -13.21 6.04
C GLN A 43 -7.43 -11.90 6.74
N GLY A 44 -7.57 -10.79 6.02
CA GLY A 44 -7.26 -9.49 6.58
C GLY A 44 -8.41 -8.51 6.45
N ALA A 45 -8.23 -7.31 7.01
CA ALA A 45 -9.26 -6.29 6.94
C ALA A 45 -9.47 -5.81 5.51
N ALA A 46 -8.41 -5.82 4.72
CA ALA A 46 -8.48 -5.40 3.33
C ALA A 46 -9.44 -6.28 2.54
N GLU A 47 -9.60 -7.52 2.97
CA GLU A 47 -10.48 -8.46 2.30
C GLU A 47 -11.93 -8.26 2.76
N SER A 48 -12.16 -8.40 4.06
CA SER A 48 -13.49 -8.24 4.62
C SER A 48 -14.12 -6.92 4.16
N ASP A 49 -13.29 -5.91 3.99
CA ASP A 49 -13.76 -4.59 3.56
C ASP A 49 -13.68 -4.47 2.03
N GLY A 50 -12.66 -5.09 1.45
CA GLY A 50 -12.49 -5.03 0.01
C GLY A 50 -12.55 -3.61 -0.52
N ARG A 51 -11.78 -2.72 0.09
CA ARG A 51 -11.75 -1.32 -0.33
C ARG A 51 -10.51 -1.03 -1.17
N ILE A 52 -9.70 -2.06 -1.38
CA ILE A 52 -8.48 -1.92 -2.17
C ILE A 52 -8.36 -3.02 -3.20
N HIS A 53 -7.75 -2.70 -4.34
CA HIS A 53 -7.57 -3.66 -5.42
C HIS A 53 -6.12 -3.70 -5.89
N LYS A 54 -5.65 -4.89 -6.26
CA LYS A 54 -4.28 -5.05 -6.72
C LYS A 54 -3.92 -3.97 -7.74
N GLY A 55 -2.65 -3.59 -7.74
CA GLY A 55 -2.19 -2.56 -8.67
C GLY A 55 -2.04 -1.21 -8.02
N ASP A 56 -2.68 -1.03 -6.87
CA ASP A 56 -2.60 0.22 -6.13
C ASP A 56 -1.16 0.57 -5.79
N ARG A 57 -0.93 1.81 -5.38
CA ARG A 57 0.41 2.27 -5.02
C ARG A 57 0.46 2.71 -3.56
N VAL A 58 1.46 2.22 -2.83
CA VAL A 58 1.61 2.57 -1.42
C VAL A 58 2.30 3.92 -1.27
N LEU A 59 1.51 4.98 -1.30
CA LEU A 59 2.04 6.34 -1.16
C LEU A 59 2.37 6.64 0.30
N ALA A 60 2.74 7.89 0.57
CA ALA A 60 3.07 8.32 1.92
C ALA A 60 2.02 7.87 2.92
N VAL A 61 2.30 6.77 3.62
CA VAL A 61 1.37 6.24 4.61
C VAL A 61 1.47 6.99 5.93
N ASN A 62 0.62 8.00 6.10
CA ASN A 62 0.63 8.80 7.33
C ASN A 62 2.05 9.11 7.77
N GLY A 63 2.87 9.57 6.82
CA GLY A 63 4.25 9.90 7.14
C GLY A 63 5.24 8.95 6.49
N VAL A 64 4.80 7.72 6.24
CA VAL A 64 5.65 6.72 5.62
C VAL A 64 5.75 6.94 4.11
N SER A 65 6.57 7.91 3.72
CA SER A 65 6.76 8.23 2.31
C SER A 65 7.10 6.98 1.51
N LEU A 66 7.12 7.11 0.19
CA LEU A 66 7.43 5.99 -0.69
C LEU A 66 8.66 6.30 -1.54
N GLU A 67 9.01 7.58 -1.63
CA GLU A 67 10.16 8.00 -2.41
C GLU A 67 11.36 7.09 -2.15
N GLY A 68 11.92 7.18 -0.95
CA GLY A 68 13.06 6.36 -0.59
C GLY A 68 12.70 5.23 0.34
N ALA A 69 11.46 4.78 0.27
CA ALA A 69 10.99 3.69 1.13
C ALA A 69 11.44 2.33 0.59
N THR A 70 11.82 1.43 1.49
CA THR A 70 12.27 0.11 1.11
C THR A 70 11.12 -0.91 1.20
N HIS A 71 11.34 -2.09 0.64
CA HIS A 71 10.33 -3.14 0.67
C HIS A 71 9.98 -3.53 2.10
N LYS A 72 10.97 -3.44 2.99
CA LYS A 72 10.77 -3.78 4.39
C LYS A 72 9.94 -2.71 5.09
N GLN A 73 9.98 -1.49 4.56
CA GLN A 73 9.25 -0.39 5.15
C GLN A 73 7.74 -0.57 4.94
N ALA A 74 7.33 -0.67 3.68
CA ALA A 74 5.93 -0.85 3.34
C ALA A 74 5.38 -2.13 3.93
N VAL A 75 6.28 -3.00 4.40
CA VAL A 75 5.88 -4.26 5.00
C VAL A 75 5.82 -4.17 6.51
N GLU A 76 6.81 -3.50 7.11
CA GLU A 76 6.87 -3.34 8.55
C GLU A 76 6.09 -2.09 8.98
N THR A 77 6.57 -0.93 8.55
CA THR A 77 5.92 0.32 8.90
C THR A 77 4.41 0.23 8.75
N LEU A 78 3.96 -0.54 7.77
CA LEU A 78 2.54 -0.73 7.52
C LEU A 78 1.93 -1.68 8.54
N ARG A 79 2.61 -2.80 8.77
CA ARG A 79 2.13 -3.80 9.73
C ARG A 79 2.04 -3.21 11.14
N ASN A 80 2.92 -2.26 11.43
CA ASN A 80 2.93 -1.62 12.74
C ASN A 80 2.54 -0.15 12.62
N THR A 81 1.36 0.18 13.15
CA THR A 81 0.86 1.56 13.11
C THR A 81 -0.10 1.83 14.27
N GLY A 82 -0.57 3.06 14.36
CA GLY A 82 -1.49 3.43 15.42
C GLY A 82 -2.89 2.88 15.20
N GLN A 83 -3.84 3.36 15.98
CA GLN A 83 -5.23 2.92 15.87
C GLN A 83 -5.80 3.28 14.51
N VAL A 84 -5.28 4.35 13.91
CA VAL A 84 -5.75 4.80 12.61
C VAL A 84 -4.60 4.88 11.61
N VAL A 85 -4.93 4.90 10.32
CA VAL A 85 -3.93 4.98 9.27
C VAL A 85 -4.42 5.83 8.10
N HIS A 86 -3.54 6.67 7.58
CA HIS A 86 -3.87 7.54 6.46
C HIS A 86 -2.95 7.30 5.27
N LEU A 87 -3.31 6.33 4.43
CA LEU A 87 -2.50 6.00 3.27
C LEU A 87 -3.08 6.63 2.00
N LEU A 88 -2.24 6.83 1.00
CA LEU A 88 -2.67 7.43 -0.26
C LEU A 88 -2.69 6.39 -1.37
N LEU A 89 -3.73 6.41 -2.19
CA LEU A 89 -3.86 5.47 -3.30
C LEU A 89 -3.71 6.18 -4.63
N GLU A 90 -2.63 5.87 -5.34
CA GLU A 90 -2.37 6.49 -6.64
C GLU A 90 -2.49 5.46 -7.76
N LYS A 91 -3.67 5.42 -8.39
CA LYS A 91 -3.92 4.48 -9.47
C LYS A 91 -2.81 4.54 -10.52
N GLY A 92 -1.97 3.51 -10.53
CA GLY A 92 -0.88 3.46 -11.49
C GLY A 92 -1.35 3.30 -12.92
N GLN A 93 -0.46 2.85 -13.79
CA GLN A 93 -0.79 2.65 -15.20
C GLN A 93 -1.08 1.19 -15.48
N SER A 94 -0.10 0.33 -15.23
CA SER A 94 -0.24 -1.10 -15.47
C SER A 94 -0.82 -1.36 -16.87
N PRO A 95 -0.01 -1.11 -17.89
CA PRO A 95 -0.41 -1.31 -19.29
C PRO A 95 -0.56 -2.78 -19.64
N THR A 96 0.33 -3.61 -19.10
CA THR A 96 0.29 -5.04 -19.36
C THR A 96 0.76 -5.83 -18.14
N PRO A 1 -11.33 7.42 -14.44
CA PRO A 1 -10.26 8.06 -13.69
C PRO A 1 -8.93 8.02 -14.44
N LYS A 2 -8.09 9.03 -14.19
CA LYS A 2 -6.79 9.11 -14.85
C LYS A 2 -5.75 8.29 -14.10
N PRO A 3 -4.64 7.97 -14.78
CA PRO A 3 -3.54 7.19 -14.20
C PRO A 3 -2.78 7.96 -13.14
N GLY A 4 -2.72 9.28 -13.28
CA GLY A 4 -2.03 10.10 -12.32
C GLY A 4 -2.97 10.73 -11.31
N ASP A 5 -3.91 9.95 -10.79
CA ASP A 5 -4.87 10.44 -9.81
C ASP A 5 -4.53 9.94 -8.42
N ILE A 6 -4.68 10.82 -7.43
CA ILE A 6 -4.39 10.46 -6.04
C ILE A 6 -5.65 10.54 -5.18
N PHE A 7 -5.87 9.51 -4.37
CA PHE A 7 -7.04 9.47 -3.50
C PHE A 7 -6.67 8.86 -2.15
N GLU A 8 -7.34 9.34 -1.10
CA GLU A 8 -7.09 8.84 0.26
C GLU A 8 -8.24 7.95 0.73
N VAL A 9 -7.90 6.84 1.38
CA VAL A 9 -8.90 5.91 1.88
C VAL A 9 -8.63 5.56 3.34
N GLU A 10 -9.63 5.77 4.19
CA GLU A 10 -9.50 5.48 5.61
C GLU A 10 -10.14 4.13 5.94
N LEU A 11 -9.40 3.30 6.67
CA LEU A 11 -9.89 1.98 7.06
C LEU A 11 -9.69 1.74 8.55
N ALA A 12 -10.54 0.90 9.13
CA ALA A 12 -10.44 0.58 10.55
C ALA A 12 -9.86 -0.82 10.77
N LYS A 13 -8.55 -0.87 11.00
CA LYS A 13 -7.87 -2.13 11.22
C LYS A 13 -8.68 -3.04 12.15
N ASN A 14 -8.90 -4.27 11.70
CA ASN A 14 -9.67 -5.23 12.49
C ASN A 14 -8.74 -6.21 13.20
N ASP A 15 -7.77 -6.75 12.46
CA ASP A 15 -6.81 -7.69 13.03
C ASP A 15 -5.40 -7.11 13.04
N ASN A 16 -5.32 -5.80 13.21
CA ASN A 16 -4.03 -5.11 13.24
C ASN A 16 -3.20 -5.47 12.01
N SER A 17 -3.88 -5.76 10.90
CA SER A 17 -3.19 -6.13 9.66
C SER A 17 -3.98 -5.64 8.45
N LEU A 18 -3.42 -4.67 7.74
CA LEU A 18 -4.06 -4.11 6.55
C LEU A 18 -4.23 -5.18 5.47
N GLY A 19 -3.26 -6.08 5.40
CA GLY A 19 -3.33 -7.15 4.41
C GLY A 19 -3.07 -6.64 3.00
N ILE A 20 -1.79 -6.57 2.63
CA ILE A 20 -1.41 -6.09 1.30
C ILE A 20 -0.01 -6.57 0.93
N SER A 21 0.09 -7.34 -0.13
CA SER A 21 1.37 -7.87 -0.60
C SER A 21 2.01 -6.92 -1.62
N VAL A 22 2.79 -5.98 -1.13
CA VAL A 22 3.47 -5.02 -2.00
C VAL A 22 4.90 -5.43 -2.29
N THR A 23 5.36 -5.16 -3.51
CA THR A 23 6.71 -5.52 -3.91
C THR A 23 7.47 -4.29 -4.41
N GLY A 24 8.80 -4.41 -4.48
CA GLY A 24 9.61 -3.31 -4.94
C GLY A 24 10.38 -2.64 -3.82
N GLY A 25 10.94 -1.47 -4.10
CA GLY A 25 11.70 -0.75 -3.09
C GLY A 25 12.99 -0.16 -3.64
N VAL A 26 13.55 0.80 -2.93
CA VAL A 26 14.78 1.46 -3.35
C VAL A 26 16.00 0.67 -2.89
N ASN A 27 15.86 -0.64 -2.80
CA ASN A 27 16.96 -1.50 -2.37
C ASN A 27 17.72 -2.04 -3.58
N THR A 28 18.60 -3.02 -3.32
CA THR A 28 19.39 -3.63 -4.38
C THR A 28 18.72 -4.88 -4.92
N SER A 29 17.41 -4.80 -5.13
CA SER A 29 16.64 -5.94 -5.65
C SER A 29 15.65 -5.48 -6.70
N VAL A 30 15.00 -4.34 -6.45
CA VAL A 30 14.02 -3.81 -7.38
C VAL A 30 14.33 -2.35 -7.73
N ARG A 31 15.16 -2.15 -8.74
CA ARG A 31 15.55 -0.81 -9.17
C ARG A 31 14.31 0.06 -9.39
N HIS A 32 13.20 -0.57 -9.76
CA HIS A 32 11.96 0.15 -10.00
C HIS A 32 11.65 1.09 -8.84
N GLY A 33 11.99 0.67 -7.63
CA GLY A 33 11.74 1.50 -6.47
C GLY A 33 10.29 1.95 -6.38
N GLY A 34 9.38 1.10 -6.84
CA GLY A 34 7.97 1.43 -6.80
C GLY A 34 7.18 0.51 -5.89
N ILE A 35 6.05 1.01 -5.39
CA ILE A 35 5.20 0.23 -4.50
C ILE A 35 3.80 0.07 -5.06
N TYR A 36 3.47 -1.15 -5.48
CA TYR A 36 2.16 -1.44 -6.05
C TYR A 36 1.51 -2.63 -5.34
N VAL A 37 0.18 -2.60 -5.26
CA VAL A 37 -0.57 -3.67 -4.61
C VAL A 37 -0.63 -4.91 -5.49
N LYS A 38 0.07 -5.95 -5.08
CA LYS A 38 0.09 -7.20 -5.84
C LYS A 38 -1.12 -8.06 -5.51
N ALA A 39 -1.55 -8.01 -4.26
CA ALA A 39 -2.71 -8.78 -3.82
C ALA A 39 -3.00 -8.54 -2.34
N VAL A 40 -4.27 -8.62 -1.97
CA VAL A 40 -4.68 -8.41 -0.58
C VAL A 40 -4.56 -9.70 0.22
N ILE A 41 -4.17 -9.57 1.48
CA ILE A 41 -4.02 -10.72 2.36
C ILE A 41 -5.33 -11.07 3.05
N PRO A 42 -5.90 -12.21 2.66
CA PRO A 42 -7.17 -12.69 3.23
C PRO A 42 -7.03 -13.14 4.69
N GLN A 43 -6.63 -12.19 5.53
CA GLN A 43 -6.46 -12.48 6.96
C GLN A 43 -6.55 -11.21 7.79
N GLY A 44 -7.59 -10.43 7.56
CA GLY A 44 -7.77 -9.19 8.29
C GLY A 44 -8.53 -8.14 7.49
N ALA A 45 -8.19 -6.88 7.71
CA ALA A 45 -8.84 -5.78 7.00
C ALA A 45 -8.63 -5.90 5.50
N ALA A 46 -9.35 -5.07 4.74
CA ALA A 46 -9.24 -5.08 3.29
C ALA A 46 -9.98 -6.27 2.69
N GLU A 47 -9.61 -7.48 3.14
CA GLU A 47 -10.24 -8.70 2.65
C GLU A 47 -11.74 -8.71 2.96
N SER A 48 -12.06 -8.78 4.25
CA SER A 48 -13.45 -8.79 4.68
C SER A 48 -14.03 -7.38 4.74
N ASP A 49 -13.39 -6.52 5.54
CA ASP A 49 -13.84 -5.14 5.68
C ASP A 49 -14.03 -4.49 4.31
N GLY A 50 -13.23 -4.91 3.34
CA GLY A 50 -13.33 -4.35 2.00
C GLY A 50 -12.87 -2.91 1.94
N ARG A 51 -11.68 -2.69 1.40
CA ARG A 51 -11.13 -1.34 1.28
C ARG A 51 -10.26 -1.22 0.04
N ILE A 52 -9.06 -1.80 0.09
CA ILE A 52 -8.15 -1.75 -1.04
C ILE A 52 -8.15 -3.07 -1.81
N HIS A 53 -7.90 -2.98 -3.11
CA HIS A 53 -7.87 -4.16 -3.96
C HIS A 53 -6.63 -4.18 -4.85
N LYS A 54 -6.18 -5.37 -5.21
CA LYS A 54 -5.00 -5.52 -6.06
C LYS A 54 -5.09 -4.61 -7.28
N GLY A 55 -3.95 -4.03 -7.67
CA GLY A 55 -3.93 -3.14 -8.82
C GLY A 55 -3.58 -1.72 -8.45
N ASP A 56 -3.89 -1.34 -7.21
CA ASP A 56 -3.60 0.01 -6.74
C ASP A 56 -2.13 0.17 -6.40
N ARG A 57 -1.77 1.34 -5.86
CA ARG A 57 -0.39 1.61 -5.50
C ARG A 57 -0.33 2.45 -4.23
N VAL A 58 0.59 2.10 -3.34
CA VAL A 58 0.77 2.82 -2.08
C VAL A 58 1.84 3.89 -2.20
N LEU A 59 1.45 5.14 -1.97
CA LEU A 59 2.40 6.25 -2.05
C LEU A 59 2.77 6.75 -0.66
N ALA A 60 1.77 7.19 0.10
CA ALA A 60 2.00 7.69 1.45
C ALA A 60 1.30 6.80 2.48
N VAL A 61 2.10 6.16 3.34
CA VAL A 61 1.56 5.29 4.36
C VAL A 61 1.56 5.98 5.73
N ASN A 62 0.45 6.62 6.06
CA ASN A 62 0.32 7.33 7.33
C ASN A 62 1.38 8.42 7.45
N GLY A 63 1.50 9.24 6.41
CA GLY A 63 2.47 10.31 6.43
C GLY A 63 3.89 9.82 6.27
N VAL A 64 4.04 8.64 5.66
CA VAL A 64 5.36 8.05 5.45
C VAL A 64 5.75 8.09 3.97
N SER A 65 6.35 9.19 3.56
CA SER A 65 6.78 9.37 2.17
C SER A 65 7.59 8.15 1.70
N LEU A 66 7.14 7.53 0.62
CA LEU A 66 7.82 6.36 0.07
C LEU A 66 8.82 6.78 -1.01
N GLU A 67 9.27 8.02 -0.93
CA GLU A 67 10.24 8.54 -1.90
C GLU A 67 11.47 7.65 -1.97
N GLY A 68 11.99 7.27 -0.81
CA GLY A 68 13.17 6.43 -0.75
C GLY A 68 13.00 5.26 0.20
N ALA A 69 11.76 4.85 0.41
CA ALA A 69 11.47 3.73 1.32
C ALA A 69 11.79 2.39 0.67
N THR A 70 12.54 1.56 1.38
CA THR A 70 12.91 0.24 0.86
C THR A 70 11.83 -0.79 1.14
N HIS A 71 11.92 -1.93 0.46
CA HIS A 71 10.95 -3.00 0.63
C HIS A 71 10.77 -3.35 2.11
N LYS A 72 11.88 -3.38 2.83
CA LYS A 72 11.86 -3.69 4.26
C LYS A 72 11.19 -2.58 5.05
N GLN A 73 11.26 -1.36 4.53
CA GLN A 73 10.66 -0.21 5.19
C GLN A 73 9.15 -0.15 4.91
N ALA A 74 8.79 -0.28 3.64
CA ALA A 74 7.40 -0.24 3.24
C ALA A 74 6.58 -1.28 3.99
N VAL A 75 6.82 -2.56 3.69
CA VAL A 75 6.11 -3.65 4.34
C VAL A 75 6.05 -3.44 5.86
N GLU A 76 7.22 -3.28 6.47
CA GLU A 76 7.30 -3.09 7.91
C GLU A 76 6.46 -1.88 8.34
N THR A 77 6.37 -0.89 7.46
CA THR A 77 5.60 0.32 7.75
C THR A 77 4.11 0.04 7.71
N LEU A 78 3.70 -0.91 6.89
CA LEU A 78 2.30 -1.28 6.77
C LEU A 78 1.81 -2.00 8.02
N ARG A 79 2.69 -2.79 8.63
CA ARG A 79 2.35 -3.53 9.84
C ARG A 79 2.18 -2.59 11.03
N ASN A 80 2.92 -1.48 11.00
CA ASN A 80 2.85 -0.49 12.07
C ASN A 80 1.88 0.63 11.73
N THR A 81 0.73 0.64 12.39
CA THR A 81 -0.28 1.66 12.15
C THR A 81 -1.15 1.88 13.39
N GLY A 82 -2.02 2.88 13.32
CA GLY A 82 -2.90 3.16 14.45
C GLY A 82 -4.33 2.72 14.18
N GLN A 83 -5.23 3.10 15.09
CA GLN A 83 -6.64 2.73 14.96
C GLN A 83 -7.16 3.06 13.57
N VAL A 84 -6.64 4.13 12.98
CA VAL A 84 -7.06 4.55 11.65
C VAL A 84 -5.86 4.62 10.70
N VAL A 85 -6.06 4.18 9.46
CA VAL A 85 -5.01 4.18 8.46
C VAL A 85 -5.32 5.18 7.35
N HIS A 86 -4.85 6.41 7.52
CA HIS A 86 -5.07 7.46 6.53
C HIS A 86 -3.91 7.55 5.56
N LEU A 87 -3.79 6.55 4.67
CA LEU A 87 -2.72 6.52 3.69
C LEU A 87 -3.25 6.87 2.30
N LEU A 88 -2.37 7.40 1.46
CA LEU A 88 -2.74 7.78 0.09
C LEU A 88 -2.30 6.71 -0.90
N LEU A 89 -3.01 6.63 -2.02
CA LEU A 89 -2.69 5.65 -3.06
C LEU A 89 -2.56 6.33 -4.42
N GLU A 90 -2.21 5.54 -5.43
CA GLU A 90 -2.05 6.07 -6.78
C GLU A 90 -2.65 5.11 -7.81
N LYS A 91 -3.45 5.65 -8.72
CA LYS A 91 -4.08 4.86 -9.76
C LYS A 91 -3.06 4.01 -10.49
N GLY A 92 -3.02 2.71 -10.18
CA GLY A 92 -2.07 1.82 -10.82
C GLY A 92 -2.15 1.89 -12.33
N GLN A 93 -1.22 1.22 -13.00
CA GLN A 93 -1.18 1.22 -14.45
C GLN A 93 -1.87 -0.03 -15.02
N SER A 94 -3.03 0.19 -15.66
CA SER A 94 -3.79 -0.91 -16.23
C SER A 94 -4.31 -0.54 -17.61
N PRO A 95 -3.38 -0.42 -18.57
CA PRO A 95 -3.72 -0.07 -19.96
C PRO A 95 -4.45 -1.20 -20.68
N THR A 96 -3.96 -2.42 -20.50
CA THR A 96 -4.56 -3.59 -21.14
C THR A 96 -5.12 -4.55 -20.09
N PRO A 1 -10.87 6.21 -14.96
CA PRO A 1 -9.68 6.65 -14.20
C PRO A 1 -8.40 6.50 -14.99
N LYS A 2 -7.46 7.42 -14.76
CA LYS A 2 -6.18 7.40 -15.45
C LYS A 2 -5.02 7.30 -14.47
N PRO A 3 -3.87 6.82 -14.94
CA PRO A 3 -2.67 6.66 -14.13
C PRO A 3 -2.06 8.00 -13.71
N GLY A 4 -1.82 8.16 -12.42
CA GLY A 4 -1.24 9.39 -11.92
C GLY A 4 -2.06 10.01 -10.81
N ASP A 5 -3.37 9.80 -10.85
CA ASP A 5 -4.26 10.35 -9.85
C ASP A 5 -3.75 10.06 -8.44
N ILE A 6 -4.30 10.74 -7.45
CA ILE A 6 -3.89 10.55 -6.07
C ILE A 6 -5.09 10.62 -5.13
N PHE A 7 -5.17 9.66 -4.20
CA PHE A 7 -6.27 9.61 -3.24
C PHE A 7 -5.90 8.73 -2.05
N GLU A 8 -6.79 8.71 -1.05
CA GLU A 8 -6.56 7.91 0.14
C GLU A 8 -7.83 7.19 0.57
N VAL A 9 -7.66 6.05 1.23
CA VAL A 9 -8.80 5.26 1.70
C VAL A 9 -8.53 4.66 3.08
N GLU A 10 -9.16 5.24 4.10
CA GLU A 10 -8.98 4.74 5.47
C GLU A 10 -10.11 3.80 5.85
N LEU A 11 -9.81 2.51 5.87
CA LEU A 11 -10.80 1.49 6.22
C LEU A 11 -10.72 1.15 7.71
N ALA A 12 -10.20 2.09 8.49
CA ALA A 12 -10.07 1.88 9.94
C ALA A 12 -9.22 0.66 10.25
N LYS A 13 -8.80 0.53 11.50
CA LYS A 13 -8.00 -0.60 11.93
C LYS A 13 -8.80 -1.58 12.75
N ASN A 14 -8.56 -2.87 12.56
CA ASN A 14 -9.27 -3.91 13.29
C ASN A 14 -8.34 -5.06 13.65
N ASP A 15 -7.69 -5.63 12.64
CA ASP A 15 -6.78 -6.74 12.84
C ASP A 15 -5.34 -6.24 12.99
N ASN A 16 -5.20 -4.99 13.43
CA ASN A 16 -3.88 -4.39 13.61
C ASN A 16 -3.00 -4.61 12.38
N SER A 17 -3.64 -4.72 11.22
CA SER A 17 -2.93 -4.94 9.97
C SER A 17 -3.68 -4.33 8.80
N LEU A 18 -2.98 -3.58 7.96
CA LEU A 18 -3.58 -2.95 6.79
C LEU A 18 -4.39 -3.96 5.99
N GLY A 19 -3.87 -5.18 5.89
CA GLY A 19 -4.56 -6.22 5.15
C GLY A 19 -4.12 -6.27 3.69
N ILE A 20 -2.88 -5.88 3.43
CA ILE A 20 -2.34 -5.88 2.08
C ILE A 20 -0.95 -6.49 2.04
N SER A 21 -0.61 -7.08 0.90
CA SER A 21 0.71 -7.71 0.73
C SER A 21 1.58 -6.89 -0.21
N VAL A 22 2.77 -6.52 0.26
CA VAL A 22 3.70 -5.74 -0.54
C VAL A 22 4.83 -6.61 -1.08
N THR A 23 5.54 -6.10 -2.08
CA THR A 23 6.64 -6.83 -2.69
C THR A 23 7.73 -5.88 -3.19
N GLY A 24 8.96 -6.39 -3.28
CA GLY A 24 10.06 -5.57 -3.73
C GLY A 24 11.04 -6.34 -4.60
N GLY A 25 10.52 -7.31 -5.35
CA GLY A 25 11.37 -8.12 -6.22
C GLY A 25 12.21 -7.27 -7.15
N VAL A 26 11.61 -6.21 -7.69
CA VAL A 26 12.31 -5.33 -8.60
C VAL A 26 13.17 -4.32 -7.86
N ASN A 27 13.23 -4.48 -6.53
CA ASN A 27 14.02 -3.59 -5.70
C ASN A 27 13.42 -2.18 -5.68
N THR A 28 13.36 -1.58 -4.50
CA THR A 28 12.81 -0.24 -4.34
C THR A 28 13.90 0.82 -4.41
N SER A 29 14.92 0.57 -5.24
CA SER A 29 16.02 1.50 -5.40
C SER A 29 15.54 2.83 -5.95
N VAL A 30 14.52 2.78 -6.80
CA VAL A 30 13.96 3.99 -7.40
C VAL A 30 13.46 4.96 -6.34
N ARG A 31 13.03 6.13 -6.78
CA ARG A 31 12.53 7.15 -5.86
C ARG A 31 11.28 7.83 -6.43
N HIS A 32 10.31 7.03 -6.84
CA HIS A 32 9.08 7.56 -7.41
C HIS A 32 8.12 6.42 -7.78
N GLY A 33 8.11 5.37 -6.97
CA GLY A 33 7.24 4.24 -7.23
C GLY A 33 8.00 2.93 -7.33
N GLY A 34 8.59 2.51 -6.21
CA GLY A 34 9.34 1.27 -6.20
C GLY A 34 8.65 0.17 -5.41
N ILE A 35 7.32 0.19 -5.41
CA ILE A 35 6.54 -0.81 -4.70
C ILE A 35 5.14 -0.93 -5.28
N TYR A 36 4.64 -2.16 -5.38
CA TYR A 36 3.32 -2.41 -5.91
C TYR A 36 2.76 -3.73 -5.39
N VAL A 37 1.58 -3.65 -4.76
CA VAL A 37 0.93 -4.84 -4.21
C VAL A 37 0.46 -5.77 -5.31
N LYS A 38 0.73 -7.06 -5.15
CA LYS A 38 0.33 -8.07 -6.13
C LYS A 38 -0.73 -9.00 -5.56
N ALA A 39 -0.69 -9.18 -4.24
CA ALA A 39 -1.66 -10.05 -3.57
C ALA A 39 -2.40 -9.29 -2.48
N VAL A 40 -3.57 -9.81 -2.10
CA VAL A 40 -4.39 -9.20 -1.07
C VAL A 40 -4.71 -10.17 0.05
N ILE A 41 -3.90 -10.15 1.10
CA ILE A 41 -4.10 -11.04 2.24
C ILE A 41 -5.54 -10.99 2.73
N PRO A 42 -6.28 -12.08 2.48
CA PRO A 42 -7.69 -12.19 2.88
C PRO A 42 -7.85 -12.31 4.39
N GLN A 43 -6.79 -12.76 5.06
CA GLN A 43 -6.82 -12.92 6.51
C GLN A 43 -6.48 -11.61 7.21
N GLY A 44 -7.15 -10.54 6.79
CA GLY A 44 -6.92 -9.23 7.39
C GLY A 44 -8.15 -8.37 7.40
N ALA A 45 -8.01 -7.12 7.86
CA ALA A 45 -9.13 -6.20 7.93
C ALA A 45 -9.45 -5.64 6.55
N ALA A 46 -8.56 -5.87 5.59
CA ALA A 46 -8.75 -5.39 4.23
C ALA A 46 -9.86 -6.18 3.52
N GLU A 47 -9.87 -7.49 3.74
CA GLU A 47 -10.87 -8.35 3.11
C GLU A 47 -12.22 -8.22 3.81
N SER A 48 -12.20 -8.26 5.14
CA SER A 48 -13.43 -8.15 5.93
C SER A 48 -14.24 -6.94 5.48
N ASP A 49 -13.57 -5.82 5.27
CA ASP A 49 -14.23 -4.60 4.84
C ASP A 49 -14.31 -4.53 3.31
N GLY A 50 -13.29 -5.05 2.65
CA GLY A 50 -13.26 -5.05 1.20
C GLY A 50 -13.06 -3.65 0.63
N ARG A 51 -12.26 -2.85 1.33
CA ARG A 51 -11.98 -1.49 0.90
C ARG A 51 -10.84 -1.46 -0.11
N ILE A 52 -9.84 -2.32 0.11
CA ILE A 52 -8.70 -2.39 -0.78
C ILE A 52 -8.90 -3.45 -1.86
N HIS A 53 -8.34 -3.20 -3.04
CA HIS A 53 -8.46 -4.13 -4.16
C HIS A 53 -7.10 -4.43 -4.77
N LYS A 54 -7.01 -5.53 -5.52
CA LYS A 54 -5.76 -5.92 -6.15
C LYS A 54 -5.35 -4.90 -7.22
N GLY A 55 -4.11 -4.44 -7.14
CA GLY A 55 -3.61 -3.47 -8.10
C GLY A 55 -3.45 -2.09 -7.50
N ASP A 56 -2.27 -1.81 -6.96
CA ASP A 56 -1.99 -0.52 -6.35
C ASP A 56 -0.52 -0.42 -5.94
N ARG A 57 -0.13 0.76 -5.46
CA ARG A 57 1.24 0.99 -5.02
C ARG A 57 1.27 1.59 -3.62
N VAL A 58 2.04 0.97 -2.74
CA VAL A 58 2.16 1.44 -1.36
C VAL A 58 3.07 2.66 -1.27
N LEU A 59 2.53 3.83 -1.62
CA LEU A 59 3.29 5.07 -1.58
C LEU A 59 3.36 5.61 -0.16
N ALA A 60 3.49 6.94 -0.05
CA ALA A 60 3.57 7.59 1.24
C ALA A 60 2.41 7.17 2.14
N VAL A 61 2.67 6.19 3.02
CA VAL A 61 1.65 5.71 3.93
C VAL A 61 1.70 6.43 5.27
N ASN A 62 0.82 7.42 5.44
CA ASN A 62 0.78 8.19 6.67
C ASN A 62 2.18 8.50 7.18
N GLY A 63 2.95 9.24 6.38
CA GLY A 63 4.30 9.58 6.76
C GLY A 63 5.33 8.64 6.18
N VAL A 64 4.92 7.40 5.93
CA VAL A 64 5.81 6.39 5.37
C VAL A 64 6.05 6.64 3.88
N SER A 65 6.79 7.71 3.58
CA SER A 65 7.09 8.05 2.19
C SER A 65 7.66 6.86 1.45
N LEU A 66 7.80 7.00 0.14
CA LEU A 66 8.34 5.92 -0.69
C LEU A 66 9.59 6.39 -1.44
N GLU A 67 9.88 7.69 -1.35
CA GLU A 67 11.05 8.25 -2.01
C GLU A 67 12.28 7.39 -1.78
N GLY A 68 12.75 7.37 -0.53
CA GLY A 68 13.93 6.58 -0.19
C GLY A 68 13.60 5.44 0.74
N ALA A 69 12.32 5.12 0.87
CA ALA A 69 11.88 4.05 1.75
C ALA A 69 12.33 2.68 1.23
N THR A 70 12.61 1.76 2.14
CA THR A 70 13.05 0.42 1.77
C THR A 70 11.86 -0.53 1.63
N HIS A 71 12.11 -1.69 1.03
CA HIS A 71 11.06 -2.69 0.84
C HIS A 71 10.47 -3.11 2.18
N LYS A 72 11.32 -3.58 3.08
CA LYS A 72 10.88 -4.02 4.40
C LYS A 72 10.02 -2.96 5.06
N GLN A 73 10.30 -1.70 4.76
CA GLN A 73 9.54 -0.59 5.34
C GLN A 73 8.07 -0.72 5.02
N ALA A 74 7.76 -1.15 3.80
CA ALA A 74 6.37 -1.32 3.37
C ALA A 74 5.77 -2.59 3.97
N VAL A 75 6.58 -3.33 4.72
CA VAL A 75 6.12 -4.56 5.35
C VAL A 75 5.88 -4.36 6.84
N GLU A 76 6.90 -3.87 7.54
CA GLU A 76 6.80 -3.64 8.98
C GLU A 76 6.13 -2.30 9.26
N THR A 77 6.76 -1.22 8.80
CA THR A 77 6.22 0.12 9.01
C THR A 77 4.77 0.20 8.57
N LEU A 78 4.37 -0.68 7.67
CA LEU A 78 3.01 -0.71 7.17
C LEU A 78 2.06 -1.31 8.20
N ARG A 79 2.47 -2.43 8.78
CA ARG A 79 1.66 -3.12 9.78
C ARG A 79 1.71 -2.37 11.11
N ASN A 80 2.85 -1.80 11.42
CA ASN A 80 3.03 -1.06 12.67
C ASN A 80 2.44 0.35 12.55
N THR A 81 1.12 0.41 12.39
CA THR A 81 0.43 1.70 12.27
C THR A 81 -0.48 1.95 13.47
N GLY A 82 -0.94 3.18 13.60
CA GLY A 82 -1.81 3.53 14.70
C GLY A 82 -3.24 3.01 14.52
N GLN A 83 -4.16 3.54 15.30
CA GLN A 83 -5.56 3.13 15.22
C GLN A 83 -6.10 3.33 13.81
N VAL A 84 -5.48 4.25 13.07
CA VAL A 84 -5.91 4.54 11.70
C VAL A 84 -4.72 4.56 10.75
N VAL A 85 -5.01 4.56 9.45
CA VAL A 85 -3.97 4.58 8.44
C VAL A 85 -4.36 5.46 7.26
N HIS A 86 -3.42 6.27 6.78
CA HIS A 86 -3.67 7.17 5.67
C HIS A 86 -2.71 6.87 4.52
N LEU A 87 -3.04 5.87 3.71
CA LEU A 87 -2.21 5.49 2.57
C LEU A 87 -2.62 6.26 1.31
N LEU A 88 -1.67 6.48 0.42
CA LEU A 88 -1.93 7.19 -0.82
C LEU A 88 -1.89 6.24 -2.02
N LEU A 89 -3.02 6.10 -2.70
CA LEU A 89 -3.12 5.23 -3.86
C LEU A 89 -2.97 6.02 -5.16
N GLU A 90 -1.96 5.65 -5.96
CA GLU A 90 -1.72 6.33 -7.23
C GLU A 90 -2.20 5.49 -8.40
N LYS A 91 -3.27 4.73 -8.17
CA LYS A 91 -3.84 3.87 -9.21
C LYS A 91 -2.78 2.95 -9.79
N GLY A 92 -2.70 1.73 -9.24
CA GLY A 92 -1.72 0.77 -9.72
C GLY A 92 -1.76 0.60 -11.22
N GLN A 93 -0.65 0.17 -11.81
CA GLN A 93 -0.57 -0.03 -13.25
C GLN A 93 -1.33 -1.28 -13.66
N SER A 94 -2.05 -1.19 -14.78
CA SER A 94 -2.83 -2.31 -15.29
C SER A 94 -3.49 -1.96 -16.63
N PRO A 95 -2.66 -1.81 -17.66
CA PRO A 95 -3.14 -1.47 -19.01
C PRO A 95 -3.91 -2.62 -19.65
N THR A 96 -3.35 -3.83 -19.60
CA THR A 96 -3.98 -5.00 -20.17
C THR A 96 -3.54 -6.27 -19.45
N PRO A 1 -11.35 6.25 -11.28
CA PRO A 1 -9.92 6.52 -11.10
C PRO A 1 -9.17 6.58 -12.43
N LYS A 2 -8.19 7.47 -12.51
CA LYS A 2 -7.39 7.61 -13.72
C LYS A 2 -6.01 6.97 -13.55
N PRO A 3 -5.36 6.68 -14.68
CA PRO A 3 -4.03 6.06 -14.68
C PRO A 3 -2.95 7.00 -14.18
N GLY A 4 -1.94 6.44 -13.50
CA GLY A 4 -0.86 7.24 -12.97
C GLY A 4 -1.36 8.41 -12.15
N ASP A 5 -2.46 8.20 -11.43
CA ASP A 5 -3.03 9.25 -10.59
C ASP A 5 -2.70 9.01 -9.13
N ILE A 6 -2.86 10.05 -8.31
CA ILE A 6 -2.57 9.95 -6.89
C ILE A 6 -3.81 10.27 -6.05
N PHE A 7 -4.02 9.50 -4.99
CA PHE A 7 -5.17 9.71 -4.11
C PHE A 7 -4.92 9.09 -2.73
N GLU A 8 -5.53 9.69 -1.71
CA GLU A 8 -5.37 9.20 -0.35
C GLU A 8 -6.52 8.29 0.05
N VAL A 9 -6.23 7.28 0.86
CA VAL A 9 -7.25 6.33 1.30
C VAL A 9 -7.19 6.14 2.82
N GLU A 10 -8.31 6.40 3.48
CA GLU A 10 -8.38 6.26 4.93
C GLU A 10 -9.11 4.97 5.31
N LEU A 11 -8.40 4.10 6.02
CA LEU A 11 -8.96 2.82 6.45
C LEU A 11 -9.35 2.86 7.92
N ALA A 12 -10.08 1.85 8.37
CA ALA A 12 -10.50 1.77 9.77
C ALA A 12 -9.54 0.92 10.58
N LYS A 13 -8.74 0.11 9.90
CA LYS A 13 -7.77 -0.75 10.56
C LYS A 13 -8.47 -1.83 11.38
N ASN A 14 -7.96 -3.06 11.30
CA ASN A 14 -8.54 -4.17 12.03
C ASN A 14 -7.47 -5.19 12.41
N ASP A 15 -7.40 -5.51 13.70
CA ASP A 15 -6.43 -6.47 14.20
C ASP A 15 -5.01 -5.99 13.92
N ASN A 16 -4.83 -4.67 13.83
CA ASN A 16 -3.53 -4.08 13.58
C ASN A 16 -2.85 -4.76 12.40
N SER A 17 -3.65 -5.20 11.43
CA SER A 17 -3.13 -5.87 10.25
C SER A 17 -3.80 -5.35 8.98
N LEU A 18 -3.04 -4.59 8.19
CA LEU A 18 -3.56 -4.03 6.95
C LEU A 18 -4.22 -5.11 6.10
N GLY A 19 -3.60 -6.28 6.05
CA GLY A 19 -4.15 -7.38 5.27
C GLY A 19 -3.73 -7.33 3.81
N ILE A 20 -2.54 -6.76 3.57
CA ILE A 20 -2.02 -6.66 2.21
C ILE A 20 -0.55 -7.04 2.16
N SER A 21 -0.22 -7.96 1.24
CA SER A 21 1.16 -8.42 1.08
C SER A 21 1.78 -7.84 -0.19
N VAL A 22 2.79 -6.99 0.00
CA VAL A 22 3.48 -6.37 -1.13
C VAL A 22 4.88 -6.94 -1.30
N THR A 23 5.37 -6.96 -2.53
CA THR A 23 6.69 -7.47 -2.83
C THR A 23 7.64 -6.35 -3.27
N GLY A 24 8.93 -6.57 -3.08
CA GLY A 24 9.91 -5.56 -3.46
C GLY A 24 11.32 -6.11 -3.48
N GLY A 25 12.00 -6.01 -2.33
CA GLY A 25 13.36 -6.50 -2.24
C GLY A 25 14.25 -5.97 -3.34
N VAL A 26 14.32 -4.65 -3.46
CA VAL A 26 15.13 -4.02 -4.49
C VAL A 26 15.72 -2.70 -3.98
N ASN A 27 16.58 -2.10 -4.80
CA ASN A 27 17.21 -0.83 -4.44
C ASN A 27 16.20 0.31 -4.42
N THR A 28 15.19 0.20 -5.27
CA THR A 28 14.15 1.21 -5.36
C THR A 28 14.72 2.55 -5.85
N SER A 29 15.48 2.51 -6.93
CA SER A 29 16.09 3.70 -7.49
C SER A 29 15.12 4.43 -8.40
N VAL A 30 13.89 4.62 -7.92
CA VAL A 30 12.85 5.31 -8.68
C VAL A 30 12.18 6.39 -7.85
N ARG A 31 11.47 7.28 -8.52
CA ARG A 31 10.77 8.37 -7.85
C ARG A 31 9.50 7.86 -7.16
N HIS A 32 8.85 6.89 -7.78
CA HIS A 32 7.62 6.32 -7.22
C HIS A 32 7.46 4.88 -7.66
N GLY A 33 6.27 4.32 -7.40
CA GLY A 33 6.01 2.94 -7.76
C GLY A 33 7.02 1.98 -7.18
N GLY A 34 7.64 2.37 -6.07
CA GLY A 34 8.63 1.52 -5.43
C GLY A 34 8.04 0.24 -4.89
N ILE A 35 6.72 0.25 -4.66
CA ILE A 35 6.04 -0.93 -4.14
C ILE A 35 4.78 -1.23 -4.94
N TYR A 36 4.47 -2.51 -5.11
CA TYR A 36 3.30 -2.92 -5.86
C TYR A 36 2.59 -4.08 -5.16
N VAL A 37 1.27 -4.02 -5.13
CA VAL A 37 0.47 -5.06 -4.49
C VAL A 37 0.18 -6.20 -5.45
N LYS A 38 0.88 -7.32 -5.28
CA LYS A 38 0.70 -8.48 -6.14
C LYS A 38 -0.39 -9.39 -5.61
N ALA A 39 -0.52 -9.44 -4.28
CA ALA A 39 -1.53 -10.26 -3.63
C ALA A 39 -2.20 -9.52 -2.49
N VAL A 40 -3.22 -10.14 -1.90
CA VAL A 40 -3.95 -9.54 -0.79
C VAL A 40 -4.36 -10.59 0.24
N ILE A 41 -4.20 -10.25 1.51
CA ILE A 41 -4.56 -11.18 2.59
C ILE A 41 -6.05 -11.11 2.89
N PRO A 42 -6.74 -12.24 2.71
CA PRO A 42 -8.18 -12.34 2.96
C PRO A 42 -8.52 -12.26 4.44
N GLN A 43 -7.58 -12.65 5.29
CA GLN A 43 -7.77 -12.61 6.73
C GLN A 43 -7.28 -11.29 7.31
N GLY A 44 -7.50 -10.21 6.59
CA GLY A 44 -7.07 -8.90 7.05
C GLY A 44 -7.99 -7.79 6.60
N ALA A 45 -7.76 -6.58 7.11
CA ALA A 45 -8.58 -5.43 6.75
C ALA A 45 -8.70 -5.29 5.24
N ALA A 46 -7.67 -5.73 4.52
CA ALA A 46 -7.67 -5.65 3.07
C ALA A 46 -8.46 -6.80 2.46
N GLU A 47 -9.73 -6.91 2.85
CA GLU A 47 -10.59 -7.96 2.35
C GLU A 47 -12.03 -7.77 2.83
N SER A 48 -12.24 -7.94 4.13
CA SER A 48 -13.56 -7.78 4.72
C SER A 48 -13.96 -6.30 4.78
N ASP A 49 -13.00 -5.45 5.11
CA ASP A 49 -13.25 -4.02 5.21
C ASP A 49 -13.27 -3.38 3.82
N GLY A 50 -12.49 -3.93 2.91
CA GLY A 50 -12.44 -3.40 1.56
C GLY A 50 -11.56 -2.17 1.45
N ARG A 51 -11.96 -1.23 0.59
CA ARG A 51 -11.20 0.00 0.39
C ARG A 51 -9.96 -0.26 -0.46
N ILE A 52 -9.10 -1.16 0.01
CA ILE A 52 -7.88 -1.49 -0.71
C ILE A 52 -8.10 -2.66 -1.67
N HIS A 53 -7.43 -2.61 -2.81
CA HIS A 53 -7.56 -3.67 -3.82
C HIS A 53 -6.21 -3.97 -4.45
N LYS A 54 -5.99 -5.23 -4.79
CA LYS A 54 -4.74 -5.66 -5.42
C LYS A 54 -4.48 -4.87 -6.70
N GLY A 55 -3.21 -4.80 -7.10
CA GLY A 55 -2.85 -4.07 -8.30
C GLY A 55 -2.55 -2.62 -8.03
N ASP A 56 -2.81 -2.19 -6.79
CA ASP A 56 -2.56 -0.79 -6.41
C ASP A 56 -1.08 -0.56 -6.15
N ARG A 57 -0.75 0.65 -5.70
CA ARG A 57 0.65 1.00 -5.42
C ARG A 57 0.73 1.95 -4.22
N VAL A 58 1.19 1.42 -3.09
CA VAL A 58 1.32 2.21 -1.88
C VAL A 58 2.54 3.11 -1.95
N LEU A 59 2.30 4.39 -2.24
CA LEU A 59 3.38 5.37 -2.33
C LEU A 59 3.82 5.84 -0.96
N ALA A 60 2.85 6.23 -0.14
CA ALA A 60 3.13 6.70 1.22
C ALA A 60 2.25 5.99 2.24
N VAL A 61 2.71 5.94 3.48
CA VAL A 61 1.97 5.28 4.55
C VAL A 61 1.93 6.15 5.81
N ASN A 62 0.78 6.77 6.05
CA ASN A 62 0.61 7.63 7.22
C ASN A 62 1.70 8.70 7.27
N GLY A 63 2.20 9.09 6.10
CA GLY A 63 3.24 10.10 6.04
C GLY A 63 4.58 9.51 5.65
N VAL A 64 4.73 8.21 5.82
CA VAL A 64 5.97 7.53 5.49
C VAL A 64 6.11 7.35 3.99
N SER A 65 7.06 8.06 3.40
CA SER A 65 7.30 7.98 1.95
C SER A 65 8.01 6.68 1.59
N LEU A 66 7.45 5.95 0.65
CA LEU A 66 8.02 4.69 0.21
C LEU A 66 8.89 4.89 -1.04
N GLU A 67 9.46 6.08 -1.16
CA GLU A 67 10.31 6.39 -2.30
C GLU A 67 11.44 5.36 -2.44
N GLY A 68 11.96 4.90 -1.31
CA GLY A 68 13.03 3.93 -1.33
C GLY A 68 13.00 3.02 -0.11
N ALA A 69 11.82 2.82 0.46
CA ALA A 69 11.67 1.97 1.63
C ALA A 69 11.81 0.50 1.26
N THR A 70 12.42 -0.28 2.15
CA THR A 70 12.61 -1.70 1.92
C THR A 70 11.35 -2.49 2.25
N HIS A 71 11.27 -3.71 1.72
CA HIS A 71 10.11 -4.57 1.96
C HIS A 71 9.80 -4.64 3.45
N LYS A 72 10.83 -4.80 4.26
CA LYS A 72 10.66 -4.89 5.71
C LYS A 72 10.27 -3.53 6.30
N GLN A 73 10.73 -2.47 5.65
CA GLN A 73 10.43 -1.11 6.10
C GLN A 73 8.98 -0.75 5.81
N ALA A 74 8.47 -1.24 4.68
CA ALA A 74 7.09 -0.97 4.27
C ALA A 74 6.11 -1.82 5.06
N VAL A 75 6.29 -3.14 4.98
CA VAL A 75 5.42 -4.08 5.69
C VAL A 75 5.26 -3.69 7.15
N GLU A 76 6.37 -3.37 7.80
CA GLU A 76 6.34 -2.98 9.21
C GLU A 76 5.62 -1.64 9.39
N THR A 77 5.81 -0.74 8.44
CA THR A 77 5.18 0.57 8.49
C THR A 77 3.68 0.46 8.26
N LEU A 78 3.28 -0.52 7.47
CA LEU A 78 1.86 -0.73 7.18
C LEU A 78 1.13 -1.30 8.40
N ARG A 79 1.75 -2.27 9.04
CA ARG A 79 1.16 -2.90 10.22
C ARG A 79 1.24 -1.98 11.43
N ASN A 80 2.38 -1.30 11.59
CA ASN A 80 2.57 -0.38 12.71
C ASN A 80 1.84 0.92 12.47
N THR A 81 0.51 0.86 12.48
CA THR A 81 -0.32 2.03 12.27
C THR A 81 -1.25 2.28 13.44
N GLY A 82 -2.02 3.35 13.38
CA GLY A 82 -2.94 3.68 14.45
C GLY A 82 -4.36 3.22 14.15
N GLN A 83 -5.31 3.69 14.94
CA GLN A 83 -6.71 3.32 14.76
C GLN A 83 -7.14 3.51 13.31
N VAL A 84 -6.54 4.50 12.65
CA VAL A 84 -6.87 4.79 11.26
C VAL A 84 -5.61 4.79 10.39
N VAL A 85 -5.72 4.24 9.18
CA VAL A 85 -4.60 4.18 8.26
C VAL A 85 -4.83 5.06 7.05
N HIS A 86 -4.19 6.22 7.02
CA HIS A 86 -4.33 7.16 5.91
C HIS A 86 -3.11 7.11 5.01
N LEU A 87 -3.13 6.18 4.05
CA LEU A 87 -2.02 6.02 3.12
C LEU A 87 -2.42 6.50 1.72
N LEU A 88 -1.42 6.90 0.94
CA LEU A 88 -1.66 7.38 -0.42
C LEU A 88 -1.26 6.32 -1.45
N LEU A 89 -2.18 6.04 -2.38
CA LEU A 89 -1.93 5.04 -3.42
C LEU A 89 -2.03 5.67 -4.80
N GLU A 90 -1.59 4.94 -5.81
CA GLU A 90 -1.63 5.42 -7.19
C GLU A 90 -1.86 4.28 -8.17
N LYS A 91 -2.92 4.39 -8.97
CA LYS A 91 -3.26 3.37 -9.95
C LYS A 91 -2.05 3.02 -10.81
N GLY A 92 -1.42 1.89 -10.51
CA GLY A 92 -0.26 1.46 -11.27
C GLY A 92 -0.53 1.40 -12.76
N GLN A 93 0.52 1.61 -13.56
CA GLN A 93 0.39 1.58 -15.01
C GLN A 93 0.27 0.16 -15.52
N SER A 94 -0.51 -0.03 -16.58
CA SER A 94 -0.71 -1.35 -17.17
C SER A 94 -0.85 -1.26 -18.68
N PRO A 95 -0.64 -2.39 -19.37
CA PRO A 95 -0.74 -2.47 -20.82
C PRO A 95 -2.18 -2.33 -21.31
N THR A 96 -2.36 -2.45 -22.63
CA THR A 96 -3.69 -2.34 -23.23
C THR A 96 -4.29 -3.71 -23.49
N PRO A 1 -12.20 5.69 -10.70
CA PRO A 1 -11.05 6.59 -10.57
C PRO A 1 -10.20 6.62 -11.83
N LYS A 2 -9.50 7.73 -12.05
CA LYS A 2 -8.63 7.88 -13.21
C LYS A 2 -7.23 7.35 -12.92
N PRO A 3 -6.52 6.95 -13.99
CA PRO A 3 -5.16 6.42 -13.88
C PRO A 3 -4.15 7.49 -13.48
N GLY A 4 -3.59 7.35 -12.29
CA GLY A 4 -2.61 8.31 -11.81
C GLY A 4 -3.12 9.10 -10.62
N ASP A 5 -4.42 9.33 -10.56
CA ASP A 5 -5.02 10.07 -9.47
C ASP A 5 -4.55 9.54 -8.11
N ILE A 6 -4.78 10.32 -7.06
CA ILE A 6 -4.38 9.92 -5.72
C ILE A 6 -5.43 10.32 -4.70
N PHE A 7 -5.81 9.37 -3.84
CA PHE A 7 -6.81 9.62 -2.81
C PHE A 7 -6.44 8.91 -1.51
N GLU A 8 -7.15 9.24 -0.44
CA GLU A 8 -6.90 8.63 0.86
C GLU A 8 -8.06 7.74 1.28
N VAL A 9 -7.77 6.74 2.10
CA VAL A 9 -8.79 5.81 2.58
C VAL A 9 -8.77 5.71 4.11
N GLU A 10 -9.86 6.12 4.74
CA GLU A 10 -9.96 6.07 6.19
C GLU A 10 -10.53 4.74 6.65
N LEU A 11 -9.69 3.71 6.67
CA LEU A 11 -10.11 2.38 7.09
C LEU A 11 -9.65 2.10 8.51
N ALA A 12 -10.55 1.50 9.30
CA ALA A 12 -10.24 1.16 10.69
C ALA A 12 -9.63 -0.22 10.80
N LYS A 13 -8.33 -0.29 11.04
CA LYS A 13 -7.63 -1.56 11.16
C LYS A 13 -8.31 -2.46 12.19
N ASN A 14 -8.60 -3.70 11.79
CA ASN A 14 -9.25 -4.66 12.67
C ASN A 14 -8.23 -5.64 13.26
N ASP A 15 -7.21 -5.96 12.48
CA ASP A 15 -6.17 -6.89 12.92
C ASP A 15 -4.83 -6.18 13.00
N ASN A 16 -4.86 -4.86 13.07
CA ASN A 16 -3.63 -4.07 13.15
C ASN A 16 -2.61 -4.54 12.13
N SER A 17 -3.09 -5.01 10.99
CA SER A 17 -2.21 -5.51 9.92
C SER A 17 -2.92 -5.43 8.57
N LEU A 18 -2.43 -4.53 7.71
CA LEU A 18 -3.01 -4.37 6.38
C LEU A 18 -2.85 -5.64 5.56
N GLY A 19 -3.97 -6.23 5.16
CA GLY A 19 -3.94 -7.44 4.37
C GLY A 19 -3.58 -7.18 2.93
N ILE A 20 -2.33 -6.83 2.68
CA ILE A 20 -1.85 -6.55 1.34
C ILE A 20 -0.37 -6.86 1.19
N SER A 21 0.03 -7.29 0.00
CA SER A 21 1.43 -7.63 -0.27
C SER A 21 2.11 -6.53 -1.08
N VAL A 22 3.14 -5.92 -0.49
CA VAL A 22 3.88 -4.86 -1.16
C VAL A 22 5.10 -5.40 -1.89
N THR A 23 5.58 -4.67 -2.89
CA THR A 23 6.74 -5.08 -3.66
C THR A 23 7.34 -3.89 -4.41
N GLY A 24 8.65 -3.95 -4.63
CA GLY A 24 9.33 -2.88 -5.34
C GLY A 24 9.93 -1.85 -4.40
N GLY A 25 10.96 -2.24 -3.67
CA GLY A 25 11.60 -1.34 -2.74
C GLY A 25 12.97 -0.89 -3.22
N VAL A 26 13.44 0.24 -2.69
CA VAL A 26 14.74 0.78 -3.06
C VAL A 26 15.87 -0.09 -2.52
N ASN A 27 15.51 -1.08 -1.71
CA ASN A 27 16.50 -1.98 -1.12
C ASN A 27 16.34 -3.40 -1.68
N THR A 28 15.99 -3.48 -2.96
CA THR A 28 15.81 -4.78 -3.62
C THR A 28 16.22 -4.71 -5.08
N SER A 29 16.13 -5.85 -5.77
CA SER A 29 16.50 -5.91 -7.18
C SER A 29 15.69 -4.91 -8.00
N VAL A 30 14.45 -4.70 -7.60
CA VAL A 30 13.57 -3.76 -8.29
C VAL A 30 14.26 -2.41 -8.49
N ARG A 31 14.71 -2.15 -9.71
CA ARG A 31 15.39 -0.90 -10.03
C ARG A 31 14.44 0.29 -9.85
N HIS A 32 13.16 0.07 -10.10
CA HIS A 32 12.16 1.11 -9.96
C HIS A 32 11.96 1.49 -8.50
N GLY A 33 12.04 0.50 -7.63
CA GLY A 33 11.87 0.74 -6.21
C GLY A 33 10.52 1.35 -5.88
N GLY A 34 9.49 0.88 -6.56
CA GLY A 34 8.15 1.40 -6.33
C GLY A 34 7.27 0.41 -5.58
N ILE A 35 6.74 0.85 -4.44
CA ILE A 35 5.88 -0.01 -3.63
C ILE A 35 4.45 -0.03 -4.17
N TYR A 36 3.98 -1.21 -4.55
CA TYR A 36 2.63 -1.36 -5.08
C TYR A 36 2.02 -2.70 -4.66
N VAL A 37 0.77 -2.66 -4.22
CA VAL A 37 0.08 -3.87 -3.80
C VAL A 37 0.01 -4.90 -4.92
N LYS A 38 0.40 -6.13 -4.62
CA LYS A 38 0.39 -7.20 -5.59
C LYS A 38 -0.82 -8.10 -5.41
N ALA A 39 -1.31 -8.17 -4.17
CA ALA A 39 -2.47 -9.00 -3.86
C ALA A 39 -2.99 -8.70 -2.46
N VAL A 40 -4.30 -8.80 -2.28
CA VAL A 40 -4.92 -8.55 -0.98
C VAL A 40 -5.07 -9.84 -0.18
N ILE A 41 -4.02 -10.23 0.52
CA ILE A 41 -4.04 -11.45 1.31
C ILE A 41 -5.28 -11.51 2.19
N PRO A 42 -6.23 -12.40 1.82
CA PRO A 42 -7.48 -12.57 2.57
C PRO A 42 -7.26 -13.21 3.93
N GLN A 43 -6.57 -12.50 4.82
CA GLN A 43 -6.30 -13.01 6.16
C GLN A 43 -5.83 -11.88 7.07
N GLY A 44 -6.61 -10.81 7.13
CA GLY A 44 -6.27 -9.68 7.97
C GLY A 44 -7.28 -8.55 7.89
N ALA A 45 -6.79 -7.32 7.77
CA ALA A 45 -7.67 -6.16 7.68
C ALA A 45 -7.54 -5.49 6.32
N ALA A 46 -8.17 -6.08 5.31
CA ALA A 46 -8.12 -5.53 3.96
C ALA A 46 -9.21 -6.13 3.09
N GLU A 47 -9.10 -7.44 2.83
CA GLU A 47 -10.07 -8.15 2.01
C GLU A 47 -11.45 -8.13 2.66
N SER A 48 -11.48 -8.44 3.95
CA SER A 48 -12.74 -8.47 4.70
C SER A 48 -13.50 -7.15 4.54
N ASP A 49 -12.84 -6.05 4.87
CA ASP A 49 -13.44 -4.74 4.76
C ASP A 49 -13.63 -4.35 3.30
N GLY A 50 -12.73 -4.82 2.44
CA GLY A 50 -12.82 -4.50 1.02
C GLY A 50 -12.64 -3.02 0.75
N ARG A 51 -11.56 -2.45 1.27
CA ARG A 51 -11.27 -1.04 1.08
C ARG A 51 -10.12 -0.84 0.10
N ILE A 52 -9.65 -1.94 -0.47
CA ILE A 52 -8.55 -1.89 -1.43
C ILE A 52 -8.72 -2.93 -2.53
N HIS A 53 -8.29 -2.58 -3.74
CA HIS A 53 -8.40 -3.49 -4.88
C HIS A 53 -7.05 -3.69 -5.54
N LYS A 54 -6.85 -4.86 -6.12
CA LYS A 54 -5.59 -5.19 -6.79
C LYS A 54 -5.22 -4.10 -7.80
N GLY A 55 -4.06 -3.47 -7.59
CA GLY A 55 -3.62 -2.42 -8.49
C GLY A 55 -3.58 -1.07 -7.80
N ASP A 56 -2.46 -0.76 -7.15
CA ASP A 56 -2.30 0.51 -6.46
C ASP A 56 -0.89 0.65 -5.89
N ARG A 57 -0.51 1.88 -5.58
CA ARG A 57 0.82 2.15 -5.03
C ARG A 57 0.74 2.47 -3.54
N VAL A 58 1.71 1.98 -2.78
CA VAL A 58 1.74 2.22 -1.34
C VAL A 58 2.64 3.40 -1.00
N LEU A 59 2.13 4.61 -1.19
CA LEU A 59 2.89 5.83 -0.91
C LEU A 59 2.13 6.72 0.06
N ALA A 60 2.86 7.61 0.73
CA ALA A 60 2.26 8.54 1.68
C ALA A 60 1.35 7.81 2.66
N VAL A 61 1.80 6.64 3.12
CA VAL A 61 1.03 5.84 4.06
C VAL A 61 1.08 6.43 5.47
N ASN A 62 0.40 7.56 5.64
CA ASN A 62 0.37 8.23 6.94
C ASN A 62 1.77 8.65 7.38
N GLY A 63 2.35 9.60 6.66
CA GLY A 63 3.68 10.08 6.98
C GLY A 63 4.76 9.09 6.57
N VAL A 64 4.44 8.24 5.60
CA VAL A 64 5.39 7.25 5.11
C VAL A 64 5.71 7.46 3.64
N SER A 65 6.82 8.15 3.36
CA SER A 65 7.22 8.41 1.99
C SER A 65 7.43 7.12 1.21
N LEU A 66 7.46 7.23 -0.11
CA LEU A 66 7.65 6.06 -0.96
C LEU A 66 8.90 6.22 -1.82
N GLU A 67 9.30 7.47 -2.06
CA GLU A 67 10.48 7.75 -2.86
C GLU A 67 11.62 6.79 -2.51
N GLY A 68 12.15 6.93 -1.31
CA GLY A 68 13.25 6.07 -0.88
C GLY A 68 12.79 5.02 0.11
N ALA A 69 11.53 4.60 0.00
CA ALA A 69 10.98 3.59 0.90
C ALA A 69 11.59 2.22 0.62
N THR A 70 11.93 1.51 1.69
CA THR A 70 12.52 0.18 1.56
C THR A 70 11.45 -0.91 1.63
N HIS A 71 11.84 -2.12 1.24
CA HIS A 71 10.91 -3.25 1.26
C HIS A 71 10.46 -3.56 2.69
N LYS A 72 11.35 -3.33 3.65
CA LYS A 72 11.04 -3.58 5.06
C LYS A 72 10.07 -2.52 5.60
N GLN A 73 10.14 -1.32 5.03
CA GLN A 73 9.27 -0.23 5.46
C GLN A 73 7.80 -0.59 5.25
N ALA A 74 7.40 -0.71 3.98
CA ALA A 74 6.03 -1.05 3.63
C ALA A 74 5.54 -2.23 4.46
N VAL A 75 6.43 -3.17 4.75
CA VAL A 75 6.09 -4.34 5.54
C VAL A 75 6.47 -4.17 7.00
N GLU A 76 6.19 -2.97 7.53
CA GLU A 76 6.51 -2.68 8.93
C GLU A 76 5.88 -1.36 9.35
N THR A 77 6.35 -0.26 8.75
CA THR A 77 5.83 1.06 9.07
C THR A 77 4.33 1.12 8.88
N LEU A 78 3.82 0.35 7.93
CA LEU A 78 2.38 0.32 7.64
C LEU A 78 1.66 -0.63 8.59
N ARG A 79 2.33 -1.73 8.93
CA ARG A 79 1.75 -2.72 9.83
C ARG A 79 1.70 -2.19 11.26
N ASN A 80 2.64 -1.32 11.60
CA ASN A 80 2.69 -0.74 12.94
C ASN A 80 2.13 0.68 12.94
N THR A 81 0.84 0.79 13.17
CA THR A 81 0.18 2.10 13.20
C THR A 81 -1.02 2.09 14.13
N GLY A 82 -1.42 3.27 14.60
CA GLY A 82 -2.55 3.39 15.50
C GLY A 82 -3.80 2.73 14.93
N GLN A 83 -4.88 2.74 15.72
CA GLN A 83 -6.13 2.14 15.30
C GLN A 83 -6.56 2.67 13.93
N VAL A 84 -6.15 3.90 13.63
CA VAL A 84 -6.48 4.53 12.36
C VAL A 84 -5.27 4.60 11.44
N VAL A 85 -5.51 4.56 10.14
CA VAL A 85 -4.44 4.61 9.15
C VAL A 85 -4.85 5.47 7.95
N HIS A 86 -3.92 6.30 7.48
CA HIS A 86 -4.18 7.17 6.34
C HIS A 86 -3.28 6.79 5.16
N LEU A 87 -3.72 5.78 4.41
CA LEU A 87 -2.97 5.32 3.25
C LEU A 87 -3.46 6.01 1.97
N LEU A 88 -2.52 6.35 1.09
CA LEU A 88 -2.86 7.00 -0.17
C LEU A 88 -2.83 6.01 -1.33
N LEU A 89 -3.89 5.99 -2.11
CA LEU A 89 -3.99 5.08 -3.25
C LEU A 89 -3.68 5.82 -4.55
N GLU A 90 -2.55 5.50 -5.16
CA GLU A 90 -2.16 6.12 -6.41
C GLU A 90 -2.12 5.10 -7.55
N LYS A 91 -3.24 4.92 -8.22
CA LYS A 91 -3.35 3.97 -9.33
C LYS A 91 -2.19 4.17 -10.31
N GLY A 92 -1.22 3.27 -10.26
CA GLY A 92 -0.08 3.36 -11.16
C GLY A 92 -0.48 3.24 -12.62
N GLN A 93 0.50 2.98 -13.48
CA GLN A 93 0.25 2.84 -14.90
C GLN A 93 0.01 1.38 -15.27
N SER A 94 -0.51 1.16 -16.48
CA SER A 94 -0.80 -0.19 -16.95
C SER A 94 -1.17 -0.18 -18.43
N PRO A 95 -1.06 -1.35 -19.08
CA PRO A 95 -1.38 -1.51 -20.50
C PRO A 95 -2.88 -1.38 -20.78
N THR A 96 -3.24 -1.31 -22.05
CA THR A 96 -4.63 -1.19 -22.45
C THR A 96 -5.23 -2.56 -22.78
N PRO A 1 -11.39 5.74 -10.79
CA PRO A 1 -10.31 6.70 -10.57
C PRO A 1 -9.48 6.93 -11.83
N LYS A 2 -8.94 8.13 -11.97
CA LYS A 2 -8.11 8.48 -13.12
C LYS A 2 -6.64 8.14 -12.88
N PRO A 3 -5.87 8.04 -13.96
CA PRO A 3 -4.44 7.72 -13.88
C PRO A 3 -3.62 8.85 -13.27
N GLY A 4 -2.69 8.50 -12.40
CA GLY A 4 -1.85 9.50 -11.76
C GLY A 4 -2.64 10.43 -10.86
N ASP A 5 -3.67 9.89 -10.22
CA ASP A 5 -4.51 10.67 -9.32
C ASP A 5 -4.05 10.51 -7.86
N ILE A 6 -4.26 11.55 -7.06
CA ILE A 6 -3.87 11.51 -5.67
C ILE A 6 -5.10 11.51 -4.76
N PHE A 7 -5.30 10.40 -4.05
CA PHE A 7 -6.43 10.27 -3.14
C PHE A 7 -6.02 9.55 -1.86
N GLU A 8 -6.84 9.68 -0.82
CA GLU A 8 -6.57 9.03 0.45
C GLU A 8 -7.69 8.07 0.83
N VAL A 9 -7.39 7.13 1.71
CA VAL A 9 -8.37 6.14 2.16
C VAL A 9 -8.35 5.99 3.67
N GLU A 10 -9.50 6.17 4.30
CA GLU A 10 -9.61 6.05 5.75
C GLU A 10 -10.39 4.80 6.13
N LEU A 11 -9.72 3.89 6.81
CA LEU A 11 -10.35 2.64 7.24
C LEU A 11 -9.87 2.23 8.63
N ALA A 12 -10.74 1.56 9.38
CA ALA A 12 -10.41 1.12 10.72
C ALA A 12 -9.87 -0.32 10.71
N LYS A 13 -8.56 -0.45 10.80
CA LYS A 13 -7.93 -1.77 10.80
C LYS A 13 -8.60 -2.69 11.82
N ASN A 14 -9.05 -3.85 11.34
CA ASN A 14 -9.70 -4.82 12.22
C ASN A 14 -8.70 -5.83 12.75
N ASP A 15 -7.79 -6.27 11.88
CA ASP A 15 -6.77 -7.25 12.27
C ASP A 15 -5.41 -6.57 12.43
N ASN A 16 -5.42 -5.25 12.50
CA ASN A 16 -4.19 -4.48 12.66
C ASN A 16 -3.13 -4.95 11.66
N SER A 17 -3.58 -5.40 10.49
CA SER A 17 -2.68 -5.87 9.46
C SER A 17 -3.27 -5.66 8.07
N LEU A 18 -2.95 -4.51 7.47
CA LEU A 18 -3.47 -4.18 6.15
C LEU A 18 -3.16 -5.30 5.15
N GLY A 19 -4.22 -5.83 4.54
CA GLY A 19 -4.05 -6.90 3.57
C GLY A 19 -3.40 -6.42 2.28
N ILE A 20 -2.07 -6.33 2.29
CA ILE A 20 -1.34 -5.89 1.11
C ILE A 20 0.01 -6.60 1.00
N SER A 21 0.43 -6.85 -0.23
CA SER A 21 1.70 -7.53 -0.48
C SER A 21 2.56 -6.75 -1.47
N VAL A 22 3.34 -5.81 -0.95
CA VAL A 22 4.21 -4.99 -1.79
C VAL A 22 5.64 -5.52 -1.80
N THR A 23 6.33 -5.32 -2.91
CA THR A 23 7.71 -5.78 -3.04
C THR A 23 8.56 -4.75 -3.77
N GLY A 24 9.89 -4.87 -3.61
CA GLY A 24 10.79 -3.94 -4.26
C GLY A 24 11.11 -2.74 -3.39
N GLY A 25 12.02 -1.90 -3.86
CA GLY A 25 12.40 -0.71 -3.11
C GLY A 25 13.39 0.16 -3.85
N VAL A 26 13.52 1.40 -3.41
CA VAL A 26 14.45 2.35 -4.04
C VAL A 26 15.86 1.81 -4.04
N ASN A 27 16.14 0.87 -3.14
CA ASN A 27 17.47 0.27 -3.02
C ASN A 27 17.67 -0.81 -4.09
N THR A 28 16.58 -1.47 -4.47
CA THR A 28 16.64 -2.51 -5.48
C THR A 28 16.45 -1.94 -6.88
N SER A 29 16.50 -2.82 -7.88
CA SER A 29 16.34 -2.40 -9.27
C SER A 29 15.06 -2.96 -9.86
N VAL A 30 13.98 -2.90 -9.08
CA VAL A 30 12.68 -3.41 -9.53
C VAL A 30 12.24 -2.71 -10.82
N ARG A 31 11.08 -3.13 -11.34
CA ARG A 31 10.56 -2.54 -12.56
C ARG A 31 9.57 -1.41 -12.24
N HIS A 32 9.83 -0.69 -11.16
CA HIS A 32 8.97 0.42 -10.75
C HIS A 32 9.51 1.08 -9.49
N GLY A 33 8.67 1.88 -8.85
CA GLY A 33 9.08 2.56 -7.64
C GLY A 33 9.59 1.61 -6.58
N GLY A 34 8.78 0.61 -6.23
CA GLY A 34 9.19 -0.35 -5.22
C GLY A 34 8.19 -0.47 -4.09
N ILE A 35 6.92 -0.27 -4.41
CA ILE A 35 5.86 -0.35 -3.41
C ILE A 35 4.51 -0.62 -4.07
N TYR A 36 4.50 -1.51 -5.06
CA TYR A 36 3.27 -1.85 -5.77
C TYR A 36 2.58 -3.04 -5.11
N VAL A 37 1.27 -2.95 -4.94
CA VAL A 37 0.49 -4.03 -4.34
C VAL A 37 0.32 -5.19 -5.30
N LYS A 38 1.09 -6.26 -5.08
CA LYS A 38 1.02 -7.44 -5.91
C LYS A 38 -0.21 -8.28 -5.60
N ALA A 39 -0.72 -8.12 -4.38
CA ALA A 39 -1.90 -8.86 -3.94
C ALA A 39 -2.46 -8.29 -2.65
N VAL A 40 -3.79 -8.26 -2.54
CA VAL A 40 -4.44 -7.73 -1.34
C VAL A 40 -4.66 -8.83 -0.31
N ILE A 41 -3.81 -9.86 -0.36
CA ILE A 41 -3.91 -10.97 0.58
C ILE A 41 -5.23 -10.93 1.34
N PRO A 42 -6.29 -11.49 0.74
CA PRO A 42 -7.62 -11.54 1.34
C PRO A 42 -7.68 -12.49 2.54
N GLN A 43 -7.10 -12.05 3.66
CA GLN A 43 -7.09 -12.86 4.87
C GLN A 43 -6.81 -12.00 6.10
N GLY A 44 -7.53 -10.88 6.21
CA GLY A 44 -7.33 -9.99 7.33
C GLY A 44 -8.28 -8.80 7.30
N ALA A 45 -7.73 -7.62 7.04
CA ALA A 45 -8.54 -6.40 6.98
C ALA A 45 -8.21 -5.58 5.74
N ALA A 46 -8.75 -6.00 4.60
CA ALA A 46 -8.51 -5.30 3.35
C ALA A 46 -9.53 -5.72 2.28
N GLU A 47 -9.42 -6.98 1.85
CA GLU A 47 -10.33 -7.51 0.83
C GLU A 47 -11.74 -7.67 1.39
N SER A 48 -11.83 -8.17 2.62
CA SER A 48 -13.12 -8.38 3.26
C SER A 48 -13.96 -7.11 3.23
N ASP A 49 -13.34 -5.98 3.57
CA ASP A 49 -14.02 -4.70 3.57
C ASP A 49 -14.05 -4.09 2.17
N GLY A 50 -12.97 -4.30 1.41
CA GLY A 50 -12.89 -3.77 0.07
C GLY A 50 -12.57 -2.29 0.04
N ARG A 51 -11.46 -1.92 0.69
CA ARG A 51 -11.04 -0.53 0.74
C ARG A 51 -10.05 -0.22 -0.38
N ILE A 52 -9.18 -1.17 -0.69
CA ILE A 52 -8.20 -1.00 -1.75
C ILE A 52 -8.03 -2.28 -2.57
N HIS A 53 -7.84 -2.12 -3.87
CA HIS A 53 -7.66 -3.26 -4.76
C HIS A 53 -6.23 -3.33 -5.28
N LYS A 54 -5.73 -4.55 -5.44
CA LYS A 54 -4.37 -4.76 -5.93
C LYS A 54 -4.08 -3.86 -7.14
N GLY A 55 -2.80 -3.62 -7.39
CA GLY A 55 -2.41 -2.78 -8.52
C GLY A 55 -2.25 -1.32 -8.12
N ASP A 56 -2.52 -1.02 -6.85
CA ASP A 56 -2.40 0.34 -6.34
C ASP A 56 -0.96 0.65 -5.97
N ARG A 57 -0.71 1.90 -5.58
CA ARG A 57 0.63 2.33 -5.19
C ARG A 57 0.60 3.08 -3.87
N VAL A 58 1.09 2.42 -2.82
CA VAL A 58 1.12 3.03 -1.49
C VAL A 58 2.24 4.05 -1.38
N LEU A 59 1.88 5.33 -1.50
CA LEU A 59 2.85 6.41 -1.41
C LEU A 59 3.18 6.73 0.05
N ALA A 60 2.16 7.14 0.80
CA ALA A 60 2.34 7.48 2.21
C ALA A 60 1.37 6.70 3.08
N VAL A 61 1.77 6.45 4.33
CA VAL A 61 0.93 5.71 5.26
C VAL A 61 1.08 6.26 6.68
N ASN A 62 0.55 7.46 6.90
CA ASN A 62 0.63 8.10 8.22
C ASN A 62 2.03 7.99 8.79
N GLY A 63 2.91 8.90 8.37
CA GLY A 63 4.27 8.88 8.86
C GLY A 63 5.23 8.15 7.91
N VAL A 64 4.66 7.27 7.09
CA VAL A 64 5.47 6.50 6.15
C VAL A 64 5.54 7.19 4.79
N SER A 65 6.70 7.15 4.17
CA SER A 65 6.90 7.79 2.86
C SER A 65 7.16 6.73 1.78
N LEU A 66 7.28 7.20 0.54
CA LEU A 66 7.53 6.29 -0.58
C LEU A 66 8.81 6.68 -1.31
N GLU A 67 9.11 7.97 -1.31
CA GLU A 67 10.31 8.47 -1.98
C GLU A 67 11.54 7.64 -1.60
N GLY A 68 11.95 7.75 -0.35
CA GLY A 68 13.10 7.00 0.12
C GLY A 68 12.72 5.75 0.89
N ALA A 69 11.59 5.16 0.52
CA ALA A 69 11.10 3.96 1.18
C ALA A 69 11.86 2.73 0.71
N THR A 70 12.19 1.84 1.64
CA THR A 70 12.91 0.62 1.32
C THR A 70 12.00 -0.59 1.36
N HIS A 71 12.34 -1.61 0.58
CA HIS A 71 11.55 -2.83 0.52
C HIS A 71 11.31 -3.40 1.92
N LYS A 72 12.39 -3.54 2.68
CA LYS A 72 12.30 -4.06 4.04
C LYS A 72 11.57 -3.08 4.96
N GLN A 73 11.69 -1.80 4.65
CA GLN A 73 11.04 -0.76 5.45
C GLN A 73 9.64 -0.46 4.91
N ALA A 74 9.18 -1.29 3.99
CA ALA A 74 7.86 -1.12 3.39
C ALA A 74 6.80 -1.87 4.19
N VAL A 75 6.70 -3.17 3.95
CA VAL A 75 5.73 -4.01 4.64
C VAL A 75 5.96 -3.97 6.16
N GLU A 76 7.21 -3.81 6.55
CA GLU A 76 7.57 -3.77 7.97
C GLU A 76 6.93 -2.55 8.65
N THR A 77 6.79 -1.46 7.88
CA THR A 77 6.21 -0.24 8.40
C THR A 77 4.69 -0.23 8.23
N LEU A 78 4.22 -0.81 7.12
CA LEU A 78 2.79 -0.87 6.84
C LEU A 78 2.10 -1.89 7.75
N ARG A 79 2.83 -2.93 8.14
CA ARG A 79 2.29 -3.97 9.01
C ARG A 79 1.85 -3.37 10.34
N ASN A 80 2.56 -2.35 10.80
CA ASN A 80 2.25 -1.70 12.06
C ASN A 80 1.24 -0.58 11.86
N THR A 81 0.02 -0.81 12.35
CA THR A 81 -1.04 0.19 12.22
C THR A 81 -1.86 0.28 13.51
N GLY A 82 -2.65 1.35 13.63
CA GLY A 82 -3.47 1.54 14.80
C GLY A 82 -4.95 1.59 14.47
N GLN A 83 -5.76 1.99 15.44
CA GLN A 83 -7.21 2.08 15.24
C GLN A 83 -7.53 2.90 13.99
N VAL A 84 -6.66 3.85 13.67
CA VAL A 84 -6.86 4.69 12.50
C VAL A 84 -5.60 4.75 11.64
N VAL A 85 -5.79 4.81 10.33
CA VAL A 85 -4.66 4.86 9.40
C VAL A 85 -4.93 5.86 8.28
N HIS A 86 -3.91 6.65 7.94
CA HIS A 86 -4.03 7.64 6.88
C HIS A 86 -3.04 7.36 5.76
N LEU A 87 -3.46 6.55 4.80
CA LEU A 87 -2.61 6.21 3.66
C LEU A 87 -3.06 6.94 2.40
N LEU A 88 -2.09 7.34 1.57
CA LEU A 88 -2.38 8.04 0.33
C LEU A 88 -1.85 7.27 -0.87
N LEU A 89 -2.74 6.64 -1.62
CA LEU A 89 -2.36 5.87 -2.80
C LEU A 89 -2.47 6.72 -4.06
N GLU A 90 -1.84 6.27 -5.13
CA GLU A 90 -1.86 6.98 -6.40
C GLU A 90 -1.92 6.01 -7.57
N LYS A 91 -3.07 5.96 -8.24
CA LYS A 91 -3.26 5.07 -9.38
C LYS A 91 -2.11 5.22 -10.38
N GLY A 92 -1.29 4.16 -10.49
CA GLY A 92 -0.17 4.20 -11.40
C GLY A 92 -0.55 3.76 -12.80
N GLN A 93 -0.74 2.46 -12.98
CA GLN A 93 -1.11 1.89 -14.27
C GLN A 93 -2.01 0.67 -14.10
N SER A 94 -1.48 -0.35 -13.44
CA SER A 94 -2.24 -1.57 -13.21
C SER A 94 -2.86 -2.08 -14.51
N PRO A 95 -2.01 -2.59 -15.42
CA PRO A 95 -2.46 -3.11 -16.71
C PRO A 95 -3.25 -4.40 -16.58
N THR A 96 -2.72 -5.34 -15.80
CA THR A 96 -3.38 -6.63 -15.60
C THR A 96 -3.76 -6.82 -14.13
N PRO A 1 -11.42 4.93 -10.55
CA PRO A 1 -10.25 5.81 -10.39
C PRO A 1 -9.52 6.02 -11.71
N LYS A 2 -8.93 7.21 -11.86
CA LYS A 2 -8.18 7.54 -13.07
C LYS A 2 -6.68 7.42 -12.84
N PRO A 3 -5.93 7.19 -13.93
CA PRO A 3 -4.47 7.04 -13.86
C PRO A 3 -3.77 8.36 -13.54
N GLY A 4 -2.97 8.35 -12.48
CA GLY A 4 -2.26 9.55 -12.08
C GLY A 4 -2.97 10.32 -10.99
N ASP A 5 -4.30 10.20 -10.95
CA ASP A 5 -5.10 10.88 -9.95
C ASP A 5 -4.64 10.53 -8.54
N ILE A 6 -5.32 11.08 -7.54
CA ILE A 6 -4.98 10.81 -6.15
C ILE A 6 -6.11 11.25 -5.22
N PHE A 7 -6.29 10.50 -4.13
CA PHE A 7 -7.33 10.81 -3.16
C PHE A 7 -7.04 10.14 -1.83
N GLU A 8 -7.67 10.65 -0.77
CA GLU A 8 -7.47 10.10 0.57
C GLU A 8 -8.57 9.09 0.91
N VAL A 9 -8.16 7.90 1.33
CA VAL A 9 -9.10 6.84 1.68
C VAL A 9 -8.83 6.32 3.09
N GLU A 10 -9.79 6.52 3.98
CA GLU A 10 -9.66 6.07 5.37
C GLU A 10 -10.14 4.62 5.51
N LEU A 11 -9.37 3.83 6.24
CA LEU A 11 -9.70 2.42 6.46
C LEU A 11 -9.61 2.07 7.94
N ALA A 12 -10.41 1.09 8.36
CA ALA A 12 -10.41 0.65 9.75
C ALA A 12 -9.41 -0.48 9.97
N LYS A 13 -8.69 -0.43 11.09
CA LYS A 13 -7.70 -1.44 11.41
C LYS A 13 -8.38 -2.73 11.86
N ASN A 14 -8.01 -3.85 11.23
CA ASN A 14 -8.57 -5.15 11.57
C ASN A 14 -7.47 -6.18 11.77
N ASP A 15 -7.34 -6.67 13.00
CA ASP A 15 -6.33 -7.67 13.33
C ASP A 15 -4.94 -7.11 13.13
N ASN A 16 -4.79 -5.80 13.30
CA ASN A 16 -3.50 -5.14 13.14
C ASN A 16 -2.84 -5.55 11.83
N SER A 17 -3.66 -5.78 10.80
CA SER A 17 -3.15 -6.17 9.50
C SER A 17 -3.94 -5.51 8.38
N LEU A 18 -3.27 -4.64 7.63
CA LEU A 18 -3.90 -3.93 6.52
C LEU A 18 -4.51 -4.92 5.52
N GLY A 19 -3.74 -5.95 5.18
CA GLY A 19 -4.21 -6.94 4.24
C GLY A 19 -3.72 -6.68 2.83
N ILE A 20 -2.56 -6.04 2.72
CA ILE A 20 -1.98 -5.72 1.41
C ILE A 20 -0.46 -5.80 1.45
N SER A 21 0.11 -6.62 0.57
CA SER A 21 1.55 -6.79 0.51
C SER A 21 2.16 -5.84 -0.52
N VAL A 22 3.29 -5.23 -0.15
CA VAL A 22 3.97 -4.29 -1.04
C VAL A 22 5.23 -4.92 -1.64
N THR A 23 5.72 -4.35 -2.73
CA THR A 23 6.91 -4.85 -3.40
C THR A 23 7.65 -3.72 -4.11
N GLY A 24 8.93 -3.96 -4.40
CA GLY A 24 9.72 -2.96 -5.09
C GLY A 24 10.41 -2.01 -4.14
N GLY A 25 11.28 -1.16 -4.67
CA GLY A 25 11.99 -0.21 -3.83
C GLY A 25 13.45 -0.07 -4.22
N VAL A 26 14.17 0.82 -3.53
CA VAL A 26 15.58 1.05 -3.82
C VAL A 26 16.44 -0.04 -3.19
N ASN A 27 16.14 -1.29 -3.53
CA ASN A 27 16.90 -2.42 -3.00
C ASN A 27 17.38 -3.33 -4.12
N THR A 28 17.95 -4.47 -3.75
CA THR A 28 18.46 -5.42 -4.73
C THR A 28 17.39 -6.45 -5.11
N SER A 29 16.13 -6.12 -4.80
CA SER A 29 15.01 -7.01 -5.11
C SER A 29 14.39 -6.65 -6.45
N VAL A 30 14.26 -5.35 -6.71
CA VAL A 30 13.68 -4.88 -7.97
C VAL A 30 14.63 -3.92 -8.68
N ARG A 31 14.81 -4.13 -9.98
CA ARG A 31 15.69 -3.29 -10.77
C ARG A 31 15.39 -1.81 -10.55
N HIS A 32 14.09 -1.48 -10.54
CA HIS A 32 13.66 -0.10 -10.34
C HIS A 32 13.71 0.27 -8.87
N GLY A 33 13.02 1.34 -8.50
CA GLY A 33 12.99 1.79 -7.12
C GLY A 33 11.63 2.32 -6.71
N GLY A 34 10.58 1.65 -7.16
CA GLY A 34 9.23 2.08 -6.83
C GLY A 34 8.49 1.05 -5.99
N ILE A 35 7.44 1.49 -5.29
CA ILE A 35 6.66 0.60 -4.45
C ILE A 35 5.23 0.49 -4.97
N TYR A 36 4.91 -0.67 -5.55
CA TYR A 36 3.57 -0.91 -6.09
C TYR A 36 3.05 -2.28 -5.67
N VAL A 37 1.89 -2.30 -5.04
CA VAL A 37 1.29 -3.55 -4.60
C VAL A 37 0.93 -4.45 -5.77
N LYS A 38 1.28 -5.72 -5.67
CA LYS A 38 1.00 -6.68 -6.73
C LYS A 38 0.04 -7.77 -6.24
N ALA A 39 0.04 -8.00 -4.93
CA ALA A 39 -0.83 -9.01 -4.34
C ALA A 39 -1.66 -8.42 -3.20
N VAL A 40 -2.85 -8.98 -3.00
CA VAL A 40 -3.74 -8.51 -1.94
C VAL A 40 -4.11 -9.64 -0.99
N ILE A 41 -3.81 -9.46 0.29
CA ILE A 41 -4.12 -10.46 1.31
C ILE A 41 -5.62 -10.55 1.57
N PRO A 42 -6.22 -11.69 1.21
CA PRO A 42 -7.65 -11.92 1.39
C PRO A 42 -8.03 -12.06 2.86
N GLN A 43 -7.10 -12.54 3.67
CA GLN A 43 -7.34 -12.73 5.09
C GLN A 43 -6.96 -11.47 5.87
N GLY A 44 -7.38 -10.32 5.36
CA GLY A 44 -7.08 -9.06 6.02
C GLY A 44 -8.12 -7.99 5.71
N ALA A 45 -7.89 -6.79 6.25
CA ALA A 45 -8.81 -5.67 6.03
C ALA A 45 -8.93 -5.35 4.55
N ALA A 46 -7.86 -5.61 3.80
CA ALA A 46 -7.86 -5.33 2.36
C ALA A 46 -8.51 -6.48 1.60
N GLU A 47 -9.76 -6.76 1.92
CA GLU A 47 -10.50 -7.83 1.26
C GLU A 47 -11.96 -7.86 1.71
N SER A 48 -12.18 -8.24 2.97
CA SER A 48 -13.52 -8.32 3.52
C SER A 48 -14.06 -6.92 3.82
N ASP A 49 -13.25 -6.12 4.53
CA ASP A 49 -13.64 -4.77 4.88
C ASP A 49 -13.78 -3.90 3.64
N GLY A 50 -12.92 -4.15 2.64
CA GLY A 50 -12.96 -3.38 1.42
C GLY A 50 -12.08 -2.15 1.47
N ARG A 51 -12.57 -1.05 0.90
CA ARG A 51 -11.81 0.20 0.88
C ARG A 51 -10.64 0.11 -0.08
N ILE A 52 -9.67 -0.72 0.25
CA ILE A 52 -8.49 -0.89 -0.60
C ILE A 52 -8.68 -2.05 -1.58
N HIS A 53 -8.18 -1.86 -2.79
CA HIS A 53 -8.30 -2.88 -3.83
C HIS A 53 -6.95 -3.14 -4.50
N LYS A 54 -6.96 -3.92 -5.57
CA LYS A 54 -5.74 -4.24 -6.29
C LYS A 54 -5.46 -3.21 -7.37
N GLY A 55 -4.17 -2.87 -7.54
CA GLY A 55 -3.80 -1.88 -8.53
C GLY A 55 -3.61 -0.50 -7.94
N ASP A 56 -2.47 -0.28 -7.30
CA ASP A 56 -2.17 1.01 -6.68
C ASP A 56 -0.80 1.00 -6.02
N ARG A 57 -0.18 2.17 -5.92
CA ARG A 57 1.14 2.29 -5.31
C ARG A 57 1.02 2.71 -3.85
N VAL A 58 2.13 2.59 -3.12
CA VAL A 58 2.15 2.95 -1.70
C VAL A 58 2.68 4.37 -1.51
N LEU A 59 1.88 5.21 -0.86
CA LEU A 59 2.26 6.59 -0.61
C LEU A 59 2.50 6.82 0.88
N ALA A 60 2.56 8.09 1.27
CA ALA A 60 2.77 8.45 2.67
C ALA A 60 1.85 7.67 3.59
N VAL A 61 2.34 6.57 4.14
CA VAL A 61 1.55 5.73 5.03
C VAL A 61 1.54 6.30 6.44
N ASN A 62 0.59 7.19 6.70
CA ASN A 62 0.46 7.81 8.02
C ASN A 62 1.71 8.62 8.36
N GLY A 63 2.15 9.45 7.41
CA GLY A 63 3.33 10.26 7.63
C GLY A 63 4.59 9.62 7.08
N VAL A 64 4.50 8.35 6.73
CA VAL A 64 5.63 7.62 6.18
C VAL A 64 5.75 7.84 4.67
N SER A 65 6.23 9.02 4.28
CA SER A 65 6.37 9.35 2.88
C SER A 65 7.07 8.22 2.12
N LEU A 66 6.48 7.83 1.00
CA LEU A 66 7.03 6.75 0.18
C LEU A 66 7.87 7.32 -0.97
N GLU A 67 8.31 8.56 -0.82
CA GLU A 67 9.11 9.22 -1.84
C GLU A 67 10.31 8.36 -2.22
N GLY A 68 10.99 7.82 -1.20
CA GLY A 68 12.15 6.98 -1.44
C GLY A 68 12.26 5.84 -0.46
N ALA A 69 11.12 5.43 0.10
CA ALA A 69 11.09 4.34 1.05
C ALA A 69 11.54 3.02 0.41
N THR A 70 12.26 2.21 1.18
CA THR A 70 12.75 0.93 0.68
C THR A 70 11.65 -0.11 0.66
N HIS A 71 11.92 -1.25 0.03
CA HIS A 71 10.95 -2.34 -0.06
C HIS A 71 10.48 -2.75 1.33
N LYS A 72 11.43 -3.05 2.21
CA LYS A 72 11.11 -3.46 3.57
C LYS A 72 10.34 -2.38 4.31
N GLN A 73 10.66 -1.12 4.00
CA GLN A 73 9.99 0.01 4.63
C GLN A 73 8.48 -0.07 4.46
N ALA A 74 8.03 -0.01 3.20
CA ALA A 74 6.61 -0.07 2.90
C ALA A 74 5.99 -1.33 3.46
N VAL A 75 6.81 -2.37 3.64
CA VAL A 75 6.33 -3.63 4.19
C VAL A 75 6.05 -3.53 5.68
N GLU A 76 7.07 -3.15 6.45
CA GLU A 76 6.92 -3.01 7.89
C GLU A 76 6.02 -1.82 8.23
N THR A 77 6.26 -0.69 7.56
CA THR A 77 5.48 0.51 7.80
C THR A 77 3.98 0.22 7.73
N LEU A 78 3.60 -0.73 6.88
CA LEU A 78 2.20 -1.11 6.72
C LEU A 78 1.74 -1.98 7.89
N ARG A 79 2.67 -2.78 8.42
CA ARG A 79 2.34 -3.66 9.54
C ARG A 79 2.30 -2.87 10.85
N ASN A 80 3.16 -1.86 10.96
CA ASN A 80 3.22 -1.03 12.16
C ASN A 80 2.30 0.18 12.04
N THR A 81 1.03 -0.08 11.74
CA THR A 81 0.05 0.99 11.59
C THR A 81 -0.77 1.16 12.87
N GLY A 82 -1.57 2.22 12.91
CA GLY A 82 -2.39 2.49 14.08
C GLY A 82 -3.80 1.94 13.94
N GLN A 83 -4.73 2.53 14.66
CA GLN A 83 -6.12 2.10 14.62
C GLN A 83 -6.78 2.52 13.31
N VAL A 84 -6.33 3.65 12.76
CA VAL A 84 -6.87 4.15 11.51
C VAL A 84 -5.76 4.44 10.51
N VAL A 85 -6.02 4.13 9.24
CA VAL A 85 -5.05 4.34 8.17
C VAL A 85 -5.49 5.47 7.25
N HIS A 86 -4.89 6.64 7.43
CA HIS A 86 -5.22 7.80 6.61
C HIS A 86 -4.16 8.03 5.54
N LEU A 87 -4.17 7.19 4.51
CA LEU A 87 -3.21 7.30 3.41
C LEU A 87 -3.92 7.54 2.08
N LEU A 88 -3.26 8.25 1.19
CA LEU A 88 -3.82 8.56 -0.12
C LEU A 88 -3.48 7.46 -1.13
N LEU A 89 -4.36 7.26 -2.09
CA LEU A 89 -4.14 6.24 -3.12
C LEU A 89 -3.82 6.88 -4.46
N GLU A 90 -2.68 6.50 -5.04
CA GLU A 90 -2.26 7.04 -6.33
C GLU A 90 -2.19 5.94 -7.38
N LYS A 91 -3.24 5.82 -8.19
CA LYS A 91 -3.28 4.80 -9.23
C LYS A 91 -2.00 4.83 -10.07
N GLY A 92 -1.38 3.66 -10.21
CA GLY A 92 -0.15 3.57 -10.98
C GLY A 92 -0.41 3.25 -12.44
N GLN A 93 -0.77 2.00 -12.72
CA GLN A 93 -1.05 1.56 -14.08
C GLN A 93 -1.85 0.27 -14.09
N SER A 94 -1.25 -0.80 -13.55
CA SER A 94 -1.90 -2.10 -13.51
C SER A 94 -2.48 -2.46 -14.86
N PRO A 95 -1.60 -2.80 -15.81
CA PRO A 95 -2.00 -3.17 -17.18
C PRO A 95 -2.69 -4.53 -17.22
N THR A 96 -2.24 -5.44 -16.37
CA THR A 96 -2.82 -6.78 -16.31
C THR A 96 -4.02 -6.82 -15.37
N PRO A 1 -11.65 7.62 -13.77
CA PRO A 1 -10.51 8.25 -13.08
C PRO A 1 -9.26 8.27 -13.95
N LYS A 2 -8.35 9.21 -13.64
CA LYS A 2 -7.11 9.34 -14.38
C LYS A 2 -6.05 8.38 -13.84
N PRO A 3 -5.01 8.13 -14.66
CA PRO A 3 -3.92 7.22 -14.29
C PRO A 3 -3.03 7.81 -13.20
N GLY A 4 -2.89 9.14 -13.20
CA GLY A 4 -2.07 9.80 -12.21
C GLY A 4 -2.90 10.51 -11.15
N ASP A 5 -3.93 9.83 -10.65
CA ASP A 5 -4.80 10.39 -9.63
C ASP A 5 -4.38 9.94 -8.24
N ILE A 6 -4.78 10.71 -7.23
CA ILE A 6 -4.43 10.38 -5.85
C ILE A 6 -5.63 10.62 -4.92
N PHE A 7 -5.81 9.71 -3.97
CA PHE A 7 -6.91 9.82 -3.01
C PHE A 7 -6.51 9.22 -1.66
N GLU A 8 -7.31 9.51 -0.64
CA GLU A 8 -7.05 9.00 0.70
C GLU A 8 -8.20 8.13 1.18
N VAL A 9 -8.02 6.81 1.11
CA VAL A 9 -9.05 5.87 1.54
C VAL A 9 -8.93 5.58 3.03
N GLU A 10 -9.96 5.96 3.79
CA GLU A 10 -9.98 5.73 5.22
C GLU A 10 -10.55 4.36 5.56
N LEU A 11 -9.76 3.55 6.27
CA LEU A 11 -10.19 2.21 6.65
C LEU A 11 -9.78 1.90 8.08
N ALA A 12 -10.55 1.03 8.74
CA ALA A 12 -10.25 0.65 10.11
C ALA A 12 -9.72 -0.77 10.18
N LYS A 13 -8.51 -0.92 10.70
CA LYS A 13 -7.88 -2.24 10.82
C LYS A 13 -8.81 -3.23 11.50
N ASN A 14 -8.66 -4.51 11.18
CA ASN A 14 -9.49 -5.55 11.76
C ASN A 14 -8.64 -6.62 12.43
N ASP A 15 -7.48 -6.89 11.84
CA ASP A 15 -6.56 -7.90 12.37
C ASP A 15 -5.15 -7.36 12.47
N ASN A 16 -5.03 -6.06 12.74
CA ASN A 16 -3.73 -5.41 12.84
C ASN A 16 -2.92 -5.61 11.57
N SER A 17 -3.61 -5.77 10.45
CA SER A 17 -2.95 -5.97 9.17
C SER A 17 -3.83 -5.48 8.02
N LEU A 18 -3.28 -4.61 7.18
CA LEU A 18 -4.00 -4.06 6.04
C LEU A 18 -4.38 -5.17 5.06
N GLY A 19 -3.45 -6.11 4.86
CA GLY A 19 -3.71 -7.21 3.94
C GLY A 19 -3.20 -6.93 2.55
N ILE A 20 -1.95 -6.50 2.45
CA ILE A 20 -1.34 -6.19 1.16
C ILE A 20 0.09 -6.71 1.09
N SER A 21 0.51 -7.13 -0.10
CA SER A 21 1.85 -7.66 -0.30
C SER A 21 2.58 -6.87 -1.40
N VAL A 22 3.49 -5.99 -0.98
CA VAL A 22 4.25 -5.18 -1.91
C VAL A 22 5.70 -5.62 -1.96
N THR A 23 6.25 -5.72 -3.17
CA THR A 23 7.64 -6.13 -3.36
C THR A 23 8.46 -5.02 -3.99
N GLY A 24 9.78 -5.15 -3.93
CA GLY A 24 10.66 -4.16 -4.51
C GLY A 24 11.37 -3.32 -3.45
N GLY A 25 11.65 -2.07 -3.78
CA GLY A 25 12.33 -1.18 -2.85
C GLY A 25 13.57 -0.55 -3.45
N VAL A 26 14.05 0.51 -2.80
CA VAL A 26 15.23 1.23 -3.27
C VAL A 26 16.50 0.61 -2.70
N ASN A 27 16.39 -0.63 -2.22
CA ASN A 27 17.53 -1.33 -1.65
C ASN A 27 17.36 -2.84 -1.77
N THR A 28 16.71 -3.27 -2.85
CA THR A 28 16.47 -4.69 -3.09
C THR A 28 16.86 -5.07 -4.51
N SER A 29 16.65 -6.35 -4.85
CA SER A 29 16.97 -6.84 -6.19
C SER A 29 15.91 -6.42 -7.20
N VAL A 30 15.66 -5.12 -7.29
CA VAL A 30 14.68 -4.59 -8.21
C VAL A 30 15.16 -3.29 -8.85
N ARG A 31 14.86 -3.12 -10.13
CA ARG A 31 15.26 -1.92 -10.85
C ARG A 31 14.07 -0.97 -11.04
N HIS A 32 13.63 -0.36 -9.95
CA HIS A 32 12.50 0.57 -9.99
C HIS A 32 12.20 1.12 -8.60
N GLY A 33 12.40 0.30 -7.58
CA GLY A 33 12.15 0.73 -6.22
C GLY A 33 10.73 1.22 -6.03
N GLY A 34 9.78 0.62 -6.75
CA GLY A 34 8.40 1.02 -6.64
C GLY A 34 7.65 0.26 -5.56
N ILE A 35 6.58 0.85 -5.05
CA ILE A 35 5.78 0.22 -4.00
C ILE A 35 4.33 0.07 -4.44
N TYR A 36 3.99 -1.12 -4.94
CA TYR A 36 2.63 -1.40 -5.39
C TYR A 36 2.12 -2.70 -4.78
N VAL A 37 0.79 -2.87 -4.81
CA VAL A 37 0.18 -4.08 -4.26
C VAL A 37 0.27 -5.23 -5.24
N LYS A 38 0.97 -6.29 -4.84
CA LYS A 38 1.14 -7.46 -5.68
C LYS A 38 0.09 -8.53 -5.36
N ALA A 39 -0.40 -8.50 -4.12
CA ALA A 39 -1.41 -9.45 -3.69
C ALA A 39 -2.28 -8.86 -2.58
N VAL A 40 -3.38 -9.54 -2.26
CA VAL A 40 -4.29 -9.09 -1.22
C VAL A 40 -4.51 -10.17 -0.17
N ILE A 41 -3.61 -10.22 0.81
CA ILE A 41 -3.71 -11.21 1.88
C ILE A 41 -5.15 -11.36 2.36
N PRO A 42 -5.81 -12.46 1.94
CA PRO A 42 -7.20 -12.74 2.32
C PRO A 42 -7.32 -13.11 3.80
N GLN A 43 -6.89 -12.20 4.67
CA GLN A 43 -6.96 -12.43 6.11
C GLN A 43 -6.84 -11.12 6.87
N GLY A 44 -7.67 -10.15 6.51
CA GLY A 44 -7.63 -8.86 7.17
C GLY A 44 -8.52 -7.83 6.48
N ALA A 45 -8.28 -6.56 6.77
CA ALA A 45 -9.06 -5.48 6.19
C ALA A 45 -9.18 -5.66 4.67
N ALA A 46 -8.05 -5.93 4.02
CA ALA A 46 -8.04 -6.13 2.58
C ALA A 46 -8.62 -7.48 2.20
N GLU A 47 -9.91 -7.66 2.47
CA GLU A 47 -10.60 -8.91 2.15
C GLU A 47 -12.06 -8.86 2.60
N SER A 48 -12.27 -8.90 3.92
CA SER A 48 -13.62 -8.87 4.48
C SER A 48 -14.19 -7.45 4.42
N ASP A 49 -13.45 -6.51 4.99
CA ASP A 49 -13.88 -5.11 5.02
C ASP A 49 -14.03 -4.57 3.60
N GLY A 50 -13.11 -4.96 2.72
CA GLY A 50 -13.14 -4.50 1.35
C GLY A 50 -12.92 -3.00 1.23
N ARG A 51 -11.78 -2.62 0.67
CA ARG A 51 -11.44 -1.22 0.50
C ARG A 51 -10.29 -1.04 -0.50
N ILE A 52 -9.19 -1.75 -0.25
CA ILE A 52 -8.03 -1.67 -1.13
C ILE A 52 -8.08 -2.74 -2.20
N HIS A 53 -7.64 -2.39 -3.41
CA HIS A 53 -7.64 -3.34 -4.52
C HIS A 53 -6.22 -3.51 -5.07
N LYS A 54 -5.93 -4.72 -5.55
CA LYS A 54 -4.62 -5.02 -6.11
C LYS A 54 -4.26 -4.06 -7.22
N GLY A 55 -2.96 -3.85 -7.42
CA GLY A 55 -2.51 -2.93 -8.47
C GLY A 55 -2.36 -1.51 -7.96
N ASP A 56 -2.84 -1.26 -6.75
CA ASP A 56 -2.75 0.07 -6.15
C ASP A 56 -1.33 0.35 -5.65
N ARG A 57 -0.87 1.58 -5.87
CA ARG A 57 0.47 1.98 -5.45
C ARG A 57 0.42 2.81 -4.18
N VAL A 58 1.32 2.52 -3.25
CA VAL A 58 1.38 3.25 -1.98
C VAL A 58 2.27 4.48 -2.08
N LEU A 59 1.67 5.66 -1.97
CA LEU A 59 2.41 6.91 -2.06
C LEU A 59 2.88 7.35 -0.68
N ALA A 60 2.00 7.24 0.31
CA ALA A 60 2.33 7.63 1.67
C ALA A 60 1.45 6.89 2.68
N VAL A 61 2.01 6.63 3.87
CA VAL A 61 1.28 5.93 4.91
C VAL A 61 1.36 6.68 6.24
N ASN A 62 0.25 7.31 6.63
CA ASN A 62 0.20 8.06 7.88
C ASN A 62 1.34 9.06 7.96
N GLY A 63 1.72 9.61 6.80
CA GLY A 63 2.79 10.59 6.75
C GLY A 63 4.08 10.00 6.21
N VAL A 64 4.18 8.67 6.24
CA VAL A 64 5.37 7.99 5.75
C VAL A 64 5.39 7.92 4.23
N SER A 65 6.10 8.86 3.60
CA SER A 65 6.18 8.90 2.15
C SER A 65 6.81 7.62 1.60
N LEU A 66 6.58 7.36 0.31
CA LEU A 66 7.12 6.17 -0.32
C LEU A 66 8.06 6.54 -1.46
N GLU A 67 8.57 7.77 -1.41
CA GLU A 67 9.50 8.26 -2.43
C GLU A 67 10.71 7.33 -2.55
N GLY A 68 11.53 7.31 -1.50
CA GLY A 68 12.71 6.48 -1.51
C GLY A 68 12.69 5.43 -0.40
N ALA A 69 11.49 5.04 0.02
CA ALA A 69 11.34 4.06 1.08
C ALA A 69 11.85 2.69 0.62
N THR A 70 12.44 1.95 1.55
CA THR A 70 12.97 0.62 1.25
C THR A 70 11.93 -0.46 1.50
N HIS A 71 12.19 -1.66 0.99
CA HIS A 71 11.27 -2.78 1.17
C HIS A 71 10.91 -2.96 2.64
N LYS A 72 11.93 -3.13 3.48
CA LYS A 72 11.71 -3.32 4.91
C LYS A 72 10.99 -2.11 5.51
N GLN A 73 11.29 -0.93 4.98
CA GLN A 73 10.68 0.30 5.47
C GLN A 73 9.18 0.32 5.15
N ALA A 74 8.83 -0.09 3.95
CA ALA A 74 7.43 -0.12 3.52
C ALA A 74 6.62 -1.10 4.37
N VAL A 75 6.99 -2.37 4.29
CA VAL A 75 6.29 -3.41 5.05
C VAL A 75 6.13 -3.01 6.51
N GLU A 76 7.23 -2.60 7.14
CA GLU A 76 7.21 -2.18 8.54
C GLU A 76 6.27 -1.01 8.74
N THR A 77 6.17 -0.15 7.72
CA THR A 77 5.31 1.02 7.78
C THR A 77 3.83 0.62 7.76
N LEU A 78 3.54 -0.50 7.09
CA LEU A 78 2.17 -0.99 7.00
C LEU A 78 1.71 -1.59 8.32
N ARG A 79 2.58 -2.41 8.91
CA ARG A 79 2.26 -3.06 10.19
C ARG A 79 2.23 -2.03 11.32
N ASN A 80 3.12 -1.05 11.25
CA ASN A 80 3.19 -0.02 12.27
C ASN A 80 2.19 1.10 11.99
N THR A 81 1.01 1.01 12.60
CA THR A 81 -0.03 2.01 12.41
C THR A 81 -0.90 2.13 13.65
N GLY A 82 -1.76 3.15 13.68
CA GLY A 82 -2.63 3.37 14.81
C GLY A 82 -4.04 2.90 14.55
N GLN A 83 -4.97 3.26 15.44
CA GLN A 83 -6.37 2.87 15.30
C GLN A 83 -6.87 3.18 13.90
N VAL A 84 -6.32 4.22 13.28
CA VAL A 84 -6.72 4.62 11.94
C VAL A 84 -5.54 4.57 10.97
N VAL A 85 -5.81 4.17 9.73
CA VAL A 85 -4.78 4.08 8.72
C VAL A 85 -5.13 4.90 7.50
N HIS A 86 -4.66 6.15 7.46
CA HIS A 86 -4.94 7.04 6.35
C HIS A 86 -3.72 7.16 5.43
N LEU A 87 -3.64 6.27 4.45
CA LEU A 87 -2.53 6.27 3.51
C LEU A 87 -3.00 6.70 2.12
N LEU A 88 -2.12 7.38 1.39
CA LEU A 88 -2.43 7.85 0.05
C LEU A 88 -1.99 6.84 -1.00
N LEU A 89 -2.78 6.70 -2.06
CA LEU A 89 -2.46 5.76 -3.14
C LEU A 89 -2.62 6.43 -4.50
N GLU A 90 -2.08 5.79 -5.53
CA GLU A 90 -2.16 6.33 -6.89
C GLU A 90 -2.70 5.28 -7.86
N LYS A 91 -3.71 5.67 -8.63
CA LYS A 91 -4.31 4.76 -9.61
C LYS A 91 -3.24 4.08 -10.47
N GLY A 92 -2.95 2.82 -10.16
CA GLY A 92 -1.96 2.10 -10.92
C GLY A 92 -2.37 1.87 -12.35
N GLN A 93 -1.40 1.56 -13.21
CA GLN A 93 -1.67 1.32 -14.62
C GLN A 93 -2.49 0.04 -14.81
N SER A 94 -3.80 0.19 -14.76
CA SER A 94 -4.70 -0.96 -14.93
C SER A 94 -6.03 -0.52 -15.53
N PRO A 95 -6.02 -0.23 -16.84
CA PRO A 95 -7.22 0.19 -17.57
C PRO A 95 -8.24 -0.93 -17.72
N THR A 96 -7.75 -2.16 -17.80
CA THR A 96 -8.62 -3.32 -17.96
C THR A 96 -8.92 -3.97 -16.61
N PRO A 1 -12.48 7.76 -13.21
CA PRO A 1 -11.12 7.71 -12.67
C PRO A 1 -10.07 7.49 -13.75
N LYS A 2 -9.01 8.29 -13.72
CA LYS A 2 -7.92 8.18 -14.69
C LYS A 2 -6.61 7.85 -14.01
N PRO A 3 -5.67 7.29 -14.78
CA PRO A 3 -4.35 6.92 -14.27
C PRO A 3 -3.49 8.13 -13.94
N GLY A 4 -2.99 8.18 -12.71
CA GLY A 4 -2.15 9.30 -12.30
C GLY A 4 -2.80 10.13 -11.20
N ASP A 5 -4.13 10.14 -11.19
CA ASP A 5 -4.87 10.91 -10.19
C ASP A 5 -4.38 10.57 -8.77
N ILE A 6 -4.84 11.36 -7.80
CA ILE A 6 -4.45 11.14 -6.41
C ILE A 6 -5.67 11.17 -5.49
N PHE A 7 -5.76 10.16 -4.63
CA PHE A 7 -6.87 10.06 -3.69
C PHE A 7 -6.48 9.25 -2.46
N GLU A 8 -6.89 9.71 -1.29
CA GLU A 8 -6.58 9.04 -0.04
C GLU A 8 -7.71 8.09 0.36
N VAL A 9 -7.34 6.93 0.91
CA VAL A 9 -8.32 5.94 1.34
C VAL A 9 -8.08 5.53 2.79
N GLU A 10 -9.03 5.87 3.65
CA GLU A 10 -8.92 5.53 5.06
C GLU A 10 -9.84 4.36 5.41
N LEU A 11 -9.30 3.41 6.17
CA LEU A 11 -10.06 2.24 6.58
C LEU A 11 -9.93 1.99 8.08
N ALA A 12 -10.96 1.38 8.67
CA ALA A 12 -10.95 1.08 10.09
C ALA A 12 -10.19 -0.20 10.40
N LYS A 13 -9.32 -0.15 11.38
CA LYS A 13 -8.51 -1.31 11.76
C LYS A 13 -9.34 -2.28 12.60
N ASN A 14 -9.18 -3.58 12.33
CA ASN A 14 -9.91 -4.60 13.06
C ASN A 14 -9.01 -5.79 13.38
N ASP A 15 -8.32 -6.30 12.35
CA ASP A 15 -7.42 -7.44 12.52
C ASP A 15 -5.99 -6.97 12.73
N ASN A 16 -5.84 -5.73 13.23
CA ASN A 16 -4.52 -5.16 13.48
C ASN A 16 -3.60 -5.38 12.28
N SER A 17 -4.19 -5.46 11.09
CA SER A 17 -3.43 -5.67 9.86
C SER A 17 -3.99 -4.84 8.72
N LEU A 18 -3.19 -3.91 8.21
CA LEU A 18 -3.61 -3.05 7.10
C LEU A 18 -4.21 -3.88 5.98
N GLY A 19 -3.70 -5.10 5.80
CA GLY A 19 -4.20 -5.97 4.75
C GLY A 19 -3.69 -5.57 3.38
N ILE A 20 -2.36 -5.53 3.23
CA ILE A 20 -1.75 -5.16 1.97
C ILE A 20 -0.37 -5.80 1.82
N SER A 21 -0.19 -6.56 0.74
CA SER A 21 1.08 -7.23 0.48
C SER A 21 1.88 -6.50 -0.58
N VAL A 22 2.98 -5.87 -0.16
CA VAL A 22 3.82 -5.13 -1.08
C VAL A 22 4.98 -5.99 -1.59
N THR A 23 5.64 -5.53 -2.64
CA THR A 23 6.76 -6.26 -3.22
C THR A 23 7.73 -5.31 -3.92
N GLY A 24 9.01 -5.43 -3.57
CA GLY A 24 10.02 -4.57 -4.17
C GLY A 24 11.25 -5.34 -4.61
N GLY A 25 12.21 -5.51 -3.70
CA GLY A 25 13.42 -6.23 -4.03
C GLY A 25 14.32 -6.40 -2.83
N VAL A 26 14.98 -7.56 -2.75
CA VAL A 26 15.88 -7.85 -1.63
C VAL A 26 16.98 -6.81 -1.54
N ASN A 27 17.22 -6.10 -2.63
CA ASN A 27 18.25 -5.07 -2.67
C ASN A 27 17.63 -3.68 -2.46
N THR A 28 18.45 -2.65 -2.60
CA THR A 28 18.00 -1.27 -2.42
C THR A 28 17.58 -0.66 -3.74
N SER A 29 17.10 -1.50 -4.66
CA SER A 29 16.67 -1.03 -5.98
C SER A 29 15.42 -0.16 -5.86
N VAL A 30 14.53 -0.53 -4.94
CA VAL A 30 13.29 0.21 -4.72
C VAL A 30 13.56 1.52 -3.98
N ARG A 31 14.00 2.53 -4.72
CA ARG A 31 14.29 3.83 -4.13
C ARG A 31 13.87 4.97 -5.07
N HIS A 32 12.71 4.80 -5.70
CA HIS A 32 12.20 5.81 -6.63
C HIS A 32 10.84 5.41 -7.18
N GLY A 33 9.97 4.91 -6.30
CA GLY A 33 8.65 4.49 -6.72
C GLY A 33 8.65 3.11 -7.35
N GLY A 34 9.28 2.15 -6.68
CA GLY A 34 9.34 0.81 -7.20
C GLY A 34 8.65 -0.20 -6.29
N ILE A 35 7.34 -0.08 -6.18
CA ILE A 35 6.55 -0.99 -5.34
C ILE A 35 5.11 -1.07 -5.82
N TYR A 36 4.59 -2.29 -5.89
CA TYR A 36 3.22 -2.51 -6.32
C TYR A 36 2.67 -3.84 -5.79
N VAL A 37 1.62 -3.75 -4.98
CA VAL A 37 1.01 -4.94 -4.39
C VAL A 37 0.55 -5.91 -5.48
N LYS A 38 0.86 -7.19 -5.29
CA LYS A 38 0.48 -8.21 -6.25
C LYS A 38 -0.89 -8.80 -5.91
N ALA A 39 -1.11 -9.05 -4.62
CA ALA A 39 -2.38 -9.61 -4.17
C ALA A 39 -2.62 -9.28 -2.70
N VAL A 40 -3.86 -8.94 -2.37
CA VAL A 40 -4.22 -8.60 -1.00
C VAL A 40 -4.37 -9.85 -0.15
N ILE A 41 -4.02 -9.74 1.13
CA ILE A 41 -4.11 -10.87 2.06
C ILE A 41 -5.52 -10.99 2.63
N PRO A 42 -6.14 -12.17 2.45
CA PRO A 42 -7.49 -12.44 2.95
C PRO A 42 -7.54 -12.54 4.47
N GLN A 43 -6.39 -12.85 5.07
CA GLN A 43 -6.30 -12.98 6.52
C GLN A 43 -5.98 -11.64 7.17
N GLY A 44 -6.66 -10.59 6.71
CA GLY A 44 -6.42 -9.27 7.27
C GLY A 44 -7.68 -8.41 7.28
N ALA A 45 -7.51 -7.12 7.51
CA ALA A 45 -8.64 -6.19 7.56
C ALA A 45 -8.86 -5.53 6.20
N ALA A 46 -8.35 -6.17 5.14
CA ALA A 46 -8.50 -5.65 3.79
C ALA A 46 -9.63 -6.34 3.05
N GLU A 47 -9.50 -7.66 2.88
CA GLU A 47 -10.51 -8.44 2.18
C GLU A 47 -11.78 -8.56 3.03
N SER A 48 -11.60 -8.64 4.34
CA SER A 48 -12.73 -8.77 5.26
C SER A 48 -13.80 -7.71 4.96
N ASP A 49 -13.39 -6.44 4.97
CA ASP A 49 -14.30 -5.34 4.69
C ASP A 49 -14.31 -5.00 3.21
N GLY A 50 -13.18 -5.24 2.55
CA GLY A 50 -13.07 -4.94 1.13
C GLY A 50 -12.64 -3.51 0.87
N ARG A 51 -11.43 -3.16 1.29
CA ARG A 51 -10.91 -1.81 1.10
C ARG A 51 -9.94 -1.77 -0.07
N ILE A 52 -8.81 -2.45 0.06
CA ILE A 52 -7.81 -2.49 -1.00
C ILE A 52 -7.99 -3.71 -1.88
N HIS A 53 -7.79 -3.52 -3.19
CA HIS A 53 -7.93 -4.61 -4.14
C HIS A 53 -6.71 -4.70 -5.04
N LYS A 54 -6.70 -5.68 -5.95
CA LYS A 54 -5.59 -5.88 -6.87
C LYS A 54 -5.27 -4.57 -7.60
N GLY A 55 -4.16 -3.95 -7.22
CA GLY A 55 -3.75 -2.70 -7.85
C GLY A 55 -3.51 -1.60 -6.84
N ASP A 56 -2.24 -1.28 -6.61
CA ASP A 56 -1.87 -0.24 -5.67
C ASP A 56 -0.36 -0.01 -5.66
N ARG A 57 0.04 1.26 -5.62
CA ARG A 57 1.46 1.61 -5.61
C ARG A 57 1.96 1.83 -4.19
N VAL A 58 1.05 1.74 -3.22
CA VAL A 58 1.40 1.93 -1.83
C VAL A 58 2.32 3.13 -1.65
N LEU A 59 1.74 4.32 -1.56
CA LEU A 59 2.51 5.54 -1.38
C LEU A 59 1.87 6.44 -0.32
N ALA A 60 2.70 7.27 0.30
CA ALA A 60 2.22 8.18 1.33
C ALA A 60 1.34 7.46 2.35
N VAL A 61 1.80 6.28 2.78
CA VAL A 61 1.06 5.48 3.75
C VAL A 61 1.16 6.09 5.15
N ASN A 62 0.50 7.22 5.34
CA ASN A 62 0.51 7.90 6.64
C ASN A 62 1.94 8.26 7.04
N GLY A 63 2.52 9.24 6.36
CA GLY A 63 3.87 9.67 6.66
C GLY A 63 4.91 8.71 6.12
N VAL A 64 4.52 7.89 5.15
CA VAL A 64 5.43 6.93 4.55
C VAL A 64 5.54 7.14 3.04
N SER A 65 6.14 8.25 2.65
CA SER A 65 6.31 8.59 1.24
C SER A 65 7.05 7.47 0.51
N LEU A 66 6.63 7.18 -0.72
CA LEU A 66 7.24 6.14 -1.52
C LEU A 66 8.32 6.73 -2.44
N GLU A 67 8.48 8.04 -2.38
CA GLU A 67 9.48 8.72 -3.20
C GLU A 67 10.82 7.99 -3.14
N GLY A 68 11.21 7.58 -1.94
CA GLY A 68 12.47 6.88 -1.77
C GLY A 68 12.39 5.79 -0.73
N ALA A 69 11.19 5.26 -0.53
CA ALA A 69 10.98 4.19 0.46
C ALA A 69 11.46 2.84 -0.08
N THR A 70 12.13 2.09 0.77
CA THR A 70 12.65 0.78 0.38
C THR A 70 11.58 -0.29 0.53
N HIS A 71 11.82 -1.45 -0.08
CA HIS A 71 10.88 -2.56 -0.02
C HIS A 71 10.55 -2.91 1.43
N LYS A 72 11.52 -2.72 2.31
CA LYS A 72 11.34 -3.01 3.73
C LYS A 72 10.42 -1.99 4.38
N GLN A 73 10.39 -0.78 3.83
CA GLN A 73 9.56 0.29 4.35
C GLN A 73 8.08 0.01 4.09
N ALA A 74 7.77 -0.33 2.85
CA ALA A 74 6.39 -0.64 2.47
C ALA A 74 5.92 -1.94 3.08
N VAL A 75 6.83 -2.63 3.76
CA VAL A 75 6.51 -3.90 4.41
C VAL A 75 6.37 -3.74 5.92
N GLU A 76 7.42 -3.22 6.55
CA GLU A 76 7.39 -3.02 7.99
C GLU A 76 6.61 -1.75 8.36
N THR A 77 7.06 -0.62 7.85
CA THR A 77 6.39 0.64 8.12
C THR A 77 4.89 0.57 7.81
N LEU A 78 4.54 -0.29 6.87
CA LEU A 78 3.14 -0.47 6.48
C LEU A 78 2.39 -1.29 7.52
N ARG A 79 3.08 -2.25 8.14
CA ARG A 79 2.48 -3.10 9.15
C ARG A 79 2.30 -2.33 10.47
N ASN A 80 3.19 -1.38 10.71
CA ASN A 80 3.13 -0.58 11.93
C ASN A 80 2.20 0.61 11.75
N THR A 81 0.91 0.33 11.61
CA THR A 81 -0.10 1.38 11.43
C THR A 81 -0.87 1.63 12.72
N GLY A 82 -1.73 2.63 12.70
CA GLY A 82 -2.52 2.96 13.88
C GLY A 82 -3.97 2.57 13.72
N GLN A 83 -4.82 3.11 14.60
CA GLN A 83 -6.25 2.81 14.55
C GLN A 83 -6.80 3.02 13.16
N VAL A 84 -6.23 3.97 12.43
CA VAL A 84 -6.66 4.27 11.07
C VAL A 84 -5.48 4.42 10.13
N VAL A 85 -5.64 3.91 8.91
CA VAL A 85 -4.58 3.99 7.91
C VAL A 85 -4.83 5.12 6.92
N HIS A 86 -3.86 6.03 6.81
CA HIS A 86 -3.97 7.16 5.91
C HIS A 86 -3.08 6.97 4.68
N LEU A 87 -3.46 6.03 3.82
CA LEU A 87 -2.70 5.75 2.61
C LEU A 87 -3.29 6.48 1.41
N LEU A 88 -2.46 6.73 0.41
CA LEU A 88 -2.91 7.42 -0.80
C LEU A 88 -2.74 6.52 -2.02
N LEU A 89 -3.83 6.33 -2.76
CA LEU A 89 -3.80 5.50 -3.96
C LEU A 89 -3.81 6.36 -5.22
N GLU A 90 -2.75 6.24 -6.02
CA GLU A 90 -2.63 7.01 -7.25
C GLU A 90 -3.07 6.18 -8.45
N LYS A 91 -3.86 5.15 -8.18
CA LYS A 91 -4.36 4.28 -9.25
C LYS A 91 -3.21 3.53 -9.91
N GLY A 92 -3.17 2.22 -9.73
CA GLY A 92 -2.12 1.40 -10.32
C GLY A 92 -2.20 1.37 -11.83
N GLN A 93 -1.80 0.25 -12.43
CA GLN A 93 -1.82 0.11 -13.87
C GLN A 93 -2.48 -1.21 -14.27
N SER A 94 -3.76 -1.16 -14.58
CA SER A 94 -4.51 -2.36 -14.98
C SER A 94 -5.86 -1.98 -15.57
N PRO A 95 -5.83 -1.34 -16.74
CA PRO A 95 -7.04 -0.91 -17.45
C PRO A 95 -7.84 -2.09 -18.00
N THR A 96 -8.55 -2.78 -17.11
CA THR A 96 -9.37 -3.93 -17.50
C THR A 96 -10.66 -4.00 -16.71
N PRO A 1 -11.67 7.15 -13.35
CA PRO A 1 -10.41 7.79 -12.97
C PRO A 1 -9.36 7.71 -14.07
N LYS A 2 -8.47 8.71 -14.10
CA LYS A 2 -7.42 8.74 -15.11
C LYS A 2 -6.14 8.09 -14.58
N PRO A 3 -5.28 7.65 -15.51
CA PRO A 3 -4.01 6.99 -15.16
C PRO A 3 -3.01 7.97 -14.55
N GLY A 4 -2.07 7.43 -13.77
CA GLY A 4 -1.06 8.26 -13.14
C GLY A 4 -1.68 9.28 -12.19
N ASP A 5 -2.65 8.84 -11.40
CA ASP A 5 -3.31 9.73 -10.45
C ASP A 5 -2.90 9.39 -9.02
N ILE A 6 -3.33 10.21 -8.07
CA ILE A 6 -3.01 10.01 -6.67
C ILE A 6 -4.20 10.33 -5.78
N PHE A 7 -4.47 9.45 -4.82
CA PHE A 7 -5.58 9.64 -3.89
C PHE A 7 -5.24 9.09 -2.51
N GLU A 8 -5.84 9.69 -1.48
CA GLU A 8 -5.60 9.26 -0.11
C GLU A 8 -6.73 8.37 0.39
N VAL A 9 -6.40 7.12 0.67
CA VAL A 9 -7.39 6.16 1.16
C VAL A 9 -7.18 5.85 2.64
N GLU A 10 -8.23 6.03 3.44
CA GLU A 10 -8.15 5.77 4.87
C GLU A 10 -8.87 4.47 5.23
N LEU A 11 -8.14 3.57 5.88
CA LEU A 11 -8.71 2.29 6.28
C LEU A 11 -8.82 2.18 7.80
N ALA A 12 -9.83 1.47 8.26
CA ALA A 12 -10.05 1.29 9.70
C ALA A 12 -9.23 0.13 10.24
N LYS A 13 -8.65 0.32 11.41
CA LYS A 13 -7.83 -0.72 12.04
C LYS A 13 -8.70 -1.73 12.78
N ASN A 14 -8.88 -2.91 12.19
CA ASN A 14 -9.68 -3.96 12.80
C ASN A 14 -8.83 -5.16 13.18
N ASP A 15 -7.78 -5.41 12.39
CA ASP A 15 -6.88 -6.53 12.66
C ASP A 15 -5.52 -6.03 13.16
N ASN A 16 -5.44 -4.73 13.41
CA ASN A 16 -4.20 -4.12 13.89
C ASN A 16 -3.19 -4.00 12.75
N SER A 17 -3.06 -5.05 11.96
CA SER A 17 -2.12 -5.06 10.84
C SER A 17 -2.87 -5.00 9.51
N LEU A 18 -2.67 -3.90 8.78
CA LEU A 18 -3.32 -3.72 7.50
C LEU A 18 -3.15 -4.95 6.61
N GLY A 19 -4.25 -5.68 6.41
CA GLY A 19 -4.20 -6.88 5.58
C GLY A 19 -3.90 -6.57 4.14
N ILE A 20 -2.62 -6.54 3.79
CA ILE A 20 -2.20 -6.26 2.42
C ILE A 20 -0.86 -6.92 2.11
N SER A 21 -0.86 -7.79 1.10
CA SER A 21 0.36 -8.48 0.70
C SER A 21 1.09 -7.72 -0.40
N VAL A 22 2.13 -6.99 -0.02
CA VAL A 22 2.92 -6.22 -0.97
C VAL A 22 4.26 -6.88 -1.24
N THR A 23 4.74 -6.76 -2.49
CA THR A 23 6.01 -7.34 -2.88
C THR A 23 6.85 -6.36 -3.69
N GLY A 24 8.16 -6.47 -3.58
CA GLY A 24 9.05 -5.58 -4.31
C GLY A 24 10.50 -6.01 -4.21
N GLY A 25 11.39 -5.04 -4.06
CA GLY A 25 12.81 -5.33 -3.95
C GLY A 25 13.57 -4.26 -3.22
N VAL A 26 14.36 -3.48 -3.96
CA VAL A 26 15.15 -2.40 -3.36
C VAL A 26 15.19 -1.18 -4.27
N ASN A 27 15.79 -0.11 -3.77
CA ASN A 27 15.89 1.13 -4.54
C ASN A 27 17.07 1.97 -4.07
N THR A 28 17.63 2.76 -5.00
CA THR A 28 18.77 3.61 -4.68
C THR A 28 18.34 5.04 -4.41
N SER A 29 17.35 5.51 -5.17
CA SER A 29 16.85 6.88 -5.01
C SER A 29 15.74 7.16 -6.03
N VAL A 30 14.94 6.15 -6.32
CA VAL A 30 13.85 6.29 -7.27
C VAL A 30 12.65 7.00 -6.63
N ARG A 31 11.79 7.57 -7.47
CA ARG A 31 10.61 8.27 -6.99
C ARG A 31 9.44 7.31 -6.78
N HIS A 32 8.84 6.87 -7.88
CA HIS A 32 7.72 5.94 -7.82
C HIS A 32 8.20 4.50 -7.76
N GLY A 33 7.28 3.56 -7.94
CA GLY A 33 7.63 2.16 -7.89
C GLY A 33 8.25 1.75 -6.57
N GLY A 34 8.93 0.61 -6.57
CA GLY A 34 9.57 0.13 -5.35
C GLY A 34 8.70 -0.86 -4.59
N ILE A 35 7.39 -0.73 -4.75
CA ILE A 35 6.44 -1.62 -4.08
C ILE A 35 5.16 -1.77 -4.89
N TYR A 36 4.62 -2.99 -4.90
CA TYR A 36 3.40 -3.27 -5.64
C TYR A 36 2.69 -4.50 -5.06
N VAL A 37 1.40 -4.35 -4.79
CA VAL A 37 0.60 -5.45 -4.24
C VAL A 37 0.27 -6.47 -5.31
N LYS A 38 0.81 -7.68 -5.15
CA LYS A 38 0.57 -8.76 -6.10
C LYS A 38 -0.66 -9.57 -5.72
N ALA A 39 -0.90 -9.68 -4.41
CA ALA A 39 -2.06 -10.42 -3.91
C ALA A 39 -2.59 -9.80 -2.63
N VAL A 40 -3.80 -10.19 -2.24
CA VAL A 40 -4.43 -9.68 -1.03
C VAL A 40 -4.57 -10.77 0.02
N ILE A 41 -4.55 -10.37 1.29
CA ILE A 41 -4.68 -11.31 2.39
C ILE A 41 -6.04 -11.19 3.07
N PRO A 42 -7.04 -11.89 2.51
CA PRO A 42 -8.41 -11.88 3.04
C PRO A 42 -8.51 -12.60 4.38
N GLN A 43 -7.91 -12.02 5.41
CA GLN A 43 -7.94 -12.60 6.74
C GLN A 43 -7.54 -11.58 7.80
N GLY A 44 -8.24 -10.43 7.80
CA GLY A 44 -7.94 -9.39 8.76
C GLY A 44 -8.70 -8.11 8.48
N ALA A 45 -8.04 -7.15 7.87
CA ALA A 45 -8.67 -5.87 7.55
C ALA A 45 -8.48 -5.52 6.07
N ALA A 46 -9.03 -6.35 5.20
CA ALA A 46 -8.92 -6.13 3.77
C ALA A 46 -10.16 -6.63 3.03
N GLU A 47 -10.39 -7.94 3.10
CA GLU A 47 -11.54 -8.55 2.44
C GLU A 47 -12.84 -7.94 2.96
N SER A 48 -12.99 -7.88 4.29
CA SER A 48 -14.18 -7.32 4.90
C SER A 48 -14.16 -5.80 4.85
N ASP A 49 -13.18 -5.20 5.52
CA ASP A 49 -13.05 -3.75 5.55
C ASP A 49 -13.11 -3.17 4.13
N GLY A 50 -12.60 -3.93 3.17
CA GLY A 50 -12.61 -3.47 1.79
C GLY A 50 -11.69 -2.29 1.57
N ARG A 51 -12.11 -1.37 0.71
CA ARG A 51 -11.32 -0.18 0.41
C ARG A 51 -10.14 -0.53 -0.49
N ILE A 52 -9.28 -1.41 -0.01
CA ILE A 52 -8.11 -1.83 -0.77
C ILE A 52 -8.46 -2.93 -1.75
N HIS A 53 -7.79 -2.93 -2.91
CA HIS A 53 -8.03 -3.94 -3.93
C HIS A 53 -6.72 -4.52 -4.45
N LYS A 54 -6.81 -5.38 -5.47
CA LYS A 54 -5.64 -5.99 -6.05
C LYS A 54 -5.07 -5.13 -7.17
N GLY A 55 -3.75 -5.09 -7.27
CA GLY A 55 -3.11 -4.30 -8.30
C GLY A 55 -2.94 -2.84 -7.90
N ASP A 56 -2.59 -2.62 -6.64
CA ASP A 56 -2.40 -1.26 -6.14
C ASP A 56 -0.95 -0.82 -6.30
N ARG A 57 -0.62 0.34 -5.73
CA ARG A 57 0.74 0.87 -5.82
C ARG A 57 1.32 1.10 -4.43
N VAL A 58 0.60 1.88 -3.61
CA VAL A 58 1.04 2.18 -2.27
C VAL A 58 2.34 2.98 -2.27
N LEU A 59 2.21 4.30 -2.23
CA LEU A 59 3.37 5.19 -2.23
C LEU A 59 3.76 5.57 -0.80
N ALA A 60 2.89 6.30 -0.12
CA ALA A 60 3.14 6.73 1.24
C ALA A 60 2.17 6.07 2.21
N VAL A 61 2.68 5.67 3.37
CA VAL A 61 1.86 5.03 4.39
C VAL A 61 1.97 5.76 5.74
N ASN A 62 1.03 6.66 5.99
CA ASN A 62 1.03 7.42 7.24
C ASN A 62 2.30 8.26 7.37
N GLY A 63 2.78 8.76 6.24
CA GLY A 63 3.99 9.57 6.24
C GLY A 63 5.23 8.79 5.86
N VAL A 64 5.08 7.47 5.75
CA VAL A 64 6.19 6.61 5.37
C VAL A 64 6.30 6.46 3.87
N SER A 65 6.77 7.51 3.21
CA SER A 65 6.92 7.51 1.76
C SER A 65 7.81 6.35 1.31
N LEU A 66 7.59 5.88 0.09
CA LEU A 66 8.38 4.78 -0.46
C LEU A 66 9.48 5.30 -1.38
N GLU A 67 9.87 6.54 -1.16
CA GLU A 67 10.92 7.16 -1.97
C GLU A 67 12.18 6.31 -1.97
N GLY A 68 12.75 6.09 -0.79
CA GLY A 68 13.95 5.28 -0.68
C GLY A 68 13.79 4.13 0.29
N ALA A 69 12.57 3.63 0.41
CA ALA A 69 12.29 2.51 1.31
C ALA A 69 12.48 1.18 0.60
N THR A 70 12.93 0.17 1.36
CA THR A 70 13.16 -1.15 0.80
C THR A 70 11.91 -2.01 0.89
N HIS A 71 11.91 -3.12 0.15
CA HIS A 71 10.77 -4.03 0.15
C HIS A 71 10.29 -4.32 1.56
N LYS A 72 11.21 -4.79 2.40
CA LYS A 72 10.88 -5.11 3.79
C LYS A 72 10.40 -3.87 4.53
N GLN A 73 11.13 -2.77 4.39
CA GLN A 73 10.78 -1.52 5.04
C GLN A 73 9.34 -1.12 4.71
N ALA A 74 8.93 -1.38 3.47
CA ALA A 74 7.59 -1.04 3.03
C ALA A 74 6.56 -2.02 3.60
N VAL A 75 7.02 -3.22 3.92
CA VAL A 75 6.15 -4.25 4.47
C VAL A 75 5.95 -4.05 5.97
N GLU A 76 7.04 -3.73 6.67
CA GLU A 76 6.99 -3.52 8.10
C GLU A 76 6.76 -2.04 8.43
N THR A 77 6.33 -1.29 7.43
CA THR A 77 6.07 0.14 7.61
C THR A 77 4.64 0.39 8.08
N LEU A 78 3.68 -0.25 7.42
CA LEU A 78 2.28 -0.10 7.79
C LEU A 78 1.83 -1.21 8.72
N ARG A 79 2.80 -1.93 9.27
CA ARG A 79 2.51 -3.03 10.19
C ARG A 79 2.23 -2.51 11.60
N ASN A 80 2.83 -1.36 11.92
CA ASN A 80 2.65 -0.75 13.24
C ASN A 80 2.06 0.65 13.11
N THR A 81 0.88 0.74 12.51
CA THR A 81 0.21 2.02 12.33
C THR A 81 -0.65 2.37 13.55
N GLY A 82 -1.30 3.52 13.48
CA GLY A 82 -2.15 3.96 14.59
C GLY A 82 -3.58 3.46 14.44
N GLN A 83 -4.47 4.00 15.25
CA GLN A 83 -5.88 3.62 15.21
C GLN A 83 -6.43 3.69 13.79
N VAL A 84 -5.92 4.65 13.01
CA VAL A 84 -6.35 4.83 11.64
C VAL A 84 -5.18 4.78 10.68
N VAL A 85 -5.38 4.15 9.52
CA VAL A 85 -4.33 4.04 8.52
C VAL A 85 -4.67 4.85 7.27
N HIS A 86 -3.99 5.98 7.10
CA HIS A 86 -4.24 6.85 5.95
C HIS A 86 -3.02 6.85 5.02
N LEU A 87 -3.04 5.97 4.03
CA LEU A 87 -1.94 5.87 3.07
C LEU A 87 -2.38 6.34 1.69
N LEU A 88 -1.42 6.79 0.89
CA LEU A 88 -1.72 7.27 -0.46
C LEU A 88 -1.27 6.25 -1.50
N LEU A 89 -2.05 6.11 -2.57
CA LEU A 89 -1.74 5.18 -3.64
C LEU A 89 -1.82 5.85 -5.00
N GLU A 90 -1.25 5.22 -6.02
CA GLU A 90 -1.27 5.75 -7.36
C GLU A 90 -1.88 4.76 -8.35
N LYS A 91 -3.00 5.12 -8.94
CA LYS A 91 -3.68 4.26 -9.90
C LYS A 91 -2.69 3.70 -10.92
N GLY A 92 -2.38 2.41 -10.78
CA GLY A 92 -1.45 1.77 -11.69
C GLY A 92 -1.98 1.70 -13.10
N GLN A 93 -1.22 1.06 -13.99
CA GLN A 93 -1.63 0.94 -15.39
C GLN A 93 -2.42 -0.35 -15.62
N SER A 94 -1.73 -1.48 -15.63
CA SER A 94 -2.36 -2.77 -15.83
C SER A 94 -3.10 -2.80 -17.17
N PRO A 95 -2.33 -2.82 -18.27
CA PRO A 95 -2.90 -2.85 -19.62
C PRO A 95 -3.56 -4.18 -19.95
N THR A 96 -2.88 -5.28 -19.62
CA THR A 96 -3.41 -6.61 -19.87
C THR A 96 -4.24 -7.12 -18.69
N PRO A 1 -12.50 7.63 -11.62
CA PRO A 1 -11.24 8.38 -11.46
C PRO A 1 -10.26 8.09 -12.59
N LYS A 2 -9.42 9.07 -12.89
CA LYS A 2 -8.42 8.92 -13.95
C LYS A 2 -7.08 8.50 -13.38
N PRO A 3 -6.19 7.97 -14.24
CA PRO A 3 -4.86 7.52 -13.84
C PRO A 3 -3.94 8.67 -13.46
N GLY A 4 -3.44 8.65 -12.23
CA GLY A 4 -2.55 9.70 -11.77
C GLY A 4 -3.15 10.50 -10.63
N ASP A 5 -4.47 10.61 -10.62
CA ASP A 5 -5.16 11.36 -9.57
C ASP A 5 -4.65 10.96 -8.19
N ILE A 6 -4.92 11.81 -7.20
CA ILE A 6 -4.48 11.55 -5.83
C ILE A 6 -5.66 11.52 -4.87
N PHE A 7 -5.74 10.46 -4.07
CA PHE A 7 -6.83 10.31 -3.10
C PHE A 7 -6.42 9.38 -1.97
N GLU A 8 -7.18 9.42 -0.88
CA GLU A 8 -6.89 8.58 0.28
C GLU A 8 -8.11 7.75 0.66
N VAL A 9 -7.92 6.82 1.59
CA VAL A 9 -9.00 5.96 2.04
C VAL A 9 -8.84 5.60 3.52
N GLU A 10 -9.82 5.96 4.33
CA GLU A 10 -9.79 5.68 5.76
C GLU A 10 -10.34 4.28 6.05
N LEU A 11 -9.64 3.53 6.88
CA LEU A 11 -10.05 2.18 7.24
C LEU A 11 -9.72 1.88 8.70
N ALA A 12 -10.54 1.04 9.32
CA ALA A 12 -10.33 0.66 10.72
C ALA A 12 -9.66 -0.71 10.82
N LYS A 13 -8.38 -0.71 11.16
CA LYS A 13 -7.62 -1.95 11.30
C LYS A 13 -8.37 -2.95 12.18
N ASN A 14 -7.93 -4.20 12.16
CA ASN A 14 -8.55 -5.25 12.96
C ASN A 14 -7.51 -6.22 13.50
N ASP A 15 -6.77 -6.86 12.61
CA ASP A 15 -5.74 -7.81 13.00
C ASP A 15 -4.37 -7.13 13.05
N ASN A 16 -4.36 -5.85 13.43
CA ASN A 16 -3.12 -5.09 13.52
C ASN A 16 -2.33 -5.19 12.21
N SER A 17 -3.05 -5.26 11.10
CA SER A 17 -2.41 -5.37 9.79
C SER A 17 -3.34 -4.84 8.70
N LEU A 18 -2.75 -4.20 7.69
CA LEU A 18 -3.52 -3.64 6.58
C LEU A 18 -4.22 -4.75 5.80
N GLY A 19 -3.49 -5.83 5.54
CA GLY A 19 -4.06 -6.94 4.80
C GLY A 19 -3.64 -6.96 3.35
N ILE A 20 -2.47 -6.37 3.07
CA ILE A 20 -1.95 -6.32 1.71
C ILE A 20 -0.44 -6.53 1.70
N SER A 21 0.07 -7.08 0.60
CA SER A 21 1.49 -7.34 0.45
C SER A 21 2.12 -6.40 -0.57
N VAL A 22 3.20 -5.73 -0.17
CA VAL A 22 3.88 -4.80 -1.06
C VAL A 22 5.10 -5.46 -1.71
N THR A 23 5.62 -4.84 -2.75
CA THR A 23 6.78 -5.36 -3.46
C THR A 23 7.66 -4.23 -3.99
N GLY A 24 8.81 -4.60 -4.55
CA GLY A 24 9.73 -3.60 -5.08
C GLY A 24 10.56 -2.94 -4.00
N GLY A 25 11.52 -2.13 -4.41
CA GLY A 25 12.39 -1.45 -3.46
C GLY A 25 13.49 -0.66 -4.14
N VAL A 26 13.72 0.56 -3.66
CA VAL A 26 14.74 1.43 -4.22
C VAL A 26 16.14 0.88 -3.95
N ASN A 27 16.22 -0.03 -2.98
CA ASN A 27 17.49 -0.64 -2.61
C ASN A 27 17.38 -2.16 -2.54
N THR A 28 16.95 -2.77 -3.64
CA THR A 28 16.78 -4.21 -3.70
C THR A 28 16.85 -4.72 -5.13
N SER A 29 16.68 -6.02 -5.30
CA SER A 29 16.73 -6.64 -6.62
C SER A 29 15.83 -5.88 -7.60
N VAL A 30 14.75 -5.30 -7.08
CA VAL A 30 13.81 -4.55 -7.90
C VAL A 30 14.31 -3.13 -8.15
N ARG A 31 15.18 -2.98 -9.14
CA ARG A 31 15.73 -1.68 -9.47
C ARG A 31 14.63 -0.65 -9.65
N HIS A 32 13.49 -1.08 -10.17
CA HIS A 32 12.35 -0.20 -10.39
C HIS A 32 12.02 0.59 -9.12
N GLY A 33 11.90 -0.13 -8.01
CA GLY A 33 11.59 0.53 -6.75
C GLY A 33 10.12 0.90 -6.63
N GLY A 34 9.27 0.15 -7.31
CA GLY A 34 7.84 0.41 -7.27
C GLY A 34 7.14 -0.32 -6.14
N ILE A 35 6.38 0.42 -5.34
CA ILE A 35 5.65 -0.17 -4.22
C ILE A 35 4.16 -0.27 -4.52
N TYR A 36 3.74 -1.43 -5.03
CA TYR A 36 2.35 -1.66 -5.36
C TYR A 36 1.83 -2.94 -4.71
N VAL A 37 0.54 -2.96 -4.39
CA VAL A 37 -0.08 -4.12 -3.77
C VAL A 37 -0.06 -5.32 -4.71
N LYS A 38 0.57 -6.41 -4.25
CA LYS A 38 0.67 -7.62 -5.04
C LYS A 38 -0.50 -8.56 -4.74
N ALA A 39 -1.01 -8.49 -3.52
CA ALA A 39 -2.12 -9.32 -3.11
C ALA A 39 -2.79 -8.78 -1.85
N VAL A 40 -4.05 -9.13 -1.65
CA VAL A 40 -4.80 -8.68 -0.47
C VAL A 40 -5.20 -9.85 0.41
N ILE A 41 -4.51 -10.00 1.54
CA ILE A 41 -4.80 -11.08 2.47
C ILE A 41 -6.31 -11.23 2.70
N PRO A 42 -6.82 -12.44 2.47
CA PRO A 42 -8.24 -12.74 2.64
C PRO A 42 -8.67 -12.73 4.11
N GLN A 43 -7.76 -13.14 4.98
CA GLN A 43 -8.03 -13.17 6.41
C GLN A 43 -7.57 -11.89 7.09
N GLY A 44 -7.70 -10.76 6.38
CA GLY A 44 -7.28 -9.49 6.93
C GLY A 44 -8.29 -8.39 6.64
N ALA A 45 -8.15 -7.27 7.35
CA ALA A 45 -9.05 -6.14 7.16
C ALA A 45 -9.15 -5.75 5.69
N ALA A 46 -8.05 -5.93 4.96
CA ALA A 46 -8.02 -5.60 3.54
C ALA A 46 -9.09 -6.36 2.77
N GLU A 47 -9.43 -7.55 3.26
CA GLU A 47 -10.44 -8.38 2.62
C GLU A 47 -11.84 -8.08 3.17
N SER A 48 -11.99 -8.31 4.47
CA SER A 48 -13.28 -8.07 5.13
C SER A 48 -13.81 -6.67 4.81
N ASP A 49 -12.89 -5.74 4.60
CA ASP A 49 -13.26 -4.37 4.29
C ASP A 49 -13.21 -4.13 2.78
N GLY A 50 -12.23 -4.74 2.12
CA GLY A 50 -12.09 -4.59 0.69
C GLY A 50 -12.07 -3.14 0.26
N ARG A 51 -11.23 -2.34 0.91
CA ARG A 51 -11.11 -0.92 0.60
C ARG A 51 -10.03 -0.67 -0.45
N ILE A 52 -9.07 -1.58 -0.51
CA ILE A 52 -7.97 -1.46 -1.46
C ILE A 52 -8.00 -2.61 -2.47
N HIS A 53 -7.56 -2.32 -3.70
CA HIS A 53 -7.53 -3.32 -4.76
C HIS A 53 -6.12 -3.51 -5.29
N LYS A 54 -5.79 -4.75 -5.65
CA LYS A 54 -4.47 -5.07 -6.17
C LYS A 54 -4.04 -4.05 -7.23
N GLY A 55 -2.75 -3.72 -7.24
CA GLY A 55 -2.23 -2.77 -8.20
C GLY A 55 -1.95 -1.42 -7.58
N ASP A 56 -2.81 -0.99 -6.66
CA ASP A 56 -2.65 0.29 -6.00
C ASP A 56 -1.22 0.44 -5.46
N ARG A 57 -0.72 1.67 -5.45
CA ARG A 57 0.62 1.95 -4.96
C ARG A 57 0.60 2.35 -3.49
N VAL A 58 1.44 1.70 -2.69
CA VAL A 58 1.52 1.99 -1.26
C VAL A 58 2.52 3.10 -0.97
N LEU A 59 2.08 4.35 -1.14
CA LEU A 59 2.93 5.50 -0.90
C LEU A 59 2.19 6.58 -0.11
N ALA A 60 2.94 7.51 0.47
CA ALA A 60 2.35 8.59 1.24
C ALA A 60 1.62 8.06 2.47
N VAL A 61 2.15 6.99 3.06
CA VAL A 61 1.54 6.39 4.23
C VAL A 61 1.43 7.39 5.37
N ASN A 62 0.50 7.15 6.29
CA ASN A 62 0.29 8.03 7.43
C ASN A 62 1.58 8.21 8.22
N GLY A 63 2.28 9.31 7.96
CA GLY A 63 3.52 9.58 8.66
C GLY A 63 4.74 9.28 7.81
N VAL A 64 4.55 8.47 6.76
CA VAL A 64 5.64 8.11 5.87
C VAL A 64 5.37 8.59 4.45
N SER A 65 6.39 9.17 3.82
CA SER A 65 6.26 9.67 2.46
C SER A 65 6.63 8.59 1.45
N LEU A 66 7.46 7.65 1.87
CA LEU A 66 7.90 6.56 1.00
C LEU A 66 8.74 7.09 -0.16
N GLU A 67 9.26 8.30 0.00
CA GLU A 67 10.08 8.93 -1.02
C GLU A 67 11.16 7.97 -1.51
N GLY A 68 11.83 7.32 -0.57
CA GLY A 68 12.89 6.38 -0.92
C GLY A 68 12.82 5.11 -0.09
N ALA A 69 11.64 4.78 0.41
CA ALA A 69 11.46 3.58 1.22
C ALA A 69 12.03 2.35 0.52
N THR A 70 12.52 1.41 1.31
CA THR A 70 13.11 0.19 0.76
C THR A 70 12.10 -0.95 0.76
N HIS A 71 12.46 -2.06 0.13
CA HIS A 71 11.58 -3.22 0.06
C HIS A 71 11.03 -3.58 1.44
N LYS A 72 11.86 -3.40 2.46
CA LYS A 72 11.45 -3.69 3.83
C LYS A 72 11.15 -2.42 4.60
N GLN A 73 10.08 -1.73 4.19
CA GLN A 73 9.67 -0.49 4.84
C GLN A 73 8.16 -0.31 4.77
N ALA A 74 7.64 -0.26 3.56
CA ALA A 74 6.20 -0.09 3.35
C ALA A 74 5.40 -1.02 4.26
N VAL A 75 5.67 -2.32 4.14
CA VAL A 75 4.97 -3.32 4.96
C VAL A 75 4.96 -2.92 6.43
N GLU A 76 6.15 -2.84 7.03
CA GLU A 76 6.28 -2.47 8.43
C GLU A 76 5.47 -1.21 8.73
N THR A 77 5.85 -0.10 8.09
CA THR A 77 5.16 1.17 8.29
C THR A 77 3.65 1.01 8.14
N LEU A 78 3.23 0.07 7.30
CA LEU A 78 1.82 -0.18 7.07
C LEU A 78 1.19 -0.89 8.26
N ARG A 79 1.76 -2.02 8.64
CA ARG A 79 1.26 -2.80 9.77
C ARG A 79 1.34 -1.98 11.06
N ASN A 80 2.47 -1.32 11.27
CA ASN A 80 2.67 -0.50 12.47
C ASN A 80 1.85 0.79 12.38
N THR A 81 0.55 0.68 12.58
CA THR A 81 -0.34 1.84 12.53
C THR A 81 -1.35 1.81 13.67
N GLY A 82 -1.95 2.96 13.96
CA GLY A 82 -2.93 3.04 15.02
C GLY A 82 -4.32 2.66 14.55
N GLN A 83 -5.33 3.03 15.34
CA GLN A 83 -6.71 2.73 15.01
C GLN A 83 -7.04 3.18 13.59
N VAL A 84 -6.35 4.22 13.13
CA VAL A 84 -6.57 4.75 11.79
C VAL A 84 -5.40 4.42 10.87
N VAL A 85 -5.69 4.29 9.58
CA VAL A 85 -4.67 3.98 8.60
C VAL A 85 -4.86 4.78 7.32
N HIS A 86 -4.20 5.93 7.24
CA HIS A 86 -4.30 6.80 6.07
C HIS A 86 -3.31 6.38 4.99
N LEU A 87 -3.80 6.22 3.77
CA LEU A 87 -2.96 5.81 2.65
C LEU A 87 -3.40 6.49 1.36
N LEU A 88 -2.44 7.02 0.62
CA LEU A 88 -2.74 7.70 -0.64
C LEU A 88 -2.53 6.76 -1.82
N LEU A 89 -3.56 6.61 -2.64
CA LEU A 89 -3.50 5.74 -3.80
C LEU A 89 -3.23 6.55 -5.07
N GLU A 90 -2.20 6.16 -5.81
CA GLU A 90 -1.84 6.85 -7.05
C GLU A 90 -2.47 6.17 -8.25
N LYS A 91 -3.54 5.42 -8.02
CA LYS A 91 -4.24 4.71 -9.08
C LYS A 91 -3.26 3.95 -9.96
N GLY A 92 -2.95 2.72 -9.57
CA GLY A 92 -2.02 1.91 -10.34
C GLY A 92 -2.39 1.84 -11.81
N GLN A 93 -1.38 1.80 -12.67
CA GLN A 93 -1.61 1.74 -14.11
C GLN A 93 -2.01 0.33 -14.53
N SER A 94 -2.64 0.21 -15.70
CA SER A 94 -3.08 -1.07 -16.22
C SER A 94 -3.50 -0.95 -17.68
N PRO A 95 -2.51 -0.79 -18.56
CA PRO A 95 -2.74 -0.65 -20.01
C PRO A 95 -3.21 -1.96 -20.63
N THR A 96 -2.68 -3.08 -20.14
CA THR A 96 -3.03 -4.39 -20.65
C THR A 96 -3.89 -5.16 -19.65
N PRO A 1 -11.38 8.74 -13.15
CA PRO A 1 -10.06 8.50 -12.57
C PRO A 1 -8.97 8.40 -13.63
N LYS A 2 -7.87 9.11 -13.41
CA LYS A 2 -6.76 9.11 -14.35
C LYS A 2 -5.51 8.50 -13.71
N PRO A 3 -4.62 7.97 -14.56
CA PRO A 3 -3.37 7.34 -14.10
C PRO A 3 -2.38 8.36 -13.55
N GLY A 4 -1.89 8.12 -12.33
CA GLY A 4 -0.96 9.02 -11.71
C GLY A 4 -1.57 9.82 -10.57
N ASP A 5 -2.88 9.97 -10.61
CA ASP A 5 -3.60 10.71 -9.56
C ASP A 5 -3.36 10.09 -8.20
N ILE A 6 -3.19 10.94 -7.19
CA ILE A 6 -2.96 10.47 -5.83
C ILE A 6 -4.08 10.90 -4.89
N PHE A 7 -4.45 10.02 -3.97
CA PHE A 7 -5.51 10.30 -3.02
C PHE A 7 -5.34 9.48 -1.74
N GLU A 8 -5.97 9.93 -0.67
CA GLU A 8 -5.89 9.24 0.62
C GLU A 8 -7.06 8.27 0.79
N VAL A 9 -6.89 7.30 1.69
CA VAL A 9 -7.93 6.32 1.96
C VAL A 9 -7.96 5.93 3.43
N GLU A 10 -9.14 6.08 4.05
CA GLU A 10 -9.30 5.75 5.46
C GLU A 10 -9.66 4.28 5.63
N LEU A 11 -9.01 3.62 6.59
CA LEU A 11 -9.27 2.21 6.86
C LEU A 11 -9.31 1.95 8.37
N ALA A 12 -10.21 1.06 8.78
CA ALA A 12 -10.36 0.71 10.17
C ALA A 12 -9.78 -0.68 10.46
N LYS A 13 -8.46 -0.76 10.56
CA LYS A 13 -7.78 -2.02 10.83
C LYS A 13 -8.45 -2.76 11.99
N ASN A 14 -8.52 -4.08 11.88
CA ASN A 14 -9.13 -4.90 12.92
C ASN A 14 -8.12 -5.88 13.50
N ASP A 15 -7.18 -6.33 12.67
CA ASP A 15 -6.17 -7.27 13.10
C ASP A 15 -4.80 -6.59 13.14
N ASN A 16 -4.79 -5.27 13.17
CA ASN A 16 -3.55 -4.51 13.22
C ASN A 16 -2.57 -5.01 12.16
N SER A 17 -3.10 -5.42 11.01
CA SER A 17 -2.28 -5.92 9.91
C SER A 17 -2.95 -5.69 8.57
N LEU A 18 -2.64 -4.55 7.95
CA LEU A 18 -3.22 -4.20 6.66
C LEU A 18 -3.04 -5.35 5.66
N GLY A 19 -4.16 -5.96 5.26
CA GLY A 19 -4.11 -7.06 4.32
C GLY A 19 -3.67 -6.61 2.94
N ILE A 20 -2.36 -6.59 2.71
CA ILE A 20 -1.81 -6.18 1.43
C ILE A 20 -0.43 -6.81 1.19
N SER A 21 -0.10 -7.02 -0.08
CA SER A 21 1.18 -7.61 -0.43
C SER A 21 1.84 -6.82 -1.55
N VAL A 22 2.68 -5.86 -1.17
CA VAL A 22 3.38 -5.04 -2.15
C VAL A 22 4.78 -5.59 -2.42
N THR A 23 5.38 -5.14 -3.52
CA THR A 23 6.71 -5.59 -3.90
C THR A 23 7.48 -4.47 -4.61
N GLY A 24 8.81 -4.49 -4.47
CA GLY A 24 9.63 -3.48 -5.10
C GLY A 24 10.68 -2.92 -4.16
N GLY A 25 10.60 -1.63 -3.88
CA GLY A 25 11.55 -0.99 -2.99
C GLY A 25 12.74 -0.41 -3.74
N VAL A 26 13.32 0.65 -3.18
CA VAL A 26 14.47 1.29 -3.80
C VAL A 26 15.78 0.74 -3.25
N ASN A 27 15.79 -0.55 -2.95
CA ASN A 27 16.98 -1.22 -2.42
C ASN A 27 16.97 -2.70 -2.74
N THR A 28 16.41 -3.04 -3.91
CA THR A 28 16.33 -4.43 -4.34
C THR A 28 16.52 -4.54 -5.84
N SER A 29 15.63 -3.90 -6.60
CA SER A 29 15.68 -3.93 -8.05
C SER A 29 14.57 -3.09 -8.66
N VAL A 30 14.25 -1.97 -8.02
CA VAL A 30 13.20 -1.09 -8.50
C VAL A 30 13.52 0.37 -8.17
N ARG A 31 14.08 1.08 -9.14
CA ARG A 31 14.43 2.48 -8.96
C ARG A 31 13.43 3.39 -9.67
N HIS A 32 12.17 2.99 -9.67
CA HIS A 32 11.12 3.77 -10.30
C HIS A 32 9.97 4.02 -9.34
N GLY A 33 9.65 3.02 -8.52
CA GLY A 33 8.56 3.15 -7.56
C GLY A 33 7.95 1.82 -7.20
N GLY A 34 7.28 1.19 -8.16
CA GLY A 34 6.65 -0.09 -7.91
C GLY A 34 5.83 -0.09 -6.63
N ILE A 35 6.28 -0.84 -5.63
CA ILE A 35 5.58 -0.92 -4.36
C ILE A 35 4.07 -0.97 -4.57
N TYR A 36 3.64 -1.70 -5.59
CA TYR A 36 2.22 -1.82 -5.90
C TYR A 36 1.62 -3.06 -5.25
N VAL A 37 0.34 -2.99 -4.91
CA VAL A 37 -0.34 -4.12 -4.28
C VAL A 37 -0.65 -5.21 -5.30
N LYS A 38 0.07 -6.32 -5.20
CA LYS A 38 -0.12 -7.45 -6.11
C LYS A 38 -1.24 -8.36 -5.61
N ALA A 39 -1.43 -8.39 -4.30
CA ALA A 39 -2.46 -9.23 -3.69
C ALA A 39 -2.90 -8.66 -2.35
N VAL A 40 -4.22 -8.67 -2.10
CA VAL A 40 -4.76 -8.16 -0.86
C VAL A 40 -4.84 -9.25 0.20
N ILE A 41 -4.00 -10.27 0.04
CA ILE A 41 -3.97 -11.38 0.99
C ILE A 41 -5.24 -11.44 1.82
N PRO A 42 -6.29 -12.06 1.25
CA PRO A 42 -7.59 -12.19 1.92
C PRO A 42 -7.53 -13.16 3.10
N GLN A 43 -6.88 -12.72 4.19
CA GLN A 43 -6.76 -13.55 5.38
C GLN A 43 -6.34 -12.71 6.58
N GLY A 44 -7.05 -11.61 6.80
CA GLY A 44 -6.74 -10.74 7.92
C GLY A 44 -7.72 -9.59 8.05
N ALA A 45 -7.26 -8.39 7.71
CA ALA A 45 -8.11 -7.20 7.79
C ALA A 45 -8.00 -6.37 6.52
N ALA A 46 -8.66 -6.83 5.46
CA ALA A 46 -8.64 -6.12 4.18
C ALA A 46 -9.78 -6.58 3.28
N GLU A 47 -9.71 -7.83 2.83
CA GLU A 47 -10.73 -8.39 1.96
C GLU A 47 -12.07 -8.50 2.70
N SER A 48 -12.00 -8.82 3.98
CA SER A 48 -13.21 -8.96 4.80
C SER A 48 -14.07 -7.72 4.71
N ASP A 49 -13.45 -6.56 4.90
CA ASP A 49 -14.17 -5.29 4.85
C ASP A 49 -14.30 -4.80 3.41
N GLY A 50 -13.28 -5.08 2.60
CA GLY A 50 -13.30 -4.66 1.21
C GLY A 50 -13.19 -3.15 1.05
N ARG A 51 -12.03 -2.61 1.41
CA ARG A 51 -11.80 -1.18 1.31
C ARG A 51 -10.89 -0.85 0.13
N ILE A 52 -9.93 -1.73 -0.13
CA ILE A 52 -8.99 -1.54 -1.23
C ILE A 52 -8.87 -2.81 -2.07
N HIS A 53 -8.70 -2.64 -3.37
CA HIS A 53 -8.56 -3.76 -4.29
C HIS A 53 -7.15 -3.82 -4.87
N LYS A 54 -6.66 -5.03 -5.07
CA LYS A 54 -5.32 -5.23 -5.63
C LYS A 54 -5.11 -4.36 -6.86
N GLY A 55 -3.85 -4.01 -7.13
CA GLY A 55 -3.54 -3.18 -8.28
C GLY A 55 -3.08 -1.79 -7.89
N ASP A 56 -3.63 -1.28 -6.80
CA ASP A 56 -3.29 0.05 -6.31
C ASP A 56 -1.78 0.17 -6.11
N ARG A 57 -1.33 1.38 -5.77
CA ARG A 57 0.09 1.63 -5.55
C ARG A 57 0.30 2.50 -4.31
N VAL A 58 0.87 1.90 -3.27
CA VAL A 58 1.12 2.62 -2.03
C VAL A 58 2.17 3.71 -2.23
N LEU A 59 1.76 4.95 -1.99
CA LEU A 59 2.66 6.09 -2.14
C LEU A 59 3.14 6.60 -0.78
N ALA A 60 2.23 6.62 0.18
CA ALA A 60 2.55 7.08 1.53
C ALA A 60 1.74 6.33 2.58
N VAL A 61 1.90 6.72 3.84
CA VAL A 61 1.19 6.08 4.94
C VAL A 61 1.55 6.72 6.27
N ASN A 62 0.68 7.60 6.75
CA ASN A 62 0.90 8.28 8.02
C ASN A 62 2.20 9.08 7.98
N GLY A 63 2.56 9.58 6.80
CA GLY A 63 3.77 10.36 6.66
C GLY A 63 4.91 9.55 6.07
N VAL A 64 4.80 8.23 6.16
CA VAL A 64 5.83 7.35 5.63
C VAL A 64 5.72 7.21 4.11
N SER A 65 6.70 7.76 3.41
CA SER A 65 6.71 7.72 1.95
C SER A 65 7.05 6.31 1.45
N LEU A 66 6.75 6.05 0.19
CA LEU A 66 7.02 4.75 -0.41
C LEU A 66 7.96 4.87 -1.60
N GLU A 67 7.91 6.03 -2.26
CA GLU A 67 8.76 6.28 -3.42
C GLU A 67 10.21 5.91 -3.13
N GLY A 68 10.83 6.68 -2.23
CA GLY A 68 12.22 6.42 -1.87
C GLY A 68 12.35 5.50 -0.68
N ALA A 69 11.29 4.76 -0.39
CA ALA A 69 11.28 3.83 0.74
C ALA A 69 11.69 2.43 0.30
N THR A 70 12.18 1.64 1.24
CA THR A 70 12.61 0.28 0.95
C THR A 70 11.48 -0.71 1.16
N HIS A 71 11.45 -1.75 0.34
CA HIS A 71 10.41 -2.78 0.44
C HIS A 71 10.31 -3.31 1.85
N LYS A 72 11.44 -3.39 2.55
CA LYS A 72 11.48 -3.88 3.91
C LYS A 72 10.96 -2.82 4.89
N GLN A 73 11.19 -1.55 4.54
CA GLN A 73 10.74 -0.45 5.38
C GLN A 73 9.26 -0.16 5.17
N ALA A 74 8.77 -0.47 3.97
CA ALA A 74 7.36 -0.25 3.65
C ALA A 74 6.45 -1.06 4.55
N VAL A 75 6.39 -2.36 4.31
CA VAL A 75 5.55 -3.25 5.11
C VAL A 75 5.77 -3.02 6.60
N GLU A 76 6.99 -2.64 6.96
CA GLU A 76 7.33 -2.38 8.36
C GLU A 76 6.43 -1.31 8.95
N THR A 77 6.20 -0.24 8.19
CA THR A 77 5.36 0.86 8.63
C THR A 77 3.91 0.64 8.23
N LEU A 78 3.70 0.23 6.98
CA LEU A 78 2.36 -0.02 6.47
C LEU A 78 1.60 -0.97 7.39
N ARG A 79 2.33 -1.87 8.03
CA ARG A 79 1.73 -2.85 8.94
C ARG A 79 1.47 -2.22 10.31
N ASN A 80 2.35 -1.31 10.71
CA ASN A 80 2.22 -0.65 12.00
C ASN A 80 1.31 0.56 11.91
N THR A 81 0.10 0.44 12.48
CA THR A 81 -0.86 1.53 12.46
C THR A 81 -1.79 1.47 13.67
N GLY A 82 -2.66 2.47 13.80
CA GLY A 82 -3.57 2.52 14.92
C GLY A 82 -5.01 2.26 14.50
N GLN A 83 -5.95 2.61 15.38
CA GLN A 83 -7.37 2.41 15.10
C GLN A 83 -7.73 2.97 13.73
N VAL A 84 -7.02 4.02 13.31
CA VAL A 84 -7.27 4.65 12.02
C VAL A 84 -5.96 4.85 11.25
N VAL A 85 -6.02 4.63 9.94
CA VAL A 85 -4.85 4.80 9.08
C VAL A 85 -5.20 5.58 7.82
N HIS A 86 -4.31 6.49 7.44
CA HIS A 86 -4.52 7.30 6.24
C HIS A 86 -3.29 7.28 5.35
N LEU A 87 -3.33 6.44 4.32
CA LEU A 87 -2.21 6.32 3.38
C LEU A 87 -2.62 6.76 1.98
N LEU A 88 -1.68 7.34 1.25
CA LEU A 88 -1.94 7.80 -0.11
C LEU A 88 -1.54 6.75 -1.13
N LEU A 89 -2.38 6.59 -2.15
CA LEU A 89 -2.10 5.62 -3.21
C LEU A 89 -2.29 6.25 -4.59
N GLU A 90 -1.87 5.52 -5.62
CA GLU A 90 -1.99 6.00 -6.99
C GLU A 90 -2.59 4.93 -7.90
N LYS A 91 -3.47 5.36 -8.81
CA LYS A 91 -4.12 4.43 -9.73
C LYS A 91 -3.09 3.55 -10.44
N GLY A 92 -2.99 2.31 -10.00
CA GLY A 92 -2.04 1.39 -10.60
C GLY A 92 -2.16 1.34 -12.12
N GLN A 93 -1.06 1.04 -12.78
CA GLN A 93 -1.04 0.97 -14.24
C GLN A 93 -1.78 -0.28 -14.73
N SER A 94 -1.21 -1.44 -14.44
CA SER A 94 -1.81 -2.71 -14.86
C SER A 94 -2.19 -2.67 -16.33
N PRO A 95 -1.17 -2.67 -17.21
CA PRO A 95 -1.37 -2.64 -18.66
C PRO A 95 -1.95 -3.94 -19.20
N THR A 96 -1.41 -5.06 -18.74
CA THR A 96 -1.88 -6.37 -19.18
C THR A 96 -1.66 -7.42 -18.08
N PRO A 1 -10.84 8.00 -13.55
CA PRO A 1 -9.69 8.67 -12.91
C PRO A 1 -8.45 8.65 -13.80
N LYS A 2 -7.53 9.57 -13.53
CA LYS A 2 -6.29 9.67 -14.30
C LYS A 2 -5.26 8.65 -13.80
N PRO A 3 -4.24 8.40 -14.62
CA PRO A 3 -3.18 7.45 -14.29
C PRO A 3 -2.28 7.96 -13.17
N GLY A 4 -2.21 9.28 -13.03
CA GLY A 4 -1.38 9.87 -11.98
C GLY A 4 -2.19 10.64 -10.96
N ASP A 5 -3.25 10.01 -10.45
CA ASP A 5 -4.11 10.64 -9.46
C ASP A 5 -3.58 10.40 -8.05
N ILE A 6 -4.16 11.11 -7.08
CA ILE A 6 -3.74 10.98 -5.70
C ILE A 6 -4.93 11.11 -4.75
N PHE A 7 -5.10 10.13 -3.87
CA PHE A 7 -6.19 10.14 -2.91
C PHE A 7 -5.81 9.39 -1.64
N GLU A 8 -6.60 9.58 -0.58
CA GLU A 8 -6.34 8.92 0.70
C GLU A 8 -7.34 7.82 0.96
N VAL A 9 -6.86 6.70 1.48
CA VAL A 9 -7.72 5.56 1.78
C VAL A 9 -7.82 5.33 3.29
N GLU A 10 -9.04 5.48 3.82
CA GLU A 10 -9.27 5.28 5.25
C GLU A 10 -9.84 3.89 5.52
N LEU A 11 -8.96 2.96 5.87
CA LEU A 11 -9.37 1.59 6.16
C LEU A 11 -9.41 1.34 7.66
N ALA A 12 -10.27 0.42 8.08
CA ALA A 12 -10.41 0.09 9.50
C ALA A 12 -9.36 -0.93 9.92
N LYS A 13 -8.79 -0.71 11.11
CA LYS A 13 -7.76 -1.61 11.65
C LYS A 13 -8.39 -2.86 12.24
N ASN A 14 -7.88 -4.02 11.84
CA ASN A 14 -8.39 -5.30 12.34
C ASN A 14 -7.26 -6.31 12.50
N ASP A 15 -7.03 -6.72 13.74
CA ASP A 15 -5.98 -7.70 14.04
C ASP A 15 -4.60 -7.11 13.73
N ASN A 16 -4.48 -5.79 13.83
CA ASN A 16 -3.23 -5.11 13.56
C ASN A 16 -2.64 -5.57 12.23
N SER A 17 -3.50 -5.85 11.27
CA SER A 17 -3.06 -6.30 9.95
C SER A 17 -3.85 -5.61 8.84
N LEU A 18 -3.18 -4.69 8.14
CA LEU A 18 -3.82 -3.96 7.06
C LEU A 18 -4.34 -4.91 5.98
N GLY A 19 -3.48 -5.83 5.54
CA GLY A 19 -3.88 -6.79 4.53
C GLY A 19 -3.40 -6.39 3.14
N ILE A 20 -2.32 -5.62 3.09
CA ILE A 20 -1.76 -5.17 1.82
C ILE A 20 -0.25 -5.39 1.78
N SER A 21 0.19 -6.24 0.86
CA SER A 21 1.61 -6.55 0.71
C SER A 21 2.26 -5.61 -0.31
N VAL A 22 3.41 -5.06 0.05
CA VAL A 22 4.13 -4.15 -0.83
C VAL A 22 5.24 -4.88 -1.58
N THR A 23 5.41 -4.53 -2.85
CA THR A 23 6.43 -5.15 -3.68
C THR A 23 7.35 -4.11 -4.31
N GLY A 24 8.63 -4.44 -4.42
CA GLY A 24 9.59 -3.51 -5.00
C GLY A 24 10.34 -2.72 -3.95
N GLY A 25 11.30 -1.91 -4.40
CA GLY A 25 12.08 -1.10 -3.48
C GLY A 25 13.41 -0.68 -4.07
N VAL A 26 14.19 0.06 -3.29
CA VAL A 26 15.49 0.53 -3.73
C VAL A 26 16.49 -0.62 -3.81
N ASN A 27 16.08 -1.78 -3.33
CA ASN A 27 16.95 -2.96 -3.35
C ASN A 27 16.78 -3.74 -4.66
N THR A 28 16.63 -3.00 -5.76
CA THR A 28 16.47 -3.62 -7.07
C THR A 28 15.40 -4.69 -7.05
N SER A 29 14.43 -4.54 -6.14
CA SER A 29 13.35 -5.50 -6.01
C SER A 29 12.47 -5.50 -7.26
N VAL A 30 12.42 -4.37 -7.96
CA VAL A 30 11.62 -4.24 -9.17
C VAL A 30 12.23 -3.23 -10.13
N ARG A 31 11.53 -2.95 -11.22
CA ARG A 31 12.01 -1.99 -12.22
C ARG A 31 12.57 -0.75 -11.54
N HIS A 32 11.81 -0.18 -10.61
CA HIS A 32 12.22 1.02 -9.90
C HIS A 32 12.15 0.80 -8.39
N GLY A 33 12.27 1.89 -7.64
CA GLY A 33 12.23 1.80 -6.19
C GLY A 33 10.80 1.84 -5.66
N GLY A 34 9.91 2.45 -6.43
CA GLY A 34 8.52 2.54 -6.01
C GLY A 34 7.95 1.20 -5.59
N ILE A 35 6.75 1.22 -5.00
CA ILE A 35 6.09 0.00 -4.56
C ILE A 35 4.82 -0.26 -5.35
N TYR A 36 4.59 -1.52 -5.68
CA TYR A 36 3.40 -1.90 -6.44
C TYR A 36 2.72 -3.10 -5.80
N VAL A 37 1.62 -2.85 -5.10
CA VAL A 37 0.87 -3.91 -4.45
C VAL A 37 0.19 -4.82 -5.46
N LYS A 38 0.46 -6.12 -5.37
CA LYS A 38 -0.12 -7.09 -6.28
C LYS A 38 -0.51 -8.36 -5.54
N ALA A 39 -0.89 -8.22 -4.28
CA ALA A 39 -1.29 -9.36 -3.46
C ALA A 39 -2.18 -8.91 -2.31
N VAL A 40 -3.47 -9.23 -2.39
CA VAL A 40 -4.42 -8.86 -1.35
C VAL A 40 -4.63 -10.01 -0.37
N ILE A 41 -4.18 -9.83 0.87
CA ILE A 41 -4.32 -10.85 1.89
C ILE A 41 -5.79 -11.06 2.25
N PRO A 42 -6.31 -12.26 1.93
CA PRO A 42 -7.70 -12.61 2.21
C PRO A 42 -7.95 -12.81 3.70
N GLN A 43 -6.93 -13.23 4.43
CA GLN A 43 -7.04 -13.45 5.87
C GLN A 43 -6.68 -12.19 6.64
N GLY A 44 -7.18 -11.04 6.18
CA GLY A 44 -6.89 -9.79 6.84
C GLY A 44 -7.94 -8.73 6.56
N ALA A 45 -7.78 -7.57 7.18
CA ALA A 45 -8.72 -6.47 6.99
C ALA A 45 -8.96 -6.20 5.51
N ALA A 46 -7.92 -6.41 4.70
CA ALA A 46 -8.02 -6.19 3.26
C ALA A 46 -8.73 -7.35 2.58
N GLU A 47 -9.97 -7.60 2.99
CA GLU A 47 -10.75 -8.70 2.41
C GLU A 47 -12.13 -8.77 3.05
N SER A 48 -12.17 -9.08 4.33
CA SER A 48 -13.43 -9.19 5.07
C SER A 48 -14.04 -7.81 5.29
N ASP A 49 -13.21 -6.87 5.72
CA ASP A 49 -13.67 -5.50 5.98
C ASP A 49 -14.13 -4.84 4.69
N GLY A 50 -13.49 -5.20 3.58
CA GLY A 50 -13.85 -4.61 2.30
C GLY A 50 -13.55 -3.13 2.22
N ARG A 51 -12.52 -2.78 1.45
CA ARG A 51 -12.12 -1.38 1.31
C ARG A 51 -11.16 -1.21 0.13
N ILE A 52 -9.92 -1.64 0.32
CA ILE A 52 -8.91 -1.54 -0.72
C ILE A 52 -8.92 -2.76 -1.62
N HIS A 53 -8.74 -2.55 -2.92
CA HIS A 53 -8.73 -3.64 -3.89
C HIS A 53 -7.31 -3.92 -4.38
N LYS A 54 -7.18 -4.88 -5.28
CA LYS A 54 -5.88 -5.24 -5.82
C LYS A 54 -5.47 -4.28 -6.92
N GLY A 55 -4.20 -3.87 -6.91
CA GLY A 55 -3.70 -2.95 -7.92
C GLY A 55 -3.60 -1.52 -7.40
N ASP A 56 -2.64 -1.29 -6.52
CA ASP A 56 -2.44 0.05 -5.96
C ASP A 56 -1.01 0.20 -5.44
N ARG A 57 -0.60 1.45 -5.22
CA ARG A 57 0.74 1.74 -4.72
C ARG A 57 0.70 2.11 -3.24
N VAL A 58 1.85 2.00 -2.58
CA VAL A 58 1.96 2.33 -1.17
C VAL A 58 2.87 3.52 -0.94
N LEU A 59 2.28 4.72 -0.87
CA LEU A 59 3.05 5.93 -0.65
C LEU A 59 2.30 6.90 0.27
N ALA A 60 3.03 7.83 0.86
CA ALA A 60 2.44 8.81 1.77
C ALA A 60 1.57 8.13 2.82
N VAL A 61 2.12 7.09 3.44
CA VAL A 61 1.39 6.35 4.47
C VAL A 61 1.25 7.17 5.75
N ASN A 62 0.06 7.71 5.98
CA ASN A 62 -0.19 8.51 7.16
C ASN A 62 0.99 9.42 7.48
N GLY A 63 1.43 10.18 6.48
CA GLY A 63 2.55 11.08 6.66
C GLY A 63 3.89 10.38 6.52
N VAL A 64 3.92 9.31 5.73
CA VAL A 64 5.14 8.55 5.51
C VAL A 64 5.40 8.32 4.03
N SER A 65 5.96 9.33 3.37
CA SER A 65 6.25 9.25 1.94
C SER A 65 7.17 8.06 1.64
N LEU A 66 6.65 7.07 0.92
CA LEU A 66 7.42 5.89 0.57
C LEU A 66 8.04 6.03 -0.82
N GLU A 67 8.31 7.27 -1.21
CA GLU A 67 8.89 7.54 -2.52
C GLU A 67 10.13 6.68 -2.75
N GLY A 68 11.09 6.78 -1.84
CA GLY A 68 12.31 6.01 -1.95
C GLY A 68 12.44 4.96 -0.86
N ALA A 69 11.44 4.88 0.00
CA ALA A 69 11.45 3.91 1.09
C ALA A 69 11.77 2.51 0.58
N THR A 70 12.39 1.69 1.43
CA THR A 70 12.75 0.33 1.08
C THR A 70 11.57 -0.62 1.22
N HIS A 71 11.75 -1.86 0.78
CA HIS A 71 10.69 -2.85 0.86
C HIS A 71 10.19 -3.00 2.29
N LYS A 72 11.11 -3.30 3.22
CA LYS A 72 10.75 -3.46 4.62
C LYS A 72 10.02 -2.23 5.14
N GLN A 73 10.41 -1.06 4.64
CA GLN A 73 9.80 0.20 5.06
C GLN A 73 8.30 0.20 4.75
N ALA A 74 7.97 -0.01 3.48
CA ALA A 74 6.58 -0.04 3.05
C ALA A 74 5.82 -1.20 3.69
N VAL A 75 6.57 -2.15 4.24
CA VAL A 75 5.97 -3.32 4.88
C VAL A 75 5.65 -3.03 6.33
N GLU A 76 6.63 -2.54 7.08
CA GLU A 76 6.44 -2.22 8.48
C GLU A 76 5.66 -0.91 8.66
N THR A 77 5.91 0.03 7.76
CA THR A 77 5.22 1.32 7.80
C THR A 77 3.72 1.15 7.99
N LEU A 78 3.18 0.06 7.43
CA LEU A 78 1.76 -0.22 7.54
C LEU A 78 1.45 -0.99 8.82
N ARG A 79 2.27 -1.99 9.12
CA ARG A 79 2.09 -2.81 10.31
C ARG A 79 2.13 -1.94 11.57
N ASN A 80 2.93 -0.88 11.52
CA ASN A 80 3.07 0.02 12.65
C ASN A 80 2.10 1.21 12.52
N THR A 81 0.81 0.91 12.45
CA THR A 81 -0.21 1.95 12.31
C THR A 81 -1.12 1.97 13.53
N GLY A 82 -2.00 2.97 13.58
CA GLY A 82 -2.92 3.09 14.69
C GLY A 82 -4.29 2.52 14.38
N GLN A 83 -5.28 2.85 15.20
CA GLN A 83 -6.64 2.37 15.01
C GLN A 83 -7.11 2.62 13.58
N VAL A 84 -6.59 3.68 12.97
CA VAL A 84 -6.95 4.04 11.61
C VAL A 84 -5.72 4.18 10.73
N VAL A 85 -5.82 3.71 9.49
CA VAL A 85 -4.70 3.79 8.55
C VAL A 85 -4.95 4.88 7.51
N HIS A 86 -4.28 6.03 7.70
CA HIS A 86 -4.42 7.15 6.78
C HIS A 86 -3.40 7.05 5.65
N LEU A 87 -3.46 5.96 4.89
CA LEU A 87 -2.55 5.75 3.78
C LEU A 87 -3.08 6.39 2.50
N LEU A 88 -2.18 6.68 1.57
CA LEU A 88 -2.56 7.29 0.30
C LEU A 88 -2.34 6.33 -0.86
N LEU A 89 -3.42 6.03 -1.58
CA LEU A 89 -3.34 5.12 -2.72
C LEU A 89 -3.26 5.89 -4.03
N GLU A 90 -2.27 5.54 -4.86
CA GLU A 90 -2.09 6.20 -6.15
C GLU A 90 -2.39 5.25 -7.30
N LYS A 91 -3.22 5.71 -8.23
CA LYS A 91 -3.60 4.90 -9.38
C LYS A 91 -2.36 4.34 -10.08
N GLY A 92 -2.10 3.06 -9.86
CA GLY A 92 -0.94 2.43 -10.48
C GLY A 92 -0.98 2.49 -11.99
N GLN A 93 -0.04 1.81 -12.63
CA GLN A 93 0.02 1.80 -14.09
C GLN A 93 -0.66 0.56 -14.65
N SER A 94 -0.11 -0.61 -14.33
CA SER A 94 -0.67 -1.87 -14.81
C SER A 94 -0.92 -1.82 -16.31
N PRO A 95 0.18 -1.87 -17.09
CA PRO A 95 0.10 -1.84 -18.56
C PRO A 95 -0.50 -3.11 -19.14
N THR A 96 -0.23 -4.23 -18.49
CA THR A 96 -0.75 -5.52 -18.95
C THR A 96 -1.46 -6.26 -17.82
N PRO A 1 -12.20 7.53 -14.16
CA PRO A 1 -11.11 8.28 -13.51
C PRO A 1 -9.84 8.32 -14.38
N LYS A 2 -9.12 9.43 -14.29
CA LYS A 2 -7.89 9.60 -15.07
C LYS A 2 -6.68 9.14 -14.26
N PRO A 3 -5.62 8.74 -14.98
CA PRO A 3 -4.37 8.28 -14.35
C PRO A 3 -3.62 9.41 -13.65
N GLY A 4 -3.26 9.19 -12.40
CA GLY A 4 -2.53 10.20 -11.64
C GLY A 4 -3.30 10.68 -10.43
N ASP A 5 -4.63 10.63 -10.52
CA ASP A 5 -5.48 11.06 -9.41
C ASP A 5 -5.04 10.43 -8.10
N ILE A 6 -5.37 11.09 -6.99
CA ILE A 6 -5.01 10.58 -5.67
C ILE A 6 -6.14 10.83 -4.67
N PHE A 7 -6.41 9.82 -3.84
CA PHE A 7 -7.46 9.93 -2.83
C PHE A 7 -7.06 9.20 -1.55
N GLU A 8 -7.51 9.74 -0.41
CA GLU A 8 -7.19 9.15 0.88
C GLU A 8 -8.27 8.16 1.31
N VAL A 9 -7.85 6.96 1.70
CA VAL A 9 -8.78 5.92 2.12
C VAL A 9 -8.77 5.77 3.64
N GLU A 10 -9.96 5.90 4.25
CA GLU A 10 -10.07 5.78 5.70
C GLU A 10 -10.45 4.36 6.10
N LEU A 11 -9.55 3.68 6.78
CA LEU A 11 -9.77 2.31 7.22
C LEU A 11 -9.45 2.15 8.71
N ALA A 12 -10.16 1.25 9.37
CA ALA A 12 -9.96 0.99 10.79
C ALA A 12 -9.39 -0.40 11.01
N LYS A 13 -8.08 -0.47 11.23
CA LYS A 13 -7.41 -1.75 11.48
C LYS A 13 -8.12 -2.54 12.56
N ASN A 14 -8.66 -3.70 12.19
CA ASN A 14 -9.37 -4.55 13.13
C ASN A 14 -8.49 -5.72 13.58
N ASP A 15 -7.64 -6.19 12.67
CA ASP A 15 -6.75 -7.30 12.98
C ASP A 15 -5.30 -6.81 13.07
N ASN A 16 -5.13 -5.54 13.41
CA ASN A 16 -3.80 -4.96 13.54
C ASN A 16 -2.94 -5.29 12.32
N SER A 17 -3.59 -5.48 11.18
CA SER A 17 -2.88 -5.81 9.95
C SER A 17 -3.59 -5.21 8.73
N LEU A 18 -2.91 -4.31 8.05
CA LEU A 18 -3.47 -3.65 6.87
C LEU A 18 -4.00 -4.68 5.88
N GLY A 19 -3.22 -5.73 5.66
CA GLY A 19 -3.62 -6.78 4.74
C GLY A 19 -3.29 -6.44 3.30
N ILE A 20 -1.99 -6.32 3.01
CA ILE A 20 -1.54 -6.00 1.66
C ILE A 20 -0.07 -6.38 1.47
N SER A 21 0.18 -7.23 0.48
CA SER A 21 1.54 -7.69 0.20
C SER A 21 2.22 -6.75 -0.81
N VAL A 22 3.33 -6.15 -0.40
CA VAL A 22 4.07 -5.24 -1.26
C VAL A 22 5.18 -5.98 -2.00
N THR A 23 5.64 -5.38 -3.10
CA THR A 23 6.70 -5.98 -3.89
C THR A 23 7.63 -4.90 -4.47
N GLY A 24 8.86 -5.31 -4.78
CA GLY A 24 9.82 -4.36 -5.33
C GLY A 24 10.54 -3.56 -4.26
N GLY A 25 11.14 -2.46 -4.66
CA GLY A 25 11.87 -1.63 -3.70
C GLY A 25 13.23 -1.20 -4.22
N VAL A 26 13.52 0.09 -4.11
CA VAL A 26 14.80 0.63 -4.58
C VAL A 26 15.97 -0.10 -3.92
N ASN A 27 15.70 -0.73 -2.78
CA ASN A 27 16.73 -1.45 -2.05
C ASN A 27 16.36 -2.92 -1.89
N THR A 28 17.36 -3.79 -1.86
CA THR A 28 17.13 -5.22 -1.72
C THR A 28 15.89 -5.66 -2.48
N SER A 29 15.74 -5.16 -3.70
CA SER A 29 14.58 -5.49 -4.53
C SER A 29 14.77 -4.97 -5.95
N VAL A 30 13.68 -4.90 -6.70
CA VAL A 30 13.72 -4.42 -8.08
C VAL A 30 14.46 -3.08 -8.17
N ARG A 31 15.09 -2.85 -9.31
CA ARG A 31 15.83 -1.62 -9.54
C ARG A 31 14.88 -0.43 -9.72
N HIS A 32 13.77 -0.68 -10.40
CA HIS A 32 12.78 0.36 -10.64
C HIS A 32 12.40 1.07 -9.34
N GLY A 33 12.30 0.30 -8.26
CA GLY A 33 11.95 0.88 -6.98
C GLY A 33 10.46 1.13 -6.84
N GLY A 34 9.65 0.28 -7.47
CA GLY A 34 8.21 0.44 -7.40
C GLY A 34 7.58 -0.45 -6.36
N ILE A 35 6.64 0.10 -5.60
CA ILE A 35 5.95 -0.65 -4.56
C ILE A 35 4.45 -0.69 -4.81
N TYR A 36 4.00 -1.75 -5.47
CA TYR A 36 2.58 -1.92 -5.78
C TYR A 36 2.03 -3.20 -5.15
N VAL A 37 0.80 -3.13 -4.68
CA VAL A 37 0.15 -4.30 -4.07
C VAL A 37 0.25 -5.52 -4.97
N LYS A 38 0.45 -6.68 -4.36
CA LYS A 38 0.56 -7.93 -5.09
C LYS A 38 -0.54 -8.92 -4.68
N ALA A 39 -0.90 -8.89 -3.40
CA ALA A 39 -1.93 -9.76 -2.89
C ALA A 39 -2.69 -9.10 -1.74
N VAL A 40 -3.90 -9.59 -1.48
CA VAL A 40 -4.73 -9.05 -0.41
C VAL A 40 -4.94 -10.07 0.69
N ILE A 41 -4.10 -10.00 1.72
CA ILE A 41 -4.20 -10.92 2.85
C ILE A 41 -5.62 -10.96 3.41
N PRO A 42 -6.31 -12.09 3.19
CA PRO A 42 -7.69 -12.28 3.67
C PRO A 42 -7.76 -12.41 5.18
N GLN A 43 -6.66 -12.89 5.78
CA GLN A 43 -6.61 -13.06 7.24
C GLN A 43 -6.17 -11.77 7.92
N GLY A 44 -6.85 -10.67 7.58
CA GLY A 44 -6.52 -9.39 8.17
C GLY A 44 -7.61 -8.35 7.95
N ALA A 45 -7.25 -7.08 8.08
CA ALA A 45 -8.20 -6.00 7.90
C ALA A 45 -8.02 -5.32 6.53
N ALA A 46 -8.54 -5.98 5.49
CA ALA A 46 -8.44 -5.45 4.13
C ALA A 46 -9.49 -6.09 3.22
N GLU A 47 -9.35 -7.39 3.00
CA GLU A 47 -10.29 -8.11 2.15
C GLU A 47 -11.67 -8.18 2.78
N SER A 48 -11.72 -8.52 4.06
CA SER A 48 -12.98 -8.62 4.79
C SER A 48 -13.82 -7.36 4.58
N ASP A 49 -13.23 -6.20 4.85
CA ASP A 49 -13.92 -4.93 4.69
C ASP A 49 -14.05 -4.55 3.22
N GLY A 50 -13.04 -4.93 2.44
CA GLY A 50 -13.04 -4.63 1.02
C GLY A 50 -12.84 -3.15 0.75
N ARG A 51 -11.73 -2.60 1.25
CA ARG A 51 -11.42 -1.20 1.07
C ARG A 51 -10.34 -1.02 0.01
N ILE A 52 -9.32 -1.88 0.06
CA ILE A 52 -8.22 -1.82 -0.90
C ILE A 52 -8.49 -2.70 -2.10
N HIS A 53 -7.94 -2.33 -3.25
CA HIS A 53 -8.12 -3.09 -4.48
C HIS A 53 -6.80 -3.24 -5.22
N LYS A 54 -6.73 -4.23 -6.11
CA LYS A 54 -5.52 -4.48 -6.89
C LYS A 54 -5.31 -3.39 -7.92
N GLY A 55 -4.06 -2.92 -8.04
CA GLY A 55 -3.75 -1.88 -9.00
C GLY A 55 -2.91 -0.78 -8.39
N ASP A 56 -3.53 0.03 -7.54
CA ASP A 56 -2.83 1.13 -6.89
C ASP A 56 -1.55 0.66 -6.22
N ARG A 57 -0.75 1.60 -5.74
CA ARG A 57 0.52 1.27 -5.09
C ARG A 57 0.57 1.87 -3.68
N VAL A 58 1.66 1.61 -2.97
CA VAL A 58 1.85 2.12 -1.63
C VAL A 58 2.67 3.41 -1.63
N LEU A 59 2.00 4.53 -1.35
CA LEU A 59 2.67 5.82 -1.33
C LEU A 59 2.16 6.67 -0.17
N ALA A 60 3.05 7.45 0.44
CA ALA A 60 2.70 8.30 1.56
C ALA A 60 1.87 7.54 2.59
N VAL A 61 2.18 6.27 2.77
CA VAL A 61 1.46 5.43 3.73
C VAL A 61 1.52 6.03 5.14
N ASN A 62 0.44 6.70 5.53
CA ASN A 62 0.36 7.32 6.85
C ASN A 62 1.46 8.37 7.02
N GLY A 63 1.53 9.30 6.06
CA GLY A 63 2.53 10.35 6.12
C GLY A 63 3.93 9.82 5.90
N VAL A 64 4.04 8.68 5.23
CA VAL A 64 5.34 8.07 4.95
C VAL A 64 5.54 7.87 3.45
N SER A 65 5.98 8.92 2.78
CA SER A 65 6.21 8.86 1.33
C SER A 65 7.10 7.68 0.98
N LEU A 66 6.64 6.84 0.06
CA LEU A 66 7.40 5.67 -0.37
C LEU A 66 8.21 5.98 -1.62
N GLU A 67 8.47 7.27 -1.85
CA GLU A 67 9.23 7.70 -3.02
C GLU A 67 10.52 6.88 -3.15
N GLY A 68 11.26 6.77 -2.05
CA GLY A 68 12.50 6.02 -2.06
C GLY A 68 12.58 4.99 -0.95
N ALA A 69 11.41 4.64 -0.40
CA ALA A 69 11.35 3.65 0.67
C ALA A 69 11.93 2.32 0.23
N THR A 70 12.36 1.52 1.21
CA THR A 70 12.93 0.21 0.92
C THR A 70 11.87 -0.87 0.90
N HIS A 71 12.20 -2.02 0.30
CA HIS A 71 11.27 -3.13 0.22
C HIS A 71 10.82 -3.58 1.61
N LYS A 72 11.72 -3.48 2.57
CA LYS A 72 11.41 -3.87 3.94
C LYS A 72 10.52 -2.83 4.62
N GLN A 73 10.67 -1.58 4.22
CA GLN A 73 9.88 -0.49 4.78
C GLN A 73 8.40 -0.72 4.53
N ALA A 74 7.99 -0.67 3.27
CA ALA A 74 6.59 -0.86 2.90
C ALA A 74 6.03 -2.12 3.57
N VAL A 75 6.91 -3.06 3.89
CA VAL A 75 6.49 -4.30 4.53
C VAL A 75 6.30 -4.11 6.03
N GLU A 76 7.25 -3.43 6.66
CA GLU A 76 7.20 -3.17 8.10
C GLU A 76 6.81 -1.72 8.38
N THR A 77 5.96 -1.16 7.51
CA THR A 77 5.51 0.22 7.67
C THR A 77 4.00 0.29 7.81
N LEU A 78 3.30 -0.67 7.20
CA LEU A 78 1.84 -0.71 7.25
C LEU A 78 1.37 -1.30 8.57
N ARG A 79 2.15 -2.22 9.13
CA ARG A 79 1.82 -2.86 10.39
C ARG A 79 1.84 -1.85 11.54
N ASN A 80 2.76 -0.89 11.45
CA ASN A 80 2.89 0.13 12.48
C ASN A 80 1.92 1.28 12.23
N THR A 81 0.63 0.97 12.22
CA THR A 81 -0.39 1.98 12.00
C THR A 81 -1.23 2.21 13.26
N GLY A 82 -2.04 3.25 13.24
CA GLY A 82 -2.89 3.56 14.38
C GLY A 82 -4.32 3.14 14.17
N GLN A 83 -5.20 3.52 15.11
CA GLN A 83 -6.60 3.17 15.02
C GLN A 83 -7.16 3.51 13.64
N VAL A 84 -6.64 4.57 13.04
CA VAL A 84 -7.08 5.01 11.71
C VAL A 84 -5.95 4.96 10.71
N VAL A 85 -6.26 4.49 9.50
CA VAL A 85 -5.25 4.40 8.44
C VAL A 85 -5.63 5.27 7.25
N HIS A 86 -5.03 6.46 7.18
CA HIS A 86 -5.31 7.39 6.09
C HIS A 86 -4.20 7.34 5.05
N LEU A 87 -4.35 6.45 4.08
CA LEU A 87 -3.35 6.31 3.02
C LEU A 87 -3.88 6.85 1.70
N LEU A 88 -2.98 7.41 0.89
CA LEU A 88 -3.36 7.97 -0.39
C LEU A 88 -3.12 6.96 -1.52
N LEU A 89 -4.18 6.67 -2.26
CA LEU A 89 -4.09 5.72 -3.37
C LEU A 89 -4.03 6.45 -4.71
N GLU A 90 -2.86 6.41 -5.35
CA GLU A 90 -2.67 7.07 -6.63
C GLU A 90 -2.85 6.08 -7.79
N LYS A 91 -3.89 6.29 -8.59
CA LYS A 91 -4.18 5.42 -9.71
C LYS A 91 -2.93 5.22 -10.58
N GLY A 92 -2.50 3.97 -10.71
CA GLY A 92 -1.33 3.67 -11.51
C GLY A 92 -1.68 3.24 -12.92
N GLN A 93 -0.68 2.81 -13.68
CA GLN A 93 -0.89 2.37 -15.05
C GLN A 93 -0.36 0.96 -15.26
N SER A 94 -1.26 -0.02 -15.21
CA SER A 94 -0.87 -1.42 -15.39
C SER A 94 -0.48 -1.69 -16.83
N PRO A 95 0.26 -2.79 -17.04
CA PRO A 95 0.71 -3.19 -18.37
C PRO A 95 -0.43 -3.67 -19.26
N THR A 96 -0.09 -4.13 -20.46
CA THR A 96 -1.08 -4.61 -21.41
C THR A 96 -1.28 -6.12 -21.28
N PRO A 1 -11.35 8.39 -14.91
CA PRO A 1 -10.28 8.72 -13.97
C PRO A 1 -8.97 9.05 -14.69
N LYS A 2 -8.16 9.90 -14.06
CA LYS A 2 -6.88 10.29 -14.64
C LYS A 2 -5.74 9.48 -14.03
N PRO A 3 -4.59 9.45 -14.73
CA PRO A 3 -3.41 8.72 -14.27
C PRO A 3 -2.76 9.37 -13.05
N GLY A 4 -2.89 10.69 -12.95
CA GLY A 4 -2.31 11.40 -11.83
C GLY A 4 -3.35 11.84 -10.83
N ASP A 5 -4.18 10.90 -10.38
CA ASP A 5 -5.24 11.20 -9.41
C ASP A 5 -4.78 10.87 -7.99
N ILE A 6 -5.05 11.78 -7.06
CA ILE A 6 -4.66 11.58 -5.67
C ILE A 6 -5.89 11.51 -4.77
N PHE A 7 -5.94 10.49 -3.91
CA PHE A 7 -7.06 10.32 -3.00
C PHE A 7 -6.67 9.43 -1.82
N GLU A 8 -7.48 9.46 -0.78
CA GLU A 8 -7.22 8.65 0.41
C GLU A 8 -8.29 7.59 0.61
N VAL A 9 -8.22 6.88 1.73
CA VAL A 9 -9.20 5.83 2.03
C VAL A 9 -9.47 5.75 3.53
N GLU A 10 -10.72 5.97 3.91
CA GLU A 10 -11.11 5.92 5.32
C GLU A 10 -11.53 4.51 5.72
N LEU A 11 -10.56 3.60 5.76
CA LEU A 11 -10.83 2.21 6.13
C LEU A 11 -10.50 1.96 7.60
N ALA A 12 -11.31 1.14 8.25
CA ALA A 12 -11.10 0.82 9.66
C ALA A 12 -10.05 -0.28 9.81
N LYS A 13 -9.28 -0.21 10.89
CA LYS A 13 -8.24 -1.21 11.15
C LYS A 13 -8.84 -2.46 11.77
N ASN A 14 -8.27 -3.61 11.44
CA ASN A 14 -8.75 -4.89 11.96
C ASN A 14 -7.59 -5.85 12.18
N ASP A 15 -7.50 -6.39 13.40
CA ASP A 15 -6.44 -7.33 13.74
C ASP A 15 -5.07 -6.65 13.69
N ASN A 16 -5.07 -5.34 13.87
CA ASN A 16 -3.83 -4.57 13.85
C ASN A 16 -3.01 -4.91 12.61
N SER A 17 -3.68 -5.15 11.50
CA SER A 17 -3.02 -5.48 10.25
C SER A 17 -3.81 -4.97 9.05
N LEU A 18 -3.13 -4.21 8.19
CA LEU A 18 -3.77 -3.65 7.00
C LEU A 18 -4.36 -4.75 6.13
N GLY A 19 -3.70 -5.90 6.10
CA GLY A 19 -4.18 -7.01 5.30
C GLY A 19 -3.71 -6.94 3.87
N ILE A 20 -2.60 -6.23 3.65
CA ILE A 20 -2.05 -6.09 2.30
C ILE A 20 -0.60 -6.55 2.25
N SER A 21 -0.16 -7.00 1.09
CA SER A 21 1.21 -7.48 0.91
C SER A 21 1.85 -6.84 -0.32
N VAL A 22 2.73 -5.88 -0.08
CA VAL A 22 3.42 -5.19 -1.16
C VAL A 22 4.86 -5.67 -1.30
N THR A 23 5.41 -5.52 -2.50
CA THR A 23 6.79 -5.94 -2.75
C THR A 23 7.54 -4.89 -3.55
N GLY A 24 8.87 -5.00 -3.56
CA GLY A 24 9.69 -4.06 -4.30
C GLY A 24 10.18 -2.92 -3.42
N GLY A 25 11.40 -2.46 -3.68
CA GLY A 25 11.97 -1.38 -2.90
C GLY A 25 12.81 -0.44 -3.74
N VAL A 26 13.97 -0.05 -3.21
CA VAL A 26 14.87 0.85 -3.92
C VAL A 26 15.89 0.07 -4.74
N ASN A 27 15.43 -0.97 -5.41
CA ASN A 27 16.32 -1.80 -6.23
C ASN A 27 15.54 -2.45 -7.37
N THR A 28 16.18 -3.39 -8.05
CA THR A 28 15.57 -4.08 -9.18
C THR A 28 15.05 -5.46 -8.76
N SER A 29 14.63 -5.56 -7.50
CA SER A 29 14.12 -6.82 -6.97
C SER A 29 12.85 -7.24 -7.70
N VAL A 30 11.96 -6.28 -7.91
CA VAL A 30 10.69 -6.54 -8.59
C VAL A 30 10.58 -5.72 -9.86
N ARG A 31 9.49 -5.94 -10.60
CA ARG A 31 9.26 -5.21 -11.86
C ARG A 31 8.26 -4.08 -11.64
N HIS A 32 8.73 -2.99 -11.04
CA HIS A 32 7.87 -1.83 -10.78
C HIS A 32 8.66 -0.72 -10.10
N GLY A 33 7.95 0.28 -9.59
CA GLY A 33 8.59 1.39 -8.92
C GLY A 33 8.98 1.06 -7.49
N GLY A 34 9.33 2.09 -6.72
CA GLY A 34 9.73 1.88 -5.34
C GLY A 34 8.72 1.04 -4.57
N ILE A 35 7.47 1.06 -5.03
CA ILE A 35 6.41 0.30 -4.36
C ILE A 35 5.33 -0.12 -5.36
N TYR A 36 4.81 -1.32 -5.19
CA TYR A 36 3.77 -1.83 -6.08
C TYR A 36 2.95 -2.92 -5.39
N VAL A 37 1.64 -2.84 -5.52
CA VAL A 37 0.74 -3.82 -4.91
C VAL A 37 0.51 -5.01 -5.85
N LYS A 38 1.23 -6.10 -5.61
CA LYS A 38 1.10 -7.30 -6.42
C LYS A 38 -0.10 -8.12 -5.99
N ALA A 39 -0.36 -8.15 -4.69
CA ALA A 39 -1.49 -8.90 -4.15
C ALA A 39 -1.70 -8.57 -2.68
N VAL A 40 -2.85 -8.99 -2.14
CA VAL A 40 -3.18 -8.74 -0.74
C VAL A 40 -3.55 -10.04 -0.04
N ILE A 41 -3.07 -10.18 1.20
CA ILE A 41 -3.36 -11.38 1.99
C ILE A 41 -4.83 -11.45 2.38
N PRO A 42 -5.54 -12.45 1.84
CA PRO A 42 -6.96 -12.66 2.11
C PRO A 42 -7.21 -13.12 3.55
N GLN A 43 -6.80 -12.30 4.51
CA GLN A 43 -6.99 -12.62 5.92
C GLN A 43 -6.83 -11.38 6.79
N GLY A 44 -7.53 -10.32 6.43
CA GLY A 44 -7.46 -9.08 7.19
C GLY A 44 -8.41 -8.02 6.66
N ALA A 45 -8.06 -6.76 6.88
CA ALA A 45 -8.88 -5.65 6.43
C ALA A 45 -8.97 -5.62 4.91
N ALA A 46 -7.88 -6.00 4.24
CA ALA A 46 -7.84 -6.02 2.78
C ALA A 46 -8.41 -7.32 2.24
N GLU A 47 -9.67 -7.58 2.53
CA GLU A 47 -10.33 -8.80 2.06
C GLU A 47 -11.79 -8.82 2.48
N SER A 48 -12.04 -9.05 3.77
CA SER A 48 -13.40 -9.10 4.29
C SER A 48 -13.97 -7.69 4.47
N ASP A 49 -13.17 -6.81 5.05
CA ASP A 49 -13.59 -5.43 5.27
C ASP A 49 -13.62 -4.65 3.95
N GLY A 50 -12.76 -5.05 3.01
CA GLY A 50 -12.71 -4.38 1.73
C GLY A 50 -12.17 -2.97 1.83
N ARG A 51 -11.17 -2.65 1.02
CA ARG A 51 -10.57 -1.33 1.03
C ARG A 51 -9.86 -1.05 -0.29
N ILE A 52 -8.63 -1.55 -0.42
CA ILE A 52 -7.85 -1.36 -1.63
C ILE A 52 -7.70 -2.66 -2.40
N HIS A 53 -7.57 -2.55 -3.72
CA HIS A 53 -7.42 -3.72 -4.58
C HIS A 53 -6.11 -3.66 -5.37
N LYS A 54 -5.58 -4.81 -5.73
CA LYS A 54 -4.34 -4.89 -6.48
C LYS A 54 -4.36 -3.92 -7.65
N GLY A 55 -3.18 -3.41 -8.02
CA GLY A 55 -3.08 -2.47 -9.12
C GLY A 55 -3.03 -1.04 -8.67
N ASP A 56 -2.24 -0.78 -7.62
CA ASP A 56 -2.11 0.56 -7.09
C ASP A 56 -0.69 0.81 -6.59
N ARG A 57 -0.47 1.96 -5.97
CA ARG A 57 0.84 2.32 -5.46
C ARG A 57 0.72 3.16 -4.18
N VAL A 58 1.25 2.63 -3.08
CA VAL A 58 1.21 3.32 -1.80
C VAL A 58 2.25 4.42 -1.72
N LEU A 59 1.82 5.66 -1.89
CA LEU A 59 2.72 6.80 -1.83
C LEU A 59 2.98 7.23 -0.40
N ALA A 60 1.93 7.62 0.30
CA ALA A 60 2.05 8.04 1.69
C ALA A 60 1.25 7.13 2.62
N VAL A 61 1.70 7.01 3.87
CA VAL A 61 1.03 6.17 4.85
C VAL A 61 0.99 6.84 6.22
N ASN A 62 0.00 7.70 6.42
CA ASN A 62 -0.16 8.40 7.69
C ASN A 62 1.18 8.95 8.18
N GLY A 63 1.98 9.46 7.25
CA GLY A 63 3.28 10.01 7.59
C GLY A 63 4.42 9.23 6.97
N VAL A 64 4.19 7.94 6.73
CA VAL A 64 5.20 7.07 6.14
C VAL A 64 5.15 7.13 4.62
N SER A 65 6.07 7.87 4.03
CA SER A 65 6.13 8.01 2.57
C SER A 65 6.85 6.83 1.94
N LEU A 66 6.76 6.73 0.62
CA LEU A 66 7.40 5.63 -0.11
C LEU A 66 8.35 6.17 -1.18
N GLU A 67 8.81 7.41 -0.99
CA GLU A 67 9.72 8.03 -1.93
C GLU A 67 10.97 7.19 -2.13
N GLY A 68 11.80 7.12 -1.09
CA GLY A 68 13.02 6.34 -1.18
C GLY A 68 13.12 5.29 -0.08
N ALA A 69 11.95 4.82 0.38
CA ALA A 69 11.91 3.80 1.42
C ALA A 69 12.11 2.41 0.84
N THR A 70 12.75 1.54 1.62
CA THR A 70 13.00 0.17 1.19
C THR A 70 11.77 -0.71 1.37
N HIS A 71 11.74 -1.83 0.67
CA HIS A 71 10.62 -2.76 0.75
C HIS A 71 10.37 -3.18 2.20
N LYS A 72 11.44 -3.60 2.87
CA LYS A 72 11.34 -4.03 4.26
C LYS A 72 10.97 -2.86 5.17
N GLN A 73 11.38 -1.66 4.77
CA GLN A 73 11.09 -0.46 5.55
C GLN A 73 9.65 -0.02 5.35
N ALA A 74 9.09 -0.30 4.18
CA ALA A 74 7.71 0.07 3.88
C ALA A 74 6.73 -0.89 4.55
N VAL A 75 6.95 -2.19 4.35
CA VAL A 75 6.08 -3.20 4.94
C VAL A 75 5.88 -2.96 6.42
N GLU A 76 6.97 -3.00 7.18
CA GLU A 76 6.91 -2.78 8.62
C GLU A 76 6.11 -1.53 8.96
N THR A 77 6.61 -0.38 8.51
CA THR A 77 5.95 0.89 8.76
C THR A 77 4.46 0.81 8.44
N LEU A 78 4.13 0.02 7.43
CA LEU A 78 2.73 -0.15 7.03
C LEU A 78 1.98 -1.04 8.02
N ARG A 79 2.66 -2.07 8.51
CA ARG A 79 2.06 -2.99 9.47
C ARG A 79 1.92 -2.34 10.84
N ASN A 80 2.88 -1.47 11.17
CA ASN A 80 2.87 -0.77 12.46
C ASN A 80 2.16 0.58 12.34
N THR A 81 0.94 0.65 12.86
CA THR A 81 0.16 1.88 12.82
C THR A 81 -0.84 1.93 13.96
N GLY A 82 -1.48 3.09 14.13
CA GLY A 82 -2.46 3.25 15.19
C GLY A 82 -3.77 2.56 14.86
N GLN A 83 -4.78 2.76 15.72
CA GLN A 83 -6.09 2.16 15.53
C GLN A 83 -6.66 2.53 14.16
N VAL A 84 -6.21 3.66 13.62
CA VAL A 84 -6.67 4.13 12.33
C VAL A 84 -5.53 4.20 11.33
N VAL A 85 -5.86 4.42 10.06
CA VAL A 85 -4.86 4.50 9.00
C VAL A 85 -5.22 5.60 8.00
N HIS A 86 -4.22 6.36 7.59
CA HIS A 86 -4.43 7.44 6.62
C HIS A 86 -3.37 7.40 5.52
N LEU A 87 -3.47 6.41 4.66
CA LEU A 87 -2.51 6.25 3.56
C LEU A 87 -3.06 6.85 2.27
N LEU A 88 -2.20 7.52 1.51
CA LEU A 88 -2.61 8.14 0.25
C LEU A 88 -2.03 7.37 -0.93
N LEU A 89 -2.92 6.78 -1.74
CA LEU A 89 -2.49 6.02 -2.91
C LEU A 89 -2.73 6.82 -4.18
N GLU A 90 -2.09 6.39 -5.27
CA GLU A 90 -2.24 7.06 -6.55
C GLU A 90 -2.93 6.16 -7.57
N LYS A 91 -2.90 6.56 -8.84
CA LYS A 91 -3.52 5.79 -9.91
C LYS A 91 -2.47 5.01 -10.70
N GLY A 92 -2.00 3.91 -10.12
CA GLY A 92 -1.00 3.08 -10.78
C GLY A 92 -1.39 2.74 -12.21
N GLN A 93 -0.75 3.41 -13.16
CA GLN A 93 -1.03 3.18 -14.58
C GLN A 93 -0.67 1.75 -14.97
N SER A 94 0.43 1.26 -14.41
CA SER A 94 0.89 -0.10 -14.71
C SER A 94 1.26 -0.24 -16.18
N PRO A 95 2.06 -1.27 -16.49
CA PRO A 95 2.50 -1.53 -17.87
C PRO A 95 1.36 -2.02 -18.77
N THR A 96 1.71 -2.45 -19.97
CA THR A 96 0.72 -2.93 -20.93
C THR A 96 0.65 -4.44 -20.94
N PRO A 1 -12.41 7.06 -12.31
CA PRO A 1 -11.13 7.73 -12.02
C PRO A 1 -10.15 7.65 -13.18
N LYS A 2 -9.26 8.62 -13.27
CA LYS A 2 -8.26 8.65 -14.33
C LYS A 2 -6.90 8.22 -13.81
N PRO A 3 -6.01 7.83 -14.73
CA PRO A 3 -4.65 7.38 -14.39
C PRO A 3 -3.77 8.53 -13.90
N GLY A 4 -3.28 8.41 -12.67
CA GLY A 4 -2.43 9.44 -12.10
C GLY A 4 -3.08 10.12 -10.90
N ASP A 5 -4.39 10.25 -10.93
CA ASP A 5 -5.12 10.88 -9.84
C ASP A 5 -4.74 10.26 -8.50
N ILE A 6 -4.48 11.11 -7.51
CA ILE A 6 -4.09 10.65 -6.19
C ILE A 6 -5.16 11.03 -5.15
N PHE A 7 -5.51 10.06 -4.30
CA PHE A 7 -6.51 10.29 -3.27
C PHE A 7 -6.16 9.53 -1.99
N GLU A 8 -6.56 10.07 -0.85
CA GLU A 8 -6.29 9.43 0.43
C GLU A 8 -7.47 8.60 0.90
N VAL A 9 -7.19 7.39 1.39
CA VAL A 9 -8.23 6.48 1.85
C VAL A 9 -7.99 6.09 3.30
N GLU A 10 -8.98 6.35 4.15
CA GLU A 10 -8.87 6.02 5.57
C GLU A 10 -9.43 4.62 5.83
N LEU A 11 -8.75 3.88 6.71
CA LEU A 11 -9.18 2.53 7.06
C LEU A 11 -8.94 2.24 8.54
N ALA A 12 -9.79 1.40 9.12
CA ALA A 12 -9.68 1.04 10.53
C ALA A 12 -9.29 -0.42 10.69
N LYS A 13 -8.06 -0.65 11.12
CA LYS A 13 -7.55 -2.00 11.33
C LYS A 13 -8.54 -2.83 12.14
N ASN A 14 -9.01 -3.93 11.55
CA ASN A 14 -9.96 -4.81 12.22
C ASN A 14 -9.25 -6.03 12.81
N ASP A 15 -8.20 -6.48 12.13
CA ASP A 15 -7.43 -7.64 12.59
C ASP A 15 -5.98 -7.26 12.83
N ASN A 16 -5.75 -5.99 13.15
CA ASN A 16 -4.39 -5.51 13.41
C ASN A 16 -3.44 -5.96 12.30
N SER A 17 -3.96 -6.05 11.08
CA SER A 17 -3.16 -6.47 9.93
C SER A 17 -3.66 -5.81 8.65
N LEU A 18 -2.76 -5.10 7.97
CA LEU A 18 -3.11 -4.41 6.74
C LEU A 18 -3.67 -5.39 5.71
N GLY A 19 -3.06 -6.58 5.64
CA GLY A 19 -3.50 -7.58 4.69
C GLY A 19 -3.21 -7.20 3.26
N ILE A 20 -1.94 -6.91 2.97
CA ILE A 20 -1.54 -6.52 1.63
C ILE A 20 -0.04 -6.78 1.43
N SER A 21 0.28 -7.63 0.46
CA SER A 21 1.67 -7.95 0.16
C SER A 21 2.23 -7.03 -0.92
N VAL A 22 3.07 -6.09 -0.52
CA VAL A 22 3.67 -5.15 -1.44
C VAL A 22 5.15 -5.43 -1.65
N THR A 23 5.68 -5.00 -2.79
CA THR A 23 7.09 -5.22 -3.10
C THR A 23 7.60 -4.16 -4.08
N GLY A 24 8.92 -4.07 -4.20
CA GLY A 24 9.51 -3.09 -5.11
C GLY A 24 10.18 -1.94 -4.37
N GLY A 25 11.31 -2.24 -3.73
CA GLY A 25 12.03 -1.21 -2.99
C GLY A 25 13.26 -0.73 -3.72
N VAL A 26 13.82 0.39 -3.27
CA VAL A 26 15.01 0.95 -3.89
C VAL A 26 16.25 0.15 -3.53
N ASN A 27 16.13 -0.66 -2.47
CA ASN A 27 17.24 -1.49 -2.02
C ASN A 27 17.07 -2.93 -2.47
N THR A 28 16.56 -3.11 -3.69
CA THR A 28 16.33 -4.43 -4.24
C THR A 28 16.55 -4.44 -5.76
N SER A 29 16.42 -5.61 -6.36
CA SER A 29 16.61 -5.76 -7.80
C SER A 29 15.27 -5.63 -8.54
N VAL A 30 14.39 -4.80 -8.01
CA VAL A 30 13.08 -4.59 -8.62
C VAL A 30 13.12 -3.50 -9.67
N ARG A 31 11.95 -3.10 -10.16
CA ARG A 31 11.86 -2.06 -11.18
C ARG A 31 12.50 -0.77 -10.68
N HIS A 32 12.14 -0.36 -9.46
CA HIS A 32 12.67 0.86 -8.87
C HIS A 32 12.26 0.98 -7.40
N GLY A 33 12.38 2.18 -6.86
CA GLY A 33 12.02 2.42 -5.47
C GLY A 33 10.53 2.51 -5.27
N GLY A 34 9.77 2.38 -6.35
CA GLY A 34 8.32 2.46 -6.27
C GLY A 34 7.70 1.18 -5.77
N ILE A 35 6.75 1.29 -4.86
CA ILE A 35 6.07 0.13 -4.29
C ILE A 35 4.67 -0.02 -4.88
N TYR A 36 4.32 -1.26 -5.24
CA TYR A 36 3.01 -1.55 -5.81
C TYR A 36 2.44 -2.84 -5.26
N VAL A 37 1.16 -2.81 -4.88
CA VAL A 37 0.50 -3.98 -4.33
C VAL A 37 0.78 -5.22 -5.17
N LYS A 38 0.90 -6.37 -4.50
CA LYS A 38 1.16 -7.62 -5.19
C LYS A 38 0.04 -8.63 -4.93
N ALA A 39 -0.56 -8.55 -3.75
CA ALA A 39 -1.66 -9.44 -3.38
C ALA A 39 -2.54 -8.82 -2.31
N VAL A 40 -3.71 -9.41 -2.09
CA VAL A 40 -4.65 -8.92 -1.09
C VAL A 40 -4.99 -10.00 -0.08
N ILE A 41 -4.20 -10.10 0.98
CA ILE A 41 -4.42 -11.10 2.01
C ILE A 41 -5.87 -11.08 2.49
N PRO A 42 -6.62 -12.13 2.12
CA PRO A 42 -8.04 -12.26 2.50
C PRO A 42 -8.21 -12.54 3.98
N GLN A 43 -7.18 -13.08 4.61
CA GLN A 43 -7.23 -13.40 6.03
C GLN A 43 -6.75 -12.21 6.86
N GLY A 44 -7.26 -11.03 6.55
CA GLY A 44 -6.88 -9.84 7.28
C GLY A 44 -7.84 -8.68 7.07
N ALA A 45 -7.42 -7.48 7.44
CA ALA A 45 -8.25 -6.30 7.28
C ALA A 45 -7.90 -5.53 6.01
N ALA A 46 -8.35 -6.05 4.87
CA ALA A 46 -8.08 -5.42 3.59
C ALA A 46 -9.10 -5.85 2.54
N GLU A 47 -9.09 -7.13 2.20
CA GLU A 47 -10.02 -7.67 1.21
C GLU A 47 -11.44 -7.63 1.73
N SER A 48 -11.66 -8.20 2.91
CA SER A 48 -12.99 -8.23 3.51
C SER A 48 -13.50 -6.82 3.78
N ASP A 49 -12.75 -6.06 4.56
CA ASP A 49 -13.13 -4.70 4.89
C ASP A 49 -13.20 -3.83 3.64
N GLY A 50 -12.36 -4.15 2.66
CA GLY A 50 -12.33 -3.39 1.42
C GLY A 50 -11.44 -2.17 1.50
N ARG A 51 -11.91 -1.06 0.93
CA ARG A 51 -11.15 0.17 0.94
C ARG A 51 -9.95 0.08 -0.01
N ILE A 52 -8.97 -0.74 0.35
CA ILE A 52 -7.78 -0.92 -0.46
C ILE A 52 -7.93 -2.10 -1.41
N HIS A 53 -7.42 -1.94 -2.63
CA HIS A 53 -7.51 -2.99 -3.64
C HIS A 53 -6.18 -3.15 -4.37
N LYS A 54 -6.07 -4.21 -5.16
CA LYS A 54 -4.85 -4.48 -5.90
C LYS A 54 -4.71 -3.52 -7.08
N GLY A 55 -3.50 -3.41 -7.63
CA GLY A 55 -3.26 -2.52 -8.75
C GLY A 55 -3.07 -1.09 -8.30
N ASP A 56 -2.39 -0.90 -7.19
CA ASP A 56 -2.14 0.45 -6.66
C ASP A 56 -0.78 0.52 -5.99
N ARG A 57 -0.30 1.74 -5.75
CA ARG A 57 0.99 1.94 -5.12
C ARG A 57 0.82 2.30 -3.65
N VAL A 58 1.81 1.96 -2.84
CA VAL A 58 1.77 2.25 -1.41
C VAL A 58 2.46 3.58 -1.09
N LEU A 59 1.67 4.65 -1.07
CA LEU A 59 2.20 5.97 -0.79
C LEU A 59 2.25 6.23 0.71
N ALA A 60 2.54 7.48 1.09
CA ALA A 60 2.61 7.86 2.49
C ALA A 60 1.46 7.25 3.29
N VAL A 61 1.71 6.09 3.89
CA VAL A 61 0.68 5.41 4.68
C VAL A 61 0.61 5.99 6.09
N ASN A 62 0.46 7.31 6.18
CA ASN A 62 0.38 7.98 7.47
C ASN A 62 1.75 8.11 8.11
N GLY A 63 2.63 8.88 7.46
CA GLY A 63 3.97 9.07 7.98
C GLY A 63 5.02 8.34 7.16
N VAL A 64 4.68 7.14 6.70
CA VAL A 64 5.60 6.34 5.90
C VAL A 64 5.56 6.76 4.43
N SER A 65 6.10 7.93 4.13
CA SER A 65 6.12 8.45 2.77
C SER A 65 6.80 7.46 1.83
N LEU A 66 6.39 7.49 0.56
CA LEU A 66 6.96 6.59 -0.44
C LEU A 66 8.11 7.26 -1.18
N GLU A 67 8.26 8.56 -0.99
CA GLU A 67 9.33 9.32 -1.63
C GLU A 67 10.62 8.50 -1.67
N GLY A 68 10.92 7.83 -0.56
CA GLY A 68 12.13 7.03 -0.49
C GLY A 68 11.97 5.83 0.43
N ALA A 69 10.76 5.28 0.47
CA ALA A 69 10.49 4.13 1.32
C ALA A 69 11.09 2.85 0.72
N THR A 70 11.83 2.12 1.55
CA THR A 70 12.47 0.89 1.10
C THR A 70 11.48 -0.27 1.09
N HIS A 71 11.85 -1.36 0.42
CA HIS A 71 10.99 -2.53 0.34
C HIS A 71 10.56 -3.00 1.72
N LYS A 72 11.43 -2.80 2.70
CA LYS A 72 11.15 -3.19 4.07
C LYS A 72 10.23 -2.19 4.76
N GLN A 73 10.29 -0.94 4.31
CA GLN A 73 9.45 0.12 4.87
C GLN A 73 7.98 -0.12 4.55
N ALA A 74 7.69 -0.39 3.27
CA ALA A 74 6.32 -0.64 2.84
C ALA A 74 5.83 -2.01 3.31
N VAL A 75 6.71 -2.74 3.99
CA VAL A 75 6.37 -4.06 4.50
C VAL A 75 6.15 -4.03 6.01
N GLU A 76 7.16 -3.57 6.75
CA GLU A 76 7.07 -3.49 8.20
C GLU A 76 6.29 -2.25 8.63
N THR A 77 6.81 -1.07 8.25
CA THR A 77 6.17 0.19 8.59
C THR A 77 4.69 0.18 8.21
N LEU A 78 4.36 -0.59 7.18
CA LEU A 78 2.98 -0.69 6.71
C LEU A 78 2.13 -1.50 7.68
N ARG A 79 2.73 -2.52 8.28
CA ARG A 79 2.03 -3.37 9.23
C ARG A 79 1.90 -2.69 10.58
N ASN A 80 2.88 -1.85 10.91
CA ASN A 80 2.88 -1.13 12.18
C ASN A 80 2.41 0.31 11.99
N THR A 81 1.21 0.60 12.49
CA THR A 81 0.64 1.93 12.37
C THR A 81 -0.28 2.25 13.55
N GLY A 82 -0.63 3.52 13.70
CA GLY A 82 -1.50 3.92 14.79
C GLY A 82 -2.85 3.24 14.73
N GLN A 83 -3.78 3.70 15.57
CA GLN A 83 -5.11 3.12 15.62
C GLN A 83 -5.83 3.28 14.27
N VAL A 84 -5.44 4.32 13.53
CA VAL A 84 -6.04 4.58 12.23
C VAL A 84 -5.05 4.30 11.10
N VAL A 85 -5.55 4.32 9.87
CA VAL A 85 -4.71 4.06 8.71
C VAL A 85 -5.00 5.06 7.59
N HIS A 86 -3.96 5.76 7.15
CA HIS A 86 -4.10 6.75 6.09
C HIS A 86 -3.15 6.45 4.94
N LEU A 87 -3.67 5.81 3.90
CA LEU A 87 -2.87 5.46 2.74
C LEU A 87 -3.31 6.26 1.52
N LEU A 88 -2.37 6.48 0.59
CA LEU A 88 -2.65 7.23 -0.62
C LEU A 88 -2.56 6.33 -1.85
N LEU A 89 -3.59 6.37 -2.69
CA LEU A 89 -3.63 5.56 -3.90
C LEU A 89 -3.25 6.39 -5.12
N GLU A 90 -2.19 5.99 -5.81
CA GLU A 90 -1.73 6.70 -6.99
C GLU A 90 -2.29 6.06 -8.26
N LYS A 91 -3.41 5.35 -8.11
CA LYS A 91 -4.05 4.69 -9.23
C LYS A 91 -3.03 3.94 -10.08
N GLY A 92 -2.74 2.70 -9.70
CA GLY A 92 -1.79 1.90 -10.43
C GLY A 92 -2.10 1.84 -11.92
N GLN A 93 -1.09 2.14 -12.74
CA GLN A 93 -1.28 2.12 -14.19
C GLN A 93 -1.61 0.71 -14.68
N SER A 94 -2.07 0.62 -15.93
CA SER A 94 -2.42 -0.67 -16.51
C SER A 94 -1.18 -1.50 -16.78
N PRO A 95 -1.37 -2.82 -16.94
CA PRO A 95 -0.27 -3.75 -17.22
C PRO A 95 0.31 -3.58 -18.61
N THR A 96 1.30 -4.40 -18.94
CA THR A 96 1.94 -4.34 -20.25
C THR A 96 2.48 -5.70 -20.67
N PRO A 1 -11.23 6.82 -14.07
CA PRO A 1 -10.11 7.54 -13.46
C PRO A 1 -8.86 7.51 -14.33
N LYS A 2 -8.12 8.62 -14.34
CA LYS A 2 -6.90 8.72 -15.12
C LYS A 2 -5.70 8.22 -14.32
N PRO A 3 -4.65 7.77 -15.05
CA PRO A 3 -3.42 7.26 -14.43
C PRO A 3 -2.62 8.37 -13.76
N GLY A 4 -1.75 7.99 -12.82
CA GLY A 4 -0.93 8.97 -12.13
C GLY A 4 -1.75 10.04 -11.44
N ASP A 5 -2.78 9.62 -10.72
CA ASP A 5 -3.65 10.56 -10.01
C ASP A 5 -3.22 10.71 -8.56
N ILE A 6 -2.84 9.59 -7.94
CA ILE A 6 -2.41 9.59 -6.55
C ILE A 6 -3.56 9.97 -5.62
N PHE A 7 -3.78 9.14 -4.61
CA PHE A 7 -4.86 9.39 -3.64
C PHE A 7 -4.58 8.65 -2.33
N GLU A 8 -5.37 8.96 -1.32
CA GLU A 8 -5.22 8.34 -0.01
C GLU A 8 -6.51 7.63 0.42
N VAL A 9 -6.39 6.72 1.38
CA VAL A 9 -7.55 5.98 1.86
C VAL A 9 -7.53 5.89 3.39
N GLU A 10 -8.52 6.51 4.03
CA GLU A 10 -8.62 6.50 5.48
C GLU A 10 -9.63 5.45 5.94
N LEU A 11 -9.13 4.37 6.53
CA LEU A 11 -9.99 3.30 7.02
C LEU A 11 -9.73 3.03 8.50
N ALA A 12 -10.65 2.31 9.14
CA ALA A 12 -10.52 1.98 10.56
C ALA A 12 -9.74 0.68 10.75
N LYS A 13 -9.00 0.60 11.85
CA LYS A 13 -8.21 -0.59 12.14
C LYS A 13 -9.10 -1.73 12.63
N ASN A 14 -8.83 -2.94 12.15
CA ASN A 14 -9.61 -4.11 12.54
C ASN A 14 -8.70 -5.32 12.75
N ASP A 15 -8.86 -5.99 13.88
CA ASP A 15 -8.05 -7.16 14.20
C ASP A 15 -6.57 -6.86 14.04
N ASN A 16 -6.21 -5.60 14.21
CA ASN A 16 -4.82 -5.18 14.09
C ASN A 16 -4.18 -5.77 12.83
N SER A 17 -4.94 -5.80 11.75
CA SER A 17 -4.45 -6.35 10.49
C SER A 17 -4.86 -5.45 9.31
N LEU A 18 -3.87 -4.81 8.70
CA LEU A 18 -4.13 -3.92 7.57
C LEU A 18 -4.95 -4.64 6.50
N GLY A 19 -4.69 -5.93 6.33
CA GLY A 19 -5.41 -6.70 5.34
C GLY A 19 -4.83 -6.56 3.95
N ILE A 20 -3.56 -6.19 3.88
CA ILE A 20 -2.89 -6.02 2.59
C ILE A 20 -1.53 -6.70 2.59
N SER A 21 -1.06 -7.09 1.39
CA SER A 21 0.22 -7.75 1.25
C SER A 21 1.10 -7.01 0.26
N VAL A 22 2.26 -6.56 0.74
CA VAL A 22 3.20 -5.83 -0.11
C VAL A 22 4.28 -6.75 -0.65
N THR A 23 4.87 -6.38 -1.78
CA THR A 23 5.91 -7.17 -2.41
C THR A 23 7.04 -6.28 -2.93
N GLY A 24 8.25 -6.85 -3.01
CA GLY A 24 9.38 -6.10 -3.50
C GLY A 24 9.77 -4.97 -2.56
N GLY A 25 10.80 -4.22 -2.95
CA GLY A 25 11.26 -3.12 -2.12
C GLY A 25 11.22 -1.78 -2.86
N VAL A 26 12.37 -1.34 -3.34
CA VAL A 26 12.47 -0.08 -4.07
C VAL A 26 13.62 -0.10 -5.07
N ASN A 27 13.70 0.94 -5.89
CA ASN A 27 14.75 1.04 -6.90
C ASN A 27 14.86 2.47 -7.42
N THR A 28 15.91 2.72 -8.19
CA THR A 28 16.15 4.05 -8.75
C THR A 28 15.54 4.16 -10.15
N SER A 29 14.47 3.41 -10.40
CA SER A 29 13.80 3.43 -11.70
C SER A 29 12.94 4.68 -11.85
N VAL A 30 12.09 4.93 -10.87
CA VAL A 30 11.21 6.09 -10.89
C VAL A 30 10.83 6.53 -9.48
N ARG A 31 10.39 7.78 -9.35
CA ARG A 31 9.99 8.32 -8.06
C ARG A 31 8.61 7.82 -7.66
N HIS A 32 7.74 7.66 -8.65
CA HIS A 32 6.39 7.18 -8.41
C HIS A 32 6.29 5.68 -8.60
N GLY A 33 7.36 4.96 -8.25
CA GLY A 33 7.38 3.53 -8.39
C GLY A 33 8.41 2.87 -7.49
N GLY A 34 8.70 1.60 -7.76
CA GLY A 34 9.68 0.88 -6.97
C GLY A 34 9.04 -0.14 -6.04
N ILE A 35 7.74 -0.01 -5.84
CA ILE A 35 7.00 -0.91 -4.96
C ILE A 35 5.57 -1.10 -5.44
N TYR A 36 5.09 -2.34 -5.41
CA TYR A 36 3.73 -2.65 -5.84
C TYR A 36 3.15 -3.79 -5.02
N VAL A 37 1.87 -4.08 -5.25
CA VAL A 37 1.19 -5.15 -4.53
C VAL A 37 0.80 -6.28 -5.48
N LYS A 38 1.14 -7.52 -5.07
CA LYS A 38 0.83 -8.68 -5.89
C LYS A 38 -0.62 -9.11 -5.68
N ALA A 39 -0.99 -9.33 -4.42
CA ALA A 39 -2.36 -9.74 -4.10
C ALA A 39 -2.71 -9.37 -2.66
N VAL A 40 -4.00 -9.16 -2.41
CA VAL A 40 -4.48 -8.79 -1.08
C VAL A 40 -4.91 -10.02 -0.29
N ILE A 41 -4.63 -10.01 1.00
CA ILE A 41 -5.00 -11.13 1.87
C ILE A 41 -6.44 -11.00 2.34
N PRO A 42 -7.31 -11.90 1.87
CA PRO A 42 -8.73 -11.91 2.23
C PRO A 42 -8.95 -12.33 3.68
N GLN A 43 -8.41 -11.55 4.61
CA GLN A 43 -8.55 -11.83 6.03
C GLN A 43 -8.16 -10.62 6.87
N GLY A 44 -8.76 -9.47 6.56
CA GLY A 44 -8.46 -8.26 7.30
C GLY A 44 -9.34 -7.09 6.89
N ALA A 45 -8.97 -5.89 7.30
CA ALA A 45 -9.74 -4.70 6.97
C ALA A 45 -9.76 -4.46 5.47
N ALA A 46 -8.62 -4.69 4.82
CA ALA A 46 -8.50 -4.50 3.38
C ALA A 46 -9.11 -5.68 2.62
N GLU A 47 -10.39 -5.93 2.86
CA GLU A 47 -11.09 -7.02 2.19
C GLU A 47 -12.59 -6.92 2.42
N SER A 48 -13.01 -7.12 3.67
CA SER A 48 -14.42 -7.07 4.02
C SER A 48 -14.95 -5.64 3.89
N ASP A 49 -14.07 -4.66 4.11
CA ASP A 49 -14.45 -3.26 4.02
C ASP A 49 -14.23 -2.73 2.60
N GLY A 50 -13.19 -3.23 1.94
CA GLY A 50 -12.89 -2.79 0.60
C GLY A 50 -12.26 -1.42 0.56
N ARG A 51 -11.07 -1.30 1.14
CA ARG A 51 -10.37 -0.02 1.18
C ARG A 51 -9.43 0.12 -0.01
N ILE A 52 -8.80 -0.98 -0.40
CA ILE A 52 -7.88 -0.98 -1.54
C ILE A 52 -8.07 -2.23 -2.39
N HIS A 53 -7.96 -2.06 -3.70
CA HIS A 53 -8.12 -3.18 -4.63
C HIS A 53 -6.77 -3.58 -5.22
N LYS A 54 -6.61 -4.86 -5.52
CA LYS A 54 -5.38 -5.38 -6.09
C LYS A 54 -4.88 -4.48 -7.21
N GLY A 55 -3.58 -4.20 -7.21
CA GLY A 55 -3.00 -3.34 -8.23
C GLY A 55 -2.31 -2.13 -7.64
N ASP A 56 -2.82 -1.63 -6.52
CA ASP A 56 -2.24 -0.46 -5.87
C ASP A 56 -0.72 -0.58 -5.79
N ARG A 57 -0.03 0.54 -5.97
CA ARG A 57 1.42 0.56 -5.92
C ARG A 57 1.92 0.80 -4.51
N VAL A 58 1.12 1.54 -3.73
CA VAL A 58 1.48 1.85 -2.35
C VAL A 58 2.68 2.78 -2.29
N LEU A 59 2.41 4.08 -2.21
CA LEU A 59 3.47 5.09 -2.16
C LEU A 59 3.76 5.47 -0.71
N ALA A 60 2.78 6.11 -0.06
CA ALA A 60 2.93 6.53 1.33
C ALA A 60 2.10 5.65 2.27
N VAL A 61 2.54 5.55 3.51
CA VAL A 61 1.84 4.75 4.50
C VAL A 61 2.03 5.31 5.91
N ASN A 62 1.09 6.12 6.36
CA ASN A 62 1.16 6.73 7.68
C ASN A 62 2.42 7.59 7.82
N GLY A 63 2.79 8.26 6.74
CA GLY A 63 3.97 9.10 6.76
C GLY A 63 5.23 8.35 6.40
N VAL A 64 5.09 7.05 6.17
CA VAL A 64 6.24 6.21 5.81
C VAL A 64 6.30 6.00 4.30
N SER A 65 6.83 6.99 3.59
CA SER A 65 6.95 6.91 2.14
C SER A 65 7.69 5.65 1.72
N LEU A 66 7.50 5.25 0.47
CA LEU A 66 8.15 4.05 -0.06
C LEU A 66 9.26 4.41 -1.04
N GLU A 67 9.80 5.61 -0.89
CA GLU A 67 10.87 6.08 -1.76
C GLU A 67 12.08 5.16 -1.68
N GLY A 68 12.75 5.16 -0.53
CA GLY A 68 13.92 4.32 -0.36
C GLY A 68 13.70 3.23 0.67
N ALA A 69 12.42 2.94 0.95
CA ALA A 69 12.08 1.91 1.92
C ALA A 69 12.40 0.52 1.38
N THR A 70 12.83 -0.37 2.28
CA THR A 70 13.19 -1.73 1.89
C THR A 70 11.99 -2.66 2.04
N HIS A 71 12.07 -3.83 1.39
CA HIS A 71 11.00 -4.81 1.45
C HIS A 71 10.55 -5.04 2.89
N LYS A 72 11.47 -5.46 3.73
CA LYS A 72 11.18 -5.72 5.14
C LYS A 72 10.59 -4.48 5.81
N GLN A 73 10.98 -3.31 5.31
CA GLN A 73 10.49 -2.04 5.86
C GLN A 73 9.03 -1.84 5.51
N ALA A 74 8.65 -2.20 4.29
CA ALA A 74 7.27 -2.06 3.83
C ALA A 74 6.31 -2.82 4.73
N VAL A 75 6.42 -4.15 4.71
CA VAL A 75 5.56 -5.00 5.51
C VAL A 75 5.51 -4.52 6.96
N GLU A 76 6.68 -4.33 7.55
CA GLU A 76 6.78 -3.87 8.93
C GLU A 76 6.12 -2.50 9.10
N THR A 77 6.17 -1.69 8.05
CA THR A 77 5.57 -0.36 8.07
C THR A 77 4.05 -0.44 8.10
N LEU A 78 3.51 -1.48 7.48
CA LEU A 78 2.07 -1.68 7.44
C LEU A 78 1.53 -2.11 8.80
N ARG A 79 2.21 -3.06 9.43
CA ARG A 79 1.82 -3.57 10.73
C ARG A 79 2.00 -2.50 11.81
N ASN A 80 3.13 -1.81 11.76
CA ASN A 80 3.44 -0.77 12.73
C ASN A 80 2.66 0.50 12.42
N THR A 81 1.33 0.41 12.50
CA THR A 81 0.47 1.55 12.23
C THR A 81 -0.35 1.93 13.46
N GLY A 82 -1.06 3.05 13.38
CA GLY A 82 -1.87 3.49 14.50
C GLY A 82 -3.33 3.08 14.36
N GLN A 83 -4.18 3.63 15.21
CA GLN A 83 -5.61 3.32 15.18
C GLN A 83 -6.16 3.46 13.77
N VAL A 84 -5.59 4.38 13.00
CA VAL A 84 -6.03 4.62 11.63
C VAL A 84 -4.87 4.52 10.66
N VAL A 85 -5.12 3.90 9.51
CA VAL A 85 -4.08 3.75 8.48
C VAL A 85 -4.44 4.52 7.22
N HIS A 86 -3.84 5.70 7.05
CA HIS A 86 -4.10 6.53 5.89
C HIS A 86 -2.93 6.50 4.92
N LEU A 87 -2.83 5.42 4.14
CA LEU A 87 -1.75 5.26 3.18
C LEU A 87 -2.18 5.77 1.80
N LEU A 88 -1.21 6.30 1.05
CA LEU A 88 -1.48 6.82 -0.29
C LEU A 88 -1.12 5.79 -1.35
N LEU A 89 -1.93 5.73 -2.41
CA LEU A 89 -1.69 4.79 -3.49
C LEU A 89 -1.68 5.51 -4.84
N GLU A 90 -1.16 4.83 -5.86
CA GLU A 90 -1.09 5.41 -7.19
C GLU A 90 -1.64 4.44 -8.24
N LYS A 91 -2.62 4.89 -9.00
CA LYS A 91 -3.24 4.07 -10.04
C LYS A 91 -2.17 3.43 -10.92
N GLY A 92 -2.01 2.11 -10.79
CA GLY A 92 -1.03 1.40 -11.59
C GLY A 92 -1.34 1.44 -13.07
N GLN A 93 -0.81 0.47 -13.81
CA GLN A 93 -1.04 0.41 -15.25
C GLN A 93 -1.68 -0.92 -15.63
N SER A 94 -1.76 -1.19 -16.93
CA SER A 94 -2.35 -2.42 -17.43
C SER A 94 -1.32 -3.53 -17.52
N PRO A 95 -1.80 -4.78 -17.57
CA PRO A 95 -0.93 -5.96 -17.65
C PRO A 95 -0.23 -6.08 -19.00
N THR A 96 0.97 -6.65 -19.00
CA THR A 96 1.75 -6.81 -20.22
C THR A 96 1.77 -8.28 -20.66
N PRO A 1 -10.72 5.58 -12.67
CA PRO A 1 -9.50 6.31 -12.34
C PRO A 1 -8.50 6.33 -13.50
N LYS A 2 -7.67 7.37 -13.54
CA LYS A 2 -6.67 7.50 -14.59
C LYS A 2 -5.29 7.05 -14.10
N PRO A 3 -4.40 6.75 -15.04
CA PRO A 3 -3.04 6.30 -14.73
C PRO A 3 -2.18 7.42 -14.15
N GLY A 4 -1.64 7.19 -12.96
CA GLY A 4 -0.81 8.18 -12.30
C GLY A 4 -1.57 8.99 -11.26
N ASP A 5 -2.89 9.07 -11.44
CA ASP A 5 -3.73 9.82 -10.51
C ASP A 5 -3.38 9.48 -9.07
N ILE A 6 -3.42 10.49 -8.21
CA ILE A 6 -3.11 10.29 -6.80
C ILE A 6 -4.37 10.38 -5.94
N PHE A 7 -4.47 9.50 -4.94
CA PHE A 7 -5.62 9.48 -4.05
C PHE A 7 -5.26 8.78 -2.74
N GLU A 8 -5.75 9.35 -1.64
CA GLU A 8 -5.49 8.79 -0.31
C GLU A 8 -6.68 7.95 0.16
N VAL A 9 -6.37 6.88 0.89
CA VAL A 9 -7.40 5.99 1.41
C VAL A 9 -7.17 5.69 2.89
N GLU A 10 -8.05 6.21 3.74
CA GLU A 10 -7.94 5.99 5.17
C GLU A 10 -8.86 4.84 5.62
N LEU A 11 -8.32 3.97 6.46
CA LEU A 11 -9.09 2.84 6.97
C LEU A 11 -8.72 2.53 8.41
N ALA A 12 -9.70 2.04 9.18
CA ALA A 12 -9.48 1.70 10.58
C ALA A 12 -9.12 0.23 10.74
N LYS A 13 -7.93 -0.02 11.28
CA LYS A 13 -7.46 -1.39 11.48
C LYS A 13 -8.53 -2.23 12.17
N ASN A 14 -8.69 -3.47 11.69
CA ASN A 14 -9.68 -4.38 12.26
C ASN A 14 -9.01 -5.44 13.12
N ASP A 15 -8.29 -6.36 12.48
CA ASP A 15 -7.60 -7.42 13.19
C ASP A 15 -6.12 -7.10 13.35
N ASN A 16 -5.83 -5.84 13.67
CA ASN A 16 -4.45 -5.39 13.85
C ASN A 16 -3.63 -5.61 12.58
N SER A 17 -4.30 -5.54 11.43
CA SER A 17 -3.64 -5.73 10.15
C SER A 17 -4.36 -4.97 9.04
N LEU A 18 -3.63 -4.08 8.38
CA LEU A 18 -4.21 -3.28 7.29
C LEU A 18 -4.81 -4.17 6.22
N GLY A 19 -4.17 -5.30 5.96
CA GLY A 19 -4.67 -6.23 4.95
C GLY A 19 -4.15 -5.90 3.56
N ILE A 20 -2.84 -5.73 3.45
CA ILE A 20 -2.21 -5.42 2.16
C ILE A 20 -0.83 -6.05 2.05
N SER A 21 -0.69 -6.98 1.12
CA SER A 21 0.57 -7.67 0.91
C SER A 21 1.43 -6.92 -0.12
N VAL A 22 2.45 -6.21 0.38
CA VAL A 22 3.35 -5.45 -0.48
C VAL A 22 4.54 -6.28 -0.90
N THR A 23 5.16 -5.90 -2.00
CA THR A 23 6.33 -6.62 -2.52
C THR A 23 7.42 -5.66 -2.98
N GLY A 24 8.65 -5.94 -2.61
CA GLY A 24 9.76 -5.08 -2.99
C GLY A 24 10.77 -5.80 -3.88
N GLY A 25 11.99 -5.96 -3.38
CA GLY A 25 13.02 -6.63 -4.15
C GLY A 25 13.82 -5.67 -5.02
N VAL A 26 13.11 -4.79 -5.71
CA VAL A 26 13.76 -3.80 -6.57
C VAL A 26 14.71 -2.91 -5.78
N ASN A 27 14.53 -2.88 -4.46
CA ASN A 27 15.37 -2.07 -3.59
C ASN A 27 15.11 -0.59 -3.83
N THR A 28 13.85 -0.23 -4.04
CA THR A 28 13.47 1.15 -4.28
C THR A 28 14.34 1.78 -5.37
N SER A 29 14.69 0.98 -6.37
CA SER A 29 15.53 1.46 -7.47
C SER A 29 14.96 2.74 -8.06
N VAL A 30 13.78 2.66 -8.63
CA VAL A 30 13.12 3.82 -9.22
C VAL A 30 12.64 4.79 -8.15
N ARG A 31 12.66 6.08 -8.47
CA ARG A 31 12.22 7.11 -7.54
C ARG A 31 10.79 7.53 -7.82
N HIS A 32 9.84 6.69 -7.43
CA HIS A 32 8.43 6.97 -7.64
C HIS A 32 7.55 5.84 -7.10
N GLY A 33 7.95 5.29 -5.96
CA GLY A 33 7.20 4.21 -5.35
C GLY A 33 8.03 2.95 -5.19
N GLY A 34 8.57 2.46 -6.30
CA GLY A 34 9.37 1.26 -6.25
C GLY A 34 8.67 0.11 -5.54
N ILE A 35 7.35 0.11 -5.60
CA ILE A 35 6.55 -0.92 -4.95
C ILE A 35 5.17 -1.03 -5.57
N TYR A 36 4.68 -2.25 -5.72
CA TYR A 36 3.37 -2.49 -6.30
C TYR A 36 2.72 -3.74 -5.70
N VAL A 37 1.52 -3.57 -5.16
CA VAL A 37 0.79 -4.69 -4.57
C VAL A 37 0.35 -5.69 -5.62
N LYS A 38 0.63 -6.96 -5.37
CA LYS A 38 0.26 -8.03 -6.30
C LYS A 38 -0.82 -8.93 -5.69
N ALA A 39 -0.85 -9.00 -4.37
CA ALA A 39 -1.83 -9.83 -3.68
C ALA A 39 -2.55 -9.02 -2.59
N VAL A 40 -3.56 -9.64 -1.99
CA VAL A 40 -4.34 -8.97 -0.94
C VAL A 40 -4.80 -9.97 0.11
N ILE A 41 -4.00 -10.12 1.17
CA ILE A 41 -4.33 -11.05 2.25
C ILE A 41 -5.81 -10.95 2.63
N PRO A 42 -6.58 -11.95 2.21
CA PRO A 42 -8.02 -12.01 2.50
C PRO A 42 -8.31 -12.26 3.98
N GLN A 43 -7.30 -12.74 4.70
CA GLN A 43 -7.44 -13.03 6.11
C GLN A 43 -7.23 -11.77 6.95
N GLY A 44 -7.88 -10.68 6.56
CA GLY A 44 -7.74 -9.44 7.28
C GLY A 44 -8.76 -8.40 6.86
N ALA A 45 -8.42 -7.13 7.02
CA ALA A 45 -9.31 -6.04 6.64
C ALA A 45 -9.61 -6.07 5.15
N ALA A 46 -8.67 -6.59 4.38
CA ALA A 46 -8.84 -6.68 2.93
C ALA A 46 -9.79 -7.81 2.55
N GLU A 47 -11.03 -7.71 2.99
CA GLU A 47 -12.03 -8.74 2.70
C GLU A 47 -13.39 -8.34 3.27
N SER A 48 -13.49 -8.30 4.60
CA SER A 48 -14.73 -7.95 5.26
C SER A 48 -14.97 -6.44 5.21
N ASP A 49 -13.89 -5.68 5.37
CA ASP A 49 -13.98 -4.22 5.33
C ASP A 49 -13.98 -3.70 3.90
N GLY A 50 -13.23 -4.39 3.03
CA GLY A 50 -13.16 -3.99 1.64
C GLY A 50 -12.29 -2.76 1.43
N ARG A 51 -12.81 -1.79 0.70
CA ARG A 51 -12.07 -0.56 0.41
C ARG A 51 -10.94 -0.81 -0.58
N ILE A 52 -9.93 -1.56 -0.14
CA ILE A 52 -8.80 -1.87 -1.00
C ILE A 52 -9.06 -3.13 -1.82
N HIS A 53 -8.63 -3.11 -3.08
CA HIS A 53 -8.81 -4.25 -3.97
C HIS A 53 -7.51 -4.60 -4.68
N LYS A 54 -7.57 -5.61 -5.54
CA LYS A 54 -6.39 -6.05 -6.29
C LYS A 54 -5.99 -5.02 -7.33
N GLY A 55 -4.70 -4.77 -7.46
CA GLY A 55 -4.22 -3.81 -8.44
C GLY A 55 -4.08 -2.42 -7.84
N ASP A 56 -2.85 -2.03 -7.52
CA ASP A 56 -2.58 -0.72 -6.94
C ASP A 56 -1.09 -0.51 -6.73
N ARG A 57 -0.72 0.67 -6.27
CA ARG A 57 0.68 1.01 -6.02
C ARG A 57 0.83 1.84 -4.76
N VAL A 58 1.52 1.28 -3.77
CA VAL A 58 1.75 1.96 -2.50
C VAL A 58 2.77 3.08 -2.65
N LEU A 59 2.29 4.32 -2.56
CA LEU A 59 3.17 5.49 -2.69
C LEU A 59 3.68 5.93 -1.32
N ALA A 60 2.76 6.15 -0.39
CA ALA A 60 3.12 6.58 0.95
C ALA A 60 2.11 6.08 1.97
N VAL A 61 2.48 6.14 3.25
CA VAL A 61 1.60 5.70 4.33
C VAL A 61 1.28 6.84 5.28
N ASN A 62 0.91 6.49 6.51
CA ASN A 62 0.58 7.49 7.52
C ASN A 62 1.81 8.31 7.90
N GLY A 63 2.11 9.32 7.08
CA GLY A 63 3.26 10.16 7.35
C GLY A 63 4.58 9.47 7.05
N VAL A 64 4.53 8.48 6.16
CA VAL A 64 5.73 7.74 5.79
C VAL A 64 5.78 7.50 4.29
N SER A 65 6.57 8.32 3.60
CA SER A 65 6.71 8.21 2.15
C SER A 65 7.56 7.00 1.78
N LEU A 66 7.27 6.42 0.63
CA LEU A 66 8.00 5.24 0.15
C LEU A 66 9.05 5.64 -0.89
N GLU A 67 9.52 6.87 -0.80
CA GLU A 67 10.53 7.38 -1.74
C GLU A 67 11.71 6.42 -1.84
N GLY A 68 12.35 6.18 -0.70
CA GLY A 68 13.50 5.28 -0.67
C GLY A 68 13.32 4.15 0.33
N ALA A 69 12.08 3.75 0.56
CA ALA A 69 11.79 2.67 1.49
C ALA A 69 12.00 1.31 0.85
N THR A 70 12.63 0.41 1.58
CA THR A 70 12.91 -0.93 1.07
C THR A 70 11.71 -1.85 1.29
N HIS A 71 11.77 -3.05 0.71
CA HIS A 71 10.69 -4.02 0.84
C HIS A 71 10.25 -4.14 2.29
N LYS A 72 11.15 -4.58 3.15
CA LYS A 72 10.84 -4.75 4.57
C LYS A 72 10.39 -3.43 5.19
N GLN A 73 11.11 -2.35 4.87
CA GLN A 73 10.77 -1.03 5.40
C GLN A 73 9.30 -0.73 5.19
N ALA A 74 8.74 -1.22 4.09
CA ALA A 74 7.33 -1.00 3.77
C ALA A 74 6.45 -1.96 4.54
N VAL A 75 6.74 -3.25 4.44
CA VAL A 75 5.97 -4.27 5.14
C VAL A 75 5.78 -3.92 6.60
N GLU A 76 6.87 -3.56 7.26
CA GLU A 76 6.83 -3.20 8.68
C GLU A 76 6.06 -1.90 8.87
N THR A 77 6.43 -0.88 8.10
CA THR A 77 5.78 0.42 8.20
C THR A 77 4.28 0.31 7.95
N LEU A 78 3.89 -0.71 7.20
CA LEU A 78 2.49 -0.93 6.88
C LEU A 78 1.73 -1.48 8.10
N ARG A 79 2.34 -2.43 8.78
CA ARG A 79 1.73 -3.04 9.97
C ARG A 79 1.84 -2.11 11.17
N ASN A 80 2.95 -1.38 11.26
CA ASN A 80 3.17 -0.45 12.36
C ASN A 80 2.35 0.82 12.18
N THR A 81 1.14 0.81 12.73
CA THR A 81 0.25 1.96 12.62
C THR A 81 -0.58 2.14 13.89
N GLY A 82 -1.47 3.12 13.88
CA GLY A 82 -2.30 3.38 15.04
C GLY A 82 -3.78 3.13 14.75
N GLN A 83 -4.64 3.59 15.65
CA GLN A 83 -6.07 3.41 15.49
C GLN A 83 -6.53 3.87 14.11
N VAL A 84 -5.84 4.86 13.55
CA VAL A 84 -6.17 5.38 12.23
C VAL A 84 -4.93 5.50 11.36
N VAL A 85 -5.06 5.15 10.08
CA VAL A 85 -3.94 5.21 9.15
C VAL A 85 -4.39 5.80 7.81
N HIS A 86 -3.57 6.67 7.24
CA HIS A 86 -3.87 7.28 5.96
C HIS A 86 -2.81 6.94 4.92
N LEU A 87 -3.08 5.91 4.13
CA LEU A 87 -2.15 5.48 3.09
C LEU A 87 -2.52 6.06 1.74
N LEU A 88 -1.52 6.47 0.97
CA LEU A 88 -1.74 7.05 -0.35
C LEU A 88 -1.33 6.08 -1.45
N LEU A 89 -2.30 5.62 -2.23
CA LEU A 89 -2.03 4.69 -3.32
C LEU A 89 -2.14 5.39 -4.68
N GLU A 90 -1.56 4.77 -5.70
CA GLU A 90 -1.59 5.33 -7.05
C GLU A 90 -1.79 4.24 -8.10
N LYS A 91 -2.73 4.47 -9.00
CA LYS A 91 -3.01 3.50 -10.05
C LYS A 91 -1.73 3.09 -10.78
N GLY A 92 -1.21 1.93 -10.42
CA GLY A 92 0.01 1.44 -11.04
C GLY A 92 -0.12 1.34 -12.56
N GLN A 93 0.97 1.63 -13.26
CA GLN A 93 0.97 1.58 -14.72
C GLN A 93 1.05 0.14 -15.21
N SER A 94 0.00 -0.63 -14.94
CA SER A 94 -0.04 -2.03 -15.36
C SER A 94 -0.19 -2.14 -16.87
N PRO A 95 0.15 -3.32 -17.41
CA PRO A 95 0.07 -3.59 -18.85
C PRO A 95 -1.37 -3.67 -19.34
N THR A 96 -1.54 -4.09 -20.58
CA THR A 96 -2.87 -4.22 -21.17
C THR A 96 -3.49 -5.57 -20.86
N PRO A 1 -11.51 5.57 -13.40
CA PRO A 1 -10.50 6.47 -12.85
C PRO A 1 -9.50 6.93 -13.90
N LYS A 2 -9.06 8.17 -13.78
CA LYS A 2 -8.09 8.75 -14.72
C LYS A 2 -6.67 8.51 -14.23
N PRO A 3 -5.71 8.51 -15.17
CA PRO A 3 -4.29 8.31 -14.86
C PRO A 3 -3.69 9.49 -14.12
N GLY A 4 -2.68 9.22 -13.29
CA GLY A 4 -2.03 10.27 -12.54
C GLY A 4 -2.96 10.90 -11.51
N ASP A 5 -3.55 10.06 -10.67
CA ASP A 5 -4.46 10.54 -9.64
C ASP A 5 -4.09 9.95 -8.28
N ILE A 6 -4.32 10.73 -7.23
CA ILE A 6 -4.01 10.28 -5.87
C ILE A 6 -5.10 10.71 -4.89
N PHE A 7 -5.47 9.80 -4.00
CA PHE A 7 -6.50 10.09 -3.01
C PHE A 7 -6.16 9.43 -1.67
N GLU A 8 -6.93 9.77 -0.63
CA GLU A 8 -6.71 9.22 0.70
C GLU A 8 -7.81 8.24 1.07
N VAL A 9 -7.44 7.17 1.77
CA VAL A 9 -8.41 6.16 2.19
C VAL A 9 -8.14 5.71 3.63
N GLU A 10 -9.15 5.85 4.47
CA GLU A 10 -9.03 5.45 5.87
C GLU A 10 -9.54 4.04 6.09
N LEU A 11 -8.84 3.29 6.94
CA LEU A 11 -9.23 1.91 7.23
C LEU A 11 -9.30 1.68 8.73
N ALA A 12 -10.20 0.79 9.15
CA ALA A 12 -10.36 0.47 10.57
C ALA A 12 -9.44 -0.67 10.99
N LYS A 13 -8.64 -0.42 12.02
CA LYS A 13 -7.71 -1.43 12.53
C LYS A 13 -8.45 -2.51 13.30
N ASN A 14 -8.89 -3.56 12.60
CA ASN A 14 -9.60 -4.65 13.22
C ASN A 14 -8.68 -5.85 13.45
N ASP A 15 -7.98 -6.26 12.41
CA ASP A 15 -7.06 -7.39 12.49
C ASP A 15 -5.62 -6.91 12.56
N ASN A 16 -5.44 -5.61 12.83
CA ASN A 16 -4.11 -5.02 12.92
C ASN A 16 -3.24 -5.46 11.75
N SER A 17 -3.87 -5.68 10.60
CA SER A 17 -3.15 -6.10 9.40
C SER A 17 -3.74 -5.44 8.16
N LEU A 18 -2.93 -4.61 7.50
CA LEU A 18 -3.36 -3.92 6.30
C LEU A 18 -3.93 -4.90 5.27
N GLY A 19 -3.37 -6.11 5.25
CA GLY A 19 -3.83 -7.12 4.32
C GLY A 19 -3.46 -6.79 2.88
N ILE A 20 -2.17 -6.57 2.64
CA ILE A 20 -1.69 -6.25 1.31
C ILE A 20 -0.27 -6.76 1.09
N SER A 21 0.04 -7.12 -0.15
CA SER A 21 1.36 -7.63 -0.48
C SER A 21 2.05 -6.73 -1.50
N VAL A 22 2.82 -5.76 -1.00
CA VAL A 22 3.53 -4.82 -1.85
C VAL A 22 5.03 -5.11 -1.85
N THR A 23 5.68 -4.85 -2.98
CA THR A 23 7.12 -5.07 -3.11
C THR A 23 7.73 -4.11 -4.12
N GLY A 24 9.05 -4.02 -4.12
CA GLY A 24 9.75 -3.14 -5.03
C GLY A 24 10.25 -1.88 -4.37
N GLY A 25 11.22 -2.04 -3.47
CA GLY A 25 11.78 -0.89 -2.77
C GLY A 25 13.03 -0.37 -3.43
N VAL A 26 13.67 0.62 -2.79
CA VAL A 26 14.89 1.21 -3.32
C VAL A 26 16.13 0.49 -2.80
N ASN A 27 15.99 -0.82 -2.57
CA ASN A 27 17.10 -1.62 -2.06
C ASN A 27 16.96 -3.08 -2.51
N THR A 28 16.44 -3.27 -3.72
CA THR A 28 16.26 -4.61 -4.26
C THR A 28 16.52 -4.63 -5.76
N SER A 29 16.32 -5.80 -6.37
CA SER A 29 16.54 -5.95 -7.80
C SER A 29 15.26 -5.68 -8.59
N VAL A 30 14.53 -4.65 -8.17
CA VAL A 30 13.28 -4.29 -8.83
C VAL A 30 13.45 -3.02 -9.67
N ARG A 31 12.37 -2.57 -10.28
CA ARG A 31 12.40 -1.37 -11.12
C ARG A 31 12.58 -0.12 -10.27
N HIS A 32 13.83 0.18 -9.94
CA HIS A 32 14.15 1.35 -9.13
C HIS A 32 13.66 1.18 -7.70
N GLY A 33 12.35 1.33 -7.51
CA GLY A 33 11.76 1.19 -6.19
C GLY A 33 10.28 1.49 -6.17
N GLY A 34 9.51 0.75 -6.96
CA GLY A 34 8.08 0.97 -7.02
C GLY A 34 7.32 0.07 -6.07
N ILE A 35 6.37 0.64 -5.34
CA ILE A 35 5.57 -0.11 -4.39
C ILE A 35 4.11 -0.18 -4.84
N TYR A 36 3.68 -1.38 -5.23
CA TYR A 36 2.30 -1.57 -5.68
C TYR A 36 1.70 -2.82 -5.03
N VAL A 37 0.37 -2.81 -4.89
CA VAL A 37 -0.33 -3.93 -4.28
C VAL A 37 -0.37 -5.13 -5.22
N LYS A 38 0.36 -6.19 -4.87
CA LYS A 38 0.42 -7.39 -5.68
C LYS A 38 -0.83 -8.25 -5.45
N ALA A 39 -1.34 -8.23 -4.23
CA ALA A 39 -2.52 -9.00 -3.90
C ALA A 39 -2.97 -8.72 -2.46
N VAL A 40 -4.26 -8.95 -2.19
CA VAL A 40 -4.80 -8.72 -0.86
C VAL A 40 -4.71 -9.97 0.00
N ILE A 41 -4.69 -9.79 1.31
CA ILE A 41 -4.60 -10.90 2.25
C ILE A 41 -5.96 -11.22 2.84
N PRO A 42 -6.62 -12.25 2.30
CA PRO A 42 -7.94 -12.69 2.78
C PRO A 42 -7.89 -13.33 4.16
N GLN A 43 -7.35 -12.60 5.12
CA GLN A 43 -7.23 -13.09 6.49
C GLN A 43 -7.09 -11.94 7.48
N GLY A 44 -7.95 -10.94 7.36
CA GLY A 44 -7.89 -9.80 8.24
C GLY A 44 -8.76 -8.65 7.76
N ALA A 45 -8.36 -7.43 8.11
CA ALA A 45 -9.10 -6.24 7.71
C ALA A 45 -8.63 -5.74 6.35
N ALA A 46 -9.06 -6.42 5.30
CA ALA A 46 -8.69 -6.04 3.94
C ALA A 46 -9.66 -6.61 2.92
N GLU A 47 -9.66 -7.94 2.77
CA GLU A 47 -10.54 -8.61 1.84
C GLU A 47 -11.99 -8.46 2.26
N SER A 48 -12.27 -8.73 3.53
CA SER A 48 -13.63 -8.64 4.06
C SER A 48 -14.22 -7.26 3.77
N ASP A 49 -13.52 -6.22 4.21
CA ASP A 49 -13.98 -4.85 4.00
C ASP A 49 -13.91 -4.48 2.51
N GLY A 50 -12.91 -4.99 1.82
CA GLY A 50 -12.76 -4.69 0.41
C GLY A 50 -12.83 -3.21 0.11
N ARG A 51 -11.96 -2.43 0.73
CA ARG A 51 -11.94 -0.99 0.53
C ARG A 51 -10.93 -0.61 -0.55
N ILE A 52 -10.01 -1.52 -0.84
CA ILE A 52 -8.99 -1.27 -1.86
C ILE A 52 -8.81 -2.49 -2.76
N HIS A 53 -8.64 -2.24 -4.06
CA HIS A 53 -8.46 -3.31 -5.03
C HIS A 53 -7.00 -3.39 -5.49
N LYS A 54 -6.51 -4.61 -5.68
CA LYS A 54 -5.14 -4.82 -6.12
C LYS A 54 -4.81 -3.92 -7.31
N GLY A 55 -3.52 -3.64 -7.48
CA GLY A 55 -3.10 -2.79 -8.59
C GLY A 55 -2.77 -1.37 -8.14
N ASP A 56 -3.14 -1.05 -6.91
CA ASP A 56 -2.89 0.28 -6.36
C ASP A 56 -1.43 0.45 -5.99
N ARG A 57 -1.09 1.59 -5.40
CA ARG A 57 0.28 1.87 -4.99
C ARG A 57 0.32 2.40 -3.56
N VAL A 58 1.42 2.10 -2.86
CA VAL A 58 1.58 2.55 -1.48
C VAL A 58 2.50 3.76 -1.40
N LEU A 59 1.93 4.90 -1.05
CA LEU A 59 2.69 6.14 -0.93
C LEU A 59 2.08 7.06 0.12
N ALA A 60 2.93 7.88 0.75
CA ALA A 60 2.48 8.80 1.77
C ALA A 60 1.60 8.10 2.80
N VAL A 61 2.06 6.95 3.28
CA VAL A 61 1.31 6.18 4.26
C VAL A 61 1.28 6.89 5.61
N ASN A 62 0.27 7.74 5.81
CA ASN A 62 0.13 8.48 7.05
C ASN A 62 1.34 9.38 7.29
N GLY A 63 1.85 9.97 6.21
CA GLY A 63 3.00 10.85 6.31
C GLY A 63 4.30 10.14 6.02
N VAL A 64 4.23 8.83 5.83
CA VAL A 64 5.42 8.03 5.54
C VAL A 64 5.81 8.14 4.07
N SER A 65 6.50 9.21 3.73
CA SER A 65 6.93 9.45 2.35
C SER A 65 7.62 8.21 1.79
N LEU A 66 7.07 7.67 0.71
CA LEU A 66 7.64 6.48 0.08
C LEU A 66 8.50 6.88 -1.12
N GLU A 67 8.85 8.15 -1.20
CA GLU A 67 9.67 8.65 -2.30
C GLU A 67 10.91 7.78 -2.50
N GLY A 68 11.42 7.22 -1.39
CA GLY A 68 12.59 6.36 -1.47
C GLY A 68 12.54 5.23 -0.47
N ALA A 69 11.33 4.80 -0.13
CA ALA A 69 11.15 3.70 0.82
C ALA A 69 11.87 2.44 0.35
N THR A 70 12.34 1.65 1.32
CA THR A 70 13.05 0.42 1.01
C THR A 70 12.11 -0.78 0.99
N HIS A 71 12.60 -1.90 0.49
CA HIS A 71 11.79 -3.12 0.41
C HIS A 71 11.37 -3.58 1.80
N LYS A 72 12.06 -3.08 2.82
CA LYS A 72 11.76 -3.44 4.20
C LYS A 72 11.07 -2.28 4.93
N GLN A 73 10.29 -1.50 4.18
CA GLN A 73 9.59 -0.37 4.75
C GLN A 73 8.08 -0.54 4.61
N ALA A 74 7.60 -0.54 3.37
CA ALA A 74 6.18 -0.71 3.10
C ALA A 74 5.59 -1.86 3.89
N VAL A 75 6.33 -2.97 3.95
CA VAL A 75 5.88 -4.15 4.69
C VAL A 75 6.53 -4.22 6.06
N GLU A 76 6.44 -3.12 6.81
CA GLU A 76 7.01 -3.05 8.15
C GLU A 76 6.62 -1.75 8.85
N THR A 77 7.00 -0.63 8.26
CA THR A 77 6.70 0.68 8.83
C THR A 77 5.20 0.96 8.75
N LEU A 78 4.54 0.43 7.72
CA LEU A 78 3.11 0.63 7.54
C LEU A 78 2.32 -0.33 8.42
N ARG A 79 2.89 -1.50 8.69
CA ARG A 79 2.24 -2.50 9.53
C ARG A 79 2.04 -1.99 10.94
N ASN A 80 2.95 -1.12 11.38
CA ASN A 80 2.88 -0.55 12.72
C ASN A 80 2.21 0.82 12.71
N THR A 81 0.93 0.84 12.34
CA THR A 81 0.18 2.09 12.27
C THR A 81 -0.63 2.31 13.54
N GLY A 82 -1.26 3.47 13.65
CA GLY A 82 -2.05 3.78 14.83
C GLY A 82 -3.46 3.20 14.75
N GLN A 83 -4.34 3.68 15.62
CA GLN A 83 -5.71 3.19 15.64
C GLN A 83 -6.34 3.25 14.24
N VAL A 84 -5.88 4.20 13.44
CA VAL A 84 -6.39 4.36 12.08
C VAL A 84 -5.25 4.43 11.07
N VAL A 85 -5.48 3.86 9.89
CA VAL A 85 -4.47 3.85 8.84
C VAL A 85 -4.79 4.90 7.78
N HIS A 86 -4.04 6.01 7.80
CA HIS A 86 -4.23 7.09 6.84
C HIS A 86 -3.33 6.90 5.62
N LEU A 87 -3.58 5.85 4.86
CA LEU A 87 -2.78 5.56 3.67
C LEU A 87 -3.53 6.00 2.41
N LEU A 88 -2.77 6.55 1.46
CA LEU A 88 -3.36 7.01 0.20
C LEU A 88 -3.34 5.90 -0.84
N LEU A 89 -3.90 6.20 -2.01
CA LEU A 89 -3.94 5.22 -3.11
C LEU A 89 -3.66 5.88 -4.45
N GLU A 90 -2.67 5.37 -5.16
CA GLU A 90 -2.30 5.92 -6.45
C GLU A 90 -2.69 4.95 -7.58
N LYS A 91 -3.36 5.48 -8.59
CA LYS A 91 -3.79 4.68 -9.73
C LYS A 91 -2.63 3.86 -10.28
N GLY A 92 -1.46 4.46 -10.35
CA GLY A 92 -0.29 3.76 -10.85
C GLY A 92 -0.24 3.76 -12.36
N GLN A 93 0.08 2.59 -12.93
CA GLN A 93 0.17 2.45 -14.38
C GLN A 93 -0.29 1.06 -14.82
N SER A 94 0.56 0.07 -14.59
CA SER A 94 0.25 -1.31 -14.97
C SER A 94 0.10 -1.43 -16.48
N PRO A 95 0.21 -2.67 -16.99
CA PRO A 95 0.09 -2.95 -18.42
C PRO A 95 -1.33 -2.77 -18.93
N THR A 96 -1.54 -3.07 -20.20
CA THR A 96 -2.87 -2.95 -20.81
C THR A 96 -3.31 -4.25 -21.46
N PRO A 1 -10.56 7.58 -14.03
CA PRO A 1 -9.22 7.37 -13.48
C PRO A 1 -8.12 7.72 -14.48
N LYS A 2 -7.05 8.33 -13.99
CA LYS A 2 -5.93 8.72 -14.83
C LYS A 2 -4.72 7.83 -14.58
N PRO A 3 -3.85 7.70 -15.60
CA PRO A 3 -2.64 6.87 -15.50
C PRO A 3 -1.60 7.47 -14.55
N GLY A 4 -1.08 6.65 -13.65
CA GLY A 4 -0.09 7.11 -12.70
C GLY A 4 -0.64 8.17 -11.76
N ASP A 5 -1.94 8.09 -11.48
CA ASP A 5 -2.58 9.05 -10.59
C ASP A 5 -2.34 8.68 -9.13
N ILE A 6 -2.25 9.70 -8.28
CA ILE A 6 -2.02 9.48 -6.86
C ILE A 6 -3.20 9.98 -6.03
N PHE A 7 -3.68 9.13 -5.12
CA PHE A 7 -4.81 9.49 -4.26
C PHE A 7 -4.63 8.90 -2.86
N GLU A 8 -5.55 9.24 -1.97
CA GLU A 8 -5.49 8.74 -0.59
C GLU A 8 -6.85 8.19 -0.15
N VAL A 9 -6.82 7.34 0.87
CA VAL A 9 -8.04 6.73 1.39
C VAL A 9 -8.00 6.61 2.91
N GLU A 10 -8.95 7.25 3.57
CA GLU A 10 -9.01 7.22 5.03
C GLU A 10 -9.87 6.04 5.51
N LEU A 11 -9.22 4.91 5.74
CA LEU A 11 -9.91 3.72 6.20
C LEU A 11 -9.70 3.50 7.69
N ALA A 12 -10.44 2.56 8.27
CA ALA A 12 -10.33 2.25 9.69
C ALA A 12 -9.52 0.98 9.91
N LYS A 13 -8.93 0.87 11.09
CA LYS A 13 -8.13 -0.30 11.43
C LYS A 13 -9.00 -1.43 11.97
N ASN A 14 -8.68 -2.66 11.59
CA ASN A 14 -9.44 -3.82 12.04
C ASN A 14 -8.52 -5.02 12.25
N ASP A 15 -8.50 -5.52 13.48
CA ASP A 15 -7.67 -6.66 13.82
C ASP A 15 -6.19 -6.33 13.67
N ASN A 16 -5.86 -5.04 13.76
CA ASN A 16 -4.49 -4.58 13.62
C ASN A 16 -3.82 -5.22 12.42
N SER A 17 -4.57 -5.36 11.33
CA SER A 17 -4.06 -5.96 10.10
C SER A 17 -4.54 -5.19 8.87
N LEU A 18 -3.61 -4.54 8.19
CA LEU A 18 -3.94 -3.76 7.00
C LEU A 18 -4.76 -4.60 6.02
N GLY A 19 -4.37 -5.87 5.87
CA GLY A 19 -5.08 -6.75 4.96
C GLY A 19 -4.49 -6.73 3.57
N ILE A 20 -3.19 -6.50 3.47
CA ILE A 20 -2.51 -6.45 2.18
C ILE A 20 -1.13 -7.10 2.26
N SER A 21 -0.68 -7.66 1.14
CA SER A 21 0.62 -8.31 1.08
C SER A 21 1.45 -7.78 -0.09
N VAL A 22 2.60 -7.21 0.24
CA VAL A 22 3.49 -6.65 -0.77
C VAL A 22 4.78 -7.45 -0.88
N THR A 23 5.44 -7.36 -2.02
CA THR A 23 6.69 -8.07 -2.25
C THR A 23 7.69 -7.21 -3.01
N GLY A 24 8.98 -7.54 -2.86
CA GLY A 24 10.01 -6.78 -3.54
C GLY A 24 10.14 -5.37 -3.01
N GLY A 25 11.36 -4.85 -2.97
CA GLY A 25 11.59 -3.51 -2.48
C GLY A 25 11.66 -2.49 -3.60
N VAL A 26 12.24 -1.33 -3.31
CA VAL A 26 12.37 -0.27 -4.30
C VAL A 26 13.80 -0.14 -4.78
N ASN A 27 14.02 0.79 -5.72
CA ASN A 27 15.35 1.01 -6.27
C ASN A 27 15.56 2.49 -6.60
N THR A 28 16.68 2.79 -7.26
CA THR A 28 17.00 4.16 -7.63
C THR A 28 16.53 4.47 -9.05
N SER A 29 15.50 3.76 -9.48
CA SER A 29 14.95 3.96 -10.82
C SER A 29 14.12 5.25 -10.89
N VAL A 30 13.44 5.56 -9.79
CA VAL A 30 12.62 6.77 -9.72
C VAL A 30 12.51 7.28 -8.29
N ARG A 31 12.10 8.53 -8.15
CA ARG A 31 11.96 9.14 -6.83
C ARG A 31 11.11 8.27 -5.91
N HIS A 32 9.85 8.09 -6.27
CA HIS A 32 8.93 7.28 -5.48
C HIS A 32 8.62 5.96 -6.18
N GLY A 33 7.62 5.25 -5.70
CA GLY A 33 7.24 3.98 -6.29
C GLY A 33 8.26 2.88 -6.01
N GLY A 34 8.09 1.74 -6.67
CA GLY A 34 9.00 0.63 -6.47
C GLY A 34 8.40 -0.48 -5.63
N ILE A 35 7.08 -0.63 -5.72
CA ILE A 35 6.37 -1.67 -4.97
C ILE A 35 5.07 -2.05 -5.64
N TYR A 36 4.66 -3.29 -5.45
CA TYR A 36 3.42 -3.80 -6.06
C TYR A 36 2.84 -4.94 -5.23
N VAL A 37 1.61 -4.76 -4.77
CA VAL A 37 0.94 -5.77 -3.96
C VAL A 37 0.60 -7.01 -4.81
N LYS A 38 0.89 -8.18 -4.27
CA LYS A 38 0.62 -9.44 -4.97
C LYS A 38 -0.85 -9.81 -4.85
N ALA A 39 -1.35 -9.85 -3.61
CA ALA A 39 -2.75 -10.19 -3.37
C ALA A 39 -3.18 -9.75 -1.98
N VAL A 40 -4.46 -9.42 -1.84
CA VAL A 40 -5.01 -8.98 -0.55
C VAL A 40 -5.33 -10.18 0.34
N ILE A 41 -4.72 -10.20 1.53
CA ILE A 41 -4.96 -11.30 2.47
C ILE A 41 -6.33 -11.18 3.11
N PRO A 42 -7.20 -12.16 2.85
CA PRO A 42 -8.56 -12.20 3.40
C PRO A 42 -8.56 -12.46 4.91
N GLN A 43 -8.03 -11.50 5.67
CA GLN A 43 -7.98 -11.64 7.11
C GLN A 43 -7.61 -10.31 7.76
N GLY A 44 -8.41 -9.28 7.48
CA GLY A 44 -8.15 -7.96 8.05
C GLY A 44 -9.01 -6.88 7.42
N ALA A 45 -8.49 -5.65 7.40
CA ALA A 45 -9.22 -4.53 6.83
C ALA A 45 -8.89 -4.36 5.35
N ALA A 46 -9.45 -5.24 4.53
CA ALA A 46 -9.22 -5.18 3.08
C ALA A 46 -10.26 -6.00 2.33
N GLU A 47 -10.23 -7.32 2.52
CA GLU A 47 -11.17 -8.22 1.86
C GLU A 47 -12.59 -7.93 2.31
N SER A 48 -12.81 -7.92 3.62
CA SER A 48 -14.13 -7.66 4.18
C SER A 48 -14.43 -6.17 4.20
N ASP A 49 -13.58 -5.41 4.87
CA ASP A 49 -13.76 -3.96 4.97
C ASP A 49 -13.82 -3.33 3.58
N GLY A 50 -13.14 -3.95 2.62
CA GLY A 50 -13.13 -3.43 1.27
C GLY A 50 -12.41 -2.11 1.16
N ARG A 51 -11.32 -2.09 0.41
CA ARG A 51 -10.53 -0.88 0.23
C ARG A 51 -9.68 -0.96 -1.03
N ILE A 52 -8.54 -1.64 -0.93
CA ILE A 52 -7.65 -1.80 -2.08
C ILE A 52 -7.91 -3.11 -2.81
N HIS A 53 -7.75 -3.09 -4.13
CA HIS A 53 -7.97 -4.28 -4.94
C HIS A 53 -6.68 -4.71 -5.64
N LYS A 54 -6.58 -5.99 -5.95
CA LYS A 54 -5.39 -6.53 -6.61
C LYS A 54 -4.94 -5.61 -7.75
N GLY A 55 -3.63 -5.48 -7.92
CA GLY A 55 -3.10 -4.64 -8.98
C GLY A 55 -2.52 -3.34 -8.44
N ASP A 56 -3.35 -2.56 -7.76
CA ASP A 56 -2.92 -1.29 -7.20
C ASP A 56 -1.64 -1.46 -6.39
N ARG A 57 -1.01 -0.35 -6.03
CA ARG A 57 0.23 -0.38 -5.25
C ARG A 57 0.18 0.63 -4.12
N VAL A 58 0.98 0.40 -3.09
CA VAL A 58 1.03 1.29 -1.93
C VAL A 58 2.23 2.24 -2.03
N LEU A 59 1.93 3.53 -2.21
CA LEU A 59 2.97 4.54 -2.31
C LEU A 59 3.48 4.95 -0.94
N ALA A 60 2.56 5.45 -0.11
CA ALA A 60 2.92 5.88 1.24
C ALA A 60 2.03 5.20 2.28
N VAL A 61 2.45 5.27 3.54
CA VAL A 61 1.69 4.66 4.62
C VAL A 61 1.72 5.53 5.88
N ASN A 62 0.84 6.53 5.92
CA ASN A 62 0.78 7.44 7.06
C ASN A 62 2.16 7.99 7.40
N GLY A 63 2.75 8.71 6.45
CA GLY A 63 4.07 9.28 6.66
C GLY A 63 5.18 8.39 6.15
N VAL A 64 4.87 7.12 5.93
CA VAL A 64 5.85 6.16 5.44
C VAL A 64 6.05 6.31 3.94
N SER A 65 6.94 7.23 3.56
CA SER A 65 7.23 7.48 2.15
C SER A 65 8.01 6.32 1.54
N LEU A 66 7.91 6.18 0.22
CA LEU A 66 8.60 5.10 -0.49
C LEU A 66 9.79 5.65 -1.26
N GLU A 67 10.24 6.85 -0.89
CA GLU A 67 11.38 7.47 -1.56
C GLU A 67 12.58 6.54 -1.57
N GLY A 68 12.90 5.96 -0.42
CA GLY A 68 14.02 5.06 -0.32
C GLY A 68 13.79 3.95 0.70
N ALA A 69 12.53 3.59 0.90
CA ALA A 69 12.17 2.54 1.84
C ALA A 69 12.41 1.16 1.25
N THR A 70 12.83 0.21 2.09
CA THR A 70 13.10 -1.15 1.63
C THR A 70 11.90 -2.05 1.88
N HIS A 71 11.82 -3.14 1.12
CA HIS A 71 10.72 -4.09 1.26
C HIS A 71 10.51 -4.48 2.72
N LYS A 72 11.59 -4.86 3.39
CA LYS A 72 11.53 -5.25 4.79
C LYS A 72 11.04 -4.09 5.66
N GLN A 73 11.35 -2.87 5.23
CA GLN A 73 10.93 -1.68 5.96
C GLN A 73 9.48 -1.35 5.70
N ALA A 74 9.02 -1.65 4.49
CA ALA A 74 7.64 -1.39 4.10
C ALA A 74 6.67 -2.26 4.88
N VAL A 75 6.81 -3.57 4.72
CA VAL A 75 5.94 -4.53 5.40
C VAL A 75 5.95 -4.29 6.90
N GLU A 76 7.08 -3.84 7.43
CA GLU A 76 7.21 -3.56 8.86
C GLU A 76 6.21 -2.48 9.29
N THR A 77 6.20 -1.37 8.56
CA THR A 77 5.30 -0.27 8.86
C THR A 77 3.87 -0.58 8.44
N LEU A 78 3.74 -1.31 7.34
CA LEU A 78 2.43 -1.68 6.82
C LEU A 78 1.72 -2.66 7.75
N ARG A 79 2.51 -3.51 8.42
CA ARG A 79 1.96 -4.49 9.34
C ARG A 79 1.98 -3.96 10.77
N ASN A 80 2.03 -2.63 10.90
CA ASN A 80 2.05 -2.00 12.21
C ASN A 80 1.71 -0.52 12.11
N THR A 81 0.52 -0.23 11.61
CA THR A 81 0.06 1.15 11.46
C THR A 81 -0.64 1.65 12.71
N GLY A 82 -0.80 2.96 12.82
CA GLY A 82 -1.46 3.54 13.98
C GLY A 82 -2.91 3.14 14.08
N GLN A 83 -3.61 3.69 15.06
CA GLN A 83 -5.02 3.38 15.27
C GLN A 83 -5.82 3.62 13.99
N VAL A 84 -5.34 4.54 13.17
CA VAL A 84 -6.01 4.87 11.91
C VAL A 84 -5.11 4.60 10.72
N VAL A 85 -5.70 4.15 9.62
CA VAL A 85 -4.95 3.86 8.40
C VAL A 85 -4.92 5.06 7.47
N HIS A 86 -3.76 5.69 7.34
CA HIS A 86 -3.60 6.85 6.48
C HIS A 86 -2.58 6.58 5.39
N LEU A 87 -2.76 5.48 4.65
CA LEU A 87 -1.85 5.11 3.58
C LEU A 87 -2.39 5.56 2.23
N LEU A 88 -1.49 5.91 1.32
CA LEU A 88 -1.87 6.35 -0.01
C LEU A 88 -1.66 5.24 -1.03
N LEU A 89 -2.31 5.37 -2.19
CA LEU A 89 -2.19 4.38 -3.26
C LEU A 89 -1.86 5.05 -4.59
N GLU A 90 -1.48 4.25 -5.58
CA GLU A 90 -1.14 4.76 -6.90
C GLU A 90 -1.60 3.80 -7.98
N LYS A 91 -2.51 4.26 -8.83
CA LYS A 91 -3.04 3.45 -9.92
C LYS A 91 -1.91 2.81 -10.72
N GLY A 92 -1.67 1.53 -10.48
CA GLY A 92 -0.62 0.82 -11.18
C GLY A 92 -0.82 0.82 -12.69
N GLN A 93 -0.01 0.04 -13.39
CA GLN A 93 -0.11 -0.04 -14.84
C GLN A 93 -0.84 -1.31 -15.27
N SER A 94 -2.16 -1.20 -15.41
CA SER A 94 -2.98 -2.34 -15.81
C SER A 94 -2.74 -2.70 -17.27
N PRO A 95 -3.10 -3.94 -17.64
CA PRO A 95 -2.94 -4.43 -19.01
C PRO A 95 -3.88 -3.75 -19.99
N THR A 96 -5.16 -3.66 -19.62
CA THR A 96 -6.15 -3.03 -20.47
C THR A 96 -7.30 -2.46 -19.64
N PRO A 1 -11.56 7.15 -13.74
CA PRO A 1 -10.42 7.66 -12.98
C PRO A 1 -9.19 7.89 -13.86
N LYS A 2 -8.32 8.79 -13.44
CA LYS A 2 -7.11 9.10 -14.19
C LYS A 2 -5.98 8.13 -13.84
N PRO A 3 -4.97 8.05 -14.72
CA PRO A 3 -3.81 7.17 -14.51
C PRO A 3 -2.92 7.63 -13.36
N GLY A 4 -2.85 8.94 -13.16
CA GLY A 4 -2.04 9.49 -12.09
C GLY A 4 -2.86 10.09 -10.97
N ASP A 5 -4.06 9.53 -10.75
CA ASP A 5 -4.94 10.01 -9.71
C ASP A 5 -4.36 9.72 -8.33
N ILE A 6 -4.73 10.54 -7.35
CA ILE A 6 -4.25 10.37 -5.99
C ILE A 6 -5.32 10.75 -4.98
N PHE A 7 -5.51 9.89 -3.98
CA PHE A 7 -6.52 10.15 -2.94
C PHE A 7 -6.21 9.33 -1.69
N GLU A 8 -6.51 9.91 -0.53
CA GLU A 8 -6.27 9.23 0.74
C GLU A 8 -7.48 8.39 1.14
N VAL A 9 -7.21 7.25 1.76
CA VAL A 9 -8.26 6.34 2.20
C VAL A 9 -8.11 6.00 3.68
N GLU A 10 -9.11 6.41 4.47
CA GLU A 10 -9.08 6.14 5.90
C GLU A 10 -10.00 4.98 6.26
N LEU A 11 -9.46 3.99 6.96
CA LEU A 11 -10.23 2.82 7.36
C LEU A 11 -9.87 2.39 8.79
N ALA A 12 -10.84 1.80 9.48
CA ALA A 12 -10.63 1.34 10.84
C ALA A 12 -10.14 -0.10 10.86
N LYS A 13 -8.82 -0.28 10.95
CA LYS A 13 -8.22 -1.61 10.98
C LYS A 13 -8.92 -2.49 12.01
N ASN A 14 -9.33 -3.68 11.57
CA ASN A 14 -10.01 -4.62 12.46
C ASN A 14 -9.04 -5.72 12.92
N ASP A 15 -8.13 -6.10 12.04
CA ASP A 15 -7.15 -7.14 12.36
C ASP A 15 -5.77 -6.53 12.59
N ASN A 16 -5.73 -5.22 12.75
CA ASN A 16 -4.47 -4.52 12.98
C ASN A 16 -3.40 -4.99 12.00
N SER A 17 -3.82 -5.35 10.80
CA SER A 17 -2.90 -5.84 9.78
C SER A 17 -3.45 -5.57 8.38
N LEU A 18 -2.87 -4.58 7.70
CA LEU A 18 -3.30 -4.23 6.35
C LEU A 18 -3.14 -5.41 5.40
N GLY A 19 -4.25 -5.87 4.84
CA GLY A 19 -4.22 -7.00 3.92
C GLY A 19 -3.69 -6.61 2.56
N ILE A 20 -2.40 -6.32 2.49
CA ILE A 20 -1.76 -5.93 1.24
C ILE A 20 -0.28 -6.28 1.23
N SER A 21 0.13 -7.10 0.26
CA SER A 21 1.53 -7.51 0.15
C SER A 21 2.33 -6.51 -0.68
N VAL A 22 3.37 -5.96 -0.07
CA VAL A 22 4.22 -4.98 -0.75
C VAL A 22 5.40 -5.67 -1.45
N THR A 23 5.84 -5.07 -2.55
CA THR A 23 6.96 -5.63 -3.31
C THR A 23 7.79 -4.52 -3.95
N GLY A 24 9.10 -4.60 -3.79
CA GLY A 24 9.97 -3.59 -4.37
C GLY A 24 10.52 -2.63 -3.33
N GLY A 25 11.57 -1.89 -3.70
CA GLY A 25 12.17 -0.95 -2.78
C GLY A 25 13.41 -0.28 -3.36
N VAL A 26 13.57 1.00 -3.07
CA VAL A 26 14.72 1.76 -3.56
C VAL A 26 16.02 1.17 -3.03
N ASN A 27 15.93 0.36 -1.99
CA ASN A 27 17.10 -0.26 -1.39
C ASN A 27 17.35 -1.64 -1.98
N THR A 28 16.94 -1.82 -3.23
CA THR A 28 17.12 -3.10 -3.92
C THR A 28 17.17 -2.91 -5.43
N SER A 29 17.30 -4.01 -6.15
CA SER A 29 17.37 -3.97 -7.61
C SER A 29 16.00 -4.26 -8.23
N VAL A 30 14.95 -3.78 -7.58
CA VAL A 30 13.59 -3.99 -8.06
C VAL A 30 13.19 -2.92 -9.07
N ARG A 31 13.80 -2.98 -10.25
CA ARG A 31 13.50 -2.01 -11.30
C ARG A 31 13.93 -0.61 -10.88
N HIS A 32 13.09 0.04 -10.09
CA HIS A 32 13.38 1.40 -9.61
C HIS A 32 12.88 1.58 -8.18
N GLY A 33 12.68 0.47 -7.48
CA GLY A 33 12.21 0.54 -6.10
C GLY A 33 10.73 0.85 -6.02
N GLY A 34 9.98 0.41 -7.02
CA GLY A 34 8.55 0.66 -7.04
C GLY A 34 7.79 -0.23 -6.07
N ILE A 35 6.89 0.37 -5.30
CA ILE A 35 6.10 -0.37 -4.33
C ILE A 35 4.65 -0.50 -4.77
N TYR A 36 4.29 -1.65 -5.32
CA TYR A 36 2.93 -1.90 -5.78
C TYR A 36 2.34 -3.12 -5.12
N VAL A 37 1.03 -3.32 -5.29
CA VAL A 37 0.34 -4.47 -4.71
C VAL A 37 0.64 -5.74 -5.48
N LYS A 38 0.88 -6.83 -4.75
CA LYS A 38 1.19 -8.11 -5.37
C LYS A 38 0.10 -9.14 -5.06
N ALA A 39 -0.55 -8.97 -3.91
CA ALA A 39 -1.61 -9.87 -3.49
C ALA A 39 -2.59 -9.18 -2.54
N VAL A 40 -3.59 -9.91 -2.08
CA VAL A 40 -4.59 -9.37 -1.17
C VAL A 40 -4.93 -10.38 -0.07
N ILE A 41 -4.18 -10.34 1.02
CA ILE A 41 -4.41 -11.24 2.14
C ILE A 41 -5.87 -11.23 2.57
N PRO A 42 -6.58 -12.35 2.33
CA PRO A 42 -7.99 -12.49 2.69
C PRO A 42 -8.20 -12.56 4.20
N GLN A 43 -7.17 -12.98 4.92
CA GLN A 43 -7.24 -13.09 6.37
C GLN A 43 -6.74 -11.81 7.04
N GLY A 44 -6.94 -10.68 6.37
CA GLY A 44 -6.50 -9.40 6.91
C GLY A 44 -7.61 -8.37 6.95
N ALA A 45 -7.29 -7.17 7.40
CA ALA A 45 -8.26 -6.09 7.49
C ALA A 45 -8.65 -5.59 6.10
N ALA A 46 -7.73 -5.70 5.16
CA ALA A 46 -7.97 -5.27 3.79
C ALA A 46 -8.63 -6.37 2.97
N GLU A 47 -9.78 -6.84 3.44
CA GLU A 47 -10.50 -7.90 2.74
C GLU A 47 -12.00 -7.81 3.02
N SER A 48 -12.39 -8.12 4.26
CA SER A 48 -13.79 -8.08 4.64
C SER A 48 -14.43 -6.75 4.23
N ASP A 49 -13.64 -5.68 4.25
CA ASP A 49 -14.12 -4.36 3.88
C ASP A 49 -13.92 -4.12 2.38
N GLY A 50 -12.85 -4.67 1.84
CA GLY A 50 -12.56 -4.50 0.42
C GLY A 50 -12.29 -3.05 0.06
N ARG A 51 -11.30 -2.46 0.72
CA ARG A 51 -10.94 -1.06 0.47
C ARG A 51 -9.79 -0.97 -0.54
N ILE A 52 -8.86 -1.91 -0.45
CA ILE A 52 -7.72 -1.94 -1.34
C ILE A 52 -7.74 -3.18 -2.23
N HIS A 53 -7.21 -3.04 -3.45
CA HIS A 53 -7.17 -4.14 -4.39
C HIS A 53 -5.86 -4.14 -5.18
N LYS A 54 -5.72 -5.12 -6.07
CA LYS A 54 -4.52 -5.22 -6.90
C LYS A 54 -4.43 -4.06 -7.89
N GLY A 55 -3.21 -3.66 -8.21
CA GLY A 55 -3.01 -2.57 -9.15
C GLY A 55 -2.77 -1.24 -8.45
N ASP A 56 -2.70 -1.27 -7.13
CA ASP A 56 -2.49 -0.07 -6.34
C ASP A 56 -1.00 0.16 -6.09
N ARG A 57 -0.68 1.14 -5.26
CA ARG A 57 0.70 1.46 -4.93
C ARG A 57 0.82 2.01 -3.52
N VAL A 58 1.72 1.42 -2.74
CA VAL A 58 1.93 1.85 -1.36
C VAL A 58 2.75 3.14 -1.30
N LEU A 59 2.06 4.27 -1.23
CA LEU A 59 2.72 5.57 -1.18
C LEU A 59 2.03 6.49 -0.17
N ALA A 60 2.81 7.35 0.46
CA ALA A 60 2.29 8.28 1.45
C ALA A 60 1.43 7.56 2.49
N VAL A 61 1.82 6.33 2.82
CA VAL A 61 1.10 5.54 3.80
C VAL A 61 1.27 6.09 5.20
N ASN A 62 0.15 6.24 5.93
CA ASN A 62 0.18 6.76 7.29
C ASN A 62 0.92 8.09 7.34
N GLY A 63 0.89 8.82 6.22
CA GLY A 63 1.55 10.12 6.16
C GLY A 63 3.06 9.99 6.16
N VAL A 64 3.56 8.86 5.69
CA VAL A 64 5.00 8.61 5.63
C VAL A 64 5.51 8.74 4.20
N SER A 65 6.67 9.39 4.05
CA SER A 65 7.28 9.58 2.74
C SER A 65 7.79 8.26 2.18
N LEU A 66 7.20 7.81 1.09
CA LEU A 66 7.59 6.56 0.45
C LEU A 66 8.61 6.81 -0.66
N GLU A 67 9.04 8.07 -0.78
CA GLU A 67 10.01 8.44 -1.81
C GLU A 67 11.20 7.49 -1.80
N GLY A 68 11.99 7.56 -0.73
CA GLY A 68 13.16 6.71 -0.62
C GLY A 68 12.97 5.60 0.39
N ALA A 69 11.72 5.22 0.62
CA ALA A 69 11.41 4.15 1.57
C ALA A 69 12.04 2.83 1.14
N THR A 70 12.58 2.11 2.10
CA THR A 70 13.23 0.82 1.84
C THR A 70 12.19 -0.27 1.64
N HIS A 71 12.62 -1.39 1.06
CA HIS A 71 11.72 -2.52 0.82
C HIS A 71 11.11 -3.01 2.13
N LYS A 72 11.81 -2.82 3.23
CA LYS A 72 11.34 -3.24 4.54
C LYS A 72 10.43 -2.19 5.15
N GLN A 73 10.62 -0.94 4.75
CA GLN A 73 9.81 0.17 5.26
C GLN A 73 8.33 -0.06 4.93
N ALA A 74 8.03 -0.18 3.65
CA ALA A 74 6.65 -0.39 3.21
C ALA A 74 6.09 -1.68 3.78
N VAL A 75 6.98 -2.55 4.26
CA VAL A 75 6.56 -3.82 4.84
C VAL A 75 6.18 -3.67 6.31
N GLU A 76 7.11 -3.16 7.11
CA GLU A 76 6.87 -2.96 8.53
C GLU A 76 5.91 -1.78 8.76
N THR A 77 6.02 -0.77 7.91
CA THR A 77 5.19 0.42 8.02
C THR A 77 3.72 0.03 8.19
N LEU A 78 3.27 -0.95 7.40
CA LEU A 78 1.89 -1.41 7.47
C LEU A 78 1.67 -2.32 8.67
N ARG A 79 2.62 -3.23 8.89
CA ARG A 79 2.53 -4.15 10.01
C ARG A 79 2.40 -3.41 11.33
N ASN A 80 3.00 -2.23 11.40
CA ASN A 80 2.94 -1.41 12.61
C ASN A 80 2.07 -0.18 12.39
N THR A 81 0.78 -0.40 12.16
CA THR A 81 -0.16 0.69 11.94
C THR A 81 -0.97 0.98 13.20
N GLY A 82 -1.70 2.09 13.17
CA GLY A 82 -2.50 2.47 14.33
C GLY A 82 -3.99 2.32 14.06
N GLN A 83 -4.79 3.07 14.81
CA GLN A 83 -6.24 3.01 14.65
C GLN A 83 -6.67 3.58 13.30
N VAL A 84 -5.91 4.56 12.82
CA VAL A 84 -6.21 5.19 11.53
C VAL A 84 -5.12 4.89 10.52
N VAL A 85 -5.54 4.66 9.27
CA VAL A 85 -4.60 4.35 8.20
C VAL A 85 -4.92 5.15 6.95
N HIS A 86 -4.49 6.42 6.93
CA HIS A 86 -4.74 7.29 5.79
C HIS A 86 -3.66 7.11 4.72
N LEU A 87 -3.87 6.13 3.84
CA LEU A 87 -2.91 5.85 2.78
C LEU A 87 -3.39 6.43 1.45
N LEU A 88 -2.45 6.75 0.57
CA LEU A 88 -2.78 7.31 -0.73
C LEU A 88 -2.74 6.24 -1.82
N LEU A 89 -3.83 6.11 -2.56
CA LEU A 89 -3.92 5.12 -3.63
C LEU A 89 -3.71 5.77 -5.00
N GLU A 90 -2.72 5.28 -5.73
CA GLU A 90 -2.41 5.81 -7.06
C GLU A 90 -2.62 4.75 -8.13
N LYS A 91 -3.43 5.07 -9.12
CA LYS A 91 -3.71 4.15 -10.22
C LYS A 91 -2.42 3.60 -10.82
N GLY A 92 -2.14 2.33 -10.55
CA GLY A 92 -0.93 1.72 -11.07
C GLY A 92 -0.79 1.91 -12.57
N GLN A 93 -1.45 1.05 -13.34
CA GLN A 93 -1.39 1.13 -14.80
C GLN A 93 -2.43 0.21 -15.43
N SER A 94 -2.41 -1.06 -15.03
CA SER A 94 -3.36 -2.04 -15.57
C SER A 94 -3.14 -2.23 -17.06
N PRO A 95 -3.64 -3.36 -17.59
CA PRO A 95 -3.52 -3.69 -19.01
C PRO A 95 -4.37 -2.79 -19.89
N THR A 96 -5.63 -2.61 -19.51
CA THR A 96 -6.55 -1.77 -20.27
C THR A 96 -7.11 -0.65 -19.40
N PRO A 1 -9.84 6.01 -15.63
CA PRO A 1 -8.80 6.49 -14.73
C PRO A 1 -7.47 6.74 -15.44
N LYS A 2 -6.68 7.66 -14.90
CA LYS A 2 -5.39 7.99 -15.48
C LYS A 2 -4.26 7.23 -14.78
N PRO A 3 -3.11 7.12 -15.46
CA PRO A 3 -1.95 6.42 -14.91
C PRO A 3 -1.31 7.18 -13.75
N GLY A 4 -1.38 8.50 -13.79
CA GLY A 4 -0.81 9.31 -12.73
C GLY A 4 -1.86 9.87 -11.79
N ASP A 5 -2.76 9.00 -11.33
CA ASP A 5 -3.83 9.41 -10.42
C ASP A 5 -3.49 9.03 -8.99
N ILE A 6 -3.82 9.92 -8.05
CA ILE A 6 -3.55 9.67 -6.64
C ILE A 6 -4.75 10.06 -5.78
N PHE A 7 -5.09 9.21 -4.82
CA PHE A 7 -6.21 9.47 -3.92
C PHE A 7 -5.88 9.01 -2.50
N GLU A 8 -6.77 9.35 -1.56
CA GLU A 8 -6.58 8.97 -0.16
C GLU A 8 -7.60 7.92 0.26
N VAL A 9 -7.15 6.97 1.07
CA VAL A 9 -8.02 5.90 1.54
C VAL A 9 -7.84 5.67 3.05
N GLU A 10 -8.91 5.91 3.81
CA GLU A 10 -8.87 5.74 5.25
C GLU A 10 -9.53 4.42 5.66
N LEU A 11 -8.74 3.53 6.24
CA LEU A 11 -9.24 2.23 6.68
C LEU A 11 -9.06 2.06 8.18
N ALA A 12 -10.10 1.55 8.84
CA ALA A 12 -10.05 1.32 10.28
C ALA A 12 -9.49 -0.06 10.61
N LYS A 13 -8.18 -0.13 10.78
CA LYS A 13 -7.51 -1.38 11.09
C LYS A 13 -8.18 -2.07 12.27
N ASN A 14 -8.56 -3.33 12.09
CA ASN A 14 -9.21 -4.10 13.14
C ASN A 14 -8.27 -5.16 13.71
N ASP A 15 -7.43 -5.71 12.85
CA ASP A 15 -6.48 -6.73 13.26
C ASP A 15 -5.05 -6.20 13.21
N ASN A 16 -4.91 -4.88 13.37
CA ASN A 16 -3.60 -4.24 13.34
C ASN A 16 -2.81 -4.67 12.11
N SER A 17 -3.53 -4.94 11.02
CA SER A 17 -2.90 -5.36 9.77
C SER A 17 -3.74 -4.96 8.57
N LEU A 18 -3.25 -3.99 7.81
CA LEU A 18 -3.95 -3.51 6.62
C LEU A 18 -4.28 -4.66 5.68
N GLY A 19 -3.41 -5.67 5.65
CA GLY A 19 -3.64 -6.81 4.79
C GLY A 19 -3.29 -6.53 3.34
N ILE A 20 -2.00 -6.65 3.01
CA ILE A 20 -1.55 -6.39 1.65
C ILE A 20 -0.15 -6.98 1.43
N SER A 21 -0.05 -7.91 0.48
CA SER A 21 1.22 -8.55 0.17
C SER A 21 1.94 -7.80 -0.95
N VAL A 22 2.83 -6.89 -0.58
CA VAL A 22 3.58 -6.11 -1.55
C VAL A 22 5.03 -6.58 -1.63
N THR A 23 5.53 -6.73 -2.85
CA THR A 23 6.90 -7.20 -3.07
C THR A 23 7.73 -6.10 -3.75
N GLY A 24 9.05 -6.21 -3.59
CA GLY A 24 9.95 -5.23 -4.20
C GLY A 24 11.34 -5.29 -3.63
N GLY A 25 12.09 -6.34 -3.98
CA GLY A 25 13.44 -6.48 -3.47
C GLY A 25 14.47 -5.87 -4.40
N VAL A 26 14.36 -4.57 -4.63
CA VAL A 26 15.27 -3.86 -5.50
C VAL A 26 15.62 -2.48 -4.94
N ASN A 27 16.57 -1.80 -5.58
CA ASN A 27 16.99 -0.48 -5.13
C ASN A 27 15.99 0.59 -5.58
N THR A 28 16.37 1.85 -5.43
CA THR A 28 15.51 2.96 -5.80
C THR A 28 16.00 3.63 -7.08
N SER A 29 16.55 2.82 -8.00
CA SER A 29 17.06 3.33 -9.25
C SER A 29 16.01 4.18 -9.97
N VAL A 30 14.76 3.75 -9.89
CA VAL A 30 13.66 4.48 -10.52
C VAL A 30 13.33 5.75 -9.74
N ARG A 31 12.66 6.69 -10.42
CA ARG A 31 12.28 7.95 -9.80
C ARG A 31 11.09 7.76 -8.87
N HIS A 32 10.22 6.81 -9.21
CA HIS A 32 9.04 6.53 -8.40
C HIS A 32 8.43 5.19 -8.80
N GLY A 33 7.55 4.67 -7.94
CA GLY A 33 6.91 3.40 -8.21
C GLY A 33 7.73 2.21 -7.75
N GLY A 34 8.32 2.32 -6.56
CA GLY A 34 9.13 1.25 -6.03
C GLY A 34 8.34 0.30 -5.15
N ILE A 35 7.07 0.10 -5.49
CA ILE A 35 6.20 -0.78 -4.74
C ILE A 35 5.06 -1.31 -5.59
N TYR A 36 4.67 -2.56 -5.36
CA TYR A 36 3.59 -3.18 -6.12
C TYR A 36 2.87 -4.22 -5.27
N VAL A 37 1.55 -4.07 -5.17
CA VAL A 37 0.73 -5.01 -4.40
C VAL A 37 0.47 -6.29 -5.17
N LYS A 38 0.44 -7.40 -4.47
CA LYS A 38 0.19 -8.70 -5.09
C LYS A 38 -1.19 -9.22 -4.73
N ALA A 39 -1.57 -9.09 -3.47
CA ALA A 39 -2.87 -9.54 -3.01
C ALA A 39 -3.25 -8.87 -1.69
N VAL A 40 -4.56 -8.72 -1.46
CA VAL A 40 -5.05 -8.10 -0.23
C VAL A 40 -5.30 -9.14 0.85
N ILE A 41 -4.54 -10.23 0.81
CA ILE A 41 -4.70 -11.29 1.80
C ILE A 41 -6.09 -11.27 2.43
N PRO A 42 -7.07 -11.82 1.70
CA PRO A 42 -8.46 -11.87 2.17
C PRO A 42 -8.64 -12.84 3.33
N GLN A 43 -8.04 -12.51 4.48
CA GLN A 43 -8.14 -13.35 5.67
C GLN A 43 -7.72 -12.59 6.91
N GLY A 44 -8.32 -11.42 7.11
CA GLY A 44 -7.98 -10.61 8.27
C GLY A 44 -8.80 -9.33 8.34
N ALA A 45 -8.16 -8.21 8.02
CA ALA A 45 -8.84 -6.92 8.05
C ALA A 45 -8.59 -6.15 6.75
N ALA A 46 -9.24 -6.57 5.68
CA ALA A 46 -9.09 -5.92 4.38
C ALA A 46 -10.19 -6.35 3.43
N GLU A 47 -10.17 -7.60 3.02
CA GLU A 47 -11.17 -8.13 2.10
C GLU A 47 -12.57 -8.00 2.69
N SER A 48 -12.71 -8.30 3.97
CA SER A 48 -13.99 -8.21 4.65
C SER A 48 -14.54 -6.79 4.61
N ASP A 49 -13.80 -5.86 5.22
CA ASP A 49 -14.21 -4.46 5.25
C ASP A 49 -14.38 -3.92 3.83
N GLY A 50 -13.53 -4.37 2.92
CA GLY A 50 -13.60 -3.91 1.55
C GLY A 50 -13.11 -2.49 1.38
N ARG A 51 -11.88 -2.24 1.82
CA ARG A 51 -11.30 -0.90 1.72
C ARG A 51 -10.24 -0.85 0.63
N ILE A 52 -9.49 -1.94 0.48
CA ILE A 52 -8.44 -2.02 -0.54
C ILE A 52 -8.71 -3.17 -1.50
N HIS A 53 -8.31 -2.99 -2.75
CA HIS A 53 -8.50 -4.01 -3.78
C HIS A 53 -7.23 -4.17 -4.63
N LYS A 54 -7.07 -5.35 -5.21
CA LYS A 54 -5.92 -5.64 -6.05
C LYS A 54 -5.73 -4.55 -7.10
N GLY A 55 -4.47 -4.21 -7.39
CA GLY A 55 -4.20 -3.19 -8.39
C GLY A 55 -4.07 -1.81 -7.78
N ASP A 56 -2.98 -1.57 -7.07
CA ASP A 56 -2.74 -0.28 -6.44
C ASP A 56 -1.26 -0.09 -6.12
N ARG A 57 -0.92 1.07 -5.57
CA ARG A 57 0.46 1.38 -5.22
C ARG A 57 0.53 2.26 -3.97
N VAL A 58 1.06 1.70 -2.89
CA VAL A 58 1.18 2.44 -1.64
C VAL A 58 2.38 3.38 -1.66
N LEU A 59 2.10 4.68 -1.77
CA LEU A 59 3.16 5.67 -1.81
C LEU A 59 3.53 6.13 -0.40
N ALA A 60 2.56 6.73 0.29
CA ALA A 60 2.77 7.21 1.65
C ALA A 60 1.70 6.68 2.60
N VAL A 61 2.12 6.27 3.79
CA VAL A 61 1.20 5.74 4.79
C VAL A 61 1.49 6.33 6.17
N ASN A 62 0.93 7.51 6.43
CA ASN A 62 1.13 8.17 7.72
C ASN A 62 2.60 8.45 7.97
N GLY A 63 3.20 9.26 7.11
CA GLY A 63 4.61 9.58 7.25
C GLY A 63 5.52 8.44 6.87
N VAL A 64 4.93 7.38 6.31
CA VAL A 64 5.69 6.21 5.89
C VAL A 64 5.88 6.19 4.39
N SER A 65 6.92 6.86 3.92
CA SER A 65 7.22 6.92 2.49
C SER A 65 7.59 5.54 1.95
N LEU A 66 7.55 5.41 0.64
CA LEU A 66 7.88 4.14 -0.01
C LEU A 66 8.68 4.37 -1.29
N GLU A 67 9.37 5.51 -1.35
CA GLU A 67 10.18 5.85 -2.51
C GLU A 67 11.26 4.80 -2.75
N GLY A 68 12.20 4.70 -1.81
CA GLY A 68 13.28 3.73 -1.93
C GLY A 68 13.32 2.77 -0.77
N ALA A 69 12.20 2.64 -0.06
CA ALA A 69 12.12 1.74 1.08
C ALA A 69 12.03 0.29 0.64
N THR A 70 12.47 -0.62 1.51
CA THR A 70 12.44 -2.05 1.19
C THR A 70 11.09 -2.65 1.55
N HIS A 71 10.74 -3.75 0.87
CA HIS A 71 9.48 -4.43 1.11
C HIS A 71 9.28 -4.71 2.59
N LYS A 72 10.35 -5.12 3.26
CA LYS A 72 10.30 -5.42 4.68
C LYS A 72 10.08 -4.15 5.50
N GLN A 73 10.55 -3.03 4.98
CA GLN A 73 10.41 -1.75 5.66
C GLN A 73 9.02 -1.15 5.40
N ALA A 74 8.48 -1.40 4.22
CA ALA A 74 7.17 -0.89 3.85
C ALA A 74 6.06 -1.71 4.53
N VAL A 75 6.11 -3.02 4.34
CA VAL A 75 5.11 -3.92 4.93
C VAL A 75 4.99 -3.69 6.43
N GLU A 76 6.12 -3.79 7.13
CA GLU A 76 6.12 -3.60 8.57
C GLU A 76 5.46 -2.27 8.95
N THR A 77 6.00 -1.17 8.44
CA THR A 77 5.46 0.15 8.73
C THR A 77 3.95 0.19 8.48
N LEU A 78 3.51 -0.51 7.44
CA LEU A 78 2.09 -0.55 7.10
C LEU A 78 1.29 -1.33 8.15
N ARG A 79 1.93 -2.35 8.72
CA ARG A 79 1.29 -3.17 9.73
C ARG A 79 1.22 -2.43 11.07
N ASN A 80 2.20 -1.57 11.31
CA ASN A 80 2.24 -0.80 12.56
C ASN A 80 1.67 0.59 12.34
N THR A 81 0.40 0.76 12.69
CA THR A 81 -0.27 2.05 12.54
C THR A 81 -1.36 2.23 13.59
N GLY A 82 -1.99 3.40 13.59
CA GLY A 82 -3.03 3.69 14.56
C GLY A 82 -4.38 3.13 14.13
N GLN A 83 -5.40 3.37 14.95
CA GLN A 83 -6.74 2.90 14.65
C GLN A 83 -7.15 3.28 13.23
N VAL A 84 -6.65 4.41 12.76
CA VAL A 84 -6.96 4.89 11.41
C VAL A 84 -5.71 4.94 10.55
N VAL A 85 -5.81 4.40 9.33
CA VAL A 85 -4.69 4.38 8.40
C VAL A 85 -5.02 5.16 7.14
N HIS A 86 -4.63 6.43 7.11
CA HIS A 86 -4.88 7.29 5.96
C HIS A 86 -3.65 7.36 5.06
N LEU A 87 -3.52 6.40 4.16
CA LEU A 87 -2.39 6.36 3.24
C LEU A 87 -2.80 6.81 1.84
N LEU A 88 -1.83 7.31 1.08
CA LEU A 88 -2.10 7.77 -0.28
C LEU A 88 -1.53 6.79 -1.31
N LEU A 89 -2.41 6.28 -2.17
CA LEU A 89 -2.01 5.34 -3.21
C LEU A 89 -2.30 5.89 -4.60
N GLU A 90 -1.88 5.16 -5.62
CA GLU A 90 -2.09 5.57 -7.00
C GLU A 90 -2.41 4.38 -7.89
N LYS A 91 -3.07 4.64 -9.02
CA LYS A 91 -3.44 3.59 -9.96
C LYS A 91 -2.24 2.70 -10.28
N GLY A 92 -1.06 3.32 -10.32
CA GLY A 92 0.15 2.57 -10.62
C GLY A 92 0.38 2.40 -12.11
N GLN A 93 1.01 1.29 -12.50
CA GLN A 93 1.28 1.02 -13.90
C GLN A 93 0.77 -0.36 -14.30
N SER A 94 -0.48 -0.42 -14.74
CA SER A 94 -1.09 -1.68 -15.15
C SER A 94 -2.13 -1.45 -16.24
N PRO A 95 -2.46 -2.52 -16.97
CA PRO A 95 -3.44 -2.47 -18.06
C PRO A 95 -4.86 -2.25 -17.55
N THR A 96 -5.23 -2.98 -16.50
CA THR A 96 -6.56 -2.88 -15.92
C THR A 96 -6.52 -3.08 -14.41
N PRO A 1 -10.40 5.69 -14.90
CA PRO A 1 -9.52 6.53 -14.08
C PRO A 1 -8.24 6.92 -14.83
N LYS A 2 -7.79 8.14 -14.60
CA LYS A 2 -6.58 8.64 -15.24
C LYS A 2 -5.35 8.43 -14.35
N PRO A 3 -4.17 8.34 -14.98
CA PRO A 3 -2.91 8.13 -14.26
C PRO A 3 -2.50 9.35 -13.46
N GLY A 4 -2.23 9.15 -12.18
CA GLY A 4 -1.82 10.24 -11.31
C GLY A 4 -2.86 10.55 -10.24
N ASP A 5 -4.10 10.18 -10.50
CA ASP A 5 -5.18 10.42 -9.55
C ASP A 5 -4.77 10.00 -8.14
N ILE A 6 -5.31 10.69 -7.15
CA ILE A 6 -4.99 10.39 -5.75
C ILE A 6 -6.27 10.25 -4.92
N PHE A 7 -6.27 9.27 -4.02
CA PHE A 7 -7.42 9.02 -3.16
C PHE A 7 -7.02 8.22 -1.93
N GLU A 8 -7.42 8.72 -0.75
CA GLU A 8 -7.10 8.05 0.50
C GLU A 8 -8.22 7.10 0.91
N VAL A 9 -7.85 6.01 1.58
CA VAL A 9 -8.82 5.02 2.03
C VAL A 9 -8.83 4.92 3.56
N GLU A 10 -10.01 5.14 4.15
CA GLU A 10 -10.16 5.07 5.60
C GLU A 10 -10.53 3.66 6.04
N LEU A 11 -9.53 2.92 6.53
CA LEU A 11 -9.76 1.55 6.99
C LEU A 11 -10.00 1.51 8.50
N ALA A 12 -10.44 0.36 8.99
CA ALA A 12 -10.71 0.19 10.41
C ALA A 12 -9.52 -0.47 11.12
N LYS A 13 -8.65 -1.10 10.33
CA LYS A 13 -7.49 -1.79 10.88
C LYS A 13 -7.90 -2.98 11.72
N ASN A 14 -7.40 -4.16 11.34
CA ASN A 14 -7.72 -5.38 12.07
C ASN A 14 -6.47 -6.25 12.24
N ASP A 15 -6.18 -6.61 13.49
CA ASP A 15 -5.02 -7.43 13.80
C ASP A 15 -3.73 -6.71 13.42
N ASN A 16 -3.76 -5.38 13.47
CA ASN A 16 -2.59 -4.58 13.12
C ASN A 16 -2.00 -5.03 11.80
N SER A 17 -2.86 -5.44 10.87
CA SER A 17 -2.42 -5.90 9.56
C SER A 17 -3.34 -5.37 8.46
N LEU A 18 -2.85 -4.41 7.69
CA LEU A 18 -3.63 -3.83 6.61
C LEU A 18 -4.17 -4.91 5.67
N GLY A 19 -3.37 -5.94 5.45
CA GLY A 19 -3.78 -7.03 4.58
C GLY A 19 -3.25 -6.88 3.17
N ILE A 20 -2.20 -6.08 3.02
CA ILE A 20 -1.61 -5.85 1.70
C ILE A 20 -0.10 -6.15 1.72
N SER A 21 0.43 -6.53 0.57
CA SER A 21 1.85 -6.85 0.45
C SER A 21 2.52 -5.96 -0.60
N VAL A 22 3.65 -5.38 -0.23
CA VAL A 22 4.38 -4.51 -1.13
C VAL A 22 5.55 -5.25 -1.78
N THR A 23 6.14 -4.64 -2.80
CA THR A 23 7.27 -5.24 -3.51
C THR A 23 8.21 -4.17 -4.05
N GLY A 24 9.44 -4.58 -4.37
CA GLY A 24 10.41 -3.64 -4.90
C GLY A 24 10.74 -2.54 -3.91
N GLY A 25 11.75 -1.74 -4.23
CA GLY A 25 12.15 -0.64 -3.36
C GLY A 25 13.45 0.00 -3.79
N VAL A 26 13.85 1.04 -3.08
CA VAL A 26 15.09 1.75 -3.40
C VAL A 26 16.29 0.83 -3.29
N ASN A 27 16.11 -0.28 -2.59
CA ASN A 27 17.19 -1.26 -2.41
C ASN A 27 16.66 -2.69 -2.46
N THR A 28 16.54 -3.22 -3.67
CA THR A 28 16.04 -4.58 -3.87
C THR A 28 16.48 -5.14 -5.21
N SER A 29 16.11 -6.39 -5.48
CA SER A 29 16.46 -7.04 -6.73
C SER A 29 15.30 -6.97 -7.72
N VAL A 30 14.57 -5.86 -7.69
CA VAL A 30 13.44 -5.66 -8.60
C VAL A 30 13.82 -4.78 -9.77
N ARG A 31 12.84 -4.48 -10.62
CA ARG A 31 13.07 -3.64 -11.79
C ARG A 31 13.63 -2.29 -11.38
N HIS A 32 13.17 -1.77 -10.25
CA HIS A 32 13.62 -0.48 -9.74
C HIS A 32 12.93 -0.12 -8.43
N GLY A 33 13.07 1.13 -8.02
CA GLY A 33 12.44 1.56 -6.78
C GLY A 33 10.95 1.79 -6.92
N GLY A 34 10.24 0.76 -7.35
CA GLY A 34 8.80 0.88 -7.54
C GLY A 34 8.02 0.01 -6.57
N ILE A 35 7.00 0.58 -5.95
CA ILE A 35 6.17 -0.15 -5.00
C ILE A 35 4.71 -0.15 -5.42
N TYR A 36 4.15 -1.35 -5.59
CA TYR A 36 2.75 -1.48 -5.99
C TYR A 36 2.06 -2.58 -5.20
N VAL A 37 0.74 -2.50 -5.12
CA VAL A 37 -0.05 -3.50 -4.39
C VAL A 37 0.02 -4.85 -5.07
N LYS A 38 1.03 -5.64 -4.70
CA LYS A 38 1.21 -6.97 -5.28
C LYS A 38 0.37 -8.01 -4.54
N ALA A 39 -0.81 -8.30 -5.07
CA ALA A 39 -1.70 -9.28 -4.46
C ALA A 39 -2.23 -8.77 -3.11
N VAL A 40 -3.48 -9.11 -2.82
CA VAL A 40 -4.10 -8.68 -1.56
C VAL A 40 -4.36 -9.89 -0.65
N ILE A 41 -3.95 -9.76 0.61
CA ILE A 41 -4.14 -10.83 1.57
C ILE A 41 -5.62 -11.03 1.88
N PRO A 42 -6.14 -12.21 1.48
CA PRO A 42 -7.54 -12.56 1.71
C PRO A 42 -7.86 -12.80 3.18
N GLN A 43 -6.87 -13.31 3.91
CA GLN A 43 -7.05 -13.58 5.34
C GLN A 43 -6.62 -12.38 6.18
N GLY A 44 -7.04 -11.19 5.75
CA GLY A 44 -6.69 -9.98 6.47
C GLY A 44 -7.71 -8.87 6.28
N ALA A 45 -7.46 -7.73 6.88
CA ALA A 45 -8.36 -6.59 6.77
C ALA A 45 -8.59 -6.21 5.31
N ALA A 46 -7.61 -6.53 4.46
CA ALA A 46 -7.71 -6.22 3.04
C ALA A 46 -8.59 -7.24 2.33
N GLU A 47 -9.81 -7.41 2.82
CA GLU A 47 -10.76 -8.35 2.22
C GLU A 47 -12.04 -8.42 3.05
N SER A 48 -11.90 -8.85 4.30
CA SER A 48 -13.05 -8.98 5.20
C SER A 48 -13.61 -7.61 5.55
N ASP A 49 -12.75 -6.60 5.53
CA ASP A 49 -13.16 -5.23 5.85
C ASP A 49 -13.41 -4.43 4.59
N GLY A 50 -12.67 -4.76 3.53
CA GLY A 50 -12.81 -4.05 2.27
C GLY A 50 -12.10 -2.72 2.27
N ARG A 51 -12.68 -1.74 1.57
CA ARG A 51 -12.09 -0.41 1.48
C ARG A 51 -10.87 -0.40 0.56
N ILE A 52 -9.88 -1.20 0.90
CA ILE A 52 -8.65 -1.28 0.10
C ILE A 52 -8.83 -2.27 -1.06
N HIS A 53 -8.24 -1.93 -2.20
CA HIS A 53 -8.32 -2.79 -3.38
C HIS A 53 -7.03 -2.73 -4.18
N LYS A 54 -6.72 -3.83 -4.85
CA LYS A 54 -5.50 -3.91 -5.67
C LYS A 54 -5.55 -2.93 -6.83
N GLY A 55 -4.39 -2.64 -7.40
CA GLY A 55 -4.32 -1.73 -8.52
C GLY A 55 -3.94 -0.32 -8.09
N ASP A 56 -2.85 -0.20 -7.34
CA ASP A 56 -2.38 1.09 -6.86
C ASP A 56 -0.99 0.97 -6.24
N ARG A 57 -0.37 2.11 -5.99
CA ARG A 57 0.96 2.13 -5.39
C ARG A 57 0.91 2.68 -3.97
N VAL A 58 1.92 2.32 -3.17
CA VAL A 58 1.98 2.78 -1.78
C VAL A 58 2.68 4.13 -1.68
N LEU A 59 1.98 5.11 -1.12
CA LEU A 59 2.53 6.45 -0.95
C LEU A 59 2.72 6.78 0.52
N ALA A 60 2.93 8.06 0.81
CA ALA A 60 3.14 8.51 2.18
C ALA A 60 2.09 7.93 3.12
N VAL A 61 2.44 6.85 3.81
CA VAL A 61 1.53 6.20 4.74
C VAL A 61 1.35 7.02 6.01
N ASN A 62 0.31 7.86 6.03
CA ASN A 62 0.03 8.69 7.19
C ASN A 62 1.33 9.28 7.76
N GLY A 63 2.16 9.81 6.87
CA GLY A 63 3.42 10.40 7.30
C GLY A 63 4.63 9.63 6.80
N VAL A 64 4.47 8.31 6.68
CA VAL A 64 5.56 7.45 6.21
C VAL A 64 5.73 7.57 4.70
N SER A 65 6.51 8.54 4.27
CA SER A 65 6.75 8.76 2.85
C SER A 65 7.16 7.46 2.16
N LEU A 66 6.77 7.32 0.89
CA LEU A 66 7.09 6.13 0.13
C LEU A 66 7.98 6.47 -1.07
N GLU A 67 8.17 7.76 -1.30
CA GLU A 67 9.00 8.22 -2.41
C GLU A 67 10.29 7.40 -2.50
N GLY A 68 11.01 7.33 -1.38
CA GLY A 68 12.26 6.59 -1.36
C GLY A 68 12.27 5.53 -0.27
N ALA A 69 11.10 5.11 0.17
CA ALA A 69 10.97 4.10 1.21
C ALA A 69 11.44 2.73 0.70
N THR A 70 11.97 1.91 1.62
CA THR A 70 12.45 0.58 1.27
C THR A 70 11.32 -0.43 1.28
N HIS A 71 11.60 -1.63 0.76
CA HIS A 71 10.60 -2.70 0.73
C HIS A 71 10.10 -3.02 2.13
N LYS A 72 11.03 -3.29 3.04
CA LYS A 72 10.68 -3.61 4.41
C LYS A 72 9.87 -2.49 5.06
N GLN A 73 10.19 -1.25 4.69
CA GLN A 73 9.49 -0.09 5.21
C GLN A 73 8.00 -0.17 4.93
N ALA A 74 7.65 -0.15 3.65
CA ALA A 74 6.24 -0.22 3.25
C ALA A 74 5.54 -1.40 3.92
N VAL A 75 6.32 -2.40 4.32
CA VAL A 75 5.76 -3.58 4.97
C VAL A 75 5.52 -3.32 6.45
N GLU A 76 6.54 -2.81 7.14
CA GLU A 76 6.43 -2.51 8.56
C GLU A 76 5.94 -1.09 8.78
N THR A 77 5.37 -0.50 7.75
CA THR A 77 4.85 0.86 7.83
C THR A 77 3.34 0.88 8.00
N LEU A 78 2.69 -0.14 7.47
CA LEU A 78 1.23 -0.25 7.56
C LEU A 78 0.81 -0.92 8.87
N ARG A 79 1.58 -1.92 9.28
CA ARG A 79 1.30 -2.63 10.52
C ARG A 79 1.54 -1.75 11.73
N ASN A 80 2.64 -1.01 11.70
CA ASN A 80 2.99 -0.12 12.80
C ASN A 80 2.22 1.21 12.70
N THR A 81 0.90 1.13 12.82
CA THR A 81 0.05 2.31 12.74
C THR A 81 -1.02 2.29 13.81
N GLY A 82 -1.67 3.44 14.01
CA GLY A 82 -2.72 3.52 15.01
C GLY A 82 -3.97 2.77 14.60
N GLN A 83 -5.06 2.99 15.34
CA GLN A 83 -6.33 2.32 15.05
C GLN A 83 -6.75 2.56 13.60
N VAL A 84 -6.35 3.70 13.05
CA VAL A 84 -6.68 4.05 11.68
C VAL A 84 -5.43 4.24 10.83
N VAL A 85 -5.61 4.38 9.53
CA VAL A 85 -4.50 4.57 8.61
C VAL A 85 -4.90 5.46 7.43
N HIS A 86 -4.02 6.39 7.08
CA HIS A 86 -4.27 7.30 5.97
C HIS A 86 -3.30 7.07 4.83
N LEU A 87 -3.58 6.06 4.02
CA LEU A 87 -2.72 5.72 2.89
C LEU A 87 -3.30 6.25 1.58
N LEU A 88 -2.50 7.00 0.83
CA LEU A 88 -2.93 7.56 -0.43
C LEU A 88 -2.63 6.60 -1.59
N LEU A 89 -3.68 6.22 -2.33
CA LEU A 89 -3.52 5.32 -3.45
C LEU A 89 -3.45 6.09 -4.77
N GLU A 90 -2.44 5.78 -5.57
CA GLU A 90 -2.26 6.44 -6.85
C GLU A 90 -2.24 5.43 -8.00
N LYS A 91 -3.03 5.69 -9.02
CA LYS A 91 -3.11 4.79 -10.18
C LYS A 91 -1.71 4.45 -10.69
N GLY A 92 -1.22 3.27 -10.33
CA GLY A 92 0.10 2.85 -10.77
C GLY A 92 0.19 2.72 -12.27
N GLN A 93 1.41 2.62 -12.78
CA GLN A 93 1.64 2.50 -14.21
C GLN A 93 1.08 1.18 -14.74
N SER A 94 -0.12 1.23 -15.31
CA SER A 94 -0.77 0.04 -15.84
C SER A 94 -1.98 0.42 -16.68
N PRO A 95 -2.42 -0.52 -17.55
CA PRO A 95 -3.58 -0.30 -18.42
C PRO A 95 -4.89 -0.27 -17.65
N THR A 96 -5.07 -1.23 -16.74
CA THR A 96 -6.28 -1.31 -15.94
C THR A 96 -5.95 -1.69 -14.50
N PRO A 1 -9.34 5.73 -15.18
CA PRO A 1 -8.34 6.67 -14.67
C PRO A 1 -7.02 6.59 -15.44
N LYS A 2 -6.31 7.71 -15.50
CA LYS A 2 -5.04 7.78 -16.20
C LYS A 2 -3.89 7.38 -15.28
N PRO A 3 -2.79 6.91 -15.88
CA PRO A 3 -1.60 6.50 -15.13
C PRO A 3 -0.87 7.68 -14.50
N GLY A 4 -1.43 8.20 -13.41
CA GLY A 4 -0.82 9.34 -12.73
C GLY A 4 -1.83 10.13 -11.93
N ASP A 5 -2.29 9.57 -10.81
CA ASP A 5 -3.26 10.24 -9.97
C ASP A 5 -2.99 9.94 -8.49
N ILE A 6 -3.18 10.95 -7.64
CA ILE A 6 -2.96 10.79 -6.21
C ILE A 6 -4.27 10.88 -5.44
N PHE A 7 -4.59 9.82 -4.71
CA PHE A 7 -5.82 9.78 -3.91
C PHE A 7 -5.53 9.35 -2.48
N GLU A 8 -6.40 9.76 -1.56
CA GLU A 8 -6.24 9.41 -0.15
C GLU A 8 -7.34 8.47 0.31
N VAL A 9 -6.95 7.42 1.03
CA VAL A 9 -7.90 6.44 1.53
C VAL A 9 -7.46 5.88 2.89
N GLU A 10 -8.33 6.01 3.88
CA GLU A 10 -8.02 5.52 5.22
C GLU A 10 -8.52 4.09 5.40
N LEU A 11 -8.00 3.41 6.42
CA LEU A 11 -8.40 2.03 6.70
C LEU A 11 -8.61 1.83 8.20
N ALA A 12 -9.58 0.98 8.54
CA ALA A 12 -9.90 0.69 9.93
C ALA A 12 -9.06 -0.48 10.45
N LYS A 13 -8.46 -0.30 11.62
CA LYS A 13 -7.64 -1.34 12.22
C LYS A 13 -8.49 -2.32 13.02
N ASN A 14 -8.93 -3.39 12.36
CA ASN A 14 -9.76 -4.40 13.01
C ASN A 14 -8.91 -5.60 13.43
N ASP A 15 -8.19 -6.18 12.48
CA ASP A 15 -7.35 -7.33 12.76
C ASP A 15 -5.87 -6.94 12.73
N ASN A 16 -5.60 -5.66 12.94
CA ASN A 16 -4.23 -5.15 12.95
C ASN A 16 -3.46 -5.68 11.74
N SER A 17 -4.17 -5.85 10.62
CA SER A 17 -3.54 -6.34 9.39
C SER A 17 -4.13 -5.65 8.17
N LEU A 18 -3.31 -4.87 7.48
CA LEU A 18 -3.74 -4.16 6.28
C LEU A 18 -4.41 -5.10 5.29
N GLY A 19 -3.90 -6.32 5.22
CA GLY A 19 -4.46 -7.30 4.31
C GLY A 19 -4.00 -7.10 2.87
N ILE A 20 -2.70 -6.88 2.71
CA ILE A 20 -2.14 -6.67 1.38
C ILE A 20 -0.75 -7.29 1.26
N SER A 21 -0.43 -7.77 0.07
CA SER A 21 0.88 -8.40 -0.17
C SER A 21 1.74 -7.52 -1.06
N VAL A 22 2.63 -6.76 -0.43
CA VAL A 22 3.53 -5.87 -1.16
C VAL A 22 4.96 -6.42 -1.19
N THR A 23 5.67 -6.15 -2.28
CA THR A 23 7.04 -6.63 -2.43
C THR A 23 7.98 -5.48 -2.73
N GLY A 24 9.27 -5.68 -2.43
CA GLY A 24 10.25 -4.64 -2.66
C GLY A 24 11.67 -5.19 -2.68
N GLY A 25 12.65 -4.29 -2.58
CA GLY A 25 14.04 -4.70 -2.58
C GLY A 25 14.80 -4.18 -3.78
N VAL A 26 14.23 -4.36 -4.97
CA VAL A 26 14.86 -3.90 -6.20
C VAL A 26 13.83 -3.30 -7.15
N ASN A 27 14.32 -2.72 -8.24
CA ASN A 27 13.45 -2.10 -9.23
C ASN A 27 14.09 -2.14 -10.62
N THR A 28 13.25 -2.16 -11.65
CA THR A 28 13.73 -2.19 -13.03
C THR A 28 13.78 -0.79 -13.62
N SER A 29 12.81 0.04 -13.25
CA SER A 29 12.73 1.40 -13.76
C SER A 29 11.53 2.13 -13.18
N VAL A 30 11.19 1.81 -11.94
CA VAL A 30 10.05 2.44 -11.28
C VAL A 30 10.35 3.89 -10.91
N ARG A 31 9.30 4.70 -10.85
CA ARG A 31 9.45 6.11 -10.53
C ARG A 31 8.54 6.50 -9.36
N HIS A 32 7.34 5.94 -9.34
CA HIS A 32 6.38 6.22 -8.28
C HIS A 32 7.01 6.01 -6.90
N GLY A 33 7.18 4.75 -6.52
CA GLY A 33 7.77 4.45 -5.24
C GLY A 33 8.43 3.08 -5.21
N GLY A 34 8.89 2.67 -4.03
CA GLY A 34 9.55 1.38 -3.90
C GLY A 34 8.63 0.33 -3.32
N ILE A 35 7.34 0.43 -3.63
CA ILE A 35 6.36 -0.52 -3.14
C ILE A 35 5.13 -0.58 -4.04
N TYR A 36 4.57 -1.77 -4.19
CA TYR A 36 3.40 -1.96 -5.04
C TYR A 36 2.60 -3.18 -4.60
N VAL A 37 1.37 -2.94 -4.14
CA VAL A 37 0.50 -4.02 -3.68
C VAL A 37 0.28 -5.05 -4.79
N LYS A 38 0.48 -6.32 -4.44
CA LYS A 38 0.30 -7.40 -5.40
C LYS A 38 -1.10 -8.01 -5.28
N ALA A 39 -1.61 -8.08 -4.06
CA ALA A 39 -2.92 -8.63 -3.81
C ALA A 39 -3.45 -8.20 -2.44
N VAL A 40 -4.71 -8.53 -2.16
CA VAL A 40 -5.33 -8.18 -0.89
C VAL A 40 -5.64 -9.42 -0.06
N ILE A 41 -4.80 -9.70 0.92
CA ILE A 41 -4.98 -10.86 1.77
C ILE A 41 -6.42 -10.93 2.31
N PRO A 42 -7.10 -12.03 1.98
CA PRO A 42 -8.49 -12.25 2.41
C PRO A 42 -8.60 -12.50 3.91
N GLN A 43 -7.58 -13.14 4.47
CA GLN A 43 -7.55 -13.45 5.90
C GLN A 43 -7.02 -12.27 6.70
N GLY A 44 -7.61 -11.10 6.48
CA GLY A 44 -7.17 -9.91 7.20
C GLY A 44 -8.22 -8.82 7.20
N ALA A 45 -7.78 -7.58 7.42
CA ALA A 45 -8.69 -6.45 7.45
C ALA A 45 -8.59 -5.63 6.16
N ALA A 46 -9.16 -6.17 5.08
CA ALA A 46 -9.14 -5.49 3.79
C ALA A 46 -10.19 -6.07 2.85
N GLU A 47 -10.02 -7.33 2.49
CA GLU A 47 -10.95 -8.01 1.59
C GLU A 47 -12.37 -8.02 2.18
N SER A 48 -12.44 -8.16 3.50
CA SER A 48 -13.73 -8.18 4.18
C SER A 48 -14.59 -7.00 3.79
N ASP A 49 -14.07 -5.80 4.03
CA ASP A 49 -14.79 -4.57 3.70
C ASP A 49 -14.70 -4.27 2.20
N GLY A 50 -13.57 -4.65 1.59
CA GLY A 50 -13.37 -4.42 0.18
C GLY A 50 -13.18 -2.95 -0.14
N ARG A 51 -12.24 -2.32 0.55
CA ARG A 51 -11.94 -0.91 0.33
C ARG A 51 -10.77 -0.74 -0.64
N ILE A 52 -9.86 -1.70 -0.63
CA ILE A 52 -8.69 -1.65 -1.51
C ILE A 52 -8.83 -2.63 -2.67
N HIS A 53 -8.36 -2.23 -3.84
CA HIS A 53 -8.43 -3.08 -5.02
C HIS A 53 -7.03 -3.46 -5.50
N LYS A 54 -6.89 -4.69 -5.95
CA LYS A 54 -5.61 -5.19 -6.43
C LYS A 54 -5.01 -4.25 -7.47
N GLY A 55 -3.74 -3.93 -7.32
CA GLY A 55 -3.07 -3.03 -8.26
C GLY A 55 -2.96 -1.62 -7.72
N ASP A 56 -2.19 -1.45 -6.65
CA ASP A 56 -1.99 -0.14 -6.05
C ASP A 56 -0.55 0.05 -5.60
N ARG A 57 -0.23 1.25 -5.14
CA ARG A 57 1.12 1.57 -4.69
C ARG A 57 1.08 2.47 -3.46
N VAL A 58 1.53 1.94 -2.33
CA VAL A 58 1.55 2.71 -1.08
C VAL A 58 2.65 3.77 -1.10
N LEU A 59 2.24 5.01 -1.24
CA LEU A 59 3.19 6.13 -1.28
C LEU A 59 3.58 6.55 0.14
N ALA A 60 2.58 6.87 0.96
CA ALA A 60 2.82 7.28 2.34
C ALA A 60 1.78 6.68 3.28
N VAL A 61 2.20 6.45 4.53
CA VAL A 61 1.30 5.88 5.52
C VAL A 61 1.47 6.57 6.87
N ASN A 62 0.54 7.47 7.18
CA ASN A 62 0.58 8.21 8.44
C ASN A 62 1.95 8.84 8.65
N GLY A 63 2.59 9.24 7.56
CA GLY A 63 3.91 9.85 7.65
C GLY A 63 5.00 8.96 7.12
N VAL A 64 4.73 7.65 7.08
CA VAL A 64 5.71 6.68 6.60
C VAL A 64 5.80 6.71 5.08
N SER A 65 6.88 7.32 4.57
CA SER A 65 7.09 7.42 3.13
C SER A 65 7.56 6.09 2.56
N LEU A 66 7.31 5.88 1.27
CA LEU A 66 7.70 4.66 0.59
C LEU A 66 8.61 4.95 -0.60
N GLU A 67 8.77 6.23 -0.92
CA GLU A 67 9.62 6.65 -2.03
C GLU A 67 10.99 5.99 -1.95
N GLY A 68 11.67 6.18 -0.82
CA GLY A 68 12.98 5.60 -0.63
C GLY A 68 13.02 4.60 0.51
N ALA A 69 11.85 4.11 0.89
CA ALA A 69 11.76 3.14 1.98
C ALA A 69 12.04 1.73 1.48
N THR A 70 12.33 0.82 2.40
CA THR A 70 12.62 -0.57 2.06
C THR A 70 11.39 -1.46 2.26
N HIS A 71 11.47 -2.68 1.77
CA HIS A 71 10.36 -3.63 1.90
C HIS A 71 10.13 -4.00 3.36
N LYS A 72 11.15 -4.57 4.00
CA LYS A 72 11.06 -4.97 5.40
C LYS A 72 10.66 -3.78 6.27
N GLN A 73 11.05 -2.59 5.85
CA GLN A 73 10.74 -1.37 6.59
C GLN A 73 9.31 -0.92 6.31
N ALA A 74 8.85 -1.13 5.08
CA ALA A 74 7.51 -0.74 4.69
C ALA A 74 6.46 -1.51 5.48
N VAL A 75 6.37 -2.81 5.21
CA VAL A 75 5.40 -3.67 5.90
C VAL A 75 5.49 -3.50 7.41
N GLU A 76 6.71 -3.26 7.90
CA GLU A 76 6.93 -3.07 9.33
C GLU A 76 6.24 -1.81 9.83
N THR A 77 6.25 -0.77 9.00
CA THR A 77 5.62 0.50 9.37
C THR A 77 4.13 0.48 9.06
N LEU A 78 3.76 -0.19 7.98
CA LEU A 78 2.36 -0.29 7.58
C LEU A 78 1.54 -1.01 8.65
N ARG A 79 2.16 -2.01 9.28
CA ARG A 79 1.49 -2.77 10.32
C ARG A 79 1.45 -2.00 11.63
N ASN A 80 2.53 -1.30 11.93
CA ASN A 80 2.63 -0.52 13.16
C ASN A 80 2.13 0.91 12.94
N THR A 81 0.88 1.15 13.32
CA THR A 81 0.28 2.47 13.17
C THR A 81 -0.73 2.76 14.28
N GLY A 82 -1.15 4.01 14.39
CA GLY A 82 -2.11 4.38 15.40
C GLY A 82 -3.41 3.60 15.30
N GLN A 83 -4.37 3.94 16.15
CA GLN A 83 -5.66 3.26 16.15
C GLN A 83 -6.29 3.28 14.76
N VAL A 84 -5.95 4.30 13.99
CA VAL A 84 -6.47 4.45 12.63
C VAL A 84 -5.35 4.51 11.61
N VAL A 85 -5.58 3.92 10.44
CA VAL A 85 -4.59 3.90 9.37
C VAL A 85 -4.95 4.91 8.29
N HIS A 86 -4.07 5.89 8.07
CA HIS A 86 -4.28 6.91 7.05
C HIS A 86 -3.11 6.97 6.10
N LEU A 87 -3.18 6.18 5.02
CA LEU A 87 -2.12 6.15 4.02
C LEU A 87 -2.62 6.65 2.68
N LEU A 88 -1.75 7.27 1.90
CA LEU A 88 -2.10 7.79 0.59
C LEU A 88 -1.54 6.90 -0.52
N LEU A 89 -2.43 6.35 -1.34
CA LEU A 89 -2.03 5.48 -2.44
C LEU A 89 -2.06 6.22 -3.76
N GLU A 90 -1.29 5.75 -4.73
CA GLU A 90 -1.23 6.38 -6.04
C GLU A 90 -1.41 5.34 -7.15
N LYS A 91 -2.25 5.66 -8.13
CA LYS A 91 -2.50 4.76 -9.24
C LYS A 91 -1.20 4.24 -9.84
N GLY A 92 -0.96 2.95 -9.69
CA GLY A 92 0.26 2.35 -10.22
C GLY A 92 0.15 2.05 -11.70
N GLN A 93 1.21 1.47 -12.26
CA GLN A 93 1.24 1.15 -13.68
C GLN A 93 0.60 -0.22 -13.93
N SER A 94 0.76 -0.72 -15.16
CA SER A 94 0.19 -2.01 -15.53
C SER A 94 0.93 -2.59 -16.75
N PRO A 95 0.79 -3.90 -16.94
CA PRO A 95 1.41 -4.61 -18.06
C PRO A 95 0.80 -4.25 -19.40
N THR A 96 1.17 -4.98 -20.45
CA THR A 96 0.65 -4.74 -21.78
C THR A 96 -0.36 -5.81 -22.18
N PRO A 1 -11.55 6.16 -13.61
CA PRO A 1 -10.47 7.00 -13.10
C PRO A 1 -9.25 7.00 -14.02
N LYS A 2 -8.54 8.12 -14.07
CA LYS A 2 -7.34 8.24 -14.90
C LYS A 2 -6.08 8.18 -14.05
N PRO A 3 -4.95 7.87 -14.71
CA PRO A 3 -3.65 7.77 -14.03
C PRO A 3 -3.13 9.13 -13.57
N GLY A 4 -2.51 9.15 -12.40
CA GLY A 4 -1.97 10.39 -11.86
C GLY A 4 -2.80 10.92 -10.70
N ASP A 5 -4.07 10.55 -10.67
CA ASP A 5 -4.97 10.99 -9.60
C ASP A 5 -4.40 10.62 -8.22
N ILE A 6 -5.14 10.97 -7.18
CA ILE A 6 -4.71 10.68 -5.81
C ILE A 6 -5.85 10.87 -4.83
N PHE A 7 -5.87 10.06 -3.77
CA PHE A 7 -6.91 10.14 -2.75
C PHE A 7 -6.50 9.36 -1.51
N GLU A 8 -7.03 9.77 -0.36
CA GLU A 8 -6.72 9.12 0.91
C GLU A 8 -7.82 8.13 1.29
N VAL A 9 -7.45 7.12 2.07
CA VAL A 9 -8.41 6.10 2.50
C VAL A 9 -8.19 5.74 3.96
N GLU A 10 -9.23 5.95 4.76
CA GLU A 10 -9.17 5.65 6.19
C GLU A 10 -9.73 4.26 6.49
N LEU A 11 -8.91 3.41 7.09
CA LEU A 11 -9.33 2.06 7.43
C LEU A 11 -8.94 1.71 8.86
N ALA A 12 -9.72 0.83 9.49
CA ALA A 12 -9.46 0.41 10.86
C ALA A 12 -8.77 -0.95 10.88
N LYS A 13 -7.51 -0.96 11.29
CA LYS A 13 -6.74 -2.20 11.37
C LYS A 13 -7.53 -3.29 12.10
N ASN A 14 -7.74 -4.42 11.43
CA ASN A 14 -8.48 -5.52 12.00
C ASN A 14 -7.56 -6.73 12.23
N ASP A 15 -7.43 -7.14 13.48
CA ASP A 15 -6.58 -8.27 13.83
C ASP A 15 -5.11 -7.96 13.56
N ASN A 16 -4.75 -6.69 13.69
CA ASN A 16 -3.37 -6.26 13.47
C ASN A 16 -2.89 -6.69 12.09
N SER A 17 -3.71 -6.42 11.07
CA SER A 17 -3.37 -6.78 9.70
C SER A 17 -3.94 -5.78 8.72
N LEU A 18 -3.10 -4.89 8.21
CA LEU A 18 -3.52 -3.87 7.26
C LEU A 18 -4.17 -4.52 6.03
N GLY A 19 -3.62 -5.65 5.60
CA GLY A 19 -4.17 -6.35 4.45
C GLY A 19 -3.71 -5.73 3.15
N ILE A 20 -2.40 -5.67 2.95
CA ILE A 20 -1.84 -5.09 1.73
C ILE A 20 -0.47 -5.70 1.42
N SER A 21 -0.37 -6.32 0.24
CA SER A 21 0.89 -6.94 -0.18
C SER A 21 1.73 -5.96 -0.99
N VAL A 22 2.83 -5.50 -0.39
CA VAL A 22 3.73 -4.56 -1.06
C VAL A 22 4.84 -5.31 -1.80
N THR A 23 5.45 -4.62 -2.76
CA THR A 23 6.53 -5.20 -3.54
C THR A 23 7.46 -4.12 -4.08
N GLY A 24 8.61 -4.55 -4.60
CA GLY A 24 9.58 -3.61 -5.15
C GLY A 24 10.28 -2.80 -4.07
N GLY A 25 11.12 -1.87 -4.48
CA GLY A 25 11.85 -1.04 -3.53
C GLY A 25 13.17 -0.55 -4.08
N VAL A 26 13.68 0.54 -3.51
CA VAL A 26 14.94 1.12 -3.95
C VAL A 26 16.09 0.15 -3.72
N ASN A 27 15.85 -0.87 -2.89
CA ASN A 27 16.88 -1.86 -2.58
C ASN A 27 16.28 -3.26 -2.59
N THR A 28 15.90 -3.73 -3.78
CA THR A 28 15.31 -5.06 -3.93
C THR A 28 15.64 -5.65 -5.29
N SER A 29 15.11 -6.84 -5.55
CA SER A 29 15.35 -7.52 -6.82
C SER A 29 14.27 -7.17 -7.84
N VAL A 30 13.76 -5.94 -7.76
CA VAL A 30 12.73 -5.48 -8.66
C VAL A 30 13.29 -4.53 -9.72
N ARG A 31 12.55 -4.32 -10.78
CA ARG A 31 12.97 -3.43 -11.86
C ARG A 31 13.81 -2.27 -11.32
N HIS A 32 13.16 -1.38 -10.58
CA HIS A 32 13.84 -0.24 -10.00
C HIS A 32 13.49 -0.08 -8.52
N GLY A 33 12.34 0.52 -8.25
CA GLY A 33 11.91 0.70 -6.87
C GLY A 33 10.44 1.07 -6.76
N GLY A 34 9.61 0.39 -7.54
CA GLY A 34 8.18 0.68 -7.51
C GLY A 34 7.49 0.09 -6.29
N ILE A 35 6.69 0.90 -5.63
CA ILE A 35 5.97 0.44 -4.44
C ILE A 35 4.47 0.34 -4.71
N TYR A 36 4.07 -0.76 -5.33
CA TYR A 36 2.66 -0.98 -5.64
C TYR A 36 2.15 -2.27 -5.00
N VAL A 37 0.84 -2.38 -4.87
CA VAL A 37 0.22 -3.56 -4.27
C VAL A 37 0.02 -4.66 -5.30
N LYS A 38 0.81 -5.72 -5.17
CA LYS A 38 0.72 -6.85 -6.09
C LYS A 38 -0.28 -7.88 -5.58
N ALA A 39 -1.54 -7.72 -5.98
CA ALA A 39 -2.59 -8.64 -5.57
C ALA A 39 -2.87 -8.54 -4.07
N VAL A 40 -4.13 -8.32 -3.71
CA VAL A 40 -4.51 -8.21 -2.32
C VAL A 40 -4.47 -9.57 -1.62
N ILE A 41 -4.17 -9.55 -0.32
CA ILE A 41 -4.10 -10.78 0.45
C ILE A 41 -5.39 -11.02 1.23
N PRO A 42 -6.22 -11.94 0.71
CA PRO A 42 -7.50 -12.28 1.34
C PRO A 42 -7.32 -13.04 2.65
N GLN A 43 -6.80 -12.34 3.65
CA GLN A 43 -6.58 -12.94 4.97
C GLN A 43 -6.56 -11.88 6.06
N GLY A 44 -7.56 -11.01 6.04
CA GLY A 44 -7.64 -9.95 7.04
C GLY A 44 -8.57 -8.83 6.61
N ALA A 45 -8.19 -7.60 6.96
CA ALA A 45 -8.98 -6.43 6.61
C ALA A 45 -9.22 -6.35 5.10
N ALA A 46 -8.24 -6.83 4.34
CA ALA A 46 -8.34 -6.82 2.89
C ALA A 46 -9.17 -7.99 2.38
N GLU A 47 -10.42 -8.06 2.81
CA GLU A 47 -11.31 -9.14 2.39
C GLU A 47 -12.68 -8.99 3.06
N SER A 48 -12.70 -9.13 4.38
CA SER A 48 -13.95 -9.01 5.13
C SER A 48 -14.42 -7.56 5.20
N ASP A 49 -13.49 -6.66 5.47
CA ASP A 49 -13.80 -5.24 5.57
C ASP A 49 -14.07 -4.65 4.18
N GLY A 50 -13.25 -5.03 3.21
CA GLY A 50 -13.41 -4.53 1.87
C GLY A 50 -13.23 -3.03 1.78
N ARG A 51 -12.12 -2.60 1.19
CA ARG A 51 -11.83 -1.18 1.04
C ARG A 51 -10.82 -0.94 -0.08
N ILE A 52 -9.57 -1.31 0.17
CA ILE A 52 -8.51 -1.14 -0.81
C ILE A 52 -8.40 -2.36 -1.73
N HIS A 53 -8.13 -2.11 -3.00
CA HIS A 53 -8.02 -3.18 -3.99
C HIS A 53 -6.65 -3.14 -4.67
N LYS A 54 -6.18 -4.29 -5.13
CA LYS A 54 -4.91 -4.38 -5.80
C LYS A 54 -4.75 -3.29 -6.86
N GLY A 55 -3.53 -2.85 -7.09
CA GLY A 55 -3.28 -1.81 -8.07
C GLY A 55 -2.72 -0.55 -7.45
N ASP A 56 -3.47 0.05 -6.54
CA ASP A 56 -3.05 1.28 -5.88
C ASP A 56 -1.60 1.16 -5.41
N ARG A 57 -0.96 2.30 -5.16
CA ARG A 57 0.43 2.33 -4.71
C ARG A 57 0.51 2.69 -3.24
N VAL A 58 1.65 2.40 -2.62
CA VAL A 58 1.86 2.69 -1.21
C VAL A 58 2.74 3.93 -1.03
N LEU A 59 2.09 5.08 -0.89
CA LEU A 59 2.81 6.34 -0.71
C LEU A 59 2.10 7.24 0.31
N ALA A 60 2.87 8.08 0.98
CA ALA A 60 2.32 8.99 1.98
C ALA A 60 1.38 8.25 2.92
N VAL A 61 1.81 7.09 3.41
CA VAL A 61 0.99 6.29 4.32
C VAL A 61 0.87 6.96 5.68
N ASN A 62 -0.05 7.92 5.77
CA ASN A 62 -0.28 8.65 7.02
C ASN A 62 0.98 9.41 7.43
N GLY A 63 1.38 10.37 6.60
CA GLY A 63 2.56 11.15 6.90
C GLY A 63 3.85 10.36 6.77
N VAL A 64 3.80 9.30 5.96
CA VAL A 64 4.97 8.46 5.73
C VAL A 64 5.34 8.41 4.26
N SER A 65 6.06 9.43 3.80
CA SER A 65 6.48 9.50 2.40
C SER A 65 7.22 8.23 2.00
N LEU A 66 6.57 7.41 1.17
CA LEU A 66 7.17 6.17 0.70
C LEU A 66 7.81 6.36 -0.66
N GLU A 67 8.24 7.58 -0.95
CA GLU A 67 8.87 7.88 -2.23
C GLU A 67 10.00 6.90 -2.53
N GLY A 68 11.03 6.94 -1.69
CA GLY A 68 12.17 6.04 -1.89
C GLY A 68 12.33 5.05 -0.75
N ALA A 69 11.23 4.80 -0.04
CA ALA A 69 11.26 3.86 1.07
C ALA A 69 11.68 2.47 0.62
N THR A 70 12.35 1.74 1.51
CA THR A 70 12.81 0.39 1.20
C THR A 70 11.66 -0.61 1.24
N HIS A 71 11.86 -1.75 0.60
CA HIS A 71 10.83 -2.80 0.55
C HIS A 71 10.32 -3.11 1.95
N LYS A 72 11.20 -3.00 2.94
CA LYS A 72 10.83 -3.27 4.32
C LYS A 72 10.07 -2.09 4.93
N GLN A 73 10.43 -0.89 4.50
CA GLN A 73 9.79 0.33 5.00
C GLN A 73 8.29 0.29 4.74
N ALA A 74 7.91 0.05 3.49
CA ALA A 74 6.51 0.00 3.11
C ALA A 74 5.80 -1.17 3.79
N VAL A 75 6.59 -2.11 4.31
CA VAL A 75 6.04 -3.26 5.01
C VAL A 75 5.78 -2.96 6.47
N GLU A 76 6.82 -2.49 7.17
CA GLU A 76 6.70 -2.16 8.59
C GLU A 76 5.88 -0.89 8.79
N THR A 77 6.01 0.04 7.83
CA THR A 77 5.28 1.30 7.90
C THR A 77 3.79 1.07 8.17
N LEU A 78 3.28 -0.06 7.71
CA LEU A 78 1.88 -0.40 7.90
C LEU A 78 1.65 -1.02 9.27
N ARG A 79 2.55 -1.92 9.67
CA ARG A 79 2.45 -2.58 10.96
C ARG A 79 2.61 -1.58 12.11
N ASN A 80 3.40 -0.54 11.86
CA ASN A 80 3.64 0.49 12.86
C ASN A 80 2.64 1.63 12.73
N THR A 81 1.36 1.30 12.92
CA THR A 81 0.29 2.29 12.82
C THR A 81 -0.64 2.21 14.03
N GLY A 82 -1.50 3.22 14.16
CA GLY A 82 -2.44 3.25 15.28
C GLY A 82 -3.83 2.78 14.87
N GLN A 83 -4.82 3.12 15.69
CA GLN A 83 -6.20 2.73 15.42
C GLN A 83 -6.60 3.11 14.00
N VAL A 84 -5.99 4.17 13.48
CA VAL A 84 -6.28 4.65 12.13
C VAL A 84 -5.07 4.51 11.22
N VAL A 85 -5.32 4.16 9.96
CA VAL A 85 -4.25 3.99 8.99
C VAL A 85 -4.60 4.66 7.66
N HIS A 86 -4.19 5.91 7.50
CA HIS A 86 -4.46 6.65 6.28
C HIS A 86 -3.38 6.40 5.23
N LEU A 87 -3.79 6.31 3.98
CA LEU A 87 -2.86 6.06 2.88
C LEU A 87 -3.33 6.75 1.60
N LEU A 88 -2.37 7.28 0.83
CA LEU A 88 -2.68 7.96 -0.41
C LEU A 88 -2.49 7.04 -1.60
N LEU A 89 -3.57 6.81 -2.34
CA LEU A 89 -3.52 5.94 -3.51
C LEU A 89 -3.61 6.75 -4.80
N GLU A 90 -2.61 6.59 -5.66
CA GLU A 90 -2.58 7.31 -6.94
C GLU A 90 -3.23 6.48 -8.05
N LYS A 91 -2.47 5.54 -8.59
CA LYS A 91 -2.97 4.69 -9.66
C LYS A 91 -1.85 3.83 -10.25
N GLY A 92 -1.71 2.62 -9.72
CA GLY A 92 -0.67 1.72 -10.20
C GLY A 92 -0.70 1.56 -11.71
N GLN A 93 0.45 1.23 -12.29
CA GLN A 93 0.56 1.06 -13.73
C GLN A 93 0.07 -0.33 -14.14
N SER A 94 0.22 -0.65 -15.42
CA SER A 94 -0.20 -1.94 -15.95
C SER A 94 0.52 -2.26 -17.26
N PRO A 95 0.53 -3.55 -17.62
CA PRO A 95 1.18 -4.02 -18.86
C PRO A 95 0.43 -3.57 -20.11
N THR A 96 0.84 -4.10 -21.25
CA THR A 96 0.21 -3.76 -22.52
C THR A 96 -0.97 -4.68 -22.83
N PRO A 1 -12.07 5.33 -12.63
CA PRO A 1 -11.01 6.27 -12.27
C PRO A 1 -10.00 6.47 -13.39
N LYS A 2 -9.46 7.68 -13.48
CA LYS A 2 -8.47 7.99 -14.52
C LYS A 2 -7.05 7.90 -13.97
N PRO A 3 -6.08 7.78 -14.87
CA PRO A 3 -4.66 7.68 -14.49
C PRO A 3 -4.11 9.00 -13.94
N GLY A 4 -3.04 8.91 -13.17
CA GLY A 4 -2.44 10.10 -12.59
C GLY A 4 -3.39 10.83 -11.66
N ASP A 5 -3.84 10.15 -10.62
CA ASP A 5 -4.75 10.74 -9.65
C ASP A 5 -4.32 10.44 -8.22
N ILE A 6 -4.27 11.48 -7.39
CA ILE A 6 -3.86 11.32 -6.00
C ILE A 6 -5.03 11.57 -5.06
N PHE A 7 -5.49 10.51 -4.40
CA PHE A 7 -6.60 10.62 -3.46
C PHE A 7 -6.29 9.88 -2.16
N GLU A 8 -6.97 10.28 -1.09
CA GLU A 8 -6.77 9.66 0.21
C GLU A 8 -7.89 8.68 0.53
N VAL A 9 -7.58 7.66 1.32
CA VAL A 9 -8.57 6.65 1.71
C VAL A 9 -8.29 6.11 3.10
N GLU A 10 -9.27 6.24 3.99
CA GLU A 10 -9.13 5.76 5.36
C GLU A 10 -9.70 4.36 5.51
N LEU A 11 -9.07 3.55 6.34
CA LEU A 11 -9.52 2.18 6.58
C LEU A 11 -9.55 1.86 8.07
N ALA A 12 -10.47 0.99 8.47
CA ALA A 12 -10.58 0.59 9.87
C ALA A 12 -9.60 -0.52 10.22
N LYS A 13 -8.73 -0.25 11.18
CA LYS A 13 -7.74 -1.23 11.61
C LYS A 13 -8.40 -2.48 12.16
N ASN A 14 -7.92 -3.64 11.74
CA ASN A 14 -8.47 -4.91 12.19
C ASN A 14 -7.36 -5.94 12.39
N ASP A 15 -7.18 -6.36 13.64
CA ASP A 15 -6.16 -7.35 13.97
C ASP A 15 -4.76 -6.79 13.69
N ASN A 16 -4.63 -5.47 13.72
CA ASN A 16 -3.36 -4.83 13.47
C ASN A 16 -2.70 -5.38 12.21
N SER A 17 -3.52 -5.65 11.19
CA SER A 17 -3.01 -6.19 9.93
C SER A 17 -3.71 -5.55 8.75
N LEU A 18 -2.96 -4.80 7.95
CA LEU A 18 -3.52 -4.13 6.78
C LEU A 18 -4.24 -5.12 5.88
N GLY A 19 -3.59 -6.25 5.59
CA GLY A 19 -4.19 -7.25 4.74
C GLY A 19 -3.83 -7.08 3.28
N ILE A 20 -2.65 -6.51 3.03
CA ILE A 20 -2.19 -6.29 1.67
C ILE A 20 -0.74 -6.71 1.51
N SER A 21 -0.38 -7.11 0.28
CA SER A 21 0.99 -7.55 0.00
C SER A 21 1.64 -6.65 -1.05
N VAL A 22 2.76 -6.05 -0.69
CA VAL A 22 3.48 -5.17 -1.60
C VAL A 22 4.70 -5.86 -2.21
N THR A 23 5.23 -5.29 -3.28
CA THR A 23 6.39 -5.86 -3.94
C THR A 23 7.69 -5.27 -3.40
N GLY A 24 8.76 -5.37 -4.18
CA GLY A 24 10.05 -4.84 -3.74
C GLY A 24 10.01 -3.34 -3.55
N GLY A 25 11.11 -2.67 -3.93
CA GLY A 25 11.18 -1.23 -3.79
C GLY A 25 12.45 -0.66 -4.38
N VAL A 26 13.09 0.25 -3.65
CA VAL A 26 14.32 0.87 -4.11
C VAL A 26 15.47 -0.13 -4.16
N ASN A 27 15.22 -1.32 -3.62
CA ASN A 27 16.24 -2.37 -3.60
C ASN A 27 16.43 -2.96 -4.99
N THR A 28 17.21 -4.03 -5.07
CA THR A 28 17.48 -4.68 -6.35
C THR A 28 16.28 -5.50 -6.81
N SER A 29 15.26 -5.58 -5.97
CA SER A 29 14.05 -6.33 -6.29
C SER A 29 13.38 -5.76 -7.54
N VAL A 30 13.46 -4.45 -7.70
CA VAL A 30 12.86 -3.79 -8.85
C VAL A 30 13.83 -2.81 -9.50
N ARG A 31 13.48 -2.32 -10.68
CA ARG A 31 14.34 -1.38 -11.40
C ARG A 31 14.52 -0.10 -10.59
N HIS A 32 13.49 0.74 -10.58
CA HIS A 32 13.54 2.00 -9.84
C HIS A 32 13.10 1.81 -8.40
N GLY A 33 11.80 1.71 -8.18
CA GLY A 33 11.28 1.53 -6.84
C GLY A 33 9.94 0.83 -6.83
N GLY A 34 9.84 -0.26 -7.58
CA GLY A 34 8.59 -1.02 -7.65
C GLY A 34 7.96 -1.20 -6.29
N ILE A 35 6.75 -0.69 -6.12
CA ILE A 35 6.04 -0.80 -4.86
C ILE A 35 4.53 -0.81 -5.07
N TYR A 36 4.10 -1.43 -6.16
CA TYR A 36 2.68 -1.51 -6.49
C TYR A 36 2.11 -2.87 -6.09
N VAL A 37 1.17 -2.86 -5.15
CA VAL A 37 0.54 -4.09 -4.68
C VAL A 37 -0.03 -4.88 -5.85
N LYS A 38 0.47 -6.11 -6.02
CA LYS A 38 0.01 -6.98 -7.09
C LYS A 38 -1.06 -7.94 -6.59
N ALA A 39 -0.94 -8.36 -5.34
CA ALA A 39 -1.90 -9.27 -4.73
C ALA A 39 -2.50 -8.68 -3.46
N VAL A 40 -3.48 -9.38 -2.89
CA VAL A 40 -4.13 -8.93 -1.67
C VAL A 40 -4.42 -10.10 -0.73
N ILE A 41 -3.50 -10.34 0.19
CA ILE A 41 -3.66 -11.44 1.15
C ILE A 41 -5.06 -11.45 1.73
N PRO A 42 -5.88 -12.41 1.28
CA PRO A 42 -7.26 -12.56 1.76
C PRO A 42 -7.33 -13.05 3.20
N GLN A 43 -6.79 -12.25 4.12
CA GLN A 43 -6.78 -12.60 5.53
C GLN A 43 -6.49 -11.39 6.40
N GLY A 44 -7.22 -10.31 6.17
CA GLY A 44 -7.02 -9.09 6.93
C GLY A 44 -8.01 -8.00 6.58
N ALA A 45 -7.74 -6.79 7.03
CA ALA A 45 -8.62 -5.66 6.76
C ALA A 45 -8.80 -5.45 5.25
N ALA A 46 -7.76 -5.78 4.49
CA ALA A 46 -7.80 -5.63 3.04
C ALA A 46 -8.39 -6.88 2.38
N GLU A 47 -9.59 -7.26 2.81
CA GLU A 47 -10.24 -8.44 2.27
C GLU A 47 -11.66 -8.57 2.81
N SER A 48 -11.77 -8.81 4.12
CA SER A 48 -13.06 -8.96 4.76
C SER A 48 -13.74 -7.61 4.95
N ASP A 49 -12.94 -6.59 5.26
CA ASP A 49 -13.46 -5.24 5.46
C ASP A 49 -13.62 -4.52 4.13
N GLY A 50 -12.73 -4.82 3.19
CA GLY A 50 -12.79 -4.19 1.88
C GLY A 50 -12.12 -2.83 1.87
N ARG A 51 -12.82 -1.84 1.31
CA ARG A 51 -12.29 -0.49 1.24
C ARG A 51 -11.22 -0.38 0.15
N ILE A 52 -10.11 -1.09 0.34
CA ILE A 52 -9.02 -1.09 -0.62
C ILE A 52 -9.10 -2.29 -1.55
N HIS A 53 -8.73 -2.07 -2.81
CA HIS A 53 -8.75 -3.13 -3.81
C HIS A 53 -7.41 -3.24 -4.53
N LYS A 54 -7.09 -4.43 -5.00
CA LYS A 54 -5.83 -4.67 -5.71
C LYS A 54 -5.63 -3.64 -6.80
N GLY A 55 -4.37 -3.36 -7.13
CA GLY A 55 -4.06 -2.39 -8.17
C GLY A 55 -3.88 -0.99 -7.62
N ASP A 56 -2.71 -0.72 -7.07
CA ASP A 56 -2.40 0.59 -6.50
C ASP A 56 -0.96 0.66 -6.03
N ARG A 57 -0.54 1.85 -5.61
CA ARG A 57 0.82 2.06 -5.14
C ARG A 57 0.83 2.54 -3.69
N VAL A 58 1.75 2.01 -2.89
CA VAL A 58 1.87 2.39 -1.49
C VAL A 58 2.72 3.63 -1.33
N LEU A 59 2.09 4.76 -1.03
CA LEU A 59 2.80 6.02 -0.84
C LEU A 59 2.14 6.86 0.25
N ALA A 60 2.93 7.73 0.86
CA ALA A 60 2.43 8.60 1.93
C ALA A 60 1.69 7.79 2.99
N VAL A 61 2.22 6.62 3.31
CA VAL A 61 1.61 5.75 4.31
C VAL A 61 1.59 6.42 5.68
N ASN A 62 0.46 6.98 6.05
CA ASN A 62 0.31 7.66 7.34
C ASN A 62 1.39 8.72 7.51
N GLY A 63 1.83 9.31 6.40
CA GLY A 63 2.86 10.33 6.46
C GLY A 63 4.22 9.81 6.03
N VAL A 64 4.40 8.50 6.11
CA VAL A 64 5.67 7.88 5.72
C VAL A 64 5.78 7.76 4.21
N SER A 65 6.21 8.85 3.56
CA SER A 65 6.35 8.86 2.11
C SER A 65 7.22 7.71 1.65
N LEU A 66 6.67 6.88 0.76
CA LEU A 66 7.39 5.73 0.22
C LEU A 66 8.03 6.07 -1.12
N GLU A 67 8.39 7.33 -1.30
CA GLU A 67 9.02 7.78 -2.54
C GLU A 67 10.19 6.89 -2.92
N GLY A 68 11.05 6.60 -1.94
CA GLY A 68 12.20 5.75 -2.19
C GLY A 68 12.46 4.78 -1.05
N ALA A 69 11.43 4.49 -0.28
CA ALA A 69 11.54 3.57 0.85
C ALA A 69 11.86 2.16 0.37
N THR A 70 12.44 1.35 1.25
CA THR A 70 12.78 -0.02 0.92
C THR A 70 11.56 -0.94 1.01
N HIS A 71 11.62 -2.06 0.29
CA HIS A 71 10.52 -3.02 0.28
C HIS A 71 10.15 -3.42 1.71
N LYS A 72 11.14 -3.40 2.60
CA LYS A 72 10.92 -3.77 3.99
C LYS A 72 10.19 -2.65 4.74
N GLN A 73 10.45 -1.41 4.33
CA GLN A 73 9.82 -0.25 4.95
C GLN A 73 8.32 -0.25 4.71
N ALA A 74 7.92 -0.22 3.44
CA ALA A 74 6.52 -0.21 3.07
C ALA A 74 5.80 -1.44 3.62
N VAL A 75 6.56 -2.50 3.88
CA VAL A 75 6.00 -3.73 4.41
C VAL A 75 5.83 -3.66 5.92
N GLU A 76 6.89 -3.23 6.61
CA GLU A 76 6.85 -3.12 8.06
C GLU A 76 6.17 -1.83 8.50
N THR A 77 5.76 -1.03 7.51
CA THR A 77 5.10 0.24 7.78
C THR A 77 3.61 0.05 8.03
N LEU A 78 3.02 -0.94 7.36
CA LEU A 78 1.60 -1.24 7.52
C LEU A 78 1.34 -2.03 8.79
N ARG A 79 2.20 -3.01 9.06
CA ARG A 79 2.07 -3.84 10.25
C ARG A 79 2.01 -2.98 11.51
N ASN A 80 2.75 -1.87 11.50
CA ASN A 80 2.79 -0.96 12.64
C ASN A 80 2.09 0.36 12.31
N THR A 81 0.77 0.39 12.51
CA THR A 81 -0.01 1.59 12.24
C THR A 81 -0.87 1.97 13.43
N GLY A 82 -1.55 3.11 13.33
CA GLY A 82 -2.41 3.56 14.41
C GLY A 82 -3.83 3.03 14.27
N GLN A 83 -4.72 3.51 15.14
CA GLN A 83 -6.11 3.09 15.13
C GLN A 83 -6.70 3.24 13.72
N VAL A 84 -6.20 4.21 12.98
CA VAL A 84 -6.69 4.46 11.62
C VAL A 84 -5.53 4.51 10.63
N VAL A 85 -5.77 4.00 9.43
CA VAL A 85 -4.74 3.99 8.39
C VAL A 85 -5.05 5.01 7.29
N HIS A 86 -4.61 6.25 7.51
CA HIS A 86 -4.84 7.32 6.55
C HIS A 86 -3.73 7.35 5.49
N LEU A 87 -3.82 6.44 4.53
CA LEU A 87 -2.83 6.37 3.46
C LEU A 87 -3.41 6.84 2.13
N LEU A 88 -2.55 7.38 1.27
CA LEU A 88 -2.98 7.87 -0.03
C LEU A 88 -2.75 6.82 -1.11
N LEU A 89 -3.80 6.51 -1.87
CA LEU A 89 -3.71 5.53 -2.94
C LEU A 89 -3.57 6.21 -4.30
N GLU A 90 -2.51 5.87 -5.02
CA GLU A 90 -2.26 6.45 -6.33
C GLU A 90 -2.35 5.38 -7.42
N LYS A 91 -3.27 5.58 -8.35
CA LYS A 91 -3.47 4.65 -9.45
C LYS A 91 -2.15 4.37 -10.17
N GLY A 92 -1.55 3.22 -9.88
CA GLY A 92 -0.30 2.86 -10.51
C GLY A 92 -0.37 2.92 -12.02
N GLN A 93 0.78 3.11 -12.67
CA GLN A 93 0.83 3.18 -14.12
C GLN A 93 0.77 1.79 -14.74
N SER A 94 -0.42 1.38 -15.13
CA SER A 94 -0.63 0.06 -15.73
C SER A 94 -0.28 -1.05 -14.74
N PRO A 95 -0.79 -2.25 -15.01
CA PRO A 95 -0.56 -3.42 -14.15
C PRO A 95 0.88 -3.91 -14.22
N THR A 96 1.39 -4.06 -15.44
CA THR A 96 2.77 -4.52 -15.63
C THR A 96 3.34 -3.99 -16.94
N PRO A 1 -11.00 5.65 -12.69
CA PRO A 1 -10.14 6.76 -12.29
C PRO A 1 -9.10 7.10 -13.34
N LYS A 2 -8.67 8.36 -13.38
CA LYS A 2 -7.69 8.81 -14.34
C LYS A 2 -6.27 8.68 -13.77
N PRO A 3 -5.28 8.58 -14.66
CA PRO A 3 -3.87 8.45 -14.27
C PRO A 3 -3.32 9.73 -13.66
N GLY A 4 -2.72 9.60 -12.47
CA GLY A 4 -2.16 10.76 -11.80
C GLY A 4 -2.95 11.14 -10.57
N ASP A 5 -4.25 10.84 -10.57
CA ASP A 5 -5.11 11.16 -9.44
C ASP A 5 -4.50 10.68 -8.13
N ILE A 6 -5.07 11.12 -7.02
CA ILE A 6 -4.58 10.73 -5.70
C ILE A 6 -5.59 11.07 -4.62
N PHE A 7 -5.64 10.24 -3.58
CA PHE A 7 -6.57 10.47 -2.47
C PHE A 7 -6.18 9.61 -1.27
N GLU A 8 -6.78 9.91 -0.12
CA GLU A 8 -6.49 9.17 1.11
C GLU A 8 -7.62 8.21 1.44
N VAL A 9 -7.27 7.06 2.02
CA VAL A 9 -8.26 6.05 2.38
C VAL A 9 -8.32 5.87 3.89
N GLU A 10 -9.46 6.22 4.48
CA GLU A 10 -9.65 6.09 5.92
C GLU A 10 -10.32 4.77 6.26
N LEU A 11 -9.55 3.86 6.85
CA LEU A 11 -10.08 2.55 7.24
C LEU A 11 -9.58 2.15 8.62
N ALA A 12 -10.33 1.28 9.29
CA ALA A 12 -9.96 0.81 10.62
C ALA A 12 -9.36 -0.58 10.56
N LYS A 13 -8.14 -0.73 11.07
CA LYS A 13 -7.45 -2.01 11.08
C LYS A 13 -8.10 -2.96 12.09
N ASN A 14 -8.48 -4.15 11.62
CA ASN A 14 -9.11 -5.14 12.47
C ASN A 14 -8.07 -6.13 13.03
N ASP A 15 -7.08 -6.45 12.19
CA ASP A 15 -6.03 -7.38 12.59
C ASP A 15 -4.67 -6.67 12.63
N ASN A 16 -4.71 -5.35 12.65
CA ASN A 16 -3.48 -4.55 12.68
C ASN A 16 -2.47 -5.07 11.66
N SER A 17 -2.97 -5.56 10.53
CA SER A 17 -2.10 -6.09 9.48
C SER A 17 -2.75 -5.91 8.11
N LEU A 18 -2.52 -4.74 7.50
CA LEU A 18 -3.07 -4.44 6.19
C LEU A 18 -2.63 -5.48 5.17
N GLY A 19 -3.58 -6.34 4.77
CA GLY A 19 -3.27 -7.37 3.80
C GLY A 19 -3.02 -6.81 2.42
N ILE A 20 -1.75 -6.70 2.05
CA ILE A 20 -1.37 -6.17 0.75
C ILE A 20 0.04 -6.60 0.37
N SER A 21 0.15 -7.35 -0.72
CA SER A 21 1.45 -7.83 -1.19
C SER A 21 2.07 -6.85 -2.18
N VAL A 22 2.82 -5.88 -1.67
CA VAL A 22 3.46 -4.88 -2.51
C VAL A 22 4.93 -5.22 -2.74
N THR A 23 5.42 -4.93 -3.94
CA THR A 23 6.80 -5.20 -4.30
C THR A 23 7.51 -3.94 -4.76
N GLY A 24 8.74 -3.75 -4.29
CA GLY A 24 9.51 -2.57 -4.67
C GLY A 24 10.68 -2.33 -3.74
N GLY A 25 11.03 -1.05 -3.55
CA GLY A 25 12.14 -0.71 -2.69
C GLY A 25 13.45 -1.29 -3.16
N VAL A 26 14.50 -1.09 -2.38
CA VAL A 26 15.82 -1.59 -2.73
C VAL A 26 16.08 -2.96 -2.09
N ASN A 27 17.14 -3.62 -2.52
CA ASN A 27 17.50 -4.93 -2.00
C ASN A 27 16.37 -5.93 -2.22
N THR A 28 15.65 -5.77 -3.33
CA THR A 28 14.54 -6.65 -3.64
C THR A 28 14.62 -7.14 -5.09
N SER A 29 13.57 -7.81 -5.54
CA SER A 29 13.53 -8.33 -6.91
C SER A 29 12.32 -7.77 -7.67
N VAL A 30 11.97 -6.52 -7.38
CA VAL A 30 10.85 -5.88 -8.03
C VAL A 30 11.16 -5.58 -9.50
N ARG A 31 10.14 -5.67 -10.34
CA ARG A 31 10.30 -5.42 -11.77
C ARG A 31 10.18 -3.93 -12.08
N HIS A 32 9.31 -3.25 -11.34
CA HIS A 32 9.09 -1.82 -11.53
C HIS A 32 10.05 -1.01 -10.67
N GLY A 33 9.80 0.29 -10.56
CA GLY A 33 10.65 1.16 -9.78
C GLY A 33 9.90 1.89 -8.69
N GLY A 34 8.98 1.20 -8.03
CA GLY A 34 8.20 1.81 -6.97
C GLY A 34 7.38 0.80 -6.20
N ILE A 35 6.29 1.25 -5.59
CA ILE A 35 5.43 0.38 -4.80
C ILE A 35 4.08 0.17 -5.49
N TYR A 36 3.74 -1.09 -5.73
CA TYR A 36 2.47 -1.42 -6.39
C TYR A 36 1.81 -2.61 -5.70
N VAL A 37 0.48 -2.61 -5.68
CA VAL A 37 -0.28 -3.69 -5.07
C VAL A 37 -0.38 -4.89 -6.01
N LYS A 38 0.25 -5.99 -5.61
CA LYS A 38 0.23 -7.21 -6.41
C LYS A 38 -1.00 -8.06 -6.09
N ALA A 39 -1.40 -8.05 -4.83
CA ALA A 39 -2.57 -8.81 -4.39
C ALA A 39 -2.86 -8.57 -2.91
N VAL A 40 -4.14 -8.51 -2.57
CA VAL A 40 -4.55 -8.30 -1.19
C VAL A 40 -4.65 -9.61 -0.42
N ILE A 41 -4.18 -9.60 0.82
CA ILE A 41 -4.21 -10.80 1.66
C ILE A 41 -5.59 -11.00 2.28
N PRO A 42 -6.21 -12.14 1.95
CA PRO A 42 -7.55 -12.48 2.47
C PRO A 42 -7.53 -12.79 3.96
N GLN A 43 -6.39 -13.29 4.44
CA GLN A 43 -6.26 -13.63 5.86
C GLN A 43 -5.68 -12.45 6.64
N GLY A 44 -6.19 -11.25 6.36
CA GLY A 44 -5.72 -10.07 7.04
C GLY A 44 -6.78 -8.98 7.12
N ALA A 45 -6.36 -7.73 7.15
CA ALA A 45 -7.27 -6.61 7.23
C ALA A 45 -7.26 -5.79 5.94
N ALA A 46 -7.91 -6.32 4.91
CA ALA A 46 -7.97 -5.64 3.61
C ALA A 46 -9.11 -6.18 2.77
N GLU A 47 -9.00 -7.43 2.35
CA GLU A 47 -10.03 -8.07 1.53
C GLU A 47 -11.37 -8.06 2.24
N SER A 48 -11.39 -8.62 3.45
CA SER A 48 -12.61 -8.68 4.25
C SER A 48 -13.27 -7.31 4.34
N ASP A 49 -12.49 -6.30 4.68
CA ASP A 49 -12.99 -4.94 4.80
C ASP A 49 -13.45 -4.40 3.45
N GLY A 50 -12.78 -4.82 2.39
CA GLY A 50 -13.13 -4.38 1.06
C GLY A 50 -12.90 -2.90 0.86
N ARG A 51 -11.65 -2.50 0.69
CA ARG A 51 -11.30 -1.10 0.50
C ARG A 51 -10.25 -0.94 -0.59
N ILE A 52 -9.11 -1.60 -0.40
CA ILE A 52 -8.01 -1.54 -1.36
C ILE A 52 -8.06 -2.72 -2.32
N HIS A 53 -7.80 -2.45 -3.59
CA HIS A 53 -7.81 -3.50 -4.62
C HIS A 53 -6.44 -3.62 -5.28
N LYS A 54 -6.29 -4.64 -6.12
CA LYS A 54 -5.03 -4.86 -6.82
C LYS A 54 -4.84 -3.85 -7.96
N GLY A 55 -3.60 -3.47 -8.20
CA GLY A 55 -3.31 -2.51 -9.26
C GLY A 55 -3.06 -1.13 -8.73
N ASP A 56 -3.42 -0.89 -7.47
CA ASP A 56 -3.23 0.41 -6.84
C ASP A 56 -1.76 0.64 -6.50
N ARG A 57 -1.48 1.74 -5.83
CA ARG A 57 -0.11 2.08 -5.44
C ARG A 57 -0.10 2.96 -4.21
N VAL A 58 0.70 2.57 -3.21
CA VAL A 58 0.80 3.32 -1.97
C VAL A 58 1.88 4.40 -2.07
N LEU A 59 1.45 5.66 -2.01
CA LEU A 59 2.37 6.78 -2.09
C LEU A 59 2.89 7.16 -0.71
N ALA A 60 2.00 7.14 0.27
CA ALA A 60 2.37 7.48 1.64
C ALA A 60 1.40 6.87 2.65
N VAL A 61 1.91 6.50 3.82
CA VAL A 61 1.08 5.90 4.86
C VAL A 61 1.22 6.67 6.18
N ASN A 62 0.42 7.72 6.33
CA ASN A 62 0.45 8.52 7.54
C ASN A 62 1.89 8.87 7.93
N GLY A 63 2.47 9.82 7.22
CA GLY A 63 3.84 10.23 7.49
C GLY A 63 4.85 9.19 7.08
N VAL A 64 4.44 8.29 6.19
CA VAL A 64 5.32 7.22 5.71
C VAL A 64 5.38 7.22 4.19
N SER A 65 6.20 8.10 3.63
CA SER A 65 6.35 8.20 2.18
C SER A 65 6.81 6.86 1.59
N LEU A 66 6.54 6.68 0.31
CA LEU A 66 6.93 5.45 -0.38
C LEU A 66 7.86 5.74 -1.54
N GLU A 67 7.94 7.01 -1.93
CA GLU A 67 8.80 7.42 -3.04
C GLU A 67 10.20 6.85 -2.87
N GLY A 68 10.93 7.36 -1.87
CA GLY A 68 12.28 6.89 -1.62
C GLY A 68 12.35 5.89 -0.48
N ALA A 69 11.20 5.30 -0.15
CA ALA A 69 11.14 4.33 0.93
C ALA A 69 11.63 2.96 0.46
N THR A 70 12.16 2.17 1.40
CA THR A 70 12.67 0.85 1.08
C THR A 70 11.62 -0.22 1.33
N HIS A 71 11.92 -1.46 0.93
CA HIS A 71 11.00 -2.56 1.11
C HIS A 71 10.77 -2.86 2.60
N LYS A 72 11.85 -3.19 3.30
CA LYS A 72 11.78 -3.49 4.72
C LYS A 72 11.18 -2.31 5.49
N GLN A 73 11.47 -1.10 5.03
CA GLN A 73 10.96 0.10 5.68
C GLN A 73 9.48 0.31 5.36
N ALA A 74 9.08 -0.08 4.15
CA ALA A 74 7.70 0.05 3.73
C ALA A 74 6.80 -0.93 4.46
N VAL A 75 7.07 -2.22 4.28
CA VAL A 75 6.29 -3.26 4.93
C VAL A 75 6.13 -3.00 6.42
N GLU A 76 7.25 -2.69 7.08
CA GLU A 76 7.23 -2.41 8.51
C GLU A 76 6.29 -1.25 8.83
N THR A 77 6.59 -0.08 8.27
CA THR A 77 5.77 1.11 8.49
C THR A 77 4.30 0.83 8.20
N LEU A 78 4.05 0.10 7.11
CA LEU A 78 2.68 -0.25 6.73
C LEU A 78 2.07 -1.25 7.70
N ARG A 79 2.93 -1.97 8.41
CA ARG A 79 2.48 -2.97 9.37
C ARG A 79 2.22 -2.33 10.73
N ASN A 80 3.08 -1.39 11.11
CA ASN A 80 2.94 -0.71 12.39
C ASN A 80 1.84 0.35 12.34
N THR A 81 0.60 -0.11 12.17
CA THR A 81 -0.55 0.79 12.09
C THR A 81 -1.24 0.90 13.44
N GLY A 82 -2.07 1.93 13.59
CA GLY A 82 -2.78 2.13 14.85
C GLY A 82 -4.28 2.11 14.65
N GLN A 83 -5.02 2.57 15.67
CA GLN A 83 -6.48 2.59 15.61
C GLN A 83 -6.95 3.26 14.32
N VAL A 84 -6.16 4.19 13.81
CA VAL A 84 -6.51 4.90 12.59
C VAL A 84 -5.30 5.02 11.66
N VAL A 85 -5.54 4.82 10.37
CA VAL A 85 -4.48 4.91 9.37
C VAL A 85 -4.86 5.85 8.24
N HIS A 86 -3.89 6.66 7.80
CA HIS A 86 -4.12 7.61 6.72
C HIS A 86 -3.17 7.35 5.55
N LEU A 87 -3.52 6.38 4.71
CA LEU A 87 -2.69 6.04 3.56
C LEU A 87 -3.23 6.70 2.29
N LEU A 88 -2.32 7.10 1.42
CA LEU A 88 -2.69 7.74 0.15
C LEU A 88 -2.21 6.94 -1.04
N LEU A 89 -3.02 6.86 -2.08
CA LEU A 89 -2.67 6.12 -3.29
C LEU A 89 -2.94 6.95 -4.53
N GLU A 90 -2.32 6.57 -5.64
CA GLU A 90 -2.50 7.29 -6.90
C GLU A 90 -2.55 6.31 -8.07
N LYS A 91 -3.56 6.48 -8.93
CA LYS A 91 -3.72 5.62 -10.10
C LYS A 91 -2.42 5.51 -10.88
N GLY A 92 -1.73 4.38 -10.73
CA GLY A 92 -0.48 4.18 -11.44
C GLY A 92 -0.65 4.27 -12.94
N GLN A 93 0.42 3.96 -13.67
CA GLN A 93 0.39 4.02 -15.13
C GLN A 93 -0.04 2.68 -15.71
N SER A 94 0.47 1.59 -15.15
CA SER A 94 0.14 0.25 -15.62
C SER A 94 0.63 -0.80 -14.63
N PRO A 95 0.05 -2.01 -14.72
CA PRO A 95 0.40 -3.13 -13.85
C PRO A 95 1.80 -3.67 -14.14
N THR A 96 2.17 -3.71 -15.41
CA THR A 96 3.48 -4.20 -15.82
C THR A 96 4.31 -3.08 -16.44
N PRO A 1 -11.20 7.72 -15.04
CA PRO A 1 -9.99 8.05 -14.31
C PRO A 1 -8.77 8.19 -15.22
N LYS A 2 -7.83 9.03 -14.82
CA LYS A 2 -6.62 9.25 -15.60
C LYS A 2 -5.39 8.78 -14.84
N PRO A 3 -4.29 8.52 -15.58
CA PRO A 3 -3.03 8.07 -14.98
C PRO A 3 -2.34 9.16 -14.17
N GLY A 4 -1.99 8.84 -12.93
CA GLY A 4 -1.33 9.80 -12.07
C GLY A 4 -2.23 10.28 -10.95
N ASP A 5 -3.54 10.12 -11.13
CA ASP A 5 -4.50 10.54 -10.12
C ASP A 5 -4.11 10.02 -8.74
N ILE A 6 -4.49 10.77 -7.71
CA ILE A 6 -4.18 10.38 -6.34
C ILE A 6 -5.42 10.45 -5.45
N PHE A 7 -5.53 9.50 -4.52
CA PHE A 7 -6.67 9.45 -3.61
C PHE A 7 -6.25 8.91 -2.25
N GLU A 8 -6.78 9.50 -1.19
CA GLU A 8 -6.46 9.08 0.17
C GLU A 8 -7.57 8.19 0.73
N VAL A 9 -7.26 6.90 0.89
CA VAL A 9 -8.23 5.94 1.42
C VAL A 9 -7.89 5.58 2.86
N GLU A 10 -8.87 5.77 3.75
CA GLU A 10 -8.68 5.47 5.16
C GLU A 10 -9.54 4.27 5.57
N LEU A 11 -8.98 3.41 6.41
CA LEU A 11 -9.69 2.23 6.87
C LEU A 11 -9.42 1.97 8.36
N ALA A 12 -10.46 1.58 9.09
CA ALA A 12 -10.33 1.31 10.51
C ALA A 12 -9.90 -0.13 10.76
N LYS A 13 -8.62 -0.32 11.05
CA LYS A 13 -8.08 -1.65 11.31
C LYS A 13 -8.96 -2.41 12.30
N ASN A 14 -8.93 -3.74 12.21
CA ASN A 14 -9.72 -4.58 13.11
C ASN A 14 -8.91 -5.79 13.58
N ASP A 15 -8.25 -6.46 12.63
CA ASP A 15 -7.45 -7.63 12.95
C ASP A 15 -5.98 -7.24 13.13
N ASN A 16 -5.76 -6.03 13.63
CA ASN A 16 -4.40 -5.54 13.84
C ASN A 16 -3.54 -5.71 12.60
N SER A 17 -4.20 -5.69 11.44
CA SER A 17 -3.49 -5.85 10.16
C SER A 17 -4.28 -5.19 9.03
N LEU A 18 -3.68 -4.18 8.42
CA LEU A 18 -4.32 -3.47 7.32
C LEU A 18 -4.82 -4.43 6.26
N GLY A 19 -4.16 -5.58 6.14
CA GLY A 19 -4.55 -6.58 5.17
C GLY A 19 -4.05 -6.27 3.77
N ILE A 20 -2.73 -6.18 3.63
CA ILE A 20 -2.12 -5.88 2.34
C ILE A 20 -0.75 -6.54 2.22
N SER A 21 -0.62 -7.44 1.24
CA SER A 21 0.64 -8.14 1.02
C SER A 21 1.54 -7.34 0.08
N VAL A 22 2.55 -6.68 0.65
CA VAL A 22 3.49 -5.88 -0.14
C VAL A 22 4.73 -6.69 -0.48
N THR A 23 5.52 -6.16 -1.42
CA THR A 23 6.74 -6.84 -1.85
C THR A 23 7.79 -5.83 -2.31
N GLY A 24 8.99 -5.94 -1.76
CA GLY A 24 10.06 -5.03 -2.13
C GLY A 24 11.06 -5.66 -3.08
N GLY A 25 11.91 -4.84 -3.69
CA GLY A 25 12.90 -5.35 -4.61
C GLY A 25 12.44 -5.29 -6.06
N VAL A 26 12.67 -4.15 -6.70
CA VAL A 26 12.27 -3.97 -8.08
C VAL A 26 13.32 -3.18 -8.87
N ASN A 27 13.06 -2.96 -10.15
CA ASN A 27 13.98 -2.21 -11.00
C ASN A 27 13.78 -0.70 -10.83
N THR A 28 14.38 0.08 -11.72
CA THR A 28 14.28 1.52 -11.67
C THR A 28 13.11 2.02 -12.52
N SER A 29 12.04 1.23 -12.57
CA SER A 29 10.86 1.59 -13.34
C SER A 29 10.30 2.94 -12.89
N VAL A 30 10.41 3.21 -11.60
CA VAL A 30 9.91 4.46 -11.03
C VAL A 30 10.63 4.80 -9.73
N ARG A 31 10.88 6.08 -9.52
CA ARG A 31 11.56 6.55 -8.31
C ARG A 31 10.60 7.27 -7.38
N HIS A 32 9.53 6.59 -6.99
CA HIS A 32 8.52 7.16 -6.11
C HIS A 32 7.63 6.08 -5.51
N GLY A 33 8.20 4.90 -5.30
CA GLY A 33 7.44 3.80 -4.74
C GLY A 33 8.28 2.55 -4.55
N GLY A 34 8.87 2.06 -5.64
CA GLY A 34 9.69 0.87 -5.56
C GLY A 34 8.99 -0.26 -4.84
N ILE A 35 7.67 -0.31 -4.94
CA ILE A 35 6.88 -1.35 -4.30
C ILE A 35 5.52 -1.52 -4.97
N TYR A 36 5.02 -2.74 -5.01
CA TYR A 36 3.73 -3.03 -5.62
C TYR A 36 3.06 -4.23 -4.95
N VAL A 37 1.75 -4.11 -4.72
CA VAL A 37 1.00 -5.18 -4.08
C VAL A 37 0.59 -6.24 -5.09
N LYS A 38 0.62 -7.50 -4.67
CA LYS A 38 0.25 -8.61 -5.54
C LYS A 38 -1.12 -9.16 -5.17
N ALA A 39 -1.40 -9.20 -3.87
CA ALA A 39 -2.69 -9.70 -3.40
C ALA A 39 -3.10 -9.00 -2.10
N VAL A 40 -4.40 -8.84 -1.90
CA VAL A 40 -4.92 -8.19 -0.71
C VAL A 40 -5.22 -9.21 0.38
N ILE A 41 -4.50 -10.33 0.36
CA ILE A 41 -4.69 -11.38 1.35
C ILE A 41 -6.09 -11.31 1.96
N PRO A 42 -7.09 -11.83 1.22
CA PRO A 42 -8.47 -11.85 1.67
C PRO A 42 -8.71 -12.82 2.82
N GLN A 43 -8.22 -12.45 4.00
CA GLN A 43 -8.38 -13.28 5.18
C GLN A 43 -8.01 -12.50 6.44
N GLY A 44 -8.68 -11.37 6.66
CA GLY A 44 -8.40 -10.56 7.83
C GLY A 44 -9.20 -9.26 7.82
N ALA A 45 -8.48 -8.15 7.66
CA ALA A 45 -9.13 -6.83 7.64
C ALA A 45 -8.77 -6.08 6.36
N ALA A 46 -9.27 -6.56 5.23
CA ALA A 46 -9.00 -5.92 3.95
C ALA A 46 -10.08 -6.28 2.92
N GLU A 47 -10.09 -7.54 2.50
CA GLU A 47 -11.07 -8.01 1.53
C GLU A 47 -12.49 -7.71 1.98
N SER A 48 -12.71 -7.79 3.30
CA SER A 48 -14.02 -7.53 3.86
C SER A 48 -14.46 -6.10 3.60
N ASP A 49 -13.66 -5.15 4.05
CA ASP A 49 -13.96 -3.73 3.85
C ASP A 49 -13.91 -3.36 2.37
N GLY A 50 -13.02 -4.01 1.64
CA GLY A 50 -12.88 -3.74 0.21
C GLY A 50 -12.59 -2.28 -0.07
N ARG A 51 -11.71 -1.69 0.73
CA ARG A 51 -11.35 -0.28 0.56
C ARG A 51 -10.13 -0.14 -0.33
N ILE A 52 -9.39 -1.24 -0.49
CA ILE A 52 -8.19 -1.24 -1.32
C ILE A 52 -8.35 -2.17 -2.51
N HIS A 53 -7.83 -1.74 -3.66
CA HIS A 53 -7.90 -2.55 -4.87
C HIS A 53 -6.52 -3.05 -5.28
N LYS A 54 -6.45 -4.31 -5.69
CA LYS A 54 -5.19 -4.91 -6.12
C LYS A 54 -4.49 -4.02 -7.13
N GLY A 55 -3.17 -4.19 -7.24
CA GLY A 55 -2.39 -3.40 -8.17
C GLY A 55 -2.11 -2.00 -7.66
N ASP A 56 -1.96 -1.87 -6.35
CA ASP A 56 -1.69 -0.58 -5.73
C ASP A 56 -0.22 -0.45 -5.36
N ARG A 57 0.15 0.70 -4.81
CA ARG A 57 1.53 0.95 -4.41
C ARG A 57 1.60 1.62 -3.05
N VAL A 58 2.40 1.05 -2.16
CA VAL A 58 2.56 1.60 -0.81
C VAL A 58 3.42 2.86 -0.82
N LEU A 59 2.78 4.02 -0.76
CA LEU A 59 3.49 5.29 -0.75
C LEU A 59 2.88 6.26 0.26
N ALA A 60 3.74 6.99 0.96
CA ALA A 60 3.29 7.95 1.95
C ALA A 60 2.25 7.34 2.87
N VAL A 61 2.40 6.05 3.17
CA VAL A 61 1.47 5.34 4.03
C VAL A 61 1.63 5.78 5.48
N ASN A 62 0.66 6.54 5.97
CA ASN A 62 0.69 7.04 7.35
C ASN A 62 1.70 8.18 7.49
N GLY A 63 2.34 8.54 6.39
CA GLY A 63 3.31 9.61 6.41
C GLY A 63 4.70 9.13 6.05
N VAL A 64 4.97 7.86 6.31
CA VAL A 64 6.28 7.28 6.01
C VAL A 64 6.42 6.99 4.51
N SER A 65 6.84 8.01 3.76
CA SER A 65 7.02 7.87 2.32
C SER A 65 7.83 6.62 1.98
N LEU A 66 7.52 6.02 0.85
CA LEU A 66 8.23 4.81 0.41
C LEU A 66 9.19 5.12 -0.73
N GLU A 67 9.65 6.37 -0.79
CA GLU A 67 10.57 6.80 -1.83
C GLU A 67 11.81 5.91 -1.86
N GLY A 68 12.59 5.96 -0.78
CA GLY A 68 13.79 5.15 -0.71
C GLY A 68 13.75 4.15 0.43
N ALA A 69 12.54 3.83 0.88
CA ALA A 69 12.36 2.86 1.96
C ALA A 69 12.71 1.45 1.52
N THR A 70 13.26 0.66 2.43
CA THR A 70 13.65 -0.71 2.12
C THR A 70 12.42 -1.60 1.96
N HIS A 71 12.65 -2.85 1.57
CA HIS A 71 11.57 -3.80 1.38
C HIS A 71 10.84 -4.07 2.70
N LYS A 72 11.58 -4.59 3.68
CA LYS A 72 11.00 -4.89 4.98
C LYS A 72 10.36 -3.64 5.60
N GLN A 73 10.89 -2.47 5.26
CA GLN A 73 10.37 -1.22 5.78
C GLN A 73 8.88 -1.09 5.49
N ALA A 74 8.52 -0.96 4.22
CA ALA A 74 7.12 -0.83 3.82
C ALA A 74 6.27 -1.90 4.50
N VAL A 75 6.87 -3.04 4.79
CA VAL A 75 6.15 -4.13 5.44
C VAL A 75 5.94 -3.84 6.93
N GLU A 76 6.99 -3.40 7.60
CA GLU A 76 6.91 -3.09 9.02
C GLU A 76 5.96 -1.92 9.27
N THR A 77 6.26 -0.77 8.65
CA THR A 77 5.44 0.41 8.81
C THR A 77 3.96 0.10 8.55
N LEU A 78 3.72 -0.91 7.72
CA LEU A 78 2.36 -1.31 7.38
C LEU A 78 1.65 -1.89 8.60
N ARG A 79 2.31 -2.82 9.28
CA ARG A 79 1.75 -3.45 10.46
C ARG A 79 1.82 -2.53 11.67
N ASN A 80 2.90 -1.74 11.74
CA ASN A 80 3.09 -0.81 12.85
C ASN A 80 2.38 0.51 12.58
N THR A 81 1.11 0.59 12.98
CA THR A 81 0.32 1.79 12.78
C THR A 81 -0.77 1.92 13.85
N GLY A 82 -1.41 3.08 13.89
CA GLY A 82 -2.47 3.30 14.87
C GLY A 82 -3.78 2.68 14.45
N GLN A 83 -4.77 2.77 15.32
CA GLN A 83 -6.10 2.21 15.04
C GLN A 83 -6.63 2.71 13.70
N VAL A 84 -6.20 3.92 13.31
CA VAL A 84 -6.62 4.50 12.05
C VAL A 84 -5.44 4.72 11.12
N VAL A 85 -5.68 4.52 9.82
CA VAL A 85 -4.62 4.71 8.82
C VAL A 85 -5.15 5.43 7.60
N HIS A 86 -4.37 6.38 7.10
CA HIS A 86 -4.76 7.15 5.92
C HIS A 86 -3.62 7.20 4.89
N LEU A 87 -3.52 6.15 4.10
CA LEU A 87 -2.47 6.08 3.08
C LEU A 87 -3.01 6.46 1.70
N LEU A 88 -2.22 7.21 0.95
CA LEU A 88 -2.62 7.65 -0.39
C LEU A 88 -2.11 6.68 -1.46
N LEU A 89 -2.85 6.59 -2.56
CA LEU A 89 -2.46 5.70 -3.66
C LEU A 89 -2.49 6.45 -4.98
N GLU A 90 -1.78 5.90 -5.98
CA GLU A 90 -1.74 6.52 -7.30
C GLU A 90 -2.11 5.51 -8.38
N LYS A 91 -2.92 5.95 -9.34
CA LYS A 91 -3.35 5.08 -10.43
C LYS A 91 -2.16 4.40 -11.10
N GLY A 92 -2.06 3.09 -10.92
CA GLY A 92 -0.96 2.35 -11.52
C GLY A 92 -1.02 2.33 -13.03
N GLN A 93 -0.48 1.28 -13.63
CA GLN A 93 -0.47 1.16 -15.08
C GLN A 93 -1.01 -0.21 -15.51
N SER A 94 -0.32 -1.27 -15.10
CA SER A 94 -0.73 -2.63 -15.45
C SER A 94 -0.08 -3.64 -14.52
N PRO A 95 -0.65 -4.85 -14.46
CA PRO A 95 -0.15 -5.93 -13.61
C PRO A 95 1.18 -6.49 -14.12
N THR A 96 1.79 -7.35 -13.32
CA THR A 96 3.07 -7.95 -13.68
C THR A 96 2.94 -9.46 -13.84
N PRO A 1 -12.44 7.48 -14.01
CA PRO A 1 -11.36 8.15 -13.27
C PRO A 1 -10.15 8.45 -14.15
N LYS A 2 -9.44 9.52 -13.82
CA LYS A 2 -8.27 9.93 -14.58
C LYS A 2 -7.03 9.16 -14.12
N PRO A 3 -5.99 9.14 -14.96
CA PRO A 3 -4.74 8.45 -14.67
C PRO A 3 -3.94 9.13 -13.56
N GLY A 4 -4.08 10.46 -13.47
CA GLY A 4 -3.37 11.20 -12.45
C GLY A 4 -4.30 11.73 -11.36
N ASP A 5 -4.95 10.83 -10.65
CA ASP A 5 -5.88 11.23 -9.59
C ASP A 5 -5.22 11.09 -8.23
N ILE A 6 -5.84 11.70 -7.21
CA ILE A 6 -5.32 11.65 -5.86
C ILE A 6 -6.44 11.44 -4.84
N PHE A 7 -6.28 10.41 -4.01
CA PHE A 7 -7.29 10.10 -2.99
C PHE A 7 -6.66 9.31 -1.84
N GLU A 8 -7.42 9.15 -0.76
CA GLU A 8 -6.94 8.42 0.40
C GLU A 8 -7.94 7.35 0.83
N VAL A 9 -7.47 6.32 1.51
CA VAL A 9 -8.32 5.25 1.98
C VAL A 9 -8.27 5.12 3.50
N GLU A 10 -9.37 5.45 4.16
CA GLU A 10 -9.45 5.37 5.61
C GLU A 10 -9.89 3.98 6.06
N LEU A 11 -8.97 3.25 6.69
CA LEU A 11 -9.26 1.91 7.17
C LEU A 11 -9.54 1.92 8.67
N ALA A 12 -10.11 0.82 9.16
CA ALA A 12 -10.44 0.70 10.58
C ALA A 12 -9.39 -0.13 11.31
N LYS A 13 -8.50 -0.76 10.55
CA LYS A 13 -7.45 -1.58 11.13
C LYS A 13 -8.03 -2.79 11.86
N ASN A 14 -7.81 -3.97 11.28
CA ASN A 14 -8.32 -5.21 11.88
C ASN A 14 -7.22 -6.26 11.96
N ASP A 15 -6.96 -6.75 13.17
CA ASP A 15 -5.93 -7.76 13.38
C ASP A 15 -4.54 -7.22 13.04
N ASN A 16 -4.41 -5.89 13.10
CA ASN A 16 -3.13 -5.25 12.80
C ASN A 16 -2.56 -5.78 11.49
N SER A 17 -3.43 -6.05 10.53
CA SER A 17 -3.01 -6.57 9.23
C SER A 17 -3.73 -5.83 8.10
N LEU A 18 -2.97 -5.07 7.32
CA LEU A 18 -3.54 -4.31 6.21
C LEU A 18 -4.19 -5.25 5.20
N GLY A 19 -3.57 -6.41 4.97
CA GLY A 19 -4.11 -7.36 4.03
C GLY A 19 -3.59 -7.15 2.62
N ILE A 20 -2.40 -6.58 2.51
CA ILE A 20 -1.80 -6.32 1.21
C ILE A 20 -0.30 -6.60 1.24
N SER A 21 0.24 -7.00 0.09
CA SER A 21 1.67 -7.30 -0.02
C SER A 21 2.33 -6.46 -1.10
N VAL A 22 3.29 -5.64 -0.69
CA VAL A 22 4.00 -4.78 -1.63
C VAL A 22 5.39 -5.32 -1.92
N THR A 23 5.86 -5.10 -3.15
CA THR A 23 7.17 -5.56 -3.57
C THR A 23 8.03 -4.40 -4.08
N GLY A 24 9.32 -4.67 -4.27
CA GLY A 24 10.22 -3.65 -4.75
C GLY A 24 10.85 -2.85 -3.63
N GLY A 25 11.65 -1.85 -3.99
CA GLY A 25 12.32 -1.03 -2.99
C GLY A 25 13.36 -0.10 -3.59
N VAL A 26 13.72 0.94 -2.84
CA VAL A 26 14.71 1.89 -3.31
C VAL A 26 16.12 1.48 -2.90
N ASN A 27 16.25 0.23 -2.48
CA ASN A 27 17.55 -0.29 -2.05
C ASN A 27 17.63 -1.80 -2.28
N THR A 28 17.12 -2.25 -3.42
CA THR A 28 17.12 -3.67 -3.75
C THR A 28 17.37 -3.88 -5.24
N SER A 29 17.45 -5.14 -5.66
CA SER A 29 17.69 -5.48 -7.06
C SER A 29 16.38 -5.69 -7.79
N VAL A 30 15.36 -4.91 -7.43
CA VAL A 30 14.05 -5.01 -8.06
C VAL A 30 13.94 -4.05 -9.24
N ARG A 31 12.87 -4.21 -10.02
CA ARG A 31 12.65 -3.35 -11.18
C ARG A 31 12.90 -1.89 -10.85
N HIS A 32 12.54 -1.50 -9.62
CA HIS A 32 12.73 -0.13 -9.17
C HIS A 32 12.21 0.05 -7.75
N GLY A 33 12.08 1.30 -7.32
CA GLY A 33 11.61 1.59 -5.98
C GLY A 33 10.10 1.82 -5.94
N GLY A 34 9.38 1.14 -6.82
CA GLY A 34 7.94 1.29 -6.88
C GLY A 34 7.23 0.37 -5.89
N ILE A 35 6.27 0.92 -5.17
CA ILE A 35 5.51 0.14 -4.19
C ILE A 35 4.05 0.00 -4.61
N TYR A 36 3.70 -1.17 -5.12
CA TYR A 36 2.34 -1.44 -5.57
C TYR A 36 1.82 -2.75 -4.98
N VAL A 37 0.53 -2.79 -4.69
CA VAL A 37 -0.10 -3.98 -4.11
C VAL A 37 -0.01 -5.16 -5.08
N LYS A 38 0.81 -6.13 -4.74
CA LYS A 38 0.99 -7.32 -5.57
C LYS A 38 -0.16 -8.30 -5.35
N ALA A 39 -0.73 -8.29 -4.16
CA ALA A 39 -1.83 -9.18 -3.82
C ALA A 39 -2.65 -8.62 -2.67
N VAL A 40 -3.76 -9.29 -2.35
CA VAL A 40 -4.64 -8.87 -1.27
C VAL A 40 -5.10 -10.06 -0.43
N ILE A 41 -4.68 -10.09 0.83
CA ILE A 41 -5.06 -11.17 1.73
C ILE A 41 -6.56 -11.18 1.98
N PRO A 42 -7.22 -12.26 1.53
CA PRO A 42 -8.67 -12.41 1.68
C PRO A 42 -9.07 -12.66 3.14
N GLN A 43 -8.13 -13.20 3.92
CA GLN A 43 -8.38 -13.49 5.32
C GLN A 43 -7.92 -12.34 6.21
N GLY A 44 -8.06 -11.12 5.69
CA GLY A 44 -7.65 -9.95 6.45
C GLY A 44 -8.51 -8.73 6.15
N ALA A 45 -8.16 -7.61 6.76
CA ALA A 45 -8.91 -6.37 6.56
C ALA A 45 -9.09 -6.08 5.07
N ALA A 46 -8.11 -6.47 4.27
CA ALA A 46 -8.18 -6.25 2.83
C ALA A 46 -9.11 -7.26 2.16
N GLU A 47 -10.36 -7.28 2.60
CA GLU A 47 -11.35 -8.20 2.05
C GLU A 47 -12.69 -8.06 2.76
N SER A 48 -12.71 -8.46 4.03
CA SER A 48 -13.93 -8.38 4.83
C SER A 48 -14.32 -6.93 5.08
N ASP A 49 -13.33 -6.07 5.25
CA ASP A 49 -13.57 -4.66 5.49
C ASP A 49 -13.80 -3.91 4.18
N GLY A 50 -13.14 -4.37 3.12
CA GLY A 50 -13.30 -3.74 1.83
C GLY A 50 -12.83 -2.29 1.82
N ARG A 51 -11.63 -2.05 1.30
CA ARG A 51 -11.07 -0.71 1.25
C ARG A 51 -10.04 -0.60 0.13
N ILE A 52 -8.89 -1.23 0.34
CA ILE A 52 -7.82 -1.19 -0.65
C ILE A 52 -8.03 -2.26 -1.73
N HIS A 53 -7.70 -1.90 -2.96
CA HIS A 53 -7.85 -2.84 -4.09
C HIS A 53 -6.49 -3.26 -4.62
N LYS A 54 -6.51 -4.12 -5.64
CA LYS A 54 -5.27 -4.61 -6.24
C LYS A 54 -4.86 -3.74 -7.42
N GLY A 55 -3.55 -3.50 -7.54
CA GLY A 55 -3.05 -2.68 -8.62
C GLY A 55 -2.55 -1.33 -8.15
N ASP A 56 -3.43 -0.57 -7.51
CA ASP A 56 -3.09 0.75 -7.00
C ASP A 56 -1.73 0.72 -6.30
N ARG A 57 -1.04 1.85 -6.30
CA ARG A 57 0.27 1.95 -5.67
C ARG A 57 0.18 2.70 -4.34
N VAL A 58 1.13 2.46 -3.46
CA VAL A 58 1.16 3.11 -2.15
C VAL A 58 2.11 4.30 -2.15
N LEU A 59 1.55 5.50 -2.24
CA LEU A 59 2.34 6.72 -2.24
C LEU A 59 2.77 7.09 -0.82
N ALA A 60 1.78 7.34 0.04
CA ALA A 60 2.07 7.71 1.42
C ALA A 60 1.21 6.90 2.39
N VAL A 61 1.75 6.62 3.57
CA VAL A 61 1.03 5.85 4.57
C VAL A 61 1.13 6.52 5.95
N ASN A 62 0.37 7.58 6.15
CA ASN A 62 0.36 8.31 7.41
C ASN A 62 1.79 8.58 7.87
N GLY A 63 2.40 9.63 7.32
CA GLY A 63 3.76 9.98 7.70
C GLY A 63 4.79 9.23 6.88
N VAL A 64 4.35 8.22 6.15
CA VAL A 64 5.25 7.42 5.32
C VAL A 64 5.14 7.82 3.86
N SER A 65 6.22 7.60 3.10
CA SER A 65 6.24 7.94 1.69
C SER A 65 7.07 6.93 0.90
N LEU A 66 6.65 6.67 -0.34
CA LEU A 66 7.34 5.71 -1.19
C LEU A 66 8.53 6.38 -1.88
N GLU A 67 8.57 7.71 -1.86
CA GLU A 67 9.65 8.46 -2.49
C GLU A 67 10.99 7.79 -2.23
N GLY A 68 11.22 7.38 -0.98
CA GLY A 68 12.46 6.73 -0.63
C GLY A 68 12.25 5.51 0.25
N ALA A 69 11.09 4.88 0.12
CA ALA A 69 10.77 3.70 0.91
C ALA A 69 11.55 2.48 0.41
N THR A 70 11.99 1.66 1.35
CA THR A 70 12.75 0.46 1.01
C THR A 70 11.90 -0.80 1.18
N HIS A 71 12.35 -1.89 0.57
CA HIS A 71 11.64 -3.16 0.66
C HIS A 71 11.47 -3.60 2.11
N LYS A 72 12.40 -3.16 2.95
CA LYS A 72 12.36 -3.51 4.37
C LYS A 72 11.65 -2.44 5.18
N GLN A 73 11.79 -1.19 4.75
CA GLN A 73 11.15 -0.07 5.43
C GLN A 73 9.79 0.24 4.82
N ALA A 74 9.20 -0.76 4.16
CA ALA A 74 7.90 -0.59 3.53
C ALA A 74 6.85 -1.46 4.21
N VAL A 75 6.83 -2.75 3.87
CA VAL A 75 5.88 -3.69 4.45
C VAL A 75 5.88 -3.59 5.97
N GLU A 76 7.06 -3.40 6.55
CA GLU A 76 7.19 -3.30 7.99
C GLU A 76 6.75 -1.92 8.48
N THR A 77 6.95 -0.91 7.64
CA THR A 77 6.57 0.46 7.99
C THR A 77 5.06 0.65 7.92
N LEU A 78 4.43 -0.07 7.00
CA LEU A 78 2.98 0.02 6.83
C LEU A 78 2.26 -0.88 7.82
N ARG A 79 2.90 -1.99 8.18
CA ARG A 79 2.31 -2.93 9.13
C ARG A 79 2.18 -2.30 10.51
N ASN A 80 3.08 -1.37 10.82
CA ASN A 80 3.06 -0.69 12.11
C ASN A 80 2.15 0.52 12.08
N THR A 81 0.85 0.28 11.96
CA THR A 81 -0.13 1.36 11.91
C THR A 81 -0.92 1.44 13.22
N GLY A 82 -1.79 2.44 13.32
CA GLY A 82 -2.59 2.61 14.52
C GLY A 82 -4.04 2.22 14.31
N GLN A 83 -4.91 2.69 15.20
CA GLN A 83 -6.33 2.38 15.11
C GLN A 83 -6.86 2.67 13.71
N VAL A 84 -6.26 3.66 13.05
CA VAL A 84 -6.67 4.04 11.70
C VAL A 84 -5.47 4.10 10.76
N VAL A 85 -5.67 3.65 9.53
CA VAL A 85 -4.60 3.65 8.52
C VAL A 85 -4.85 4.73 7.47
N HIS A 86 -4.15 5.85 7.60
CA HIS A 86 -4.29 6.95 6.66
C HIS A 86 -3.31 6.79 5.49
N LEU A 87 -3.65 5.92 4.56
CA LEU A 87 -2.81 5.68 3.39
C LEU A 87 -3.40 6.30 2.15
N LEU A 88 -2.55 6.88 1.31
CA LEU A 88 -3.00 7.52 0.07
C LEU A 88 -2.45 6.79 -1.15
N LEU A 89 -3.29 6.00 -1.79
CA LEU A 89 -2.89 5.24 -2.97
C LEU A 89 -3.15 6.05 -4.25
N GLU A 90 -2.21 5.99 -5.18
CA GLU A 90 -2.34 6.71 -6.44
C GLU A 90 -2.89 5.80 -7.54
N LYS A 91 -3.74 6.36 -8.39
CA LYS A 91 -4.33 5.60 -9.49
C LYS A 91 -3.26 4.85 -10.29
N GLY A 92 -3.16 3.55 -10.06
CA GLY A 92 -2.17 2.76 -10.77
C GLY A 92 -2.38 2.78 -12.26
N GLN A 93 -1.28 2.86 -13.01
CA GLN A 93 -1.34 2.89 -14.46
C GLN A 93 -1.87 1.57 -15.02
N SER A 94 -1.07 0.52 -14.91
CA SER A 94 -1.46 -0.79 -15.40
C SER A 94 -0.68 -1.89 -14.69
N PRO A 95 -1.21 -3.12 -14.74
CA PRO A 95 -0.59 -4.29 -14.10
C PRO A 95 0.69 -4.71 -14.79
N THR A 96 1.37 -5.72 -14.24
CA THR A 96 2.61 -6.21 -14.80
C THR A 96 2.82 -7.69 -14.45
N PRO A 1 -11.08 7.62 -12.79
CA PRO A 1 -9.70 7.94 -12.41
C PRO A 1 -8.70 7.61 -13.52
N LYS A 2 -7.56 8.30 -13.50
CA LYS A 2 -6.52 8.09 -14.50
C LYS A 2 -5.29 7.45 -13.87
N PRO A 3 -4.44 6.85 -14.71
CA PRO A 3 -3.21 6.20 -14.27
C PRO A 3 -2.17 7.19 -13.77
N GLY A 4 -1.55 6.90 -12.64
CA GLY A 4 -0.54 7.78 -12.08
C GLY A 4 -1.12 8.77 -11.08
N ASP A 5 -2.40 9.06 -11.22
CA ASP A 5 -3.07 10.00 -10.33
C ASP A 5 -2.80 9.65 -8.87
N ILE A 6 -2.96 10.64 -7.99
CA ILE A 6 -2.71 10.43 -6.57
C ILE A 6 -4.02 10.48 -5.78
N PHE A 7 -4.15 9.61 -4.79
CA PHE A 7 -5.34 9.55 -3.96
C PHE A 7 -5.05 8.88 -2.62
N GLU A 8 -5.96 9.05 -1.67
CA GLU A 8 -5.80 8.46 -0.35
C GLU A 8 -6.96 7.51 -0.03
N VAL A 9 -6.68 6.52 0.83
CA VAL A 9 -7.70 5.55 1.21
C VAL A 9 -7.67 5.29 2.71
N GLU A 10 -8.73 5.67 3.41
CA GLU A 10 -8.82 5.48 4.84
C GLU A 10 -9.43 4.12 5.18
N LEU A 11 -8.78 3.37 6.06
CA LEU A 11 -9.26 2.06 6.46
C LEU A 11 -9.09 1.85 7.96
N ALA A 12 -10.08 1.22 8.58
CA ALA A 12 -10.03 0.95 10.02
C ALA A 12 -9.56 -0.47 10.30
N LYS A 13 -8.27 -0.61 10.63
CA LYS A 13 -7.69 -1.91 10.92
C LYS A 13 -8.54 -2.66 11.95
N ASN A 14 -8.94 -3.88 11.60
CA ASN A 14 -9.75 -4.70 12.50
C ASN A 14 -8.98 -5.94 12.94
N ASP A 15 -8.17 -6.48 12.03
CA ASP A 15 -7.39 -7.67 12.32
C ASP A 15 -5.92 -7.31 12.51
N ASN A 16 -5.66 -6.11 13.01
CA ASN A 16 -4.30 -5.65 13.25
C ASN A 16 -3.44 -5.86 12.01
N SER A 17 -4.06 -5.84 10.84
CA SER A 17 -3.34 -6.03 9.59
C SER A 17 -4.08 -5.34 8.44
N LEU A 18 -3.34 -4.52 7.69
CA LEU A 18 -3.92 -3.81 6.55
C LEU A 18 -4.67 -4.76 5.63
N GLY A 19 -4.24 -6.01 5.60
CA GLY A 19 -4.88 -7.01 4.75
C GLY A 19 -4.44 -6.90 3.31
N ILE A 20 -3.22 -6.41 3.09
CA ILE A 20 -2.69 -6.27 1.75
C ILE A 20 -1.24 -6.77 1.68
N SER A 21 -0.83 -7.23 0.49
CA SER A 21 0.52 -7.73 0.29
C SER A 21 1.35 -6.76 -0.54
N VAL A 22 2.44 -6.27 0.03
CA VAL A 22 3.32 -5.34 -0.66
C VAL A 22 4.59 -6.03 -1.14
N THR A 23 5.27 -5.41 -2.10
CA THR A 23 6.50 -5.97 -2.65
C THR A 23 7.30 -4.90 -3.40
N GLY A 24 8.55 -4.73 -3.00
CA GLY A 24 9.41 -3.74 -3.65
C GLY A 24 10.85 -4.18 -3.73
N GLY A 25 11.58 -4.01 -2.62
CA GLY A 25 12.97 -4.40 -2.59
C GLY A 25 13.90 -3.21 -2.56
N VAL A 26 15.18 -3.44 -2.92
CA VAL A 26 16.16 -2.37 -2.92
C VAL A 26 15.69 -1.18 -3.75
N ASN A 27 16.46 -0.09 -3.69
CA ASN A 27 16.11 1.11 -4.44
C ASN A 27 17.36 1.91 -4.79
N THR A 28 17.71 1.92 -6.07
CA THR A 28 18.88 2.64 -6.54
C THR A 28 18.52 4.06 -6.95
N SER A 29 17.74 4.74 -6.12
CA SER A 29 17.32 6.11 -6.42
C SER A 29 16.46 6.16 -7.67
N VAL A 30 15.68 5.10 -7.89
CA VAL A 30 14.80 5.02 -9.05
C VAL A 30 13.77 6.14 -9.04
N ARG A 31 13.36 6.58 -10.22
CA ARG A 31 12.37 7.65 -10.34
C ARG A 31 11.14 7.34 -9.50
N HIS A 32 10.41 6.30 -9.90
CA HIS A 32 9.20 5.89 -9.19
C HIS A 32 9.53 5.48 -7.76
N GLY A 33 8.53 4.94 -7.06
CA GLY A 33 8.74 4.50 -5.69
C GLY A 33 9.49 3.19 -5.60
N GLY A 34 8.89 2.13 -6.16
CA GLY A 34 9.52 0.82 -6.12
C GLY A 34 8.71 -0.19 -5.33
N ILE A 35 7.39 -0.12 -5.48
CA ILE A 35 6.50 -1.05 -4.78
C ILE A 35 5.16 -1.17 -5.49
N TYR A 36 4.66 -2.40 -5.58
CA TYR A 36 3.38 -2.65 -6.23
C TYR A 36 2.76 -3.96 -5.75
N VAL A 37 1.63 -3.86 -5.06
CA VAL A 37 0.94 -5.03 -4.54
C VAL A 37 0.63 -6.02 -5.65
N LYS A 38 0.79 -7.31 -5.34
CA LYS A 38 0.52 -8.36 -6.31
C LYS A 38 -0.61 -9.27 -5.84
N ALA A 39 -0.76 -9.39 -4.52
CA ALA A 39 -1.80 -10.21 -3.95
C ALA A 39 -2.58 -9.46 -2.88
N VAL A 40 -3.78 -9.95 -2.57
CA VAL A 40 -4.62 -9.31 -1.56
C VAL A 40 -5.08 -10.33 -0.51
N ILE A 41 -4.77 -10.03 0.75
CA ILE A 41 -5.16 -10.91 1.85
C ILE A 41 -6.68 -11.05 1.96
N PRO A 42 -7.18 -12.25 1.64
CA PRO A 42 -8.62 -12.53 1.69
C PRO A 42 -9.16 -12.57 3.11
N GLN A 43 -8.33 -13.06 4.04
CA GLN A 43 -8.72 -13.15 5.44
C GLN A 43 -8.02 -12.07 6.26
N GLY A 44 -8.23 -10.81 5.89
CA GLY A 44 -7.62 -9.72 6.62
C GLY A 44 -8.57 -8.55 6.81
N ALA A 45 -8.00 -7.38 7.11
CA ALA A 45 -8.81 -6.18 7.32
C ALA A 45 -8.90 -5.35 6.04
N ALA A 46 -8.85 -6.02 4.90
CA ALA A 46 -8.93 -5.34 3.61
C ALA A 46 -9.98 -5.99 2.71
N GLU A 47 -9.72 -7.22 2.28
CA GLU A 47 -10.63 -7.95 1.41
C GLU A 47 -12.05 -7.90 1.97
N SER A 48 -12.16 -7.87 3.30
CA SER A 48 -13.46 -7.83 3.97
C SER A 48 -14.07 -6.43 3.87
N ASP A 49 -13.38 -5.45 4.43
CA ASP A 49 -13.86 -4.07 4.40
C ASP A 49 -14.22 -3.64 2.99
N GLY A 50 -13.33 -3.93 2.05
CA GLY A 50 -13.57 -3.56 0.66
C GLY A 50 -13.09 -2.16 0.34
N ARG A 51 -12.01 -1.74 0.99
CA ARG A 51 -11.45 -0.41 0.77
C ARG A 51 -10.31 -0.45 -0.24
N ILE A 52 -9.55 -1.54 -0.22
CA ILE A 52 -8.43 -1.72 -1.12
C ILE A 52 -8.77 -2.70 -2.24
N HIS A 53 -8.33 -2.40 -3.45
CA HIS A 53 -8.58 -3.25 -4.60
C HIS A 53 -7.27 -3.69 -5.25
N LYS A 54 -7.27 -4.88 -5.84
CA LYS A 54 -6.09 -5.42 -6.51
C LYS A 54 -5.51 -4.39 -7.49
N GLY A 55 -4.18 -4.31 -7.52
CA GLY A 55 -3.53 -3.37 -8.42
C GLY A 55 -3.34 -2.01 -7.79
N ASP A 56 -2.11 -1.73 -7.34
CA ASP A 56 -1.81 -0.45 -6.70
C ASP A 56 -0.35 -0.40 -6.29
N ARG A 57 0.03 0.67 -5.59
CA ARG A 57 1.40 0.85 -5.13
C ARG A 57 1.44 1.67 -3.84
N VAL A 58 2.10 1.13 -2.83
CA VAL A 58 2.21 1.80 -1.53
C VAL A 58 3.17 2.99 -1.63
N LEU A 59 2.61 4.17 -1.91
CA LEU A 59 3.41 5.38 -2.02
C LEU A 59 3.67 5.99 -0.65
N ALA A 60 2.60 6.42 0.01
CA ALA A 60 2.70 7.02 1.33
C ALA A 60 1.85 6.26 2.35
N VAL A 61 2.32 6.23 3.59
CA VAL A 61 1.60 5.54 4.67
C VAL A 61 1.60 6.36 5.95
N ASN A 62 0.63 7.26 6.06
CA ASN A 62 0.50 8.11 7.23
C ASN A 62 1.86 8.65 7.67
N GLY A 63 2.52 9.38 6.78
CA GLY A 63 3.82 9.93 7.09
C GLY A 63 4.96 9.02 6.64
N VAL A 64 4.68 7.73 6.55
CA VAL A 64 5.68 6.75 6.11
C VAL A 64 5.70 6.61 4.60
N SER A 65 6.53 7.43 3.94
CA SER A 65 6.63 7.40 2.49
C SER A 65 7.32 6.11 2.03
N LEU A 66 7.32 5.90 0.71
CA LEU A 66 7.95 4.71 0.14
C LEU A 66 8.70 5.06 -1.14
N GLU A 67 9.13 6.31 -1.25
CA GLU A 67 9.87 6.76 -2.42
C GLU A 67 11.02 5.82 -2.75
N GLY A 68 11.84 5.52 -1.73
CA GLY A 68 12.96 4.63 -1.93
C GLY A 68 13.10 3.62 -0.81
N ALA A 69 12.01 3.39 -0.08
CA ALA A 69 12.02 2.43 1.01
C ALA A 69 12.20 1.00 0.51
N THR A 70 12.80 0.16 1.33
CA THR A 70 13.04 -1.23 0.97
C THR A 70 11.84 -2.11 1.34
N HIS A 71 11.80 -3.31 0.78
CA HIS A 71 10.71 -4.24 1.03
C HIS A 71 10.52 -4.44 2.54
N LYS A 72 11.61 -4.35 3.28
CA LYS A 72 11.57 -4.52 4.74
C LYS A 72 10.70 -3.45 5.38
N GLN A 73 10.61 -2.29 4.73
CA GLN A 73 9.80 -1.19 5.25
C GLN A 73 8.32 -1.44 5.00
N ALA A 74 7.94 -1.50 3.73
CA ALA A 74 6.55 -1.73 3.34
C ALA A 74 5.96 -2.88 4.14
N VAL A 75 6.79 -3.86 4.46
CA VAL A 75 6.34 -5.03 5.22
C VAL A 75 6.74 -4.91 6.69
N GLU A 76 6.45 -3.77 7.30
CA GLU A 76 6.78 -3.54 8.69
C GLU A 76 6.31 -2.15 9.13
N THR A 77 6.86 -1.11 8.52
CA THR A 77 6.50 0.26 8.85
C THR A 77 5.01 0.51 8.60
N LEU A 78 4.44 -0.24 7.67
CA LEU A 78 3.02 -0.09 7.34
C LEU A 78 2.16 -0.98 8.24
N ARG A 79 2.72 -2.12 8.65
CA ARG A 79 2.01 -3.05 9.51
C ARG A 79 1.65 -2.40 10.84
N ASN A 80 2.40 -1.36 11.21
CA ASN A 80 2.17 -0.65 12.46
C ASN A 80 1.43 0.66 12.22
N THR A 81 0.22 0.75 12.75
CA THR A 81 -0.59 1.96 12.59
C THR A 81 -1.59 2.11 13.73
N GLY A 82 -2.36 3.18 13.70
CA GLY A 82 -3.34 3.43 14.75
C GLY A 82 -4.74 3.04 14.32
N GLN A 83 -5.74 3.52 15.06
CA GLN A 83 -7.12 3.22 14.75
C GLN A 83 -7.44 3.50 13.28
N VAL A 84 -6.79 4.52 12.73
CA VAL A 84 -6.99 4.89 11.34
C VAL A 84 -5.68 4.89 10.57
N VAL A 85 -5.72 4.42 9.33
CA VAL A 85 -4.54 4.36 8.48
C VAL A 85 -4.64 5.35 7.33
N HIS A 86 -3.87 6.42 7.41
CA HIS A 86 -3.86 7.46 6.38
C HIS A 86 -2.87 7.10 5.27
N LEU A 87 -3.15 6.02 4.55
CA LEU A 87 -2.28 5.58 3.46
C LEU A 87 -2.68 6.24 2.15
N LEU A 88 -1.69 6.58 1.34
CA LEU A 88 -1.94 7.22 0.04
C LEU A 88 -1.37 6.37 -1.09
N LEU A 89 -2.24 5.63 -1.77
CA LEU A 89 -1.83 4.78 -2.88
C LEU A 89 -1.92 5.53 -4.20
N GLU A 90 -1.04 5.18 -5.14
CA GLU A 90 -1.02 5.82 -6.44
C GLU A 90 -1.49 4.86 -7.53
N LYS A 91 -2.45 5.32 -8.34
CA LYS A 91 -2.99 4.50 -9.42
C LYS A 91 -1.87 3.92 -10.28
N GLY A 92 -1.63 2.62 -10.14
CA GLY A 92 -0.60 1.96 -10.91
C GLY A 92 -1.08 1.52 -12.28
N GLN A 93 -0.15 1.11 -13.13
CA GLN A 93 -0.48 0.66 -14.47
C GLN A 93 -0.91 -0.80 -14.48
N SER A 94 -1.88 -1.14 -15.33
CA SER A 94 -2.38 -2.50 -15.42
C SER A 94 -3.46 -2.61 -16.49
N PRO A 95 -3.72 -3.84 -16.95
CA PRO A 95 -4.74 -4.11 -17.96
C PRO A 95 -6.15 -3.91 -17.44
N THR A 96 -6.41 -4.42 -16.23
CA THR A 96 -7.72 -4.30 -15.62
C THR A 96 -7.60 -4.05 -14.11
N PRO A 1 -11.54 8.59 -12.22
CA PRO A 1 -10.33 9.02 -11.49
C PRO A 1 -9.18 9.33 -12.43
N LYS A 2 -9.11 8.60 -13.55
CA LYS A 2 -8.05 8.80 -14.53
C LYS A 2 -6.69 8.45 -13.94
N PRO A 3 -5.74 8.08 -14.82
CA PRO A 3 -4.39 7.72 -14.40
C PRO A 3 -3.59 8.91 -13.90
N GLY A 4 -2.58 8.64 -13.07
CA GLY A 4 -1.76 9.71 -12.53
C GLY A 4 -2.53 10.61 -11.58
N ASP A 5 -3.17 10.02 -10.57
CA ASP A 5 -3.94 10.78 -9.60
C ASP A 5 -3.70 10.25 -8.19
N ILE A 6 -4.13 11.02 -7.19
CA ILE A 6 -3.97 10.63 -5.80
C ILE A 6 -5.21 10.95 -4.99
N PHE A 7 -5.62 10.00 -4.16
CA PHE A 7 -6.82 10.18 -3.32
C PHE A 7 -6.62 9.54 -1.96
N GLU A 8 -7.42 9.95 -0.99
CA GLU A 8 -7.33 9.42 0.36
C GLU A 8 -8.33 8.27 0.57
N VAL A 9 -7.89 7.24 1.28
CA VAL A 9 -8.73 6.08 1.55
C VAL A 9 -8.68 5.69 3.02
N GLU A 10 -9.86 5.63 3.65
CA GLU A 10 -9.95 5.26 5.05
C GLU A 10 -10.35 3.80 5.22
N LEU A 11 -9.58 3.07 6.01
CA LEU A 11 -9.86 1.66 6.25
C LEU A 11 -9.78 1.33 7.75
N ALA A 12 -10.58 0.35 8.16
CA ALA A 12 -10.60 -0.06 9.57
C ALA A 12 -9.50 -1.09 9.85
N LYS A 13 -8.75 -0.85 10.93
CA LYS A 13 -7.67 -1.76 11.31
C LYS A 13 -8.23 -3.06 11.90
N ASN A 14 -7.84 -4.18 11.30
CA ASN A 14 -8.30 -5.49 11.77
C ASN A 14 -7.17 -6.50 11.72
N ASP A 15 -6.90 -7.14 12.85
CA ASP A 15 -5.85 -8.15 12.93
C ASP A 15 -4.47 -7.52 12.72
N ASN A 16 -4.37 -6.23 13.02
CA ASN A 16 -3.11 -5.51 12.86
C ASN A 16 -2.50 -5.77 11.49
N SER A 17 -3.35 -5.92 10.48
CA SER A 17 -2.90 -6.18 9.12
C SER A 17 -3.78 -5.45 8.10
N LEU A 18 -3.20 -4.44 7.46
CA LEU A 18 -3.93 -3.67 6.46
C LEU A 18 -4.41 -4.55 5.32
N GLY A 19 -3.54 -5.46 4.88
CA GLY A 19 -3.90 -6.36 3.80
C GLY A 19 -3.40 -5.87 2.46
N ILE A 20 -2.08 -5.84 2.30
CA ILE A 20 -1.47 -5.39 1.05
C ILE A 20 -0.03 -5.89 0.91
N SER A 21 0.21 -6.70 -0.11
CA SER A 21 1.53 -7.26 -0.35
C SER A 21 2.30 -6.41 -1.35
N VAL A 22 3.10 -5.48 -0.85
CA VAL A 22 3.90 -4.61 -1.71
C VAL A 22 5.33 -5.12 -1.85
N THR A 23 5.84 -5.10 -3.08
CA THR A 23 7.19 -5.56 -3.35
C THR A 23 8.00 -4.51 -4.10
N GLY A 24 9.31 -4.73 -4.20
CA GLY A 24 10.16 -3.79 -4.91
C GLY A 24 10.32 -2.48 -4.15
N GLY A 25 11.56 -2.16 -3.81
CA GLY A 25 11.83 -0.92 -3.08
C GLY A 25 13.04 -0.18 -3.62
N VAL A 26 13.29 1.01 -3.07
CA VAL A 26 14.43 1.81 -3.50
C VAL A 26 15.76 1.11 -3.17
N ASN A 27 15.70 0.14 -2.27
CA ASN A 27 16.87 -0.61 -1.87
C ASN A 27 16.59 -2.11 -1.83
N THR A 28 16.36 -2.70 -3.00
CA THR A 28 16.08 -4.13 -3.08
C THR A 28 16.65 -4.72 -4.36
N SER A 29 16.27 -5.96 -4.65
CA SER A 29 16.74 -6.65 -5.85
C SER A 29 15.76 -6.46 -7.01
N VAL A 30 15.12 -5.31 -7.05
CA VAL A 30 14.15 -5.00 -8.11
C VAL A 30 14.65 -3.87 -9.00
N ARG A 31 14.17 -3.85 -10.25
CA ARG A 31 14.57 -2.83 -11.20
C ARG A 31 13.43 -1.84 -11.43
N HIS A 32 13.10 -1.07 -10.41
CA HIS A 32 12.03 -0.08 -10.51
C HIS A 32 11.88 0.69 -9.20
N GLY A 33 12.04 -0.02 -8.08
CA GLY A 33 11.92 0.61 -6.77
C GLY A 33 10.54 1.21 -6.55
N GLY A 34 9.52 0.60 -7.17
CA GLY A 34 8.16 1.10 -7.02
C GLY A 34 7.39 0.35 -5.95
N ILE A 35 6.38 1.01 -5.39
CA ILE A 35 5.56 0.40 -4.35
C ILE A 35 4.11 0.26 -4.82
N TYR A 36 3.77 -0.91 -5.34
CA TYR A 36 2.43 -1.18 -5.81
C TYR A 36 1.82 -2.39 -5.10
N VAL A 37 0.53 -2.60 -5.30
CA VAL A 37 -0.18 -3.71 -4.67
C VAL A 37 -0.04 -4.98 -5.52
N LYS A 38 0.85 -5.88 -5.09
CA LYS A 38 1.07 -7.12 -5.79
C LYS A 38 -0.03 -8.14 -5.48
N ALA A 39 -0.65 -7.98 -4.32
CA ALA A 39 -1.72 -8.88 -3.89
C ALA A 39 -2.44 -8.34 -2.66
N VAL A 40 -3.76 -8.33 -2.70
CA VAL A 40 -4.56 -7.85 -1.59
C VAL A 40 -4.84 -8.96 -0.57
N ILE A 41 -3.87 -9.86 -0.42
CA ILE A 41 -4.00 -10.96 0.52
C ILE A 41 -5.47 -11.26 0.83
N PRO A 42 -6.05 -12.22 0.10
CA PRO A 42 -7.44 -12.61 0.28
C PRO A 42 -7.68 -13.33 1.60
N GLN A 43 -7.38 -12.65 2.71
CA GLN A 43 -7.57 -13.22 4.03
C GLN A 43 -7.23 -12.20 5.12
N GLY A 44 -7.83 -11.02 5.02
CA GLY A 44 -7.58 -9.98 6.00
C GLY A 44 -8.52 -8.81 5.86
N ALA A 45 -8.25 -7.73 6.59
CA ALA A 45 -9.08 -6.54 6.55
C ALA A 45 -9.31 -6.09 5.11
N ALA A 46 -8.24 -6.02 4.33
CA ALA A 46 -8.32 -5.60 2.94
C ALA A 46 -9.41 -6.38 2.20
N GLU A 47 -9.72 -7.57 2.70
CA GLU A 47 -10.74 -8.41 2.08
C GLU A 47 -12.02 -8.40 2.91
N SER A 48 -11.95 -8.99 4.10
CA SER A 48 -13.11 -9.05 4.99
C SER A 48 -13.77 -7.69 5.12
N ASP A 49 -12.97 -6.64 5.02
CA ASP A 49 -13.48 -5.27 5.12
C ASP A 49 -13.59 -4.63 3.74
N GLY A 50 -12.71 -5.04 2.83
CA GLY A 50 -12.75 -4.49 1.49
C GLY A 50 -12.37 -3.02 1.45
N ARG A 51 -11.32 -2.69 0.72
CA ARG A 51 -10.87 -1.30 0.61
C ARG A 51 -9.93 -1.14 -0.58
N ILE A 52 -8.69 -1.62 -0.43
CA ILE A 52 -7.71 -1.52 -1.50
C ILE A 52 -7.77 -2.72 -2.43
N HIS A 53 -7.51 -2.49 -3.71
CA HIS A 53 -7.53 -3.57 -4.70
C HIS A 53 -6.15 -3.77 -5.31
N LYS A 54 -6.04 -4.77 -6.17
CA LYS A 54 -4.77 -5.09 -6.82
C LYS A 54 -4.50 -4.12 -7.98
N GLY A 55 -3.25 -3.72 -8.13
CA GLY A 55 -2.88 -2.80 -9.20
C GLY A 55 -2.70 -1.38 -8.71
N ASP A 56 -3.18 -1.11 -7.49
CA ASP A 56 -3.06 0.22 -6.91
C ASP A 56 -1.67 0.46 -6.37
N ARG A 57 -1.38 1.70 -6.02
CA ARG A 57 -0.07 2.06 -5.49
C ARG A 57 -0.19 2.57 -4.04
N VAL A 58 0.95 2.72 -3.38
CA VAL A 58 0.97 3.18 -2.00
C VAL A 58 1.68 4.53 -1.89
N LEU A 59 1.07 5.46 -1.16
CA LEU A 59 1.63 6.79 -0.98
C LEU A 59 2.06 7.00 0.47
N ALA A 60 2.45 8.23 0.79
CA ALA A 60 2.88 8.56 2.15
C ALA A 60 1.89 8.05 3.18
N VAL A 61 2.18 6.87 3.73
CA VAL A 61 1.32 6.25 4.73
C VAL A 61 1.60 6.82 6.12
N ASN A 62 0.57 7.38 6.75
CA ASN A 62 0.71 7.96 8.08
C ASN A 62 1.89 8.91 8.14
N GLY A 63 2.06 9.70 7.08
CA GLY A 63 3.15 10.66 7.03
C GLY A 63 4.47 10.01 6.69
N VAL A 64 4.41 8.82 6.09
CA VAL A 64 5.61 8.09 5.71
C VAL A 64 5.72 7.97 4.19
N SER A 65 6.26 9.00 3.56
CA SER A 65 6.42 9.01 2.10
C SER A 65 7.05 7.70 1.62
N LEU A 66 6.65 7.27 0.43
CA LEU A 66 7.16 6.03 -0.15
C LEU A 66 8.25 6.32 -1.17
N GLU A 67 8.56 7.61 -1.35
CA GLU A 67 9.58 8.02 -2.31
C GLU A 67 10.87 7.24 -2.09
N GLY A 68 11.44 7.36 -0.89
CA GLY A 68 12.68 6.67 -0.58
C GLY A 68 12.47 5.57 0.46
N ALA A 69 11.23 5.12 0.60
CA ALA A 69 10.91 4.07 1.56
C ALA A 69 11.38 2.71 1.06
N THR A 70 12.08 1.98 1.93
CA THR A 70 12.59 0.66 1.58
C THR A 70 11.54 -0.42 1.82
N HIS A 71 11.75 -1.59 1.24
CA HIS A 71 10.82 -2.71 1.40
C HIS A 71 10.48 -2.93 2.87
N LYS A 72 11.51 -2.91 3.71
CA LYS A 72 11.33 -3.10 5.14
C LYS A 72 10.71 -1.88 5.79
N GLN A 73 11.08 -0.70 5.30
CA GLN A 73 10.56 0.55 5.83
C GLN A 73 9.04 0.63 5.63
N ALA A 74 8.57 0.10 4.52
CA ALA A 74 7.14 0.11 4.21
C ALA A 74 6.41 -0.98 4.97
N VAL A 75 6.85 -2.22 4.81
CA VAL A 75 6.23 -3.36 5.48
C VAL A 75 6.11 -3.11 6.98
N GLU A 76 7.16 -2.52 7.56
CA GLU A 76 7.17 -2.23 8.99
C GLU A 76 6.25 -1.05 9.31
N THR A 77 6.33 -0.01 8.49
CA THR A 77 5.52 1.19 8.69
C THR A 77 4.04 0.86 8.51
N LEU A 78 3.74 -0.15 7.69
CA LEU A 78 2.37 -0.56 7.44
C LEU A 78 1.77 -1.26 8.66
N ARG A 79 2.58 -2.09 9.31
CA ARG A 79 2.14 -2.83 10.49
C ARG A 79 2.18 -1.95 11.73
N ASN A 80 3.24 -1.15 11.85
CA ASN A 80 3.40 -0.25 12.99
C ASN A 80 2.51 0.98 12.83
N THR A 81 1.20 0.76 12.82
CA THR A 81 0.24 1.85 12.68
C THR A 81 -0.74 1.87 13.85
N GLY A 82 -1.42 3.00 14.03
CA GLY A 82 -2.37 3.14 15.10
C GLY A 82 -3.68 2.42 14.81
N GLN A 83 -4.68 2.65 15.65
CA GLN A 83 -5.98 2.01 15.48
C GLN A 83 -6.54 2.28 14.09
N VAL A 84 -6.09 3.37 13.48
CA VAL A 84 -6.55 3.74 12.14
C VAL A 84 -5.37 4.03 11.23
N VAL A 85 -5.61 3.93 9.92
CA VAL A 85 -4.56 4.19 8.93
C VAL A 85 -5.09 5.03 7.78
N HIS A 86 -4.55 6.24 7.63
CA HIS A 86 -4.97 7.14 6.57
C HIS A 86 -3.83 7.37 5.57
N LEU A 87 -3.76 6.53 4.55
CA LEU A 87 -2.73 6.64 3.53
C LEU A 87 -3.33 6.95 2.17
N LEU A 88 -2.53 7.55 1.29
CA LEU A 88 -2.99 7.90 -0.05
C LEU A 88 -2.72 6.78 -1.03
N LEU A 89 -3.42 6.80 -2.16
CA LEU A 89 -3.25 5.78 -3.18
C LEU A 89 -2.95 6.40 -4.54
N GLU A 90 -2.41 5.61 -5.45
CA GLU A 90 -2.08 6.09 -6.78
C GLU A 90 -2.55 5.10 -7.85
N LYS A 91 -3.56 5.50 -8.61
CA LYS A 91 -4.11 4.65 -9.67
C LYS A 91 -3.00 4.13 -10.57
N GLY A 92 -2.64 2.87 -10.39
CA GLY A 92 -1.60 2.26 -11.21
C GLY A 92 -1.99 2.15 -12.67
N GLN A 93 -1.00 1.93 -13.53
CA GLN A 93 -1.25 1.81 -14.96
C GLN A 93 -1.68 0.39 -15.31
N SER A 94 -2.85 -0.01 -14.82
CA SER A 94 -3.37 -1.35 -15.08
C SER A 94 -4.51 -1.30 -16.09
N PRO A 95 -4.81 -2.45 -16.71
CA PRO A 95 -5.87 -2.57 -17.71
C PRO A 95 -7.27 -2.44 -17.10
N THR A 96 -7.42 -2.95 -15.88
CA THR A 96 -8.70 -2.90 -15.18
C THR A 96 -8.50 -2.62 -13.70
N PRO A 1 -11.43 6.18 -13.07
CA PRO A 1 -10.21 6.90 -12.66
C PRO A 1 -9.20 7.03 -13.80
N LYS A 2 -8.42 8.10 -13.77
CA LYS A 2 -7.41 8.33 -14.80
C LYS A 2 -6.03 7.95 -14.30
N PRO A 3 -5.09 7.74 -15.23
CA PRO A 3 -3.71 7.36 -14.92
C PRO A 3 -2.94 8.51 -14.26
N GLY A 4 -2.46 8.27 -13.04
CA GLY A 4 -1.71 9.29 -12.33
C GLY A 4 -2.48 9.86 -11.15
N ASP A 5 -3.79 9.90 -11.27
CA ASP A 5 -4.64 10.42 -10.21
C ASP A 5 -4.31 9.77 -8.88
N ILE A 6 -4.24 10.58 -7.82
CA ILE A 6 -3.92 10.08 -6.50
C ILE A 6 -5.08 10.30 -5.53
N PHE A 7 -5.34 9.30 -4.68
CA PHE A 7 -6.43 9.40 -3.71
C PHE A 7 -6.06 8.69 -2.41
N GLU A 8 -6.49 9.25 -1.29
CA GLU A 8 -6.19 8.68 0.01
C GLU A 8 -7.31 7.72 0.45
N VAL A 9 -6.92 6.58 1.00
CA VAL A 9 -7.88 5.58 1.46
C VAL A 9 -7.87 5.46 2.98
N GLU A 10 -8.96 5.88 3.62
CA GLU A 10 -9.07 5.82 5.06
C GLU A 10 -9.69 4.50 5.51
N LEU A 11 -8.96 3.75 6.33
CA LEU A 11 -9.44 2.46 6.83
C LEU A 11 -9.06 2.27 8.29
N ALA A 12 -9.87 1.49 9.00
CA ALA A 12 -9.62 1.23 10.41
C ALA A 12 -9.08 -0.18 10.62
N LYS A 13 -7.89 -0.27 11.19
CA LYS A 13 -7.26 -1.57 11.45
C LYS A 13 -8.22 -2.51 12.17
N ASN A 14 -7.98 -3.81 12.05
CA ASN A 14 -8.82 -4.81 12.69
C ASN A 14 -7.97 -5.85 13.42
N ASP A 15 -6.87 -6.25 12.80
CA ASP A 15 -5.98 -7.24 13.39
C ASP A 15 -4.55 -6.69 13.48
N ASN A 16 -4.43 -5.40 13.75
CA ASN A 16 -3.13 -4.74 13.86
C ASN A 16 -2.34 -4.88 12.57
N SER A 17 -3.06 -5.00 11.45
CA SER A 17 -2.44 -5.14 10.14
C SER A 17 -3.39 -4.69 9.03
N LEU A 18 -2.84 -4.00 8.04
CA LEU A 18 -3.63 -3.51 6.92
C LEU A 18 -4.32 -4.67 6.21
N GLY A 19 -3.59 -5.76 6.01
CA GLY A 19 -4.14 -6.91 5.34
C GLY A 19 -3.78 -6.96 3.86
N ILE A 20 -2.68 -6.32 3.50
CA ILE A 20 -2.23 -6.28 2.12
C ILE A 20 -0.80 -6.82 1.98
N SER A 21 -0.48 -7.32 0.80
CA SER A 21 0.85 -7.87 0.54
C SER A 21 1.61 -7.00 -0.46
N VAL A 22 2.79 -6.55 -0.06
CA VAL A 22 3.61 -5.72 -0.94
C VAL A 22 4.70 -6.53 -1.61
N THR A 23 5.18 -6.05 -2.76
CA THR A 23 6.23 -6.74 -3.51
C THR A 23 7.37 -5.79 -3.86
N GLY A 24 8.58 -6.33 -3.93
CA GLY A 24 9.74 -5.52 -4.26
C GLY A 24 10.79 -5.56 -3.17
N GLY A 25 11.46 -4.43 -2.97
CA GLY A 25 12.49 -4.36 -1.95
C GLY A 25 13.17 -3.00 -1.90
N VAL A 26 14.42 -2.95 -2.34
CA VAL A 26 15.18 -1.70 -2.35
C VAL A 26 16.32 -1.76 -3.38
N ASN A 27 16.40 -0.73 -4.22
CA ASN A 27 17.44 -0.66 -5.24
C ASN A 27 17.51 0.73 -5.84
N THR A 28 18.41 0.91 -6.80
CA THR A 28 18.58 2.20 -7.45
C THR A 28 17.80 2.27 -8.75
N SER A 29 16.68 1.54 -8.80
CA SER A 29 15.84 1.51 -9.99
C SER A 29 15.08 2.82 -10.14
N VAL A 30 14.06 3.00 -9.31
CA VAL A 30 13.25 4.22 -9.35
C VAL A 30 12.50 4.42 -8.04
N ARG A 31 12.16 5.68 -7.74
CA ARG A 31 11.44 5.99 -6.52
C ARG A 31 9.94 5.84 -6.71
N HIS A 32 9.46 6.16 -7.91
CA HIS A 32 8.04 6.05 -8.23
C HIS A 32 7.74 4.72 -8.91
N GLY A 33 8.44 3.67 -8.49
CA GLY A 33 8.23 2.36 -9.06
C GLY A 33 9.10 1.30 -8.43
N GLY A 34 8.97 1.12 -7.12
CA GLY A 34 9.76 0.14 -6.40
C GLY A 34 8.90 -0.82 -5.61
N ILE A 35 7.59 -0.68 -5.73
CA ILE A 35 6.66 -1.55 -4.99
C ILE A 35 5.29 -1.55 -5.66
N TYR A 36 4.69 -2.73 -5.75
CA TYR A 36 3.37 -2.88 -6.36
C TYR A 36 2.63 -4.09 -5.80
N VAL A 37 1.48 -3.84 -5.19
CA VAL A 37 0.68 -4.91 -4.60
C VAL A 37 0.16 -5.86 -5.67
N LYS A 38 0.66 -7.09 -5.65
CA LYS A 38 0.25 -8.10 -6.62
C LYS A 38 -0.81 -9.02 -6.03
N ALA A 39 -0.75 -9.22 -4.72
CA ALA A 39 -1.71 -10.08 -4.03
C ALA A 39 -2.35 -9.35 -2.86
N VAL A 40 -3.36 -9.97 -2.26
CA VAL A 40 -4.07 -9.39 -1.13
C VAL A 40 -4.49 -10.46 -0.13
N ILE A 41 -3.63 -10.74 0.84
CA ILE A 41 -3.92 -11.74 1.85
C ILE A 41 -5.34 -11.59 2.38
N PRO A 42 -6.23 -12.49 1.94
CA PRO A 42 -7.64 -12.49 2.35
C PRO A 42 -7.81 -12.89 3.82
N GLN A 43 -7.27 -12.06 4.71
CA GLN A 43 -7.37 -12.32 6.14
C GLN A 43 -6.96 -11.10 6.96
N GLY A 44 -7.63 -9.98 6.70
CA GLY A 44 -7.33 -8.76 7.41
C GLY A 44 -8.18 -7.59 6.95
N ALA A 45 -7.81 -6.39 7.38
CA ALA A 45 -8.54 -5.18 7.00
C ALA A 45 -8.74 -5.10 5.49
N ALA A 46 -7.76 -5.61 4.75
CA ALA A 46 -7.83 -5.59 3.30
C ALA A 46 -8.57 -6.82 2.77
N GLU A 47 -9.78 -7.04 3.29
CA GLU A 47 -10.59 -8.17 2.87
C GLU A 47 -11.92 -8.20 3.63
N SER A 48 -11.86 -8.50 4.92
CA SER A 48 -13.06 -8.56 5.75
C SER A 48 -13.71 -7.19 5.86
N ASP A 49 -12.89 -6.15 5.80
CA ASP A 49 -13.38 -4.77 5.89
C ASP A 49 -13.51 -4.15 4.51
N GLY A 50 -12.67 -4.59 3.58
CA GLY A 50 -12.70 -4.07 2.23
C GLY A 50 -11.95 -2.76 2.09
N ARG A 51 -12.61 -1.75 1.53
CA ARG A 51 -11.99 -0.45 1.35
C ARG A 51 -10.98 -0.48 0.20
N ILE A 52 -9.87 -1.18 0.42
CA ILE A 52 -8.83 -1.29 -0.60
C ILE A 52 -8.99 -2.56 -1.42
N HIS A 53 -8.70 -2.47 -2.71
CA HIS A 53 -8.82 -3.61 -3.61
C HIS A 53 -7.51 -3.83 -4.37
N LYS A 54 -7.27 -5.09 -4.75
CA LYS A 54 -6.06 -5.44 -5.47
C LYS A 54 -5.84 -4.48 -6.65
N GLY A 55 -4.57 -4.26 -6.99
CA GLY A 55 -4.25 -3.38 -8.09
C GLY A 55 -3.88 -1.98 -7.62
N ASP A 56 -2.86 -1.89 -6.78
CA ASP A 56 -2.42 -0.60 -6.26
C ASP A 56 -0.98 -0.70 -5.75
N ARG A 57 -0.40 0.46 -5.42
CA ARG A 57 0.98 0.51 -4.93
C ARG A 57 1.02 1.07 -3.52
N VAL A 58 2.07 0.72 -2.78
CA VAL A 58 2.24 1.20 -1.41
C VAL A 58 3.13 2.43 -1.37
N LEU A 59 2.51 3.60 -1.26
CA LEU A 59 3.25 4.85 -1.19
C LEU A 59 2.58 5.83 -0.22
N ALA A 60 3.36 6.78 0.29
CA ALA A 60 2.84 7.76 1.23
C ALA A 60 2.04 7.11 2.33
N VAL A 61 2.62 6.09 2.96
CA VAL A 61 1.95 5.37 4.04
C VAL A 61 2.24 6.02 5.38
N ASN A 62 1.29 6.81 5.87
CA ASN A 62 1.44 7.50 7.15
C ASN A 62 2.76 8.27 7.20
N GLY A 63 3.20 8.75 6.04
CA GLY A 63 4.44 9.50 5.98
C GLY A 63 5.57 8.70 5.37
N VAL A 64 5.47 7.37 5.45
CA VAL A 64 6.49 6.49 4.91
C VAL A 64 6.39 6.40 3.39
N SER A 65 7.43 6.83 2.69
CA SER A 65 7.45 6.79 1.24
C SER A 65 8.05 5.48 0.73
N LEU A 66 7.82 5.19 -0.54
CA LEU A 66 8.33 3.96 -1.15
C LEU A 66 9.58 4.25 -1.97
N GLU A 67 10.00 5.51 -1.98
CA GLU A 67 11.18 5.90 -2.73
C GLU A 67 12.35 4.97 -2.43
N GLY A 68 12.81 4.97 -1.18
CA GLY A 68 13.91 4.12 -0.80
C GLY A 68 13.54 3.16 0.31
N ALA A 69 12.26 2.86 0.42
CA ALA A 69 11.78 1.94 1.44
C ALA A 69 12.01 0.49 1.05
N THR A 70 12.48 -0.31 1.99
CA THR A 70 12.75 -1.72 1.73
C THR A 70 11.48 -2.55 1.81
N HIS A 71 11.54 -3.77 1.28
CA HIS A 71 10.39 -4.66 1.28
C HIS A 71 9.79 -4.79 2.69
N LYS A 72 10.67 -4.96 3.68
CA LYS A 72 10.24 -5.09 5.07
C LYS A 72 9.62 -3.79 5.57
N GLN A 73 10.07 -2.67 5.01
CA GLN A 73 9.56 -1.36 5.39
C GLN A 73 8.10 -1.20 4.97
N ALA A 74 7.84 -1.38 3.68
CA ALA A 74 6.50 -1.25 3.14
C ALA A 74 5.55 -2.29 3.76
N VAL A 75 6.14 -3.33 4.36
CA VAL A 75 5.36 -4.38 4.99
C VAL A 75 5.05 -4.05 6.45
N GLU A 76 6.10 -3.73 7.21
CA GLU A 76 5.94 -3.39 8.62
C GLU A 76 5.32 -2.01 8.78
N THR A 77 5.53 -1.15 7.79
CA THR A 77 4.98 0.20 7.82
C THR A 77 3.46 0.18 7.94
N LEU A 78 2.84 -0.85 7.36
CA LEU A 78 1.38 -0.99 7.41
C LEU A 78 0.94 -1.66 8.71
N ARG A 79 1.69 -2.67 9.14
CA ARG A 79 1.37 -3.39 10.36
C ARG A 79 1.57 -2.49 11.58
N ASN A 80 2.53 -1.58 11.49
CA ASN A 80 2.82 -0.66 12.59
C ASN A 80 2.01 0.62 12.46
N THR A 81 0.70 0.48 12.48
CA THR A 81 -0.20 1.64 12.36
C THR A 81 -1.07 1.80 13.60
N GLY A 82 -1.84 2.88 13.64
CA GLY A 82 -2.70 3.13 14.77
C GLY A 82 -4.16 2.82 14.48
N GLN A 83 -5.04 3.20 15.39
CA GLN A 83 -6.47 2.96 15.22
C GLN A 83 -6.95 3.43 13.85
N VAL A 84 -6.29 4.47 13.33
CA VAL A 84 -6.65 5.02 12.03
C VAL A 84 -5.41 5.25 11.17
N VAL A 85 -5.51 4.92 9.90
CA VAL A 85 -4.40 5.09 8.97
C VAL A 85 -4.85 5.77 7.69
N HIS A 86 -4.03 6.69 7.18
CA HIS A 86 -4.35 7.40 5.96
C HIS A 86 -3.19 7.33 4.96
N LEU A 87 -3.38 6.56 3.90
CA LEU A 87 -2.35 6.40 2.87
C LEU A 87 -2.88 6.79 1.50
N LEU A 88 -1.99 7.22 0.62
CA LEU A 88 -2.37 7.62 -0.74
C LEU A 88 -2.12 6.49 -1.72
N LEU A 89 -3.01 6.36 -2.70
CA LEU A 89 -2.88 5.32 -3.72
C LEU A 89 -2.80 5.92 -5.11
N GLU A 90 -2.33 5.13 -6.08
CA GLU A 90 -2.20 5.59 -7.45
C GLU A 90 -2.80 4.57 -8.42
N LYS A 91 -3.47 5.07 -9.45
CA LYS A 91 -4.08 4.20 -10.46
C LYS A 91 -3.06 3.21 -11.01
N GLY A 92 -1.81 3.65 -11.12
CA GLY A 92 -0.77 2.79 -11.64
C GLY A 92 -0.44 3.08 -13.09
N GLN A 93 0.27 2.16 -13.73
CA GLN A 93 0.64 2.31 -15.13
C GLN A 93 0.72 0.97 -15.83
N SER A 94 -0.28 0.13 -15.61
CA SER A 94 -0.32 -1.19 -16.22
C SER A 94 -0.60 -1.10 -17.72
N PRO A 95 -0.27 -2.16 -18.46
CA PRO A 95 -0.48 -2.22 -19.90
C PRO A 95 -1.95 -2.31 -20.28
N THR A 96 -2.73 -2.97 -19.44
CA THR A 96 -4.16 -3.12 -19.69
C THR A 96 -4.96 -2.07 -18.93
N PRO A 1 -12.35 6.23 -14.03
CA PRO A 1 -11.36 7.06 -13.34
C PRO A 1 -10.22 7.49 -14.27
N LYS A 2 -9.70 8.69 -14.03
CA LYS A 2 -8.60 9.22 -14.84
C LYS A 2 -7.26 8.82 -14.25
N PRO A 3 -6.23 8.76 -15.12
CA PRO A 3 -4.88 8.40 -14.71
C PRO A 3 -4.22 9.47 -13.85
N GLY A 4 -3.23 9.06 -13.06
CA GLY A 4 -2.54 10.01 -12.19
C GLY A 4 -3.48 10.73 -11.25
N ASP A 5 -4.37 9.98 -10.61
CA ASP A 5 -5.34 10.56 -9.68
C ASP A 5 -4.84 10.44 -8.25
N ILE A 6 -5.65 10.92 -7.31
CA ILE A 6 -5.29 10.87 -5.89
C ILE A 6 -6.53 10.68 -5.02
N PHE A 7 -6.44 9.75 -4.07
CA PHE A 7 -7.55 9.48 -3.17
C PHE A 7 -7.06 8.82 -1.88
N GLU A 8 -7.81 9.01 -0.81
CA GLU A 8 -7.46 8.43 0.48
C GLU A 8 -8.48 7.38 0.91
N VAL A 9 -8.00 6.35 1.62
CA VAL A 9 -8.87 5.28 2.10
C VAL A 9 -8.57 4.93 3.54
N GLU A 10 -9.53 5.17 4.42
CA GLU A 10 -9.36 4.89 5.84
C GLU A 10 -10.15 3.64 6.24
N LEU A 11 -9.49 2.74 6.97
CA LEU A 11 -10.12 1.50 7.40
C LEU A 11 -9.95 1.31 8.91
N ALA A 12 -10.79 0.46 9.49
CA ALA A 12 -10.72 0.18 10.92
C ALA A 12 -9.58 -0.78 11.24
N LYS A 13 -8.71 -0.37 12.16
CA LYS A 13 -7.57 -1.18 12.56
C LYS A 13 -8.03 -2.36 13.41
N ASN A 14 -8.32 -3.48 12.76
CA ASN A 14 -8.76 -4.68 13.46
C ASN A 14 -7.60 -5.66 13.64
N ASP A 15 -7.14 -6.24 12.55
CA ASP A 15 -6.04 -7.19 12.58
C ASP A 15 -4.72 -6.48 12.85
N ASN A 16 -4.71 -5.16 12.68
CA ASN A 16 -3.52 -4.37 12.91
C ASN A 16 -2.43 -4.73 11.90
N SER A 17 -2.82 -5.43 10.84
CA SER A 17 -1.88 -5.84 9.80
C SER A 17 -2.52 -5.73 8.42
N LEU A 18 -2.39 -4.57 7.80
CA LEU A 18 -2.95 -4.34 6.48
C LEU A 18 -2.55 -5.46 5.52
N GLY A 19 -3.55 -6.06 4.87
CA GLY A 19 -3.27 -7.13 3.93
C GLY A 19 -2.92 -6.62 2.55
N ILE A 20 -1.63 -6.49 2.28
CA ILE A 20 -1.16 -6.00 0.99
C ILE A 20 0.29 -6.39 0.74
N SER A 21 0.52 -7.21 -0.29
CA SER A 21 1.87 -7.66 -0.62
C SER A 21 2.50 -6.74 -1.66
N VAL A 22 3.41 -5.88 -1.21
CA VAL A 22 4.09 -4.94 -2.09
C VAL A 22 5.47 -5.47 -2.47
N THR A 23 5.95 -5.04 -3.64
CA THR A 23 7.26 -5.46 -4.13
C THR A 23 7.82 -4.46 -5.13
N GLY A 24 9.14 -4.28 -5.12
CA GLY A 24 9.77 -3.37 -6.04
C GLY A 24 10.40 -2.17 -5.33
N GLY A 25 10.88 -2.40 -4.11
CA GLY A 25 11.50 -1.33 -3.35
C GLY A 25 12.87 -0.95 -3.89
N VAL A 26 13.48 0.05 -3.27
CA VAL A 26 14.79 0.52 -3.68
C VAL A 26 15.89 -0.24 -2.95
N ASN A 27 15.52 -1.31 -2.26
CA ASN A 27 16.47 -2.11 -1.51
C ASN A 27 16.22 -3.59 -1.74
N THR A 28 16.12 -3.99 -3.00
CA THR A 28 15.87 -5.38 -3.36
C THR A 28 16.40 -5.70 -4.75
N SER A 29 16.17 -6.93 -5.20
CA SER A 29 16.64 -7.35 -6.52
C SER A 29 15.58 -7.07 -7.58
N VAL A 30 14.88 -5.95 -7.43
CA VAL A 30 13.84 -5.56 -8.37
C VAL A 30 14.38 -4.59 -9.41
N ARG A 31 13.68 -4.47 -10.53
CA ARG A 31 14.10 -3.57 -11.60
C ARG A 31 13.43 -2.21 -11.46
N HIS A 32 13.39 -1.71 -10.23
CA HIS A 32 12.77 -0.41 -9.94
C HIS A 32 12.78 -0.11 -8.45
N GLY A 33 12.07 0.94 -8.05
CA GLY A 33 12.02 1.30 -6.65
C GLY A 33 10.65 1.82 -6.24
N GLY A 34 9.61 1.28 -6.86
CA GLY A 34 8.25 1.71 -6.54
C GLY A 34 7.50 0.70 -5.70
N ILE A 35 6.35 1.10 -5.18
CA ILE A 35 5.53 0.22 -4.35
C ILE A 35 4.13 0.06 -4.93
N TYR A 36 3.80 -1.16 -5.31
CA TYR A 36 2.49 -1.45 -5.89
C TYR A 36 1.88 -2.69 -5.24
N VAL A 37 0.55 -2.77 -5.29
CA VAL A 37 -0.16 -3.91 -4.71
C VAL A 37 -0.03 -5.15 -5.59
N LYS A 38 0.75 -6.11 -5.12
CA LYS A 38 0.96 -7.36 -5.85
C LYS A 38 -0.15 -8.36 -5.56
N ALA A 39 -0.69 -8.29 -4.34
CA ALA A 39 -1.76 -9.20 -3.94
C ALA A 39 -2.26 -8.85 -2.54
N VAL A 40 -3.58 -8.95 -2.35
CA VAL A 40 -4.19 -8.64 -1.06
C VAL A 40 -4.22 -9.88 -0.16
N ILE A 41 -4.03 -9.66 1.13
CA ILE A 41 -4.04 -10.75 2.10
C ILE A 41 -5.44 -10.99 2.66
N PRO A 42 -5.98 -12.18 2.41
CA PRO A 42 -7.32 -12.56 2.89
C PRO A 42 -7.37 -12.74 4.39
N GLN A 43 -6.24 -13.13 4.98
CA GLN A 43 -6.16 -13.34 6.42
C GLN A 43 -5.60 -12.11 7.12
N GLY A 44 -6.02 -10.94 6.68
CA GLY A 44 -5.54 -9.71 7.27
C GLY A 44 -6.60 -8.61 7.26
N ALA A 45 -6.17 -7.37 7.43
CA ALA A 45 -7.08 -6.23 7.44
C ALA A 45 -7.09 -5.52 6.10
N ALA A 46 -7.70 -6.14 5.10
CA ALA A 46 -7.79 -5.56 3.77
C ALA A 46 -8.90 -6.21 2.94
N GLU A 47 -8.72 -7.49 2.62
CA GLU A 47 -9.71 -8.22 1.84
C GLU A 47 -11.08 -8.20 2.53
N SER A 48 -11.07 -8.41 3.84
CA SER A 48 -12.30 -8.42 4.62
C SER A 48 -12.94 -7.03 4.65
N ASP A 49 -12.20 -6.07 5.18
CA ASP A 49 -12.70 -4.69 5.25
C ASP A 49 -13.17 -4.20 3.89
N GLY A 50 -12.47 -4.62 2.84
CA GLY A 50 -12.83 -4.23 1.49
C GLY A 50 -12.53 -2.76 1.23
N ARG A 51 -11.25 -2.43 1.08
CA ARG A 51 -10.84 -1.06 0.83
C ARG A 51 -9.84 -0.99 -0.32
N ILE A 52 -8.78 -1.79 -0.22
CA ILE A 52 -7.75 -1.82 -1.25
C ILE A 52 -7.80 -3.13 -2.04
N HIS A 53 -7.58 -3.04 -3.34
CA HIS A 53 -7.60 -4.21 -4.20
C HIS A 53 -6.47 -4.14 -5.24
N LYS A 54 -6.17 -5.28 -5.85
CA LYS A 54 -5.12 -5.36 -6.86
C LYS A 54 -5.31 -4.27 -7.92
N GLY A 55 -4.44 -3.27 -7.87
CA GLY A 55 -4.54 -2.18 -8.84
C GLY A 55 -4.40 -0.82 -8.19
N ASP A 56 -3.20 -0.49 -7.73
CA ASP A 56 -2.94 0.78 -7.08
C ASP A 56 -1.47 0.93 -6.71
N ARG A 57 -1.13 2.01 -6.04
CA ARG A 57 0.24 2.27 -5.61
C ARG A 57 0.27 2.98 -4.27
N VAL A 58 0.98 2.39 -3.30
CA VAL A 58 1.10 2.97 -1.98
C VAL A 58 2.10 4.12 -1.96
N LEU A 59 1.59 5.34 -1.93
CA LEU A 59 2.43 6.53 -1.92
C LEU A 59 2.82 6.90 -0.49
N ALA A 60 1.81 7.25 0.31
CA ALA A 60 2.05 7.63 1.70
C ALA A 60 1.03 6.97 2.63
N VAL A 61 1.52 6.25 3.62
CA VAL A 61 0.66 5.57 4.58
C VAL A 61 0.63 6.30 5.92
N ASN A 62 -0.16 7.38 5.98
CA ASN A 62 -0.27 8.17 7.20
C ASN A 62 1.06 8.77 7.59
N GLY A 63 1.61 9.63 6.74
CA GLY A 63 2.88 10.27 7.01
C GLY A 63 4.06 9.33 6.77
N VAL A 64 3.82 8.30 5.95
CA VAL A 64 4.87 7.35 5.62
C VAL A 64 5.17 7.33 4.13
N SER A 65 5.75 8.42 3.64
CA SER A 65 6.09 8.54 2.23
C SER A 65 7.00 7.40 1.78
N LEU A 66 6.63 6.75 0.70
CA LEU A 66 7.42 5.64 0.17
C LEU A 66 8.24 6.08 -1.04
N GLU A 67 8.62 7.34 -1.06
CA GLU A 67 9.42 7.88 -2.16
C GLU A 67 10.65 7.03 -2.42
N GLY A 68 11.46 6.84 -1.38
CA GLY A 68 12.66 6.04 -1.51
C GLY A 68 12.85 5.07 -0.36
N ALA A 69 11.77 4.80 0.35
CA ALA A 69 11.81 3.88 1.48
C ALA A 69 12.13 2.46 1.03
N THR A 70 12.56 1.62 1.97
CA THR A 70 12.90 0.23 1.67
C THR A 70 11.69 -0.68 1.86
N HIS A 71 11.79 -1.90 1.33
CA HIS A 71 10.71 -2.87 1.44
C HIS A 71 10.36 -3.12 2.90
N LYS A 72 11.32 -3.65 3.66
CA LYS A 72 11.11 -3.94 5.07
C LYS A 72 10.61 -2.71 5.81
N GLN A 73 11.07 -1.53 5.38
CA GLN A 73 10.67 -0.28 6.00
C GLN A 73 9.22 0.06 5.66
N ALA A 74 8.81 -0.29 4.45
CA ALA A 74 7.44 -0.03 4.01
C ALA A 74 6.44 -0.88 4.76
N VAL A 75 6.52 -2.20 4.58
CA VAL A 75 5.63 -3.12 5.25
C VAL A 75 5.55 -2.84 6.74
N GLU A 76 6.65 -2.35 7.31
CA GLU A 76 6.71 -2.03 8.73
C GLU A 76 5.73 -0.92 9.07
N THR A 77 5.93 0.25 8.46
CA THR A 77 5.06 1.40 8.70
C THR A 77 3.65 1.14 8.20
N LEU A 78 3.54 0.36 7.13
CA LEU A 78 2.24 0.03 6.54
C LEU A 78 1.38 -0.73 7.54
N ARG A 79 1.96 -1.73 8.19
CA ARG A 79 1.24 -2.53 9.16
C ARG A 79 1.12 -1.80 10.49
N ASN A 80 2.15 -1.02 10.83
CA ASN A 80 2.17 -0.26 12.08
C ASN A 80 1.53 1.11 11.88
N THR A 81 0.33 1.28 12.40
CA THR A 81 -0.38 2.55 12.29
C THR A 81 -1.31 2.77 13.48
N GLY A 82 -1.92 3.95 13.54
CA GLY A 82 -2.82 4.27 14.64
C GLY A 82 -4.18 3.62 14.47
N GLN A 83 -5.16 4.09 15.25
CA GLN A 83 -6.51 3.54 15.19
C GLN A 83 -7.02 3.51 13.76
N VAL A 84 -6.58 4.49 12.96
CA VAL A 84 -6.99 4.57 11.56
C VAL A 84 -5.79 4.73 10.64
N VAL A 85 -5.86 4.07 9.49
CA VAL A 85 -4.77 4.14 8.51
C VAL A 85 -5.08 5.15 7.41
N HIS A 86 -4.35 6.26 7.41
CA HIS A 86 -4.54 7.30 6.42
C HIS A 86 -3.58 7.12 5.24
N LEU A 87 -3.81 6.07 4.46
CA LEU A 87 -2.96 5.79 3.30
C LEU A 87 -3.55 6.41 2.03
N LEU A 88 -2.71 7.14 1.31
CA LEU A 88 -3.14 7.79 0.07
C LEU A 88 -2.54 7.09 -1.15
N LEU A 89 -3.27 6.10 -1.65
CA LEU A 89 -2.81 5.35 -2.82
C LEU A 89 -3.11 6.10 -4.11
N GLU A 90 -2.13 6.13 -5.01
CA GLU A 90 -2.29 6.83 -6.28
C GLU A 90 -2.58 5.84 -7.40
N LYS A 91 -3.60 6.13 -8.20
CA LYS A 91 -3.98 5.28 -9.32
C LYS A 91 -2.77 4.93 -10.17
N GLY A 92 -2.24 3.72 -9.99
CA GLY A 92 -1.08 3.29 -10.75
C GLY A 92 -1.31 3.38 -12.25
N GLN A 93 -0.23 3.59 -12.99
CA GLN A 93 -0.32 3.70 -14.44
C GLN A 93 -0.45 2.32 -15.09
N SER A 94 0.64 1.55 -15.04
CA SER A 94 0.65 0.22 -15.62
C SER A 94 0.42 0.27 -17.13
N PRO A 95 0.80 -0.82 -17.83
CA PRO A 95 0.64 -0.91 -19.29
C PRO A 95 -0.83 -1.03 -19.71
N THR A 96 -1.60 -1.78 -18.92
CA THR A 96 -3.01 -1.97 -19.21
C THR A 96 -3.87 -1.01 -18.41
N PRO A 1 -12.52 6.20 -11.55
CA PRO A 1 -11.13 6.55 -11.28
C PRO A 1 -10.32 6.72 -12.57
N LYS A 2 -9.53 7.79 -12.63
CA LYS A 2 -8.70 8.06 -13.80
C LYS A 2 -7.22 7.90 -13.48
N PRO A 3 -6.42 7.60 -14.50
CA PRO A 3 -4.97 7.41 -14.35
C PRO A 3 -4.25 8.72 -14.04
N GLY A 4 -3.35 8.67 -13.05
CA GLY A 4 -2.61 9.85 -12.67
C GLY A 4 -3.23 10.57 -11.48
N ASP A 5 -4.54 10.47 -11.36
CA ASP A 5 -5.26 11.12 -10.27
C ASP A 5 -4.63 10.76 -8.92
N ILE A 6 -4.82 11.62 -7.93
CA ILE A 6 -4.28 11.39 -6.60
C ILE A 6 -5.37 11.42 -5.54
N PHE A 7 -5.35 10.43 -4.64
CA PHE A 7 -6.35 10.34 -3.58
C PHE A 7 -5.81 9.54 -2.40
N GLU A 8 -6.51 9.61 -1.28
CA GLU A 8 -6.11 8.89 -0.08
C GLU A 8 -7.19 7.92 0.36
N VAL A 9 -6.77 6.74 0.85
CA VAL A 9 -7.71 5.72 1.31
C VAL A 9 -7.44 5.35 2.77
N GLU A 10 -8.47 5.46 3.60
CA GLU A 10 -8.35 5.13 5.01
C GLU A 10 -8.66 3.66 5.26
N LEU A 11 -7.87 3.03 6.14
CA LEU A 11 -8.06 1.63 6.47
C LEU A 11 -8.44 1.46 7.93
N ALA A 12 -9.47 0.64 8.18
CA ALA A 12 -9.93 0.39 9.54
C ALA A 12 -9.11 -0.71 10.20
N LYS A 13 -8.68 -0.46 11.43
CA LYS A 13 -7.89 -1.42 12.18
C LYS A 13 -8.77 -2.46 12.85
N ASN A 14 -9.26 -3.42 12.06
CA ASN A 14 -10.12 -4.47 12.57
C ASN A 14 -9.30 -5.66 13.08
N ASP A 15 -8.38 -6.13 12.25
CA ASP A 15 -7.53 -7.25 12.60
C ASP A 15 -6.08 -6.81 12.76
N ASN A 16 -5.88 -5.52 13.01
CA ASN A 16 -4.55 -4.96 13.18
C ASN A 16 -3.63 -5.42 12.04
N SER A 17 -4.21 -5.63 10.87
CA SER A 17 -3.45 -6.07 9.71
C SER A 17 -3.94 -5.39 8.44
N LEU A 18 -3.05 -4.65 7.79
CA LEU A 18 -3.40 -3.94 6.56
C LEU A 18 -4.15 -4.85 5.60
N GLY A 19 -3.53 -5.99 5.27
CA GLY A 19 -4.15 -6.93 4.36
C GLY A 19 -3.66 -6.77 2.93
N ILE A 20 -2.44 -6.29 2.77
CA ILE A 20 -1.86 -6.08 1.45
C ILE A 20 -0.38 -6.46 1.43
N SER A 21 0.11 -6.88 0.27
CA SER A 21 1.50 -7.27 0.12
C SER A 21 2.28 -6.24 -0.69
N VAL A 22 3.46 -5.89 -0.22
CA VAL A 22 4.30 -4.92 -0.90
C VAL A 22 5.34 -5.60 -1.78
N THR A 23 5.94 -4.83 -2.69
CA THR A 23 6.95 -5.37 -3.60
C THR A 23 7.91 -4.27 -4.05
N GLY A 24 9.01 -4.69 -4.67
CA GLY A 24 9.99 -3.73 -5.16
C GLY A 24 10.68 -3.00 -4.01
N GLY A 25 11.24 -1.83 -4.33
CA GLY A 25 11.92 -1.05 -3.32
C GLY A 25 13.38 -0.81 -3.66
N VAL A 26 13.92 0.32 -3.20
CA VAL A 26 15.31 0.66 -3.46
C VAL A 26 16.26 -0.29 -2.74
N ASN A 27 15.71 -1.08 -1.82
CA ASN A 27 16.50 -2.04 -1.06
C ASN A 27 16.71 -3.32 -1.85
N THR A 28 15.72 -3.66 -2.68
CA THR A 28 15.79 -4.87 -3.49
C THR A 28 16.37 -4.57 -4.87
N SER A 29 16.45 -5.61 -5.70
CA SER A 29 16.98 -5.46 -7.05
C SER A 29 15.87 -5.33 -8.07
N VAL A 30 14.77 -4.69 -7.67
CA VAL A 30 13.62 -4.49 -8.55
C VAL A 30 13.87 -3.34 -9.52
N ARG A 31 13.49 -3.55 -10.78
CA ARG A 31 13.67 -2.52 -11.80
C ARG A 31 12.61 -1.44 -11.67
N HIS A 32 12.63 -0.72 -10.55
CA HIS A 32 11.67 0.35 -10.31
C HIS A 32 11.90 0.98 -8.93
N GLY A 33 12.33 0.16 -7.98
CA GLY A 33 12.58 0.66 -6.64
C GLY A 33 11.36 1.30 -6.02
N GLY A 34 10.18 0.82 -6.41
CA GLY A 34 8.94 1.37 -5.88
C GLY A 34 8.19 0.38 -5.01
N ILE A 35 7.05 0.80 -4.49
CA ILE A 35 6.22 -0.05 -3.64
C ILE A 35 4.80 -0.17 -4.17
N TYR A 36 4.46 -1.35 -4.69
CA TYR A 36 3.14 -1.59 -5.23
C TYR A 36 2.47 -2.77 -4.54
N VAL A 37 1.15 -2.82 -4.60
CA VAL A 37 0.39 -3.90 -3.98
C VAL A 37 0.41 -5.15 -4.84
N LYS A 38 1.02 -6.22 -4.33
CA LYS A 38 1.11 -7.48 -5.05
C LYS A 38 -0.22 -8.23 -5.00
N ALA A 39 -0.87 -8.21 -3.83
CA ALA A 39 -2.15 -8.88 -3.66
C ALA A 39 -2.72 -8.61 -2.28
N VAL A 40 -4.04 -8.59 -2.19
CA VAL A 40 -4.73 -8.34 -0.92
C VAL A 40 -4.93 -9.63 -0.15
N ILE A 41 -4.50 -9.64 1.10
CA ILE A 41 -4.64 -10.82 1.96
C ILE A 41 -6.12 -11.18 2.16
N PRO A 42 -6.49 -12.38 1.72
CA PRO A 42 -7.87 -12.87 1.84
C PRO A 42 -8.24 -13.17 3.29
N GLN A 43 -7.27 -13.57 4.09
CA GLN A 43 -7.49 -13.89 5.49
C GLN A 43 -7.06 -12.74 6.39
N GLY A 44 -7.47 -11.52 6.04
CA GLY A 44 -7.12 -10.36 6.81
C GLY A 44 -8.20 -9.30 6.81
N ALA A 45 -7.81 -8.05 7.01
CA ALA A 45 -8.76 -6.94 7.03
C ALA A 45 -8.67 -6.12 5.74
N ALA A 46 -8.65 -6.81 4.60
CA ALA A 46 -8.57 -6.15 3.30
C ALA A 46 -9.60 -6.71 2.33
N GLU A 47 -9.39 -7.95 1.91
CA GLU A 47 -10.30 -8.61 0.99
C GLU A 47 -11.74 -8.53 1.48
N SER A 48 -11.91 -8.52 2.80
CA SER A 48 -13.23 -8.44 3.41
C SER A 48 -13.78 -7.02 3.34
N ASP A 49 -13.17 -6.12 4.10
CA ASP A 49 -13.60 -4.72 4.12
C ASP A 49 -13.70 -4.16 2.71
N GLY A 50 -12.67 -4.40 1.91
CA GLY A 50 -12.67 -3.91 0.54
C GLY A 50 -12.32 -2.43 0.46
N ARG A 51 -11.07 -2.10 0.76
CA ARG A 51 -10.61 -0.72 0.72
C ARG A 51 -9.41 -0.57 -0.22
N ILE A 52 -8.53 -1.57 -0.20
CA ILE A 52 -7.35 -1.54 -1.05
C ILE A 52 -7.43 -2.59 -2.15
N HIS A 53 -6.92 -2.27 -3.33
CA HIS A 53 -6.94 -3.18 -4.46
C HIS A 53 -5.52 -3.61 -4.85
N LYS A 54 -5.41 -4.37 -5.93
CA LYS A 54 -4.12 -4.84 -6.41
C LYS A 54 -3.61 -3.98 -7.55
N GLY A 55 -2.31 -3.70 -7.54
CA GLY A 55 -1.72 -2.88 -8.60
C GLY A 55 -1.47 -1.46 -8.15
N ASP A 56 -2.00 -1.09 -6.98
CA ASP A 56 -1.83 0.24 -6.45
C ASP A 56 -0.41 0.45 -5.93
N ARG A 57 -0.11 1.67 -5.49
CA ARG A 57 1.22 2.00 -4.98
C ARG A 57 1.12 2.58 -3.57
N VAL A 58 1.85 1.98 -2.64
CA VAL A 58 1.84 2.44 -1.26
C VAL A 58 2.58 3.76 -1.12
N LEU A 59 1.82 4.85 -1.05
CA LEU A 59 2.41 6.18 -0.91
C LEU A 59 2.57 6.56 0.56
N ALA A 60 2.87 7.83 0.81
CA ALA A 60 3.05 8.32 2.17
C ALA A 60 1.91 7.86 3.07
N VAL A 61 2.12 6.75 3.76
CA VAL A 61 1.11 6.21 4.66
C VAL A 61 1.14 6.91 6.02
N ASN A 62 0.45 8.04 6.10
CA ASN A 62 0.40 8.81 7.34
C ASN A 62 1.79 9.30 7.73
N GLY A 63 2.42 10.04 6.83
CA GLY A 63 3.75 10.55 7.09
C GLY A 63 4.85 9.64 6.61
N VAL A 64 4.52 8.36 6.44
CA VAL A 64 5.48 7.36 5.97
C VAL A 64 5.71 7.49 4.48
N SER A 65 6.29 8.62 4.06
CA SER A 65 6.56 8.86 2.65
C SER A 65 7.29 7.68 2.03
N LEU A 66 6.58 6.91 1.20
CA LEU A 66 7.17 5.76 0.55
C LEU A 66 7.70 6.13 -0.84
N GLU A 67 7.62 7.41 -1.17
CA GLU A 67 8.10 7.89 -2.47
C GLU A 67 9.48 7.32 -2.79
N GLY A 68 10.35 7.28 -1.78
CA GLY A 68 11.68 6.76 -1.98
C GLY A 68 12.16 5.93 -0.80
N ALA A 69 11.21 5.39 -0.03
CA ALA A 69 11.55 4.57 1.13
C ALA A 69 11.89 3.15 0.71
N THR A 70 12.36 2.35 1.68
CA THR A 70 12.73 0.97 1.41
C THR A 70 11.52 0.05 1.49
N HIS A 71 11.69 -1.19 1.07
CA HIS A 71 10.61 -2.16 1.09
C HIS A 71 10.21 -2.50 2.53
N LYS A 72 11.21 -2.79 3.35
CA LYS A 72 10.97 -3.13 4.76
C LYS A 72 10.07 -2.09 5.42
N GLN A 73 10.17 -0.85 4.97
CA GLN A 73 9.37 0.23 5.52
C GLN A 73 7.88 -0.01 5.26
N ALA A 74 7.55 -0.39 4.03
CA ALA A 74 6.18 -0.65 3.66
C ALA A 74 5.66 -1.93 4.30
N VAL A 75 6.55 -2.64 4.99
CA VAL A 75 6.19 -3.89 5.66
C VAL A 75 5.97 -3.67 7.15
N GLU A 76 6.94 -3.02 7.81
CA GLU A 76 6.84 -2.75 9.24
C GLU A 76 6.14 -1.42 9.49
N THR A 77 6.77 -0.33 9.03
CA THR A 77 6.21 1.01 9.21
C THR A 77 4.75 1.05 8.79
N LEU A 78 4.38 0.18 7.85
CA LEU A 78 3.01 0.12 7.36
C LEU A 78 2.11 -0.64 8.32
N ARG A 79 2.66 -1.71 8.92
CA ARG A 79 1.91 -2.53 9.86
C ARG A 79 1.79 -1.82 11.21
N ASN A 80 2.80 -1.03 11.55
CA ASN A 80 2.81 -0.30 12.83
C ASN A 80 2.23 1.10 12.64
N THR A 81 0.93 1.24 12.85
CA THR A 81 0.25 2.52 12.71
C THR A 81 -0.82 2.69 13.77
N GLY A 82 -1.46 3.87 13.78
CA GLY A 82 -2.50 4.14 14.74
C GLY A 82 -3.80 3.41 14.42
N GLN A 83 -4.86 3.72 15.16
CA GLN A 83 -6.15 3.10 14.95
C GLN A 83 -6.58 3.21 13.49
N VAL A 84 -6.12 4.27 12.81
CA VAL A 84 -6.45 4.50 11.42
C VAL A 84 -5.19 4.68 10.57
N VAL A 85 -5.20 4.12 9.37
CA VAL A 85 -4.07 4.23 8.47
C VAL A 85 -4.40 5.08 7.25
N HIS A 86 -3.70 6.20 7.10
CA HIS A 86 -3.94 7.10 5.97
C HIS A 86 -2.95 6.82 4.84
N LEU A 87 -3.33 5.91 3.95
CA LEU A 87 -2.47 5.55 2.82
C LEU A 87 -2.94 6.25 1.54
N LEU A 88 -2.03 6.41 0.59
CA LEU A 88 -2.33 7.06 -0.67
C LEU A 88 -2.22 6.08 -1.83
N LEU A 89 -3.25 6.04 -2.68
CA LEU A 89 -3.26 5.15 -3.84
C LEU A 89 -2.86 5.90 -5.11
N GLU A 90 -1.74 5.48 -5.70
CA GLU A 90 -1.25 6.11 -6.92
C GLU A 90 -1.57 5.26 -8.14
N LYS A 91 -2.66 5.60 -8.82
CA LYS A 91 -3.07 4.85 -10.01
C LYS A 91 -1.92 4.70 -11.00
N GLY A 92 -1.33 3.51 -11.04
CA GLY A 92 -0.22 3.26 -11.94
C GLY A 92 -0.63 3.31 -13.40
N GLN A 93 0.00 2.48 -14.22
CA GLN A 93 -0.31 2.43 -15.64
C GLN A 93 -0.58 1.00 -16.09
N SER A 94 -1.84 0.60 -16.02
CA SER A 94 -2.24 -0.75 -16.42
C SER A 94 -3.71 -0.78 -16.83
N PRO A 95 -4.02 -0.18 -17.99
CA PRO A 95 -5.39 -0.13 -18.52
C PRO A 95 -5.88 -1.49 -18.99
N THR A 96 -7.15 -1.58 -19.33
CA THR A 96 -7.75 -2.81 -19.80
C THR A 96 -7.76 -2.89 -21.32
N PRO A 1 -10.44 5.55 -12.29
CA PRO A 1 -9.33 6.45 -11.99
C PRO A 1 -8.44 6.71 -13.20
N LYS A 2 -7.74 7.83 -13.19
CA LYS A 2 -6.84 8.19 -14.29
C LYS A 2 -5.48 7.55 -14.11
N PRO A 3 -4.70 7.48 -15.21
CA PRO A 3 -3.36 6.88 -15.19
C PRO A 3 -2.36 7.73 -14.41
N GLY A 4 -1.68 7.12 -13.45
CA GLY A 4 -0.70 7.83 -12.66
C GLY A 4 -1.35 8.83 -11.72
N ASP A 5 -2.46 8.44 -11.12
CA ASP A 5 -3.17 9.33 -10.19
C ASP A 5 -2.77 9.04 -8.76
N ILE A 6 -3.24 9.87 -7.83
CA ILE A 6 -2.92 9.71 -6.42
C ILE A 6 -4.14 9.99 -5.54
N PHE A 7 -4.34 9.16 -4.52
CA PHE A 7 -5.46 9.32 -3.61
C PHE A 7 -5.08 8.90 -2.19
N GLU A 8 -5.66 9.58 -1.21
CA GLU A 8 -5.39 9.27 0.19
C GLU A 8 -6.51 8.47 0.81
N VAL A 9 -6.52 7.17 0.55
CA VAL A 9 -7.56 6.28 1.09
C VAL A 9 -7.19 5.78 2.47
N GLU A 10 -8.02 6.10 3.46
CA GLU A 10 -7.77 5.67 4.83
C GLU A 10 -8.62 4.46 5.18
N LEU A 11 -7.97 3.40 5.66
CA LEU A 11 -8.67 2.17 6.04
C LEU A 11 -8.81 2.07 7.55
N ALA A 12 -9.74 1.22 8.00
CA ALA A 12 -9.97 1.04 9.42
C ALA A 12 -9.51 -0.35 9.87
N LYS A 13 -8.42 -0.40 10.62
CA LYS A 13 -7.88 -1.65 11.12
C LYS A 13 -8.97 -2.50 11.75
N ASN A 14 -9.06 -3.76 11.34
CA ASN A 14 -10.06 -4.67 11.87
C ASN A 14 -9.41 -5.77 12.70
N ASP A 15 -8.57 -6.57 12.05
CA ASP A 15 -7.87 -7.66 12.73
C ASP A 15 -6.48 -7.22 13.19
N ASN A 16 -6.37 -5.98 13.61
CA ASN A 16 -5.10 -5.43 14.06
C ASN A 16 -4.08 -5.40 12.93
N SER A 17 -4.57 -5.35 11.70
CA SER A 17 -3.71 -5.32 10.53
C SER A 17 -4.42 -4.67 9.34
N LEU A 18 -3.71 -3.78 8.65
CA LEU A 18 -4.27 -3.09 7.49
C LEU A 18 -4.71 -4.09 6.42
N GLY A 19 -3.94 -5.15 6.25
CA GLY A 19 -4.26 -6.16 5.26
C GLY A 19 -3.72 -5.82 3.88
N ILE A 20 -2.39 -5.86 3.75
CA ILE A 20 -1.75 -5.56 2.48
C ILE A 20 -0.37 -6.20 2.39
N SER A 21 -0.20 -7.11 1.43
CA SER A 21 1.07 -7.80 1.24
C SER A 21 1.93 -7.08 0.20
N VAL A 22 3.00 -6.44 0.67
CA VAL A 22 3.90 -5.73 -0.22
C VAL A 22 5.23 -6.47 -0.37
N THR A 23 5.77 -6.45 -1.58
CA THR A 23 7.04 -7.12 -1.85
C THR A 23 8.19 -6.11 -1.98
N GLY A 24 9.39 -6.55 -1.66
CA GLY A 24 10.55 -5.67 -1.74
C GLY A 24 11.12 -5.61 -3.15
N GLY A 25 11.17 -4.41 -3.71
CA GLY A 25 11.70 -4.24 -5.06
C GLY A 25 11.95 -2.79 -5.41
N VAL A 26 12.99 -2.21 -4.82
CA VAL A 26 13.34 -0.82 -5.08
C VAL A 26 14.52 -0.71 -6.02
N ASN A 27 14.51 -1.51 -7.08
CA ASN A 27 15.60 -1.50 -8.06
C ASN A 27 15.18 -0.76 -9.32
N THR A 28 14.34 0.26 -9.16
CA THR A 28 13.87 1.05 -10.28
C THR A 28 13.40 0.16 -11.43
N SER A 29 12.40 -0.66 -11.15
CA SER A 29 11.85 -1.58 -12.15
C SER A 29 11.56 -0.84 -13.46
N VAL A 30 10.92 0.33 -13.34
CA VAL A 30 10.59 1.13 -14.51
C VAL A 30 10.74 2.62 -14.22
N ARG A 31 9.89 3.13 -13.33
CA ARG A 31 9.92 4.54 -12.96
C ARG A 31 8.92 4.83 -11.84
N HIS A 32 8.77 3.87 -10.93
CA HIS A 32 7.83 4.03 -9.81
C HIS A 32 8.59 4.41 -8.54
N GLY A 33 7.89 4.35 -7.41
CA GLY A 33 8.51 4.68 -6.14
C GLY A 33 9.45 3.61 -5.65
N GLY A 34 8.97 2.36 -5.64
CA GLY A 34 9.79 1.25 -5.17
C GLY A 34 8.96 0.10 -4.64
N ILE A 35 7.92 0.43 -3.87
CA ILE A 35 7.04 -0.59 -3.31
C ILE A 35 5.93 -0.96 -4.28
N TYR A 36 5.55 -2.24 -4.28
CA TYR A 36 4.49 -2.72 -5.15
C TYR A 36 3.79 -3.93 -4.54
N VAL A 37 2.53 -3.76 -4.18
CA VAL A 37 1.75 -4.83 -3.59
C VAL A 37 1.53 -5.97 -4.60
N LYS A 38 1.71 -7.20 -4.13
CA LYS A 38 1.54 -8.37 -4.99
C LYS A 38 0.28 -9.15 -4.60
N ALA A 39 -0.01 -9.16 -3.30
CA ALA A 39 -1.19 -9.86 -2.80
C ALA A 39 -1.93 -9.03 -1.76
N VAL A 40 -3.22 -9.29 -1.61
CA VAL A 40 -4.04 -8.56 -0.65
C VAL A 40 -4.52 -9.47 0.47
N ILE A 41 -3.65 -10.36 0.93
CA ILE A 41 -3.99 -11.29 1.99
C ILE A 41 -5.50 -11.48 2.09
N PRO A 42 -6.04 -12.36 1.24
CA PRO A 42 -7.48 -12.65 1.22
C PRO A 42 -7.93 -13.43 2.44
N GLN A 43 -7.83 -12.79 3.61
CA GLN A 43 -8.24 -13.42 4.86
C GLN A 43 -8.23 -12.41 6.00
N GLY A 44 -8.94 -11.30 5.81
CA GLY A 44 -9.00 -10.28 6.84
C GLY A 44 -9.52 -8.96 6.31
N ALA A 45 -9.12 -7.87 6.94
CA ALA A 45 -9.56 -6.54 6.53
C ALA A 45 -9.35 -6.34 5.03
N ALA A 46 -8.21 -6.79 4.53
CA ALA A 46 -7.89 -6.66 3.11
C ALA A 46 -9.06 -7.14 2.24
N GLU A 47 -9.84 -8.07 2.77
CA GLU A 47 -10.98 -8.60 2.04
C GLU A 47 -12.29 -8.11 2.64
N SER A 48 -12.57 -8.53 3.87
CA SER A 48 -13.79 -8.13 4.57
C SER A 48 -14.03 -6.63 4.44
N ASP A 49 -12.93 -5.89 4.33
CA ASP A 49 -13.01 -4.43 4.20
C ASP A 49 -12.71 -3.99 2.78
N GLY A 50 -11.83 -4.73 2.11
CA GLY A 50 -11.47 -4.40 0.75
C GLY A 50 -10.87 -3.02 0.63
N ARG A 51 -11.50 -2.16 -0.17
CA ARG A 51 -11.03 -0.79 -0.37
C ARG A 51 -9.80 -0.78 -1.28
N ILE A 52 -8.75 -1.48 -0.87
CA ILE A 52 -7.53 -1.54 -1.65
C ILE A 52 -7.62 -2.60 -2.74
N HIS A 53 -6.99 -2.34 -3.88
CA HIS A 53 -7.00 -3.27 -4.99
C HIS A 53 -5.57 -3.59 -5.46
N LYS A 54 -5.38 -4.80 -5.95
CA LYS A 54 -4.07 -5.23 -6.43
C LYS A 54 -3.47 -4.19 -7.38
N GLY A 55 -2.15 -4.18 -7.49
CA GLY A 55 -1.48 -3.24 -8.37
C GLY A 55 -1.17 -1.92 -7.67
N ASP A 56 -2.15 -1.38 -6.97
CA ASP A 56 -1.98 -0.11 -6.26
C ASP A 56 -0.93 -0.24 -5.17
N ARG A 57 0.16 0.51 -5.30
CA ARG A 57 1.23 0.48 -4.34
C ARG A 57 1.08 1.60 -3.30
N VAL A 58 1.88 1.53 -2.24
CA VAL A 58 1.82 2.54 -1.18
C VAL A 58 2.97 3.53 -1.31
N LEU A 59 2.64 4.79 -1.54
CA LEU A 59 3.64 5.84 -1.68
C LEU A 59 3.89 6.54 -0.35
N ALA A 60 2.82 6.76 0.40
CA ALA A 60 2.92 7.42 1.71
C ALA A 60 1.97 6.78 2.72
N VAL A 61 2.22 7.03 4.00
CA VAL A 61 1.39 6.48 5.05
C VAL A 61 1.02 7.56 6.07
N ASN A 62 0.57 7.13 7.25
CA ASN A 62 0.18 8.05 8.30
C ASN A 62 1.40 8.73 8.91
N GLY A 63 2.00 9.65 8.15
CA GLY A 63 3.17 10.36 8.64
C GLY A 63 4.46 9.63 8.31
N VAL A 64 4.41 8.76 7.31
CA VAL A 64 5.58 7.99 6.90
C VAL A 64 5.73 7.98 5.39
N SER A 65 6.96 8.14 4.91
CA SER A 65 7.23 8.15 3.47
C SER A 65 7.58 6.75 2.98
N LEU A 66 7.00 6.37 1.85
CA LEU A 66 7.25 5.05 1.27
C LEU A 66 8.02 5.17 -0.04
N GLU A 67 8.68 6.30 -0.23
CA GLU A 67 9.46 6.54 -1.45
C GLU A 67 10.53 5.47 -1.62
N GLY A 68 11.54 5.49 -0.76
CA GLY A 68 12.61 4.52 -0.84
C GLY A 68 12.62 3.56 0.34
N ALA A 69 11.48 3.44 1.01
CA ALA A 69 11.37 2.56 2.16
C ALA A 69 11.61 1.10 1.77
N THR A 70 12.21 0.34 2.69
CA THR A 70 12.51 -1.06 2.43
C THR A 70 11.33 -1.95 2.81
N HIS A 71 11.30 -3.15 2.25
CA HIS A 71 10.23 -4.10 2.52
C HIS A 71 10.03 -4.28 4.03
N LYS A 72 11.12 -4.15 4.78
CA LYS A 72 11.06 -4.29 6.22
C LYS A 72 10.58 -3.00 6.89
N GLN A 73 10.88 -1.87 6.26
CA GLN A 73 10.48 -0.57 6.78
C GLN A 73 8.99 -0.33 6.56
N ALA A 74 8.51 -0.65 5.36
CA ALA A 74 7.10 -0.48 5.02
C ALA A 74 6.21 -1.40 5.86
N VAL A 75 6.37 -2.70 5.67
CA VAL A 75 5.59 -3.68 6.41
C VAL A 75 5.56 -3.35 7.90
N GLU A 76 6.74 -3.28 8.51
CA GLU A 76 6.85 -2.97 9.92
C GLU A 76 6.10 -1.68 10.27
N THR A 77 6.05 -0.77 9.31
CA THR A 77 5.37 0.51 9.50
C THR A 77 3.86 0.33 9.44
N LEU A 78 3.41 -0.63 8.64
CA LEU A 78 1.98 -0.91 8.49
C LEU A 78 1.39 -1.44 9.78
N ARG A 79 2.10 -2.37 10.41
CA ARG A 79 1.64 -2.97 11.67
C ARG A 79 1.68 -1.94 12.80
N ASN A 80 2.72 -1.12 12.82
CA ASN A 80 2.87 -0.10 13.85
C ASN A 80 2.03 1.13 13.52
N THR A 81 0.71 0.98 13.58
CA THR A 81 -0.20 2.08 13.29
C THR A 81 -1.35 2.13 14.30
N GLY A 82 -2.10 3.23 14.29
CA GLY A 82 -3.21 3.37 15.21
C GLY A 82 -4.50 2.80 14.66
N GLN A 83 -5.59 3.01 15.36
CA GLN A 83 -6.89 2.51 14.94
C GLN A 83 -7.23 3.00 13.53
N VAL A 84 -6.73 4.18 13.19
CA VAL A 84 -6.99 4.77 11.88
C VAL A 84 -5.68 5.13 11.18
N VAL A 85 -5.63 4.90 9.88
CA VAL A 85 -4.45 5.20 9.09
C VAL A 85 -4.82 5.76 7.72
N HIS A 86 -4.13 6.82 7.30
CA HIS A 86 -4.40 7.43 6.01
C HIS A 86 -3.16 7.39 5.13
N LEU A 87 -3.06 6.35 4.31
CA LEU A 87 -1.91 6.19 3.41
C LEU A 87 -2.29 6.55 1.99
N LEU A 88 -1.33 7.10 1.25
CA LEU A 88 -1.56 7.50 -0.14
C LEU A 88 -1.04 6.43 -1.09
N LEU A 89 -1.74 6.26 -2.22
CA LEU A 89 -1.34 5.28 -3.22
C LEU A 89 -1.41 5.87 -4.63
N GLU A 90 -0.73 5.22 -5.57
CA GLU A 90 -0.72 5.68 -6.95
C GLU A 90 -1.02 4.53 -7.91
N LYS A 91 -2.09 4.70 -8.69
CA LYS A 91 -2.49 3.68 -9.65
C LYS A 91 -1.31 3.25 -10.52
N GLY A 92 -0.76 2.08 -10.21
CA GLY A 92 0.37 1.57 -10.97
C GLY A 92 0.11 1.57 -12.47
N GLN A 93 1.12 1.96 -13.24
CA GLN A 93 1.00 2.02 -14.69
C GLN A 93 0.81 0.62 -15.27
N SER A 94 -0.44 0.28 -15.60
CA SER A 94 -0.75 -1.02 -16.16
C SER A 94 -2.11 -1.02 -16.84
N PRO A 95 -2.18 -0.37 -18.01
CA PRO A 95 -3.42 -0.27 -18.79
C PRO A 95 -3.84 -1.60 -19.39
N THR A 96 -5.11 -1.97 -19.19
CA THR A 96 -5.63 -3.22 -19.71
C THR A 96 -6.36 -3.01 -21.04
N PRO A 1 -11.72 5.04 -13.94
CA PRO A 1 -10.49 5.62 -13.39
C PRO A 1 -9.49 6.02 -14.48
N LYS A 2 -8.76 7.10 -14.24
CA LYS A 2 -7.77 7.58 -15.20
C LYS A 2 -6.35 7.28 -14.71
N PRO A 3 -5.40 7.31 -15.65
CA PRO A 3 -3.98 7.04 -15.35
C PRO A 3 -3.35 8.16 -14.53
N GLY A 4 -2.34 7.81 -13.73
CA GLY A 4 -1.66 8.79 -12.92
C GLY A 4 -2.63 9.60 -12.07
N ASP A 5 -3.49 8.92 -11.33
CA ASP A 5 -4.47 9.58 -10.47
C ASP A 5 -4.04 9.52 -9.00
N ILE A 6 -4.46 10.51 -8.23
CA ILE A 6 -4.13 10.56 -6.81
C ILE A 6 -5.39 10.50 -5.95
N PHE A 7 -5.32 9.69 -4.89
CA PHE A 7 -6.45 9.55 -3.98
C PHE A 7 -6.00 8.96 -2.64
N GLU A 8 -6.83 9.15 -1.62
CA GLU A 8 -6.51 8.65 -0.28
C GLU A 8 -7.57 7.66 0.19
N VAL A 9 -7.17 6.76 1.09
CA VAL A 9 -8.09 5.76 1.63
C VAL A 9 -7.95 5.65 3.13
N GLU A 10 -9.06 5.82 3.84
CA GLU A 10 -9.07 5.73 5.30
C GLU A 10 -9.42 4.32 5.76
N LEU A 11 -8.71 3.83 6.77
CA LEU A 11 -8.97 2.50 7.30
C LEU A 11 -9.05 2.52 8.83
N ALA A 12 -9.81 1.60 9.40
CA ALA A 12 -9.97 1.52 10.84
C ALA A 12 -8.76 0.84 11.48
N LYS A 13 -7.99 0.12 10.67
CA LYS A 13 -6.81 -0.58 11.17
C LYS A 13 -7.20 -1.67 12.16
N ASN A 14 -7.09 -2.93 11.73
CA ASN A 14 -7.42 -4.06 12.58
C ASN A 14 -6.57 -5.27 12.23
N ASP A 15 -6.44 -6.20 13.18
CA ASP A 15 -5.66 -7.41 12.98
C ASP A 15 -4.19 -7.06 12.75
N ASN A 16 -3.82 -5.83 13.07
CA ASN A 16 -2.44 -5.37 12.89
C ASN A 16 -1.90 -5.78 11.53
N SER A 17 -2.79 -5.84 10.54
CA SER A 17 -2.40 -6.23 9.19
C SER A 17 -3.21 -5.45 8.15
N LEU A 18 -2.51 -4.66 7.34
CA LEU A 18 -3.16 -3.86 6.31
C LEU A 18 -3.88 -4.76 5.30
N GLY A 19 -3.31 -5.92 5.05
CA GLY A 19 -3.92 -6.85 4.10
C GLY A 19 -3.49 -6.59 2.67
N ILE A 20 -2.19 -6.54 2.45
CA ILE A 20 -1.65 -6.29 1.12
C ILE A 20 -0.26 -6.91 0.96
N SER A 21 0.05 -7.35 -0.25
CA SER A 21 1.35 -7.96 -0.53
C SER A 21 2.12 -7.13 -1.55
N VAL A 22 2.73 -6.05 -1.08
CA VAL A 22 3.51 -5.18 -1.95
C VAL A 22 5.01 -5.45 -1.81
N THR A 23 5.69 -5.58 -2.94
CA THR A 23 7.13 -5.84 -2.95
C THR A 23 7.90 -4.62 -3.44
N GLY A 24 9.15 -4.51 -2.99
CA GLY A 24 9.98 -3.39 -3.39
C GLY A 24 11.01 -3.78 -4.44
N GLY A 25 10.53 -4.26 -5.58
CA GLY A 25 11.43 -4.66 -6.64
C GLY A 25 12.51 -5.60 -6.17
N VAL A 26 13.76 -5.28 -6.51
CA VAL A 26 14.90 -6.10 -6.10
C VAL A 26 16.07 -5.25 -5.67
N ASN A 27 17.00 -5.84 -4.92
CA ASN A 27 18.17 -5.13 -4.44
C ASN A 27 17.77 -3.90 -3.63
N THR A 28 16.53 -3.90 -3.14
CA THR A 28 16.02 -2.77 -2.36
C THR A 28 16.36 -1.45 -3.02
N SER A 29 16.37 -1.43 -4.35
CA SER A 29 16.68 -0.22 -5.10
C SER A 29 15.41 0.53 -5.48
N VAL A 30 14.41 0.45 -4.61
CA VAL A 30 13.13 1.12 -4.85
C VAL A 30 13.18 2.57 -4.38
N ARG A 31 12.68 3.48 -5.22
CA ARG A 31 12.66 4.90 -4.88
C ARG A 31 11.70 5.65 -5.80
N HIS A 32 11.69 5.29 -7.08
CA HIS A 32 10.82 5.94 -8.05
C HIS A 32 9.43 5.29 -8.06
N GLY A 33 8.84 5.15 -6.89
CA GLY A 33 7.52 4.54 -6.79
C GLY A 33 7.56 3.06 -7.08
N GLY A 34 8.65 2.40 -6.72
CA GLY A 34 8.79 0.98 -6.96
C GLY A 34 7.96 0.15 -6.00
N ILE A 35 6.64 0.18 -6.20
CA ILE A 35 5.73 -0.57 -5.34
C ILE A 35 4.40 -0.83 -6.04
N TYR A 36 3.90 -2.06 -5.92
CA TYR A 36 2.64 -2.44 -6.55
C TYR A 36 1.98 -3.60 -5.80
N VAL A 37 0.77 -3.37 -5.32
CA VAL A 37 0.03 -4.39 -4.59
C VAL A 37 -0.18 -5.64 -5.44
N LYS A 38 0.50 -6.72 -5.08
CA LYS A 38 0.38 -7.98 -5.81
C LYS A 38 -0.90 -8.72 -5.43
N ALA A 39 -1.32 -8.56 -4.18
CA ALA A 39 -2.54 -9.21 -3.69
C ALA A 39 -3.00 -8.59 -2.38
N VAL A 40 -4.30 -8.69 -2.11
CA VAL A 40 -4.87 -8.13 -0.89
C VAL A 40 -4.87 -9.17 0.23
N ILE A 41 -3.92 -10.09 0.18
CA ILE A 41 -3.81 -11.13 1.20
C ILE A 41 -5.04 -11.16 2.08
N PRO A 42 -6.10 -11.81 1.58
CA PRO A 42 -7.36 -11.94 2.32
C PRO A 42 -7.25 -12.86 3.53
N GLN A 43 -6.57 -12.38 4.56
CA GLN A 43 -6.38 -13.16 5.78
C GLN A 43 -6.06 -12.26 6.97
N GLY A 44 -6.85 -11.20 7.13
CA GLY A 44 -6.63 -10.28 8.23
C GLY A 44 -7.66 -9.16 8.27
N ALA A 45 -7.26 -7.98 7.83
CA ALA A 45 -8.16 -6.82 7.81
C ALA A 45 -8.08 -6.10 6.48
N ALA A 46 -8.72 -6.65 5.46
CA ALA A 46 -8.73 -6.06 4.13
C ALA A 46 -9.89 -6.57 3.30
N GLU A 47 -9.81 -7.83 2.89
CA GLU A 47 -10.86 -8.45 2.09
C GLU A 47 -12.21 -8.36 2.81
N SER A 48 -12.21 -8.67 4.10
CA SER A 48 -13.43 -8.63 4.90
C SER A 48 -14.06 -7.25 4.86
N ASP A 49 -13.24 -6.23 5.06
CA ASP A 49 -13.72 -4.84 5.05
C ASP A 49 -14.15 -4.43 3.64
N GLY A 50 -13.41 -4.88 2.64
CA GLY A 50 -13.74 -4.55 1.27
C GLY A 50 -13.57 -3.08 0.98
N ARG A 51 -12.32 -2.65 0.73
CA ARG A 51 -12.05 -1.26 0.44
C ARG A 51 -10.98 -1.14 -0.64
N ILE A 52 -9.77 -1.59 -0.34
CA ILE A 52 -8.66 -1.54 -1.28
C ILE A 52 -8.51 -2.86 -2.02
N HIS A 53 -8.20 -2.78 -3.32
CA HIS A 53 -8.02 -3.97 -4.14
C HIS A 53 -6.64 -3.98 -4.78
N LYS A 54 -6.18 -5.17 -5.16
CA LYS A 54 -4.87 -5.33 -5.77
C LYS A 54 -4.72 -4.38 -6.96
N GLY A 55 -3.47 -4.16 -7.38
CA GLY A 55 -3.21 -3.28 -8.50
C GLY A 55 -2.81 -1.89 -8.05
N ASP A 56 -3.15 -1.55 -6.81
CA ASP A 56 -2.83 -0.23 -6.27
C ASP A 56 -1.35 -0.14 -5.90
N ARG A 57 -0.95 1.01 -5.36
CA ARG A 57 0.44 1.23 -4.98
C ARG A 57 0.53 2.13 -3.76
N VAL A 58 1.06 1.60 -2.66
CA VAL A 58 1.19 2.36 -1.42
C VAL A 58 2.29 3.42 -1.55
N LEU A 59 1.87 4.68 -1.62
CA LEU A 59 2.82 5.79 -1.74
C LEU A 59 3.24 6.29 -0.37
N ALA A 60 2.27 6.76 0.41
CA ALA A 60 2.54 7.27 1.74
C ALA A 60 1.51 6.78 2.74
N VAL A 61 1.90 6.68 4.01
CA VAL A 61 1.01 6.22 5.06
C VAL A 61 1.05 7.16 6.27
N ASN A 62 0.09 8.08 6.32
CA ASN A 62 0.01 9.04 7.42
C ASN A 62 1.39 9.57 7.78
N GLY A 63 2.23 9.78 6.77
CA GLY A 63 3.57 10.28 7.00
C GLY A 63 4.63 9.36 6.43
N VAL A 64 4.36 8.05 6.46
CA VAL A 64 5.30 7.07 5.96
C VAL A 64 5.35 7.09 4.43
N SER A 65 6.00 8.10 3.88
CA SER A 65 6.11 8.23 2.43
C SER A 65 7.17 7.27 1.88
N LEU A 66 7.20 7.12 0.55
CA LEU A 66 8.15 6.24 -0.09
C LEU A 66 9.52 6.90 -0.22
N GLU A 67 9.66 7.77 -1.21
CA GLU A 67 10.92 8.48 -1.44
C GLU A 67 12.11 7.61 -1.05
N GLY A 68 12.42 6.62 -1.88
CA GLY A 68 13.53 5.74 -1.59
C GLY A 68 13.26 4.83 -0.42
N ALA A 69 12.00 4.47 -0.23
CA ALA A 69 11.60 3.59 0.86
C ALA A 69 12.05 2.16 0.60
N THR A 70 12.24 1.39 1.67
CA THR A 70 12.67 0.01 1.56
C THR A 70 11.48 -0.92 1.34
N HIS A 71 11.77 -2.18 1.04
CA HIS A 71 10.73 -3.18 0.81
C HIS A 71 9.89 -3.40 2.06
N LYS A 72 10.53 -3.93 3.10
CA LYS A 72 9.85 -4.19 4.36
C LYS A 72 9.10 -2.95 4.85
N GLN A 73 9.59 -1.78 4.45
CA GLN A 73 8.97 -0.52 4.84
C GLN A 73 7.50 -0.48 4.42
N ALA A 74 7.24 -0.93 3.19
CA ALA A 74 5.88 -0.95 2.66
C ALA A 74 5.16 -2.23 3.06
N VAL A 75 5.73 -2.97 4.01
CA VAL A 75 5.14 -4.21 4.48
C VAL A 75 5.41 -4.42 5.96
N GLU A 76 5.55 -3.33 6.70
CA GLU A 76 5.80 -3.39 8.13
C GLU A 76 5.47 -2.07 8.80
N THR A 77 6.18 -1.02 8.43
CA THR A 77 5.96 0.32 9.00
C THR A 77 4.51 0.75 8.81
N LEU A 78 3.85 0.17 7.82
CA LEU A 78 2.46 0.51 7.53
C LEU A 78 1.52 -0.18 8.50
N ARG A 79 1.81 -1.44 8.82
CA ARG A 79 0.99 -2.21 9.74
C ARG A 79 0.93 -1.54 11.11
N ASN A 80 1.99 -0.82 11.46
CA ASN A 80 2.06 -0.12 12.73
C ASN A 80 1.63 1.33 12.59
N THR A 81 0.40 1.62 12.98
CA THR A 81 -0.14 2.97 12.89
C THR A 81 -1.13 3.25 14.01
N GLY A 82 -1.55 4.51 14.14
CA GLY A 82 -2.49 4.88 15.17
C GLY A 82 -3.80 4.12 15.07
N GLN A 83 -4.78 4.52 15.88
CA GLN A 83 -6.08 3.86 15.88
C GLN A 83 -6.68 3.84 14.48
N VAL A 84 -6.29 4.81 13.66
CA VAL A 84 -6.79 4.91 12.29
C VAL A 84 -5.64 4.85 11.28
N VAL A 85 -5.99 4.79 10.00
CA VAL A 85 -4.99 4.74 8.94
C VAL A 85 -5.30 5.75 7.84
N HIS A 86 -4.31 6.55 7.49
CA HIS A 86 -4.48 7.56 6.45
C HIS A 86 -3.36 7.47 5.42
N LEU A 87 -3.43 6.47 4.55
CA LEU A 87 -2.42 6.27 3.52
C LEU A 87 -2.96 6.66 2.15
N LEU A 88 -2.07 7.10 1.26
CA LEU A 88 -2.45 7.50 -0.08
C LEU A 88 -1.84 6.58 -1.12
N LEU A 89 -2.70 6.02 -1.98
CA LEU A 89 -2.24 5.11 -3.02
C LEU A 89 -2.28 5.79 -4.39
N GLU A 90 -1.69 5.14 -5.39
CA GLU A 90 -1.67 5.67 -6.74
C GLU A 90 -1.98 4.60 -7.77
N LYS A 91 -2.93 4.88 -8.65
CA LYS A 91 -3.33 3.93 -9.68
C LYS A 91 -2.12 3.42 -10.45
N GLY A 92 -1.73 2.18 -10.18
CA GLY A 92 -0.58 1.61 -10.85
C GLY A 92 -0.68 1.72 -12.37
N GLN A 93 -1.46 0.82 -12.97
CA GLN A 93 -1.64 0.83 -14.42
C GLN A 93 -2.94 0.14 -14.81
N SER A 94 -3.23 0.13 -16.11
CA SER A 94 -4.45 -0.50 -16.61
C SER A 94 -4.30 -0.88 -18.08
N PRO A 95 -3.44 -1.87 -18.35
CA PRO A 95 -3.19 -2.36 -19.70
C PRO A 95 -4.38 -3.10 -20.29
N THR A 96 -4.26 -3.50 -21.55
CA THR A 96 -5.33 -4.23 -22.22
C THR A 96 -5.05 -5.72 -22.27
N PRO A 1 -11.06 5.24 -13.68
CA PRO A 1 -10.21 6.31 -13.14
C PRO A 1 -9.09 6.72 -14.09
N LYS A 2 -8.68 7.98 -14.01
CA LYS A 2 -7.61 8.49 -14.86
C LYS A 2 -6.24 8.24 -14.23
N PRO A 3 -5.21 8.17 -15.07
CA PRO A 3 -3.83 7.94 -14.62
C PRO A 3 -3.26 9.15 -13.87
N GLY A 4 -2.78 8.90 -12.66
CA GLY A 4 -2.22 9.98 -11.85
C GLY A 4 -3.10 10.34 -10.68
N ASP A 5 -4.41 10.11 -10.82
CA ASP A 5 -5.36 10.43 -9.77
C ASP A 5 -4.88 9.88 -8.42
N ILE A 6 -5.35 10.49 -7.34
CA ILE A 6 -4.97 10.06 -6.00
C ILE A 6 -6.14 10.18 -5.02
N PHE A 7 -6.34 9.15 -4.21
CA PHE A 7 -7.43 9.14 -3.23
C PHE A 7 -6.96 8.56 -1.91
N GLU A 8 -7.55 9.04 -0.81
CA GLU A 8 -7.19 8.56 0.51
C GLU A 8 -8.14 7.45 0.97
N VAL A 9 -7.59 6.48 1.69
CA VAL A 9 -8.38 5.35 2.19
C VAL A 9 -8.51 5.40 3.71
N GLU A 10 -9.75 5.53 4.17
CA GLU A 10 -10.01 5.59 5.61
C GLU A 10 -10.31 4.20 6.16
N LEU A 11 -9.27 3.37 6.28
CA LEU A 11 -9.42 2.02 6.79
C LEU A 11 -9.01 1.95 8.26
N ALA A 12 -9.51 0.94 8.96
CA ALA A 12 -9.20 0.75 10.37
C ALA A 12 -8.54 -0.60 10.62
N LYS A 13 -7.29 -0.58 11.04
CA LYS A 13 -6.55 -1.81 11.32
C LYS A 13 -7.38 -2.77 12.18
N ASN A 14 -7.36 -4.04 11.81
CA ASN A 14 -8.11 -5.05 12.55
C ASN A 14 -7.17 -5.92 13.38
N ASP A 15 -6.36 -6.72 12.70
CA ASP A 15 -5.41 -7.61 13.38
C ASP A 15 -4.01 -6.99 13.38
N ASN A 16 -3.94 -5.68 13.52
CA ASN A 16 -2.66 -4.98 13.53
C ASN A 16 -1.92 -5.18 12.22
N SER A 17 -2.67 -5.37 11.14
CA SER A 17 -2.08 -5.58 9.82
C SER A 17 -3.04 -5.13 8.72
N LEU A 18 -2.59 -4.17 7.92
CA LEU A 18 -3.41 -3.65 6.83
C LEU A 18 -3.94 -4.79 5.95
N GLY A 19 -3.11 -5.80 5.74
CA GLY A 19 -3.50 -6.93 4.93
C GLY A 19 -3.15 -6.76 3.47
N ILE A 20 -2.10 -5.98 3.21
CA ILE A 20 -1.65 -5.74 1.84
C ILE A 20 -0.16 -5.96 1.70
N SER A 21 0.23 -6.84 0.79
CA SER A 21 1.63 -7.15 0.57
C SER A 21 2.22 -6.25 -0.52
N VAL A 22 3.27 -5.51 -0.17
CA VAL A 22 3.92 -4.62 -1.10
C VAL A 22 5.18 -5.25 -1.70
N THR A 23 5.70 -4.63 -2.75
CA THR A 23 6.90 -5.13 -3.42
C THR A 23 7.75 -3.99 -3.95
N GLY A 24 8.99 -4.31 -4.31
CA GLY A 24 9.90 -3.30 -4.84
C GLY A 24 10.44 -2.39 -3.75
N GLY A 25 11.56 -1.74 -4.03
CA GLY A 25 12.17 -0.84 -3.07
C GLY A 25 13.53 -0.35 -3.50
N VAL A 26 14.06 0.64 -2.78
CA VAL A 26 15.36 1.20 -3.10
C VAL A 26 16.46 0.15 -2.97
N ASN A 27 16.14 -0.95 -2.30
CA ASN A 27 17.10 -2.03 -2.10
C ASN A 27 17.29 -2.83 -3.39
N THR A 28 18.03 -3.94 -3.29
CA THR A 28 18.27 -4.80 -4.44
C THR A 28 17.17 -5.84 -4.60
N SER A 29 15.92 -5.39 -4.55
CA SER A 29 14.78 -6.28 -4.69
C SER A 29 14.18 -6.18 -6.09
N VAL A 30 14.28 -5.00 -6.68
CA VAL A 30 13.75 -4.77 -8.02
C VAL A 30 14.57 -3.73 -8.78
N ARG A 31 14.12 -3.37 -9.98
CA ARG A 31 14.81 -2.38 -10.79
C ARG A 31 13.93 -1.16 -11.03
N HIS A 32 13.72 -0.37 -9.99
CA HIS A 32 12.89 0.83 -10.08
C HIS A 32 12.83 1.55 -8.74
N GLY A 33 12.54 0.80 -7.69
CA GLY A 33 12.45 1.40 -6.36
C GLY A 33 11.02 1.63 -5.93
N GLY A 34 10.15 1.91 -6.89
CA GLY A 34 8.75 2.15 -6.58
C GLY A 34 8.13 1.02 -5.79
N ILE A 35 7.09 1.35 -5.02
CA ILE A 35 6.40 0.34 -4.22
C ILE A 35 4.95 0.20 -4.65
N TYR A 36 4.63 -0.96 -5.23
CA TYR A 36 3.27 -1.23 -5.69
C TYR A 36 2.79 -2.59 -5.19
N VAL A 37 1.48 -2.71 -5.01
CA VAL A 37 0.88 -3.96 -4.55
C VAL A 37 0.61 -4.91 -5.70
N LYS A 38 0.95 -6.18 -5.51
CA LYS A 38 0.74 -7.19 -6.54
C LYS A 38 -0.31 -8.21 -6.09
N ALA A 39 -0.39 -8.44 -4.78
CA ALA A 39 -1.35 -9.38 -4.23
C ALA A 39 -1.98 -8.85 -2.95
N VAL A 40 -3.21 -9.27 -2.67
CA VAL A 40 -3.91 -8.83 -1.47
C VAL A 40 -4.06 -9.97 -0.47
N ILE A 41 -3.72 -9.70 0.78
CA ILE A 41 -3.83 -10.71 1.84
C ILE A 41 -5.26 -10.91 2.27
N PRO A 42 -5.81 -12.11 1.99
CA PRO A 42 -7.19 -12.46 2.35
C PRO A 42 -7.38 -12.60 3.86
N GLN A 43 -6.33 -13.05 4.54
CA GLN A 43 -6.38 -13.23 5.99
C GLN A 43 -6.00 -11.95 6.71
N GLY A 44 -6.59 -10.83 6.29
CA GLY A 44 -6.29 -9.56 6.93
C GLY A 44 -7.35 -8.52 6.66
N ALA A 45 -7.20 -7.34 7.26
CA ALA A 45 -8.16 -6.27 7.08
C ALA A 45 -8.43 -6.01 5.61
N ALA A 46 -7.41 -6.21 4.78
CA ALA A 46 -7.54 -6.01 3.34
C ALA A 46 -8.25 -7.18 2.68
N GLU A 47 -9.48 -7.46 3.14
CA GLU A 47 -10.27 -8.55 2.60
C GLU A 47 -11.61 -8.65 3.31
N SER A 48 -11.58 -8.99 4.60
CA SER A 48 -12.80 -9.12 5.38
C SER A 48 -13.45 -7.75 5.61
N ASP A 49 -12.62 -6.73 5.82
CA ASP A 49 -13.11 -5.39 6.06
C ASP A 49 -13.48 -4.70 4.75
N GLY A 50 -12.72 -5.01 3.69
CA GLY A 50 -12.99 -4.43 2.39
C GLY A 50 -12.41 -3.03 2.26
N ARG A 51 -12.98 -2.24 1.36
CA ARG A 51 -12.50 -0.88 1.12
C ARG A 51 -11.10 -0.87 0.53
N ILE A 52 -10.75 -1.96 -0.15
CA ILE A 52 -9.44 -2.08 -0.78
C ILE A 52 -9.52 -2.91 -2.06
N HIS A 53 -8.78 -2.49 -3.07
CA HIS A 53 -8.76 -3.20 -4.35
C HIS A 53 -7.34 -3.26 -4.91
N LYS A 54 -7.02 -4.37 -5.57
CA LYS A 54 -5.70 -4.57 -6.15
C LYS A 54 -5.48 -3.63 -7.33
N GLY A 55 -4.30 -3.03 -7.39
CA GLY A 55 -3.98 -2.11 -8.47
C GLY A 55 -3.74 -0.70 -7.99
N ASP A 56 -2.61 -0.49 -7.33
CA ASP A 56 -2.26 0.83 -6.81
C ASP A 56 -0.86 0.81 -6.19
N ARG A 57 -0.31 2.00 -5.95
CA ARG A 57 1.02 2.12 -5.36
C ARG A 57 0.92 2.50 -3.89
N VAL A 58 2.04 2.39 -3.18
CA VAL A 58 2.08 2.70 -1.76
C VAL A 58 2.72 4.08 -1.53
N LEU A 59 1.88 5.08 -1.30
CA LEU A 59 2.36 6.44 -1.06
C LEU A 59 2.51 6.71 0.43
N ALA A 60 2.70 7.98 0.77
CA ALA A 60 2.85 8.38 2.17
C ALA A 60 1.73 7.80 3.03
N VAL A 61 1.98 6.63 3.62
CA VAL A 61 0.98 5.97 4.46
C VAL A 61 0.94 6.60 5.85
N ASN A 62 -0.11 7.39 6.11
CA ASN A 62 -0.26 8.05 7.39
C ASN A 62 0.91 9.00 7.66
N GLY A 63 1.05 10.01 6.82
CA GLY A 63 2.13 10.97 6.99
C GLY A 63 3.49 10.32 6.96
N VAL A 64 3.58 9.17 6.30
CA VAL A 64 4.85 8.44 6.22
C VAL A 64 5.28 8.28 4.76
N SER A 65 5.80 9.36 4.18
CA SER A 65 6.25 9.34 2.80
C SER A 65 7.17 8.14 2.55
N LEU A 66 7.23 7.71 1.29
CA LEU A 66 8.06 6.57 0.91
C LEU A 66 9.07 6.98 -0.16
N GLU A 67 9.50 8.23 -0.11
CA GLU A 67 10.48 8.74 -1.07
C GLU A 67 11.57 7.72 -1.33
N GLY A 68 12.01 7.04 -0.28
CA GLY A 68 13.05 6.05 -0.40
C GLY A 68 12.85 4.87 0.54
N ALA A 69 11.60 4.58 0.87
CA ALA A 69 11.29 3.48 1.77
C ALA A 69 11.58 2.13 1.11
N THR A 70 12.10 1.20 1.91
CA THR A 70 12.42 -0.13 1.40
C THR A 70 11.22 -1.07 1.50
N HIS A 71 11.24 -2.13 0.70
CA HIS A 71 10.15 -3.10 0.70
C HIS A 71 9.86 -3.59 2.11
N LYS A 72 10.91 -3.74 2.91
CA LYS A 72 10.77 -4.20 4.28
C LYS A 72 10.24 -3.08 5.18
N GLN A 73 10.52 -1.84 4.79
CA GLN A 73 10.08 -0.68 5.56
C GLN A 73 8.59 -0.40 5.31
N ALA A 74 8.19 -0.43 4.05
CA ALA A 74 6.81 -0.18 3.68
C ALA A 74 5.86 -1.09 4.45
N VAL A 75 6.04 -2.39 4.28
CA VAL A 75 5.20 -3.38 4.96
C VAL A 75 5.12 -3.08 6.45
N GLU A 76 6.26 -3.16 7.14
CA GLU A 76 6.32 -2.90 8.57
C GLU A 76 5.69 -1.56 8.90
N THR A 77 5.87 -0.58 8.02
CA THR A 77 5.32 0.75 8.21
C THR A 77 3.80 0.75 8.06
N LEU A 78 3.29 -0.16 7.24
CA LEU A 78 1.87 -0.27 7.00
C LEU A 78 1.17 -0.95 8.17
N ARG A 79 1.86 -1.90 8.80
CA ARG A 79 1.29 -2.63 9.93
C ARG A 79 1.51 -1.85 11.23
N ASN A 80 2.71 -1.28 11.38
CA ASN A 80 3.05 -0.51 12.58
C ASN A 80 2.44 0.88 12.52
N THR A 81 1.12 0.95 12.53
CA THR A 81 0.42 2.23 12.47
C THR A 81 -0.62 2.34 13.58
N GLY A 82 -1.16 3.54 13.77
CA GLY A 82 -2.17 3.75 14.80
C GLY A 82 -3.51 3.18 14.42
N GLN A 83 -4.51 3.42 15.26
CA GLN A 83 -5.86 2.92 15.01
C GLN A 83 -6.32 3.30 13.61
N VAL A 84 -5.87 4.45 13.13
CA VAL A 84 -6.23 4.93 11.80
C VAL A 84 -5.03 4.93 10.87
N VAL A 85 -5.26 4.50 9.63
CA VAL A 85 -4.19 4.45 8.63
C VAL A 85 -4.66 5.03 7.30
N HIS A 86 -4.59 6.35 7.18
CA HIS A 86 -5.00 7.02 5.96
C HIS A 86 -3.86 7.10 4.96
N LEU A 87 -3.99 6.35 3.86
CA LEU A 87 -2.96 6.33 2.83
C LEU A 87 -3.52 6.79 1.48
N LEU A 88 -2.66 7.37 0.65
CA LEU A 88 -3.07 7.85 -0.66
C LEU A 88 -2.70 6.85 -1.75
N LEU A 89 -3.70 6.42 -2.51
CA LEU A 89 -3.47 5.46 -3.59
C LEU A 89 -3.42 6.17 -4.94
N GLU A 90 -2.30 6.01 -5.65
CA GLU A 90 -2.12 6.63 -6.96
C GLU A 90 -2.14 5.58 -8.07
N LYS A 91 -3.04 5.75 -9.02
CA LYS A 91 -3.16 4.82 -10.13
C LYS A 91 -1.81 4.59 -10.79
N GLY A 92 -1.21 3.44 -10.51
CA GLY A 92 0.09 3.11 -11.08
C GLY A 92 0.03 2.97 -12.59
N GLN A 93 -0.50 1.85 -13.06
CA GLN A 93 -0.62 1.60 -14.49
C GLN A 93 -1.77 0.65 -14.79
N SER A 94 -2.14 0.56 -16.07
CA SER A 94 -3.25 -0.30 -16.48
C SER A 94 -3.17 -0.59 -17.98
N PRO A 95 -2.21 -1.44 -18.37
CA PRO A 95 -2.01 -1.82 -19.77
C PRO A 95 -3.14 -2.69 -20.30
N THR A 96 -3.63 -2.36 -21.49
CA THR A 96 -4.72 -3.11 -22.11
C THR A 96 -4.17 -4.20 -23.04
N PRO A 1 -11.34 5.96 -13.16
CA PRO A 1 -10.06 6.45 -12.64
C PRO A 1 -9.06 6.73 -13.76
N LYS A 2 -8.25 7.77 -13.57
CA LYS A 2 -7.25 8.14 -14.56
C LYS A 2 -5.85 7.80 -14.07
N PRO A 3 -4.89 7.72 -15.01
CA PRO A 3 -3.50 7.40 -14.70
C PRO A 3 -2.80 8.53 -13.95
N GLY A 4 -1.99 8.18 -12.96
CA GLY A 4 -1.27 9.17 -12.19
C GLY A 4 -2.19 10.26 -11.66
N ASP A 5 -3.26 9.84 -10.99
CA ASP A 5 -4.22 10.79 -10.42
C ASP A 5 -4.00 10.95 -8.92
N ILE A 6 -3.59 9.87 -8.27
CA ILE A 6 -3.34 9.89 -6.83
C ILE A 6 -4.64 10.10 -6.05
N PHE A 7 -4.89 9.24 -5.08
CA PHE A 7 -6.09 9.33 -4.26
C PHE A 7 -5.82 8.85 -2.84
N GLU A 8 -6.56 9.37 -1.88
CA GLU A 8 -6.41 8.99 -0.48
C GLU A 8 -7.47 7.98 -0.07
N VAL A 9 -7.05 6.96 0.69
CA VAL A 9 -7.97 5.93 1.14
C VAL A 9 -7.88 5.75 2.66
N GLU A 10 -9.01 5.94 3.33
CA GLU A 10 -9.07 5.80 4.79
C GLU A 10 -9.79 4.50 5.18
N LEU A 11 -9.01 3.51 5.59
CA LEU A 11 -9.57 2.22 5.99
C LEU A 11 -9.45 2.03 7.50
N ALA A 12 -10.43 1.35 8.08
CA ALA A 12 -10.43 1.10 9.52
C ALA A 12 -9.50 -0.05 9.88
N LYS A 13 -8.93 -0.01 11.07
CA LYS A 13 -8.01 -1.04 11.54
C LYS A 13 -8.79 -2.26 12.04
N ASN A 14 -8.32 -3.45 11.67
CA ASN A 14 -8.97 -4.69 12.09
C ASN A 14 -7.95 -5.81 12.20
N ASP A 15 -7.92 -6.46 13.36
CA ASP A 15 -6.99 -7.56 13.59
C ASP A 15 -5.55 -7.08 13.51
N ASN A 16 -5.34 -5.79 13.74
CA ASN A 16 -4.00 -5.21 13.68
C ASN A 16 -3.28 -5.63 12.41
N SER A 17 -4.03 -5.72 11.31
CA SER A 17 -3.46 -6.11 10.04
C SER A 17 -4.21 -5.44 8.87
N LEU A 18 -3.46 -4.82 7.98
CA LEU A 18 -4.04 -4.15 6.83
C LEU A 18 -4.71 -5.15 5.89
N GLY A 19 -4.11 -6.34 5.78
CA GLY A 19 -4.66 -7.36 4.92
C GLY A 19 -4.20 -7.21 3.48
N ILE A 20 -3.00 -6.67 3.29
CA ILE A 20 -2.44 -6.47 1.96
C ILE A 20 -0.93 -6.68 1.97
N SER A 21 -0.47 -7.58 1.11
CA SER A 21 0.96 -7.88 1.02
C SER A 21 1.58 -7.17 -0.18
N VAL A 22 2.59 -6.35 0.08
CA VAL A 22 3.27 -5.61 -0.98
C VAL A 22 4.63 -6.22 -1.29
N THR A 23 4.95 -6.31 -2.59
CA THR A 23 6.23 -6.88 -3.02
C THR A 23 7.16 -5.80 -3.53
N GLY A 24 8.45 -6.09 -3.53
CA GLY A 24 9.44 -5.13 -4.00
C GLY A 24 10.73 -5.79 -4.45
N GLY A 25 11.43 -6.43 -3.51
CA GLY A 25 12.68 -7.10 -3.83
C GLY A 25 13.88 -6.33 -3.33
N VAL A 26 14.22 -5.24 -4.02
CA VAL A 26 15.37 -4.42 -3.63
C VAL A 26 15.08 -2.95 -3.84
N ASN A 27 15.99 -2.10 -3.38
CA ASN A 27 15.83 -0.65 -3.52
C ASN A 27 16.21 -0.20 -4.93
N THR A 28 17.41 -0.58 -5.37
CA THR A 28 17.88 -0.20 -6.70
C THR A 28 17.87 1.31 -6.88
N SER A 29 18.14 2.03 -5.80
CA SER A 29 18.17 3.49 -5.84
C SER A 29 16.90 4.04 -6.48
N VAL A 30 15.79 3.33 -6.28
CA VAL A 30 14.51 3.75 -6.84
C VAL A 30 13.93 4.93 -6.07
N ARG A 31 13.36 5.88 -6.80
CA ARG A 31 12.77 7.07 -6.19
C ARG A 31 11.62 7.61 -7.04
N HIS A 32 10.80 6.70 -7.56
CA HIS A 32 9.67 7.09 -8.39
C HIS A 32 8.66 5.95 -8.50
N GLY A 33 8.51 5.18 -7.42
CA GLY A 33 7.59 4.07 -7.41
C GLY A 33 8.28 2.74 -7.25
N GLY A 34 9.01 2.57 -6.15
CA GLY A 34 9.71 1.33 -5.91
C GLY A 34 8.91 0.35 -5.08
N ILE A 35 7.58 0.40 -5.23
CA ILE A 35 6.70 -0.48 -4.49
C ILE A 35 5.36 -0.64 -5.20
N TYR A 36 4.85 -1.87 -5.23
CA TYR A 36 3.58 -2.15 -5.88
C TYR A 36 2.95 -3.43 -5.33
N VAL A 37 1.67 -3.38 -5.01
CA VAL A 37 0.96 -4.52 -4.47
C VAL A 37 0.67 -5.54 -5.56
N LYS A 38 0.86 -6.81 -5.25
CA LYS A 38 0.62 -7.89 -6.19
C LYS A 38 -0.44 -8.86 -5.66
N ALA A 39 -0.47 -9.02 -4.34
CA ALA A 39 -1.44 -9.92 -3.71
C ALA A 39 -2.17 -9.21 -2.57
N VAL A 40 -3.20 -9.88 -2.04
CA VAL A 40 -3.98 -9.32 -0.94
C VAL A 40 -4.36 -10.39 0.06
N ILE A 41 -4.27 -10.06 1.34
CA ILE A 41 -4.61 -11.00 2.40
C ILE A 41 -6.11 -10.99 2.68
N PRO A 42 -6.77 -12.13 2.42
CA PRO A 42 -8.21 -12.27 2.64
C PRO A 42 -8.57 -12.30 4.12
N GLN A 43 -7.61 -12.66 4.95
CA GLN A 43 -7.82 -12.72 6.39
C GLN A 43 -7.44 -11.41 7.06
N GLY A 44 -7.71 -10.30 6.37
CA GLY A 44 -7.38 -8.99 6.91
C GLY A 44 -8.41 -7.94 6.52
N ALA A 45 -8.21 -6.72 7.03
CA ALA A 45 -9.12 -5.62 6.73
C ALA A 45 -9.30 -5.45 5.23
N ALA A 46 -8.24 -5.76 4.47
CA ALA A 46 -8.28 -5.64 3.02
C ALA A 46 -9.00 -6.82 2.39
N GLU A 47 -10.25 -7.02 2.77
CA GLU A 47 -11.04 -8.13 2.24
C GLU A 47 -12.45 -8.13 2.86
N SER A 48 -12.52 -8.43 4.15
CA SER A 48 -13.79 -8.47 4.85
C SER A 48 -14.38 -7.06 5.01
N ASP A 49 -13.50 -6.09 5.24
CA ASP A 49 -13.92 -4.71 5.41
C ASP A 49 -14.14 -4.03 4.06
N GLY A 50 -13.37 -4.46 3.06
CA GLY A 50 -13.50 -3.90 1.73
C GLY A 50 -13.08 -2.43 1.69
N ARG A 51 -12.00 -2.16 0.98
CA ARG A 51 -11.49 -0.78 0.86
C ARG A 51 -10.47 -0.68 -0.27
N ILE A 52 -9.26 -1.16 -0.01
CA ILE A 52 -8.19 -1.12 -1.00
C ILE A 52 -8.20 -2.37 -1.87
N HIS A 53 -7.96 -2.19 -3.16
CA HIS A 53 -7.95 -3.30 -4.11
C HIS A 53 -6.68 -3.27 -4.96
N LYS A 54 -6.38 -4.39 -5.61
CA LYS A 54 -5.20 -4.49 -6.46
C LYS A 54 -5.13 -3.32 -7.43
N GLY A 55 -3.90 -2.92 -7.78
CA GLY A 55 -3.72 -1.81 -8.70
C GLY A 55 -2.84 -0.72 -8.13
N ASP A 56 -3.26 -0.15 -7.01
CA ASP A 56 -2.49 0.91 -6.37
C ASP A 56 -1.04 0.49 -6.16
N ARG A 57 -0.18 1.47 -5.89
CA ARG A 57 1.24 1.20 -5.68
C ARG A 57 1.71 1.77 -4.34
N VAL A 58 0.77 1.94 -3.42
CA VAL A 58 1.08 2.48 -2.10
C VAL A 58 2.18 3.53 -2.19
N LEU A 59 1.80 4.76 -2.49
CA LEU A 59 2.75 5.86 -2.60
C LEU A 59 3.14 6.38 -1.22
N ALA A 60 2.16 6.44 -0.32
CA ALA A 60 2.41 6.92 1.04
C ALA A 60 1.61 6.10 2.06
N VAL A 61 2.02 6.18 3.31
CA VAL A 61 1.35 5.45 4.38
C VAL A 61 1.35 6.25 5.68
N ASN A 62 0.36 7.11 5.85
CA ASN A 62 0.25 7.94 7.04
C ASN A 62 1.61 8.49 7.46
N GLY A 63 2.26 9.20 6.54
CA GLY A 63 3.56 9.76 6.83
C GLY A 63 4.69 8.91 6.29
N VAL A 64 4.45 7.61 6.17
CA VAL A 64 5.45 6.68 5.66
C VAL A 64 5.41 6.60 4.14
N SER A 65 6.21 7.45 3.48
CA SER A 65 6.25 7.48 2.02
C SER A 65 6.86 6.19 1.48
N LEU A 66 6.61 5.91 0.21
CA LEU A 66 7.13 4.71 -0.44
C LEU A 66 8.03 5.08 -1.61
N GLU A 67 8.37 6.36 -1.71
CA GLU A 67 9.23 6.83 -2.79
C GLU A 67 10.49 5.98 -2.90
N GLY A 68 11.14 5.75 -1.76
CA GLY A 68 12.35 4.95 -1.75
C GLY A 68 12.36 3.93 -0.64
N ALA A 69 11.18 3.59 -0.13
CA ALA A 69 11.06 2.63 0.95
C ALA A 69 11.66 1.28 0.56
N THR A 70 12.10 0.52 1.55
CA THR A 70 12.70 -0.79 1.31
C THR A 70 11.67 -1.89 1.43
N HIS A 71 11.93 -3.02 0.78
CA HIS A 71 11.03 -4.17 0.81
C HIS A 71 10.66 -4.52 2.25
N LYS A 72 11.68 -4.66 3.10
CA LYS A 72 11.47 -5.00 4.50
C LYS A 72 10.64 -3.94 5.20
N GLN A 73 10.68 -2.72 4.67
CA GLN A 73 9.93 -1.61 5.25
C GLN A 73 8.48 -1.64 4.78
N ALA A 74 8.27 -1.68 3.47
CA ALA A 74 6.93 -1.73 2.90
C ALA A 74 6.09 -2.80 3.58
N VAL A 75 6.72 -3.91 3.94
CA VAL A 75 6.03 -5.02 4.59
C VAL A 75 6.30 -5.03 6.09
N GLU A 76 6.35 -3.84 6.68
CA GLU A 76 6.61 -3.71 8.11
C GLU A 76 6.12 -2.37 8.64
N THR A 77 6.71 -1.30 8.13
CA THR A 77 6.34 0.05 8.54
C THR A 77 4.87 0.33 8.27
N LEU A 78 4.35 -0.26 7.21
CA LEU A 78 2.95 -0.08 6.83
C LEU A 78 2.04 -0.98 7.66
N ARG A 79 2.57 -2.14 8.05
CA ARG A 79 1.80 -3.10 8.85
C ARG A 79 1.57 -2.55 10.26
N ASN A 80 2.50 -1.73 10.74
CA ASN A 80 2.40 -1.15 12.07
C ASN A 80 1.64 0.18 12.02
N THR A 81 0.33 0.10 11.78
CA THR A 81 -0.50 1.29 11.71
C THR A 81 -1.20 1.56 13.04
N GLY A 82 -1.94 2.66 13.11
CA GLY A 82 -2.64 3.01 14.33
C GLY A 82 -4.13 2.77 14.22
N GLN A 83 -4.89 3.41 15.10
CA GLN A 83 -6.34 3.27 15.10
C GLN A 83 -6.91 3.45 13.70
N VAL A 84 -6.27 4.30 12.91
CA VAL A 84 -6.71 4.56 11.54
C VAL A 84 -5.53 4.53 10.57
N VAL A 85 -5.77 3.95 9.39
CA VAL A 85 -4.73 3.86 8.38
C VAL A 85 -4.93 4.89 7.28
N HIS A 86 -4.20 5.99 7.37
CA HIS A 86 -4.29 7.06 6.38
C HIS A 86 -3.16 6.97 5.36
N LEU A 87 -3.25 5.98 4.48
CA LEU A 87 -2.24 5.78 3.45
C LEU A 87 -2.71 6.33 2.11
N LEU A 88 -1.75 6.71 1.28
CA LEU A 88 -2.06 7.25 -0.04
C LEU A 88 -1.80 6.22 -1.13
N LEU A 89 -2.54 6.33 -2.23
CA LEU A 89 -2.38 5.41 -3.35
C LEU A 89 -2.10 6.16 -4.65
N GLU A 90 -1.54 5.45 -5.63
CA GLU A 90 -1.21 6.06 -6.91
C GLU A 90 -1.48 5.08 -8.06
N LYS A 91 -2.43 5.44 -8.93
CA LYS A 91 -2.77 4.60 -10.06
C LYS A 91 -1.53 4.20 -10.84
N GLY A 92 -1.17 2.92 -10.77
CA GLY A 92 0.00 2.44 -11.48
C GLY A 92 -0.33 1.94 -12.87
N GLN A 93 -0.86 0.73 -12.96
CA GLN A 93 -1.24 0.14 -14.24
C GLN A 93 -2.61 -0.52 -14.17
N SER A 94 -3.04 -1.10 -15.28
CA SER A 94 -4.33 -1.76 -15.34
C SER A 94 -4.22 -3.23 -14.95
N PRO A 95 -5.36 -3.83 -14.57
CA PRO A 95 -5.41 -5.24 -14.17
C PRO A 95 -5.17 -6.19 -15.34
N THR A 96 -5.78 -5.88 -16.48
CA THR A 96 -5.64 -6.71 -17.68
C THR A 96 -5.51 -5.84 -18.93
N PRO A 1 -10.67 5.49 -13.04
CA PRO A 1 -9.87 6.66 -12.69
C PRO A 1 -8.65 6.83 -13.59
N LYS A 2 -8.20 8.07 -13.75
CA LYS A 2 -7.05 8.37 -14.59
C LYS A 2 -5.75 8.21 -13.80
N PRO A 3 -4.64 7.96 -14.53
CA PRO A 3 -3.33 7.77 -13.93
C PRO A 3 -2.77 9.08 -13.35
N GLY A 4 -2.37 9.03 -12.08
CA GLY A 4 -1.83 10.22 -11.44
C GLY A 4 -2.74 10.76 -10.36
N ASP A 5 -4.04 10.49 -10.49
CA ASP A 5 -5.01 10.96 -9.51
C ASP A 5 -4.57 10.63 -8.09
N ILE A 6 -4.74 11.59 -7.18
CA ILE A 6 -4.36 11.40 -5.79
C ILE A 6 -5.59 11.31 -4.89
N PHE A 7 -5.64 10.25 -4.09
CA PHE A 7 -6.76 10.05 -3.17
C PHE A 7 -6.35 9.18 -1.99
N GLU A 8 -7.23 9.06 -1.00
CA GLU A 8 -6.97 8.27 0.19
C GLU A 8 -8.17 7.42 0.55
N VAL A 9 -7.93 6.36 1.33
CA VAL A 9 -9.00 5.47 1.76
C VAL A 9 -8.96 5.23 3.26
N GLU A 10 -10.00 5.68 3.96
CA GLU A 10 -10.08 5.51 5.41
C GLU A 10 -10.65 4.15 5.77
N LEU A 11 -9.92 3.42 6.59
CA LEU A 11 -10.35 2.09 7.02
C LEU A 11 -9.97 1.83 8.47
N ALA A 12 -10.76 1.00 9.15
CA ALA A 12 -10.50 0.67 10.55
C ALA A 12 -9.89 -0.72 10.68
N LYS A 13 -8.58 -0.76 10.93
CA LYS A 13 -7.88 -2.03 11.08
C LYS A 13 -8.60 -2.93 12.08
N ASN A 14 -8.97 -4.12 11.63
CA ASN A 14 -9.66 -5.08 12.48
C ASN A 14 -8.73 -6.22 12.88
N ASP A 15 -7.76 -6.51 12.03
CA ASP A 15 -6.80 -7.58 12.29
C ASP A 15 -5.40 -7.02 12.50
N ASN A 16 -5.34 -5.74 12.87
CA ASN A 16 -4.06 -5.08 13.11
C ASN A 16 -3.08 -5.36 11.97
N SER A 17 -3.61 -5.52 10.76
CA SER A 17 -2.79 -5.79 9.60
C SER A 17 -3.36 -5.11 8.36
N LEU A 18 -2.52 -4.34 7.68
CA LEU A 18 -2.95 -3.63 6.48
C LEU A 18 -3.66 -4.57 5.51
N GLY A 19 -3.13 -5.78 5.37
CA GLY A 19 -3.73 -6.75 4.48
C GLY A 19 -3.30 -6.56 3.04
N ILE A 20 -2.05 -6.15 2.85
CA ILE A 20 -1.52 -5.93 1.50
C ILE A 20 -0.03 -6.26 1.45
N SER A 21 0.43 -6.69 0.28
CA SER A 21 1.82 -7.04 0.09
C SER A 21 2.53 -6.04 -0.81
N VAL A 22 3.69 -5.56 -0.38
CA VAL A 22 4.46 -4.59 -1.13
C VAL A 22 5.60 -5.26 -1.90
N THR A 23 6.16 -4.55 -2.87
CA THR A 23 7.26 -5.08 -3.66
C THR A 23 8.13 -3.96 -4.20
N GLY A 24 9.34 -4.31 -4.64
CA GLY A 24 10.25 -3.32 -5.17
C GLY A 24 10.76 -2.36 -4.11
N GLY A 25 11.76 -1.57 -4.46
CA GLY A 25 12.33 -0.61 -3.52
C GLY A 25 13.57 0.07 -4.05
N VAL A 26 14.11 0.99 -3.27
CA VAL A 26 15.31 1.72 -3.68
C VAL A 26 16.52 0.79 -3.77
N ASN A 27 16.41 -0.38 -3.16
CA ASN A 27 17.49 -1.36 -3.18
C ASN A 27 16.94 -2.76 -3.39
N THR A 28 16.56 -3.07 -4.63
CA THR A 28 16.01 -4.38 -4.97
C THR A 28 16.29 -4.73 -6.43
N SER A 29 15.85 -5.91 -6.83
CA SER A 29 16.05 -6.37 -8.20
C SER A 29 14.79 -6.15 -9.04
N VAL A 30 14.07 -5.07 -8.75
CA VAL A 30 12.84 -4.74 -9.46
C VAL A 30 13.10 -3.70 -10.53
N ARG A 31 12.05 -3.33 -11.27
CA ARG A 31 12.17 -2.33 -12.32
C ARG A 31 12.81 -1.05 -11.79
N HIS A 32 12.48 -0.69 -10.55
CA HIS A 32 13.04 0.51 -9.94
C HIS A 32 12.51 0.66 -8.51
N GLY A 33 12.70 1.85 -7.94
CA GLY A 33 12.25 2.12 -6.59
C GLY A 33 10.75 2.35 -6.51
N GLY A 34 9.97 1.38 -6.99
CA GLY A 34 8.53 1.52 -6.97
C GLY A 34 7.87 0.54 -6.03
N ILE A 35 6.92 1.03 -5.24
CA ILE A 35 6.21 0.19 -4.28
C ILE A 35 4.72 0.15 -4.58
N TYR A 36 4.24 -0.99 -5.09
CA TYR A 36 2.84 -1.15 -5.41
C TYR A 36 2.27 -2.41 -4.78
N VAL A 37 0.95 -2.45 -4.61
CA VAL A 37 0.28 -3.60 -4.02
C VAL A 37 0.38 -4.82 -4.92
N LYS A 38 1.13 -5.82 -4.46
CA LYS A 38 1.31 -7.05 -5.22
C LYS A 38 0.06 -7.95 -5.13
N ALA A 39 -0.58 -7.93 -3.97
CA ALA A 39 -1.77 -8.73 -3.74
C ALA A 39 -2.36 -8.46 -2.36
N VAL A 40 -3.68 -8.54 -2.27
CA VAL A 40 -4.37 -8.30 -1.00
C VAL A 40 -4.51 -9.59 -0.20
N ILE A 41 -3.47 -9.93 0.55
CA ILE A 41 -3.48 -11.15 1.36
C ILE A 41 -4.81 -11.31 2.09
N PRO A 42 -5.65 -12.23 1.58
CA PRO A 42 -6.97 -12.51 2.17
C PRO A 42 -6.86 -13.21 3.52
N GLN A 43 -6.38 -12.47 4.52
CA GLN A 43 -6.23 -13.02 5.86
C GLN A 43 -6.03 -11.90 6.89
N GLY A 44 -6.97 -10.96 6.92
CA GLY A 44 -6.88 -9.86 7.85
C GLY A 44 -7.91 -8.79 7.59
N ALA A 45 -7.47 -7.53 7.56
CA ALA A 45 -8.35 -6.41 7.31
C ALA A 45 -8.05 -5.75 5.97
N ALA A 46 -8.49 -6.38 4.88
CA ALA A 46 -8.26 -5.86 3.55
C ALA A 46 -9.22 -6.49 2.54
N GLU A 47 -9.10 -7.80 2.34
CA GLU A 47 -9.96 -8.51 1.40
C GLU A 47 -11.42 -8.46 1.86
N SER A 48 -11.63 -8.71 3.15
CA SER A 48 -12.97 -8.70 3.71
C SER A 48 -13.66 -7.35 3.49
N ASP A 49 -13.01 -6.29 3.94
CA ASP A 49 -13.54 -4.94 3.79
C ASP A 49 -13.57 -4.53 2.33
N GLY A 50 -12.60 -5.00 1.56
CA GLY A 50 -12.52 -4.67 0.15
C GLY A 50 -12.62 -3.18 -0.11
N ARG A 51 -11.60 -2.45 0.33
CA ARG A 51 -11.57 -1.00 0.15
C ARG A 51 -10.50 -0.60 -0.86
N ILE A 52 -9.45 -1.41 -0.95
CA ILE A 52 -8.36 -1.14 -1.89
C ILE A 52 -8.20 -2.27 -2.90
N HIS A 53 -7.88 -1.91 -4.14
CA HIS A 53 -7.70 -2.90 -5.20
C HIS A 53 -6.25 -2.93 -5.67
N LYS A 54 -5.80 -4.10 -6.09
CA LYS A 54 -4.43 -4.27 -6.58
C LYS A 54 -4.04 -3.13 -7.51
N GLY A 55 -2.78 -2.74 -7.48
CA GLY A 55 -2.30 -1.67 -8.33
C GLY A 55 -2.08 -0.37 -7.58
N ASP A 56 -2.48 -0.36 -6.31
CA ASP A 56 -2.33 0.83 -5.48
C ASP A 56 -0.89 0.95 -4.95
N ARG A 57 -0.35 2.15 -5.03
CA ARG A 57 1.01 2.40 -4.56
C ARG A 57 1.03 2.79 -3.09
N VAL A 58 2.04 2.33 -2.36
CA VAL A 58 2.17 2.63 -0.94
C VAL A 58 2.97 3.91 -0.72
N LEU A 59 2.27 5.04 -0.74
CA LEU A 59 2.92 6.34 -0.54
C LEU A 59 2.26 7.11 0.61
N ALA A 60 3.06 7.84 1.37
CA ALA A 60 2.56 8.62 2.48
C ALA A 60 1.62 7.80 3.36
N VAL A 61 1.99 6.54 3.58
CA VAL A 61 1.18 5.65 4.41
C VAL A 61 1.16 6.10 5.85
N ASN A 62 0.03 6.64 6.29
CA ASN A 62 -0.12 7.11 7.66
C ASN A 62 0.85 8.25 7.95
N GLY A 63 0.91 9.21 7.04
CA GLY A 63 1.81 10.35 7.21
C GLY A 63 3.27 9.95 7.10
N VAL A 64 3.53 8.82 6.46
CA VAL A 64 4.89 8.33 6.28
C VAL A 64 5.25 8.23 4.81
N SER A 65 6.05 9.19 4.33
CA SER A 65 6.45 9.21 2.93
C SER A 65 7.04 7.86 2.51
N LEU A 66 7.06 7.61 1.22
CA LEU A 66 7.58 6.36 0.68
C LEU A 66 8.29 6.58 -0.64
N GLU A 67 8.75 7.81 -0.87
CA GLU A 67 9.45 8.16 -2.10
C GLU A 67 10.67 7.27 -2.30
N GLY A 68 11.68 7.45 -1.46
CA GLY A 68 12.88 6.65 -1.56
C GLY A 68 13.00 5.63 -0.44
N ALA A 69 11.86 5.13 0.03
CA ALA A 69 11.85 4.15 1.09
C ALA A 69 12.08 2.74 0.55
N THR A 70 12.69 1.89 1.36
CA THR A 70 12.97 0.52 0.96
C THR A 70 11.72 -0.36 1.07
N HIS A 71 11.79 -1.56 0.51
CA HIS A 71 10.67 -2.49 0.55
C HIS A 71 10.25 -2.78 1.99
N LYS A 72 11.16 -3.38 2.75
CA LYS A 72 10.88 -3.71 4.15
C LYS A 72 10.38 -2.49 4.90
N GLN A 73 10.83 -1.31 4.48
CA GLN A 73 10.42 -0.07 5.12
C GLN A 73 8.91 0.10 5.08
N ALA A 74 8.31 -0.22 3.93
CA ALA A 74 6.87 -0.12 3.75
C ALA A 74 6.14 -1.22 4.51
N VAL A 75 6.65 -2.44 4.41
CA VAL A 75 6.04 -3.58 5.08
C VAL A 75 5.82 -3.29 6.57
N GLU A 76 6.91 -3.18 7.32
CA GLU A 76 6.82 -2.90 8.75
C GLU A 76 5.95 -1.68 9.01
N THR A 77 6.19 -0.61 8.25
CA THR A 77 5.42 0.61 8.40
C THR A 77 3.94 0.38 8.11
N LEU A 78 3.66 -0.63 7.31
CA LEU A 78 2.27 -0.96 6.94
C LEU A 78 1.57 -1.66 8.10
N ARG A 79 2.26 -2.60 8.73
CA ARG A 79 1.70 -3.34 9.85
C ARG A 79 1.67 -2.48 11.12
N ASN A 80 2.73 -1.71 11.33
CA ASN A 80 2.82 -0.84 12.50
C ASN A 80 2.10 0.48 12.24
N THR A 81 0.79 0.48 12.44
CA THR A 81 -0.02 1.69 12.24
C THR A 81 -1.03 1.86 13.37
N GLY A 82 -1.76 2.97 13.32
CA GLY A 82 -2.75 3.23 14.34
C GLY A 82 -4.12 2.69 13.98
N GLN A 83 -5.12 3.01 14.80
CA GLN A 83 -6.48 2.53 14.56
C GLN A 83 -6.94 2.90 13.16
N VAL A 84 -6.38 3.98 12.61
CA VAL A 84 -6.74 4.43 11.28
C VAL A 84 -5.59 4.20 10.30
N VAL A 85 -5.93 4.05 9.02
CA VAL A 85 -4.92 3.82 7.98
C VAL A 85 -5.12 4.78 6.82
N HIS A 86 -4.52 5.96 6.93
CA HIS A 86 -4.62 6.97 5.88
C HIS A 86 -3.45 6.87 4.91
N LEU A 87 -3.68 6.21 3.78
CA LEU A 87 -2.64 6.04 2.77
C LEU A 87 -2.96 6.86 1.52
N LEU A 88 -1.92 7.16 0.74
CA LEU A 88 -2.09 7.95 -0.48
C LEU A 88 -1.96 7.06 -1.71
N LEU A 89 -3.02 7.02 -2.52
CA LEU A 89 -3.03 6.22 -3.73
C LEU A 89 -2.72 7.07 -4.96
N GLU A 90 -1.74 6.64 -5.75
CA GLU A 90 -1.35 7.37 -6.95
C GLU A 90 -1.67 6.56 -8.20
N LYS A 91 -2.30 5.40 -8.00
CA LYS A 91 -2.66 4.54 -9.11
C LYS A 91 -1.42 4.13 -9.92
N GLY A 92 -0.93 2.93 -9.66
CA GLY A 92 0.24 2.44 -10.37
C GLY A 92 0.11 2.57 -11.87
N GLN A 93 -0.93 1.96 -12.43
CA GLN A 93 -1.16 2.02 -13.87
C GLN A 93 -2.54 1.45 -14.22
N SER A 94 -2.67 0.13 -14.11
CA SER A 94 -3.93 -0.54 -14.41
C SER A 94 -3.90 -1.99 -13.95
N PRO A 95 -5.10 -2.59 -13.81
CA PRO A 95 -5.24 -3.97 -13.37
C PRO A 95 -4.76 -4.97 -14.43
N THR A 96 -5.11 -4.70 -15.68
CA THR A 96 -4.72 -5.57 -16.78
C THR A 96 -4.44 -4.77 -18.05
#